data_2N4B
#
_entry.id   2N4B
#
_entity_poly.entity_id   1
_entity_poly.type   'polypeptide(L)'
_entity_poly.pdbx_seq_one_letter_code
;MNITVETTVAAPVGKVWRAYTTPEDIKQWNAASDDWHTTAATVDLREGGAFSSRMEAKDGSMGFDFAGTYTKVVENKRIE
YAFGDRTAKVEFLEAPQGVTVRVSFVAETEYPVEQQQQGWQAILNNFKRHVESHLEHHHHHH
;
_entity_poly.pdbx_strand_id   A
#
# COMPACT_ATOMS: atom_id res chain seq x y z
N MET A 1 -9.11 3.31 17.77
CA MET A 1 -9.22 1.93 17.30
C MET A 1 -8.12 1.60 16.31
N ASN A 2 -7.65 0.36 16.34
CA ASN A 2 -6.74 -0.15 15.32
C ASN A 2 -7.50 -1.00 14.29
N ILE A 3 -7.29 -0.70 13.02
CA ILE A 3 -7.94 -1.44 11.95
C ILE A 3 -6.94 -2.32 11.20
N THR A 4 -7.28 -3.59 11.05
CA THR A 4 -6.37 -4.55 10.45
C THR A 4 -6.95 -5.13 9.16
N VAL A 5 -6.11 -5.21 8.12
CA VAL A 5 -6.50 -5.87 6.88
C VAL A 5 -5.43 -6.83 6.41
N GLU A 6 -5.85 -7.85 5.66
CA GLU A 6 -4.94 -8.94 5.28
C GLU A 6 -5.26 -9.45 3.87
N THR A 7 -4.22 -9.75 3.11
CA THR A 7 -4.39 -10.36 1.80
C THR A 7 -3.29 -11.40 1.53
N THR A 8 -3.71 -12.56 1.03
CA THR A 8 -2.77 -13.64 0.74
C THR A 8 -2.56 -13.80 -0.76
N VAL A 9 -1.30 -13.79 -1.18
CA VAL A 9 -0.97 -13.91 -2.60
C VAL A 9 0.04 -15.03 -2.83
N ALA A 10 -0.07 -15.70 -3.98
CA ALA A 10 0.84 -16.76 -4.34
C ALA A 10 2.07 -16.21 -5.07
N ALA A 11 3.00 -15.64 -4.33
CA ALA A 11 4.20 -15.08 -4.90
C ALA A 11 5.34 -15.05 -3.89
N PRO A 12 6.59 -15.11 -4.38
CA PRO A 12 7.78 -15.07 -3.54
C PRO A 12 7.81 -13.85 -2.62
N VAL A 13 8.32 -14.04 -1.42
CA VAL A 13 8.34 -12.97 -0.42
C VAL A 13 9.12 -11.76 -0.93
N GLY A 14 10.25 -12.02 -1.56
CA GLY A 14 11.12 -10.94 -2.03
C GLY A 14 10.45 -10.11 -3.12
N LYS A 15 9.76 -10.78 -4.04
CA LYS A 15 9.10 -10.10 -5.14
C LYS A 15 7.93 -9.26 -4.63
N VAL A 16 7.16 -9.82 -3.69
CA VAL A 16 6.04 -9.12 -3.12
C VAL A 16 6.47 -7.89 -2.33
N TRP A 17 7.49 -8.07 -1.49
CA TRP A 17 7.99 -6.99 -0.66
C TRP A 17 8.56 -5.86 -1.50
N ARG A 18 9.34 -6.23 -2.52
CA ARG A 18 9.94 -5.25 -3.40
C ARG A 18 8.88 -4.51 -4.23
N ALA A 19 7.88 -5.26 -4.67
CA ALA A 19 6.77 -4.67 -5.41
C ALA A 19 5.89 -3.83 -4.49
N TYR A 20 5.89 -4.16 -3.20
CA TYR A 20 5.08 -3.45 -2.22
C TYR A 20 5.58 -2.02 -2.04
N THR A 21 6.87 -1.81 -2.30
CA THR A 21 7.50 -0.52 -2.03
C THR A 21 8.18 0.02 -3.28
N THR A 22 7.68 -0.37 -4.44
CA THR A 22 8.05 0.28 -5.70
C THR A 22 6.93 1.16 -6.21
N PRO A 23 7.25 2.44 -6.46
CA PRO A 23 6.26 3.45 -6.86
C PRO A 23 5.74 3.22 -8.28
N GLU A 24 6.64 2.79 -9.16
CA GLU A 24 6.25 2.46 -10.53
C GLU A 24 5.27 1.30 -10.54
N ASP A 25 5.44 0.36 -9.62
CA ASP A 25 4.51 -0.74 -9.45
C ASP A 25 3.17 -0.25 -8.88
N ILE A 26 3.25 0.70 -7.96
CA ILE A 26 2.05 1.29 -7.38
C ILE A 26 1.17 1.93 -8.45
N LYS A 27 1.81 2.52 -9.45
CA LYS A 27 1.10 3.23 -10.51
C LYS A 27 0.28 2.25 -11.35
N GLN A 28 0.66 0.98 -11.31
CA GLN A 28 0.01 -0.04 -12.12
C GLN A 28 -1.45 -0.22 -11.70
N TRP A 29 -1.72 -0.01 -10.42
CA TRP A 29 -3.03 -0.30 -9.86
C TRP A 29 -3.61 0.93 -9.18
N ASN A 30 -2.88 2.04 -9.24
CA ASN A 30 -3.36 3.31 -8.72
C ASN A 30 -2.68 4.48 -9.41
N ALA A 31 -3.13 5.70 -9.11
CA ALA A 31 -2.44 6.90 -9.56
C ALA A 31 -2.33 6.94 -11.08
N ALA A 32 -3.47 6.83 -11.75
CA ALA A 32 -3.51 6.92 -13.21
C ALA A 32 -4.92 7.19 -13.70
N SER A 33 -5.02 7.93 -14.81
CA SER A 33 -6.31 8.35 -15.33
C SER A 33 -6.31 8.35 -16.86
N ASP A 34 -7.50 8.20 -17.44
CA ASP A 34 -7.64 8.26 -18.89
C ASP A 34 -7.98 9.68 -19.35
N ASP A 35 -8.67 10.42 -18.49
CA ASP A 35 -9.10 11.77 -18.81
C ASP A 35 -8.01 12.79 -18.47
N TRP A 36 -6.76 12.37 -18.62
CA TRP A 36 -5.64 13.30 -18.57
C TRP A 36 -5.64 14.10 -17.27
N HIS A 37 -5.55 13.39 -16.14
CA HIS A 37 -5.29 14.02 -14.86
C HIS A 37 -3.90 13.66 -14.35
N THR A 38 -3.27 14.60 -13.65
CA THR A 38 -1.86 14.49 -13.30
C THR A 38 -1.68 13.68 -12.01
N THR A 39 -1.07 12.50 -12.13
CA THR A 39 -0.78 11.67 -10.98
C THR A 39 0.71 11.41 -10.85
N ALA A 40 1.16 11.19 -9.62
CA ALA A 40 2.53 10.78 -9.36
C ALA A 40 2.65 10.04 -8.03
N ALA A 41 3.39 8.93 -8.04
CA ALA A 41 3.66 8.19 -6.81
C ALA A 41 5.15 7.99 -6.60
N THR A 42 5.60 8.17 -5.37
CA THR A 42 7.00 7.94 -5.02
C THR A 42 7.13 7.16 -3.72
N VAL A 43 8.14 6.30 -3.66
CA VAL A 43 8.45 5.58 -2.43
C VAL A 43 9.94 5.68 -2.09
N ASP A 44 10.23 6.09 -0.87
CA ASP A 44 11.61 6.11 -0.38
C ASP A 44 11.90 4.87 0.46
N LEU A 45 12.57 3.90 -0.12
CA LEU A 45 12.78 2.60 0.52
C LEU A 45 14.03 2.62 1.40
N ARG A 46 13.91 3.24 2.56
CA ARG A 46 14.95 3.17 3.58
C ARG A 46 14.40 3.54 4.95
N GLU A 47 14.92 2.89 5.99
CA GLU A 47 14.50 3.19 7.36
C GLU A 47 14.80 4.64 7.72
N GLY A 48 13.76 5.36 8.13
CA GLY A 48 13.90 6.79 8.38
C GLY A 48 13.59 7.63 7.16
N GLY A 49 13.46 6.97 6.01
CA GLY A 49 13.25 7.69 4.77
C GLY A 49 11.83 8.22 4.64
N ALA A 50 11.68 9.31 3.89
CA ALA A 50 10.39 9.98 3.78
C ALA A 50 9.97 10.14 2.31
N PHE A 51 8.68 10.02 2.05
CA PHE A 51 8.16 10.07 0.69
C PHE A 51 6.74 10.63 0.67
N SER A 52 6.29 11.04 -0.51
CA SER A 52 4.93 11.54 -0.67
C SER A 52 4.39 11.20 -2.06
N SER A 53 3.14 10.74 -2.11
CA SER A 53 2.49 10.46 -3.38
C SER A 53 1.18 11.25 -3.50
N ARG A 54 0.94 11.81 -4.68
CA ARG A 54 -0.14 12.77 -4.86
C ARG A 54 -0.87 12.53 -6.17
N MET A 55 -2.19 12.70 -6.15
CA MET A 55 -2.98 12.70 -7.37
C MET A 55 -3.68 14.04 -7.57
N GLU A 56 -3.77 14.48 -8.82
CA GLU A 56 -4.34 15.78 -9.13
C GLU A 56 -5.43 15.66 -10.20
N ALA A 57 -6.40 16.56 -10.14
CA ALA A 57 -7.52 16.53 -11.08
C ALA A 57 -7.52 17.74 -12.00
N LYS A 58 -7.57 17.49 -13.30
CA LYS A 58 -7.65 18.57 -14.28
C LYS A 58 -9.08 19.09 -14.40
N ASP A 59 -10.05 18.20 -14.27
CA ASP A 59 -11.45 18.55 -14.46
C ASP A 59 -12.22 18.44 -13.15
N GLY A 60 -11.65 17.71 -12.19
CA GLY A 60 -12.32 17.48 -10.93
C GLY A 60 -12.78 16.05 -10.75
N SER A 61 -11.95 15.11 -11.22
CA SER A 61 -12.33 13.71 -11.22
C SER A 61 -11.89 13.02 -9.94
N MET A 62 -10.62 13.18 -9.60
CA MET A 62 -10.07 12.57 -8.39
C MET A 62 -8.75 13.22 -8.00
N GLY A 63 -8.35 13.05 -6.75
CA GLY A 63 -7.07 13.56 -6.30
C GLY A 63 -6.92 13.48 -4.79
N PHE A 64 -5.67 13.56 -4.32
CA PHE A 64 -5.38 13.50 -2.89
C PHE A 64 -3.89 13.67 -2.63
N ASP A 65 -3.55 13.94 -1.38
CA ASP A 65 -2.15 14.07 -0.97
C ASP A 65 -1.83 13.14 0.18
N PHE A 66 -0.95 12.17 -0.07
CA PHE A 66 -0.54 11.21 0.96
C PHE A 66 0.96 11.26 1.17
N ALA A 67 1.38 11.38 2.43
CA ALA A 67 2.79 11.37 2.76
C ALA A 67 3.07 10.38 3.90
N GLY A 68 4.24 9.75 3.85
CA GLY A 68 4.63 8.82 4.91
C GLY A 68 6.13 8.72 5.07
N THR A 69 6.57 8.30 6.25
CA THR A 69 7.98 8.09 6.51
C THR A 69 8.22 6.81 7.32
N TYR A 70 9.31 6.11 6.99
CA TYR A 70 9.60 4.83 7.63
C TYR A 70 10.26 5.04 8.99
N THR A 71 9.89 4.19 9.95
CA THR A 71 10.47 4.26 11.28
C THR A 71 11.33 3.03 11.56
N LYS A 72 10.99 1.92 10.94
CA LYS A 72 11.64 0.64 11.23
C LYS A 72 11.41 -0.36 10.10
N VAL A 73 12.45 -1.10 9.75
CA VAL A 73 12.33 -2.19 8.80
C VAL A 73 13.17 -3.39 9.24
N VAL A 74 12.57 -4.58 9.18
CA VAL A 74 13.19 -5.78 9.72
C VAL A 74 13.11 -6.93 8.72
N GLU A 75 14.25 -7.56 8.44
CA GLU A 75 14.27 -8.79 7.66
C GLU A 75 13.43 -8.64 6.40
N ASN A 76 13.39 -7.44 5.86
CA ASN A 76 12.52 -7.14 4.72
C ASN A 76 11.15 -7.77 4.90
N LYS A 77 10.60 -7.66 6.10
CA LYS A 77 9.56 -8.56 6.56
C LYS A 77 8.63 -7.85 7.55
N ARG A 78 9.18 -6.91 8.31
CA ARG A 78 8.40 -6.16 9.28
C ARG A 78 8.75 -4.67 9.24
N ILE A 79 7.73 -3.86 9.00
CA ILE A 79 7.96 -2.45 8.69
C ILE A 79 6.91 -1.57 9.37
N GLU A 80 7.36 -0.51 10.04
CA GLU A 80 6.45 0.45 10.66
C GLU A 80 6.74 1.86 10.16
N TYR A 81 5.67 2.61 9.89
CA TYR A 81 5.81 3.94 9.32
C TYR A 81 4.70 4.86 9.82
N ALA A 82 4.89 6.16 9.64
CA ALA A 82 3.89 7.15 10.05
C ALA A 82 3.42 7.98 8.86
N PHE A 83 2.12 8.28 8.84
CA PHE A 83 1.53 8.99 7.71
C PHE A 83 0.52 10.03 8.20
N GLY A 84 0.93 11.30 8.16
CA GLY A 84 0.11 12.37 8.72
C GLY A 84 0.02 12.28 10.23
N ASP A 85 -1.21 12.27 10.74
CA ASP A 85 -1.44 12.21 12.18
C ASP A 85 -1.83 10.80 12.60
N ARG A 86 -1.52 9.82 11.76
CA ARG A 86 -1.76 8.42 12.08
C ARG A 86 -0.54 7.57 11.75
N THR A 87 -0.58 6.31 12.18
CA THR A 87 0.55 5.41 11.98
C THR A 87 0.09 4.05 11.48
N ALA A 88 1.00 3.29 10.87
CA ALA A 88 0.68 1.97 10.35
C ALA A 88 1.88 1.04 10.45
N LYS A 89 1.60 -0.26 10.51
CA LYS A 89 2.65 -1.27 10.51
C LYS A 89 2.28 -2.45 9.62
N VAL A 90 3.20 -2.85 8.74
CA VAL A 90 2.95 -3.94 7.80
C VAL A 90 3.86 -5.12 8.09
N GLU A 91 3.27 -6.32 8.09
CA GLU A 91 4.04 -7.54 8.31
C GLU A 91 3.86 -8.52 7.15
N PHE A 92 4.95 -9.21 6.81
CA PHE A 92 4.92 -10.20 5.74
C PHE A 92 5.17 -11.60 6.27
N LEU A 93 4.21 -12.50 6.05
CA LEU A 93 4.30 -13.85 6.58
C LEU A 93 4.50 -14.86 5.46
N GLU A 94 5.50 -15.72 5.60
CA GLU A 94 5.74 -16.79 4.65
C GLU A 94 4.87 -18.01 4.97
N ALA A 95 4.02 -18.37 4.02
CA ALA A 95 3.18 -19.57 4.17
C ALA A 95 3.53 -20.62 3.12
N PRO A 96 3.20 -21.88 3.41
CA PRO A 96 3.44 -23.00 2.49
C PRO A 96 2.65 -22.87 1.19
N GLN A 97 1.48 -22.24 1.28
CA GLN A 97 0.59 -22.12 0.13
C GLN A 97 0.77 -20.78 -0.57
N GLY A 98 1.43 -19.84 0.13
CA GLY A 98 1.62 -18.51 -0.43
C GLY A 98 2.22 -17.55 0.57
N VAL A 99 2.25 -16.28 0.23
CA VAL A 99 2.74 -15.25 1.14
C VAL A 99 1.63 -14.31 1.57
N THR A 100 1.52 -14.09 2.88
CA THR A 100 0.42 -13.31 3.43
C THR A 100 0.91 -11.91 3.83
N VAL A 101 0.18 -10.89 3.39
CA VAL A 101 0.53 -9.50 3.70
C VAL A 101 -0.52 -8.86 4.62
N ARG A 102 -0.08 -8.42 5.78
CA ARG A 102 -0.99 -7.89 6.79
C ARG A 102 -0.67 -6.44 7.11
N VAL A 103 -1.68 -5.58 7.04
CA VAL A 103 -1.50 -4.16 7.32
C VAL A 103 -2.42 -3.70 8.46
N SER A 104 -1.81 -3.12 9.49
CA SER A 104 -2.58 -2.54 10.58
C SER A 104 -2.31 -1.04 10.69
N PHE A 105 -3.38 -0.27 10.84
CA PHE A 105 -3.27 1.18 10.92
C PHE A 105 -4.24 1.76 11.94
N VAL A 106 -3.92 2.95 12.46
CA VAL A 106 -4.78 3.62 13.42
C VAL A 106 -5.94 4.32 12.73
N ALA A 107 -7.14 4.13 13.26
CA ALA A 107 -8.35 4.66 12.63
C ALA A 107 -8.34 6.19 12.65
N GLU A 108 -8.70 6.79 11.52
CA GLU A 108 -8.91 8.23 11.45
C GLU A 108 -10.37 8.58 11.74
N THR A 109 -10.58 9.47 12.72
CA THR A 109 -11.91 9.74 13.23
C THR A 109 -12.80 10.36 12.16
N GLU A 110 -12.18 10.94 11.14
CA GLU A 110 -12.91 11.65 10.10
C GLU A 110 -13.61 10.68 9.16
N TYR A 111 -13.15 9.44 9.17
CA TYR A 111 -13.71 8.42 8.28
C TYR A 111 -14.20 7.22 9.07
N PRO A 112 -15.34 6.65 8.64
CA PRO A 112 -15.92 5.46 9.26
C PRO A 112 -14.94 4.30 9.34
N VAL A 113 -14.98 3.56 10.44
CA VAL A 113 -14.09 2.42 10.63
C VAL A 113 -14.23 1.42 9.50
N GLU A 114 -15.47 1.12 9.13
CA GLU A 114 -15.75 0.13 8.09
C GLU A 114 -15.21 0.60 6.74
N GLN A 115 -15.37 1.88 6.45
CA GLN A 115 -14.93 2.44 5.18
C GLN A 115 -13.41 2.40 5.06
N GLN A 116 -12.73 2.64 6.18
CA GLN A 116 -11.27 2.59 6.20
C GLN A 116 -10.78 1.16 6.04
N GLN A 117 -11.45 0.23 6.71
CA GLN A 117 -11.10 -1.18 6.62
C GLN A 117 -11.16 -1.67 5.17
N GLN A 118 -12.26 -1.33 4.50
CA GLN A 118 -12.44 -1.75 3.11
C GLN A 118 -11.44 -1.05 2.19
N GLY A 119 -11.15 0.22 2.49
CA GLY A 119 -10.22 0.97 1.68
C GLY A 119 -8.82 0.40 1.70
N TRP A 120 -8.32 0.11 2.90
CA TRP A 120 -6.98 -0.44 3.05
C TRP A 120 -6.92 -1.88 2.54
N GLN A 121 -8.02 -2.62 2.71
CA GLN A 121 -8.12 -3.96 2.17
C GLN A 121 -8.11 -3.93 0.64
N ALA A 122 -8.78 -2.94 0.07
CA ALA A 122 -8.80 -2.77 -1.38
C ALA A 122 -7.40 -2.50 -1.92
N ILE A 123 -6.60 -1.80 -1.14
CA ILE A 123 -5.22 -1.51 -1.52
C ILE A 123 -4.40 -2.78 -1.61
N LEU A 124 -4.54 -3.64 -0.60
CA LEU A 124 -3.91 -4.96 -0.62
C LEU A 124 -4.48 -5.82 -1.74
N ASN A 125 -5.78 -5.67 -1.99
CA ASN A 125 -6.44 -6.37 -3.08
C ASN A 125 -5.90 -5.89 -4.42
N ASN A 126 -5.59 -4.59 -4.51
CA ASN A 126 -4.94 -4.04 -5.68
C ASN A 126 -3.53 -4.59 -5.85
N PHE A 127 -2.85 -4.79 -4.73
CA PHE A 127 -1.55 -5.48 -4.73
C PHE A 127 -1.69 -6.91 -5.23
N LYS A 128 -2.78 -7.57 -4.82
CA LYS A 128 -3.08 -8.91 -5.29
C LYS A 128 -3.28 -8.93 -6.81
N ARG A 129 -4.06 -7.98 -7.31
CA ARG A 129 -4.28 -7.85 -8.74
C ARG A 129 -2.99 -7.51 -9.47
N HIS A 130 -2.14 -6.71 -8.81
CA HIS A 130 -0.82 -6.41 -9.36
C HIS A 130 -0.01 -7.68 -9.55
N VAL A 131 0.01 -8.53 -8.53
CA VAL A 131 0.66 -9.83 -8.62
C VAL A 131 0.05 -10.67 -9.74
N GLU A 132 -1.27 -10.68 -9.81
CA GLU A 132 -1.97 -11.50 -10.80
C GLU A 132 -1.63 -11.06 -12.22
N SER A 133 -1.44 -9.76 -12.39
CA SER A 133 -1.11 -9.21 -13.70
C SER A 133 0.35 -9.45 -14.05
N HIS A 134 1.18 -9.62 -13.01
CA HIS A 134 2.62 -9.77 -13.20
C HIS A 134 3.06 -11.19 -12.88
N LEU A 135 2.09 -12.07 -12.65
CA LEU A 135 2.37 -13.48 -12.40
C LEU A 135 1.19 -14.36 -12.81
N GLU A 136 1.48 -15.43 -13.54
CA GLU A 136 0.44 -16.33 -14.01
C GLU A 136 -0.66 -16.48 -12.97
N HIS A 137 -0.26 -16.65 -11.71
CA HIS A 137 -1.21 -16.76 -10.61
C HIS A 137 -2.40 -15.84 -10.83
N HIS A 138 -3.61 -16.39 -10.75
CA HIS A 138 -4.82 -15.65 -11.02
C HIS A 138 -6.05 -16.39 -10.54
N MET A 1 -9.60 4.52 16.31
CA MET A 1 -9.74 3.09 16.05
C MET A 1 -8.59 2.59 15.17
N ASN A 2 -8.11 1.38 15.48
CA ASN A 2 -7.11 0.73 14.64
C ASN A 2 -7.77 -0.14 13.58
N ILE A 3 -7.49 0.17 12.32
CA ILE A 3 -8.06 -0.59 11.21
C ILE A 3 -7.02 -1.49 10.56
N THR A 4 -7.34 -2.78 10.43
CA THR A 4 -6.43 -3.74 9.84
C THR A 4 -7.02 -4.35 8.57
N VAL A 5 -6.20 -4.43 7.53
CA VAL A 5 -6.59 -5.12 6.31
C VAL A 5 -5.52 -6.11 5.86
N GLU A 6 -5.94 -7.16 5.17
CA GLU A 6 -5.04 -8.23 4.79
C GLU A 6 -5.31 -8.69 3.35
N THR A 7 -4.24 -9.02 2.63
CA THR A 7 -4.37 -9.66 1.33
C THR A 7 -3.25 -10.67 1.11
N THR A 8 -3.62 -11.89 0.71
CA THR A 8 -2.65 -12.96 0.52
C THR A 8 -2.32 -13.13 -0.97
N VAL A 9 -1.03 -13.03 -1.29
CA VAL A 9 -0.58 -13.10 -2.68
C VAL A 9 0.32 -14.31 -2.90
N ALA A 10 0.08 -15.02 -3.99
CA ALA A 10 0.88 -16.19 -4.33
C ALA A 10 2.17 -15.78 -5.03
N ALA A 11 3.16 -15.38 -4.24
CA ALA A 11 4.44 -14.95 -4.77
C ALA A 11 5.50 -14.89 -3.68
N PRO A 12 6.78 -14.99 -4.08
CA PRO A 12 7.91 -14.91 -3.16
C PRO A 12 7.88 -13.64 -2.31
N VAL A 13 8.22 -13.78 -1.03
CA VAL A 13 8.12 -12.67 -0.10
C VAL A 13 9.05 -11.53 -0.50
N GLY A 14 10.17 -11.88 -1.13
CA GLY A 14 11.10 -10.87 -1.60
C GLY A 14 10.53 -10.06 -2.75
N LYS A 15 9.87 -10.73 -3.68
CA LYS A 15 9.36 -10.08 -4.88
C LYS A 15 8.20 -9.14 -4.54
N VAL A 16 7.31 -9.58 -3.67
CA VAL A 16 6.13 -8.81 -3.30
C VAL A 16 6.52 -7.62 -2.42
N TRP A 17 7.54 -7.81 -1.58
CA TRP A 17 8.05 -6.74 -0.74
C TRP A 17 8.65 -5.63 -1.58
N ARG A 18 9.47 -6.01 -2.56
CA ARG A 18 10.14 -5.04 -3.41
C ARG A 18 9.14 -4.34 -4.33
N ALA A 19 8.21 -5.10 -4.87
CA ALA A 19 7.23 -4.57 -5.80
C ALA A 19 6.24 -3.64 -5.09
N TYR A 20 5.94 -3.96 -3.83
CA TYR A 20 5.01 -3.17 -3.05
C TYR A 20 5.61 -1.82 -2.68
N THR A 21 6.94 -1.77 -2.63
CA THR A 21 7.64 -0.59 -2.13
C THR A 21 8.41 0.10 -3.24
N THR A 22 8.09 -0.24 -4.48
CA THR A 22 8.56 0.54 -5.63
C THR A 22 7.45 1.44 -6.17
N PRO A 23 7.75 2.74 -6.29
CA PRO A 23 6.76 3.76 -6.63
C PRO A 23 6.25 3.61 -8.06
N GLU A 24 7.15 3.25 -8.97
CA GLU A 24 6.78 2.99 -10.36
C GLU A 24 5.86 1.76 -10.45
N ASP A 25 6.11 0.78 -9.59
CA ASP A 25 5.25 -0.40 -9.52
C ASP A 25 3.92 -0.06 -8.87
N ILE A 26 3.96 0.79 -7.85
CA ILE A 26 2.74 1.23 -7.17
C ILE A 26 1.77 1.88 -8.14
N LYS A 27 2.31 2.59 -9.12
CA LYS A 27 1.48 3.32 -10.08
C LYS A 27 0.65 2.37 -10.93
N GLN A 28 1.08 1.11 -11.00
CA GLN A 28 0.44 0.13 -11.86
C GLN A 28 -0.87 -0.35 -11.26
N TRP A 29 -0.92 -0.44 -9.94
CA TRP A 29 -2.06 -1.00 -9.24
C TRP A 29 -2.63 0.00 -8.23
N ASN A 30 -2.02 1.17 -8.17
CA ASN A 30 -2.54 2.26 -7.35
C ASN A 30 -2.13 3.62 -7.91
N ALA A 31 -2.83 4.67 -7.48
CA ALA A 31 -2.52 6.02 -7.92
C ALA A 31 -2.59 6.13 -9.43
N ALA A 32 -3.73 5.76 -10.00
CA ALA A 32 -3.94 5.87 -11.45
C ALA A 32 -5.42 6.01 -11.77
N SER A 33 -5.71 6.77 -12.82
CA SER A 33 -7.10 7.06 -13.19
C SER A 33 -7.26 7.14 -14.71
N ASP A 34 -8.48 6.95 -15.17
CA ASP A 34 -8.79 7.06 -16.59
C ASP A 34 -9.23 8.47 -16.97
N ASP A 35 -9.92 9.13 -16.03
CA ASP A 35 -10.45 10.46 -16.28
C ASP A 35 -9.43 11.53 -15.92
N TRP A 36 -8.15 11.21 -16.10
CA TRP A 36 -7.09 12.22 -16.06
C TRP A 36 -7.10 12.96 -14.73
N HIS A 37 -7.07 12.19 -13.63
CA HIS A 37 -6.90 12.77 -12.31
C HIS A 37 -5.43 12.77 -11.89
N THR A 38 -5.06 13.74 -11.07
CA THR A 38 -3.65 13.99 -10.77
C THR A 38 -3.17 13.10 -9.62
N THR A 39 -2.29 12.16 -9.93
CA THR A 39 -1.75 11.25 -8.93
C THR A 39 -0.23 11.30 -8.90
N ALA A 40 0.35 10.93 -7.76
CA ALA A 40 1.79 10.82 -7.64
C ALA A 40 2.18 9.83 -6.55
N ALA A 41 3.28 9.11 -6.77
CA ALA A 41 3.82 8.21 -5.76
C ALA A 41 5.35 8.20 -5.79
N THR A 42 5.95 8.43 -4.63
CA THR A 42 7.40 8.36 -4.50
C THR A 42 7.81 7.60 -3.24
N VAL A 43 8.77 6.69 -3.38
CA VAL A 43 9.25 5.90 -2.26
C VAL A 43 10.77 5.87 -2.22
N ASP A 44 11.33 6.26 -1.08
CA ASP A 44 12.74 5.98 -0.79
C ASP A 44 12.88 4.71 0.03
N LEU A 45 13.38 3.66 -0.61
CA LEU A 45 13.40 2.33 0.00
C LEU A 45 14.62 2.17 0.91
N ARG A 46 14.45 2.52 2.17
CA ARG A 46 15.47 2.28 3.18
C ARG A 46 14.97 2.61 4.57
N GLU A 47 15.58 2.00 5.58
CA GLU A 47 15.23 2.29 6.97
C GLU A 47 15.56 3.73 7.32
N GLY A 48 14.55 4.48 7.78
CA GLY A 48 14.71 5.90 7.97
C GLY A 48 14.30 6.70 6.74
N GLY A 49 14.05 6.00 5.63
CA GLY A 49 13.72 6.67 4.39
C GLY A 49 12.25 7.02 4.30
N ALA A 50 11.94 8.05 3.52
CA ALA A 50 10.59 8.60 3.49
C ALA A 50 9.88 8.22 2.19
N PHE A 51 8.55 8.16 2.25
CA PHE A 51 7.74 7.99 1.05
C PHE A 51 6.46 8.81 1.12
N SER A 52 5.86 9.09 -0.03
CA SER A 52 4.59 9.80 -0.09
C SER A 52 3.80 9.40 -1.32
N SER A 53 2.53 9.07 -1.12
CA SER A 53 1.64 8.75 -2.23
C SER A 53 0.28 9.41 -2.04
N ARG A 54 -0.16 10.15 -3.07
CA ARG A 54 -1.41 10.88 -3.01
C ARG A 54 -2.14 10.83 -4.35
N MET A 55 -3.45 10.56 -4.30
CA MET A 55 -4.32 10.79 -5.44
C MET A 55 -5.15 12.06 -5.24
N GLU A 56 -5.18 12.90 -6.28
CA GLU A 56 -6.01 14.10 -6.25
C GLU A 56 -7.02 14.10 -7.39
N ALA A 57 -8.06 14.92 -7.25
CA ALA A 57 -9.20 14.86 -8.17
C ALA A 57 -9.17 16.05 -9.12
N LYS A 58 -9.30 15.77 -10.41
CA LYS A 58 -9.38 16.83 -11.42
C LYS A 58 -10.82 17.28 -11.62
N ASP A 59 -11.75 16.34 -11.52
CA ASP A 59 -13.17 16.65 -11.69
C ASP A 59 -13.90 16.59 -10.37
N GLY A 60 -13.30 15.92 -9.39
CA GLY A 60 -13.93 15.77 -8.08
C GLY A 60 -14.45 14.37 -7.85
N SER A 61 -13.71 13.37 -8.35
CA SER A 61 -14.17 11.99 -8.31
C SER A 61 -13.72 11.30 -7.02
N MET A 62 -12.42 11.39 -6.74
CA MET A 62 -11.85 10.71 -5.59
C MET A 62 -10.49 11.32 -5.22
N GLY A 63 -10.02 11.00 -4.03
CA GLY A 63 -8.66 11.37 -3.64
C GLY A 63 -8.27 10.83 -2.28
N PHE A 64 -6.97 10.70 -2.04
CA PHE A 64 -6.48 10.09 -0.82
C PHE A 64 -4.97 10.29 -0.68
N ASP A 65 -4.51 10.57 0.53
CA ASP A 65 -3.10 10.83 0.78
C ASP A 65 -2.60 10.01 1.96
N PHE A 66 -1.56 9.21 1.71
CA PHE A 66 -0.85 8.52 2.78
C PHE A 66 0.66 8.63 2.59
N ALA A 67 1.37 8.91 3.68
CA ALA A 67 2.82 9.12 3.62
C ALA A 67 3.47 8.82 4.97
N GLY A 68 4.78 8.57 4.94
CA GLY A 68 5.50 8.26 6.15
C GLY A 68 6.96 7.95 5.89
N THR A 69 7.73 7.84 6.97
CA THR A 69 9.12 7.38 6.87
C THR A 69 9.34 6.14 7.73
N TYR A 70 10.26 5.29 7.31
CA TYR A 70 10.48 4.00 7.95
C TYR A 70 11.08 4.17 9.34
N THR A 71 10.55 3.41 10.30
CA THR A 71 11.11 3.42 11.65
C THR A 71 12.01 2.21 11.87
N LYS A 72 11.72 1.12 11.17
CA LYS A 72 12.47 -0.12 11.34
C LYS A 72 12.14 -1.11 10.22
N VAL A 73 13.17 -1.81 9.74
CA VAL A 73 12.97 -2.86 8.74
C VAL A 73 13.76 -4.12 9.10
N VAL A 74 13.05 -5.24 9.17
CA VAL A 74 13.66 -6.49 9.59
C VAL A 74 13.53 -7.57 8.51
N GLU A 75 14.67 -8.06 8.04
CA GLU A 75 14.68 -9.13 7.05
C GLU A 75 13.71 -8.84 5.91
N ASN A 76 13.53 -7.55 5.60
CA ASN A 76 12.59 -7.13 4.58
C ASN A 76 11.20 -7.68 4.86
N LYS A 77 10.67 -7.36 6.04
CA LYS A 77 9.44 -7.96 6.53
C LYS A 77 8.54 -6.93 7.20
N ARG A 78 9.15 -5.81 7.59
CA ARG A 78 8.46 -4.83 8.42
C ARG A 78 8.70 -3.41 7.89
N ILE A 79 7.62 -2.66 7.73
CA ILE A 79 7.73 -1.24 7.42
C ILE A 79 6.72 -0.42 8.20
N GLU A 80 7.22 0.43 9.10
CA GLU A 80 6.36 1.22 9.98
C GLU A 80 6.61 2.72 9.76
N TYR A 81 5.53 3.48 9.68
CA TYR A 81 5.62 4.88 9.30
C TYR A 81 4.50 5.70 9.95
N ALA A 82 4.63 7.01 9.89
CA ALA A 82 3.66 7.91 10.51
C ALA A 82 3.12 8.92 9.52
N PHE A 83 1.83 9.23 9.63
CA PHE A 83 1.19 10.18 8.72
C PHE A 83 0.42 11.24 9.50
N GLY A 84 0.95 12.46 9.52
CA GLY A 84 0.34 13.52 10.30
C GLY A 84 0.43 13.26 11.79
N ASP A 85 -0.72 13.10 12.45
CA ASP A 85 -0.77 12.64 13.82
C ASP A 85 -1.20 11.18 13.88
N ARG A 86 -1.18 10.51 12.74
CA ARG A 86 -1.56 9.09 12.67
C ARG A 86 -0.34 8.21 12.47
N THR A 87 -0.48 6.93 12.79
CA THR A 87 0.56 5.95 12.52
C THR A 87 0.00 4.77 11.73
N ALA A 88 0.87 4.09 10.98
CA ALA A 88 0.49 2.90 10.25
C ALA A 88 1.67 1.95 10.09
N LYS A 89 1.39 0.66 10.12
CA LYS A 89 2.43 -0.36 10.01
C LYS A 89 2.08 -1.41 8.96
N VAL A 90 3.02 -1.70 8.09
CA VAL A 90 2.84 -2.76 7.08
C VAL A 90 3.79 -3.91 7.33
N GLU A 91 3.24 -5.12 7.40
CA GLU A 91 4.03 -6.31 7.71
C GLU A 91 3.83 -7.38 6.64
N PHE A 92 4.87 -8.18 6.42
CA PHE A 92 4.78 -9.29 5.47
C PHE A 92 4.99 -10.62 6.18
N LEU A 93 4.04 -11.53 6.00
CA LEU A 93 4.12 -12.85 6.62
C LEU A 93 4.30 -13.94 5.56
N GLU A 94 5.33 -14.77 5.73
CA GLU A 94 5.59 -15.85 4.80
C GLU A 94 4.77 -17.08 5.16
N ALA A 95 3.92 -17.51 4.22
CA ALA A 95 3.14 -18.74 4.40
C ALA A 95 3.55 -19.81 3.40
N PRO A 96 3.21 -21.07 3.71
CA PRO A 96 3.54 -22.21 2.85
C PRO A 96 2.77 -22.18 1.54
N GLN A 97 1.58 -21.57 1.56
CA GLN A 97 0.73 -21.51 0.37
C GLN A 97 0.89 -20.17 -0.34
N GLY A 98 1.52 -19.21 0.35
CA GLY A 98 1.68 -17.89 -0.22
C GLY A 98 2.26 -16.90 0.77
N VAL A 99 2.28 -15.62 0.39
CA VAL A 99 2.73 -14.56 1.29
C VAL A 99 1.60 -13.59 1.61
N THR A 100 1.40 -13.36 2.91
CA THR A 100 0.28 -12.53 3.35
C THR A 100 0.74 -11.11 3.67
N VAL A 101 0.08 -10.13 3.07
CA VAL A 101 0.43 -8.72 3.27
C VAL A 101 -0.59 -8.03 4.18
N ARG A 102 -0.11 -7.53 5.31
CA ARG A 102 -0.99 -6.95 6.32
C ARG A 102 -0.71 -5.46 6.49
N VAL A 103 -1.75 -4.65 6.39
CA VAL A 103 -1.63 -3.21 6.64
C VAL A 103 -2.53 -2.77 7.79
N SER A 104 -1.93 -2.21 8.83
CA SER A 104 -2.68 -1.66 9.95
C SER A 104 -2.47 -0.15 10.04
N PHE A 105 -3.58 0.59 10.18
CA PHE A 105 -3.54 2.04 10.17
C PHE A 105 -4.61 2.62 11.11
N VAL A 106 -4.36 3.84 11.57
CA VAL A 106 -5.30 4.51 12.46
C VAL A 106 -6.39 5.23 11.66
N ALA A 107 -7.63 5.12 12.12
CA ALA A 107 -8.76 5.68 11.40
C ALA A 107 -8.62 7.19 11.25
N GLU A 108 -8.77 7.67 10.02
CA GLU A 108 -8.64 9.10 9.74
C GLU A 108 -9.98 9.81 9.89
N THR A 109 -9.95 11.00 10.48
CA THR A 109 -11.16 11.72 10.82
C THR A 109 -12.00 12.02 9.59
N GLU A 110 -11.32 12.29 8.47
CA GLU A 110 -11.99 12.70 7.25
C GLU A 110 -12.56 11.50 6.50
N TYR A 111 -12.07 10.32 6.83
CA TYR A 111 -12.45 9.10 6.12
C TYR A 111 -13.07 8.08 7.06
N PRO A 112 -14.35 7.76 6.82
CA PRO A 112 -15.08 6.78 7.64
C PRO A 112 -14.34 5.46 7.78
N VAL A 113 -14.49 4.82 8.94
CA VAL A 113 -13.78 3.58 9.22
C VAL A 113 -14.03 2.54 8.13
N GLU A 114 -15.29 2.36 7.78
CA GLU A 114 -15.67 1.35 6.80
C GLU A 114 -15.10 1.68 5.42
N GLN A 115 -15.25 2.94 5.01
CA GLN A 115 -14.86 3.36 3.67
C GLN A 115 -13.34 3.34 3.53
N GLN A 116 -12.64 3.73 4.58
CA GLN A 116 -11.18 3.76 4.57
C GLN A 116 -10.61 2.34 4.61
N GLN A 117 -11.24 1.47 5.37
CA GLN A 117 -10.87 0.07 5.40
C GLN A 117 -10.96 -0.55 4.01
N GLN A 118 -12.09 -0.32 3.35
CA GLN A 118 -12.31 -0.86 2.01
C GLN A 118 -11.32 -0.28 1.00
N GLY A 119 -10.98 0.99 1.19
CA GLY A 119 -10.03 1.64 0.31
C GLY A 119 -8.66 1.01 0.37
N TRP A 120 -8.16 0.78 1.58
CA TRP A 120 -6.85 0.18 1.78
C TRP A 120 -6.85 -1.28 1.34
N GLN A 121 -7.98 -1.96 1.55
CA GLN A 121 -8.15 -3.32 1.07
C GLN A 121 -8.14 -3.36 -0.45
N ALA A 122 -8.78 -2.39 -1.08
CA ALA A 122 -8.80 -2.29 -2.53
C ALA A 122 -7.39 -2.06 -3.07
N ILE A 123 -6.57 -1.32 -2.34
CA ILE A 123 -5.19 -1.08 -2.71
C ILE A 123 -4.39 -2.39 -2.72
N LEU A 124 -4.55 -3.17 -1.66
CA LEU A 124 -3.91 -4.47 -1.59
C LEU A 124 -4.46 -5.43 -2.64
N ASN A 125 -5.77 -5.32 -2.89
CA ASN A 125 -6.44 -6.22 -3.83
C ASN A 125 -5.91 -6.01 -5.24
N ASN A 126 -5.65 -4.76 -5.60
CA ASN A 126 -5.04 -4.44 -6.88
C ASN A 126 -3.64 -5.03 -6.99
N PHE A 127 -2.89 -4.97 -5.89
CA PHE A 127 -1.54 -5.53 -5.86
C PHE A 127 -1.57 -7.03 -6.09
N LYS A 128 -2.56 -7.70 -5.51
CA LYS A 128 -2.72 -9.15 -5.67
C LYS A 128 -2.90 -9.50 -7.14
N ARG A 129 -3.83 -8.81 -7.80
CA ARG A 129 -4.10 -9.07 -9.22
C ARG A 129 -2.93 -8.65 -10.09
N HIS A 130 -2.21 -7.62 -9.66
CA HIS A 130 -1.02 -7.16 -10.36
C HIS A 130 0.03 -8.27 -10.41
N VAL A 131 0.30 -8.88 -9.26
CA VAL A 131 1.20 -10.02 -9.19
C VAL A 131 0.63 -11.24 -9.90
N GLU A 132 -0.68 -11.44 -9.73
CA GLU A 132 -1.34 -12.61 -10.29
C GLU A 132 -1.18 -12.66 -11.81
N SER A 133 -1.22 -11.49 -12.44
CA SER A 133 -1.10 -11.41 -13.89
C SER A 133 0.32 -11.74 -14.33
N HIS A 134 1.25 -11.74 -13.39
CA HIS A 134 2.66 -11.97 -13.69
C HIS A 134 3.05 -13.42 -13.37
N LEU A 135 2.06 -14.23 -13.02
CA LEU A 135 2.30 -15.62 -12.67
C LEU A 135 1.11 -16.50 -13.08
N GLU A 136 1.39 -17.55 -13.85
CA GLU A 136 0.36 -18.45 -14.30
C GLU A 136 -0.69 -18.69 -13.20
N HIS A 137 -0.21 -18.95 -12.00
CA HIS A 137 -1.10 -19.20 -10.87
C HIS A 137 -2.25 -18.21 -10.85
N HIS A 138 -3.47 -18.73 -10.63
CA HIS A 138 -4.67 -17.92 -10.72
C HIS A 138 -5.83 -18.56 -9.96
N MET A 1 -8.59 3.45 17.58
CA MET A 1 -8.77 2.07 17.15
C MET A 1 -7.73 1.69 16.09
N ASN A 2 -7.25 0.46 16.15
CA ASN A 2 -6.38 -0.08 15.11
C ASN A 2 -7.18 -0.88 14.10
N ILE A 3 -7.02 -0.55 12.82
CA ILE A 3 -7.70 -1.27 11.75
C ILE A 3 -6.72 -2.14 10.97
N THR A 4 -7.09 -3.40 10.78
CA THR A 4 -6.22 -4.36 10.10
C THR A 4 -6.89 -4.90 8.84
N VAL A 5 -6.10 -4.98 7.76
CA VAL A 5 -6.56 -5.63 6.54
C VAL A 5 -5.54 -6.67 6.06
N GLU A 6 -6.04 -7.72 5.41
CA GLU A 6 -5.22 -8.88 5.08
C GLU A 6 -5.52 -9.37 3.66
N THR A 7 -4.46 -9.64 2.91
CA THR A 7 -4.60 -10.26 1.59
C THR A 7 -3.48 -11.25 1.32
N THR A 8 -3.84 -12.44 0.86
CA THR A 8 -2.87 -13.49 0.59
C THR A 8 -2.65 -13.64 -0.91
N VAL A 9 -1.39 -13.54 -1.34
CA VAL A 9 -1.06 -13.57 -2.75
C VAL A 9 -0.14 -14.73 -3.08
N ALA A 10 -0.29 -15.29 -4.27
CA ALA A 10 0.58 -16.38 -4.72
C ALA A 10 1.86 -15.84 -5.32
N ALA A 11 2.83 -15.53 -4.46
CA ALA A 11 4.15 -15.09 -4.91
C ALA A 11 5.17 -15.15 -3.78
N PRO A 12 6.44 -15.36 -4.14
CA PRO A 12 7.54 -15.40 -3.16
C PRO A 12 7.75 -14.06 -2.47
N VAL A 13 8.25 -14.11 -1.24
CA VAL A 13 8.33 -12.93 -0.39
C VAL A 13 9.13 -11.81 -1.07
N GLY A 14 10.20 -12.20 -1.76
CA GLY A 14 11.03 -11.23 -2.45
C GLY A 14 10.28 -10.53 -3.57
N LYS A 15 9.50 -11.30 -4.32
CA LYS A 15 8.72 -10.74 -5.42
C LYS A 15 7.59 -9.85 -4.89
N VAL A 16 6.90 -10.33 -3.85
CA VAL A 16 5.82 -9.57 -3.25
C VAL A 16 6.32 -8.25 -2.67
N TRP A 17 7.39 -8.33 -1.88
CA TRP A 17 7.94 -7.15 -1.22
C TRP A 17 8.46 -6.14 -2.25
N ARG A 18 9.20 -6.64 -3.23
CA ARG A 18 9.81 -5.78 -4.23
C ARG A 18 8.75 -5.08 -5.08
N ALA A 19 7.71 -5.82 -5.45
CA ALA A 19 6.62 -5.27 -6.24
C ALA A 19 5.74 -4.35 -5.41
N TYR A 20 5.65 -4.65 -4.12
CA TYR A 20 4.78 -3.88 -3.22
C TYR A 20 5.35 -2.49 -2.98
N THR A 21 6.68 -2.40 -2.93
CA THR A 21 7.35 -1.19 -2.45
C THR A 21 8.03 -0.46 -3.60
N THR A 22 7.66 -0.82 -4.83
CA THR A 22 8.06 -0.05 -6.00
C THR A 22 6.93 0.88 -6.46
N PRO A 23 7.21 2.20 -6.44
CA PRO A 23 6.21 3.22 -6.79
C PRO A 23 5.61 3.00 -8.17
N GLU A 24 6.46 2.63 -9.12
CA GLU A 24 6.00 2.38 -10.49
C GLU A 24 5.04 1.19 -10.54
N ASP A 25 5.29 0.21 -9.68
CA ASP A 25 4.38 -0.92 -9.54
C ASP A 25 3.11 -0.51 -8.80
N ILE A 26 3.28 0.34 -7.80
CA ILE A 26 2.15 0.83 -7.01
C ILE A 26 1.14 1.54 -7.90
N LYS A 27 1.64 2.21 -8.94
CA LYS A 27 0.78 2.94 -9.87
C LYS A 27 -0.11 1.98 -10.65
N GLN A 28 0.27 0.71 -10.68
CA GLN A 28 -0.41 -0.28 -11.51
C GLN A 28 -1.74 -0.69 -10.88
N TRP A 29 -1.81 -0.64 -9.56
CA TRP A 29 -2.97 -1.12 -8.83
C TRP A 29 -3.54 -0.02 -7.93
N ASN A 30 -2.85 1.12 -7.88
CA ASN A 30 -3.32 2.27 -7.13
C ASN A 30 -2.74 3.56 -7.71
N ALA A 31 -3.25 4.69 -7.25
CA ALA A 31 -2.67 5.99 -7.57
C ALA A 31 -2.59 6.19 -9.08
N ALA A 32 -3.75 6.10 -9.75
CA ALA A 32 -3.80 6.26 -11.19
C ALA A 32 -5.22 6.63 -11.64
N SER A 33 -5.33 7.20 -12.84
CA SER A 33 -6.59 7.70 -13.34
C SER A 33 -6.83 7.27 -14.77
N ASP A 34 -8.09 7.20 -15.18
CA ASP A 34 -8.44 6.84 -16.54
C ASP A 34 -8.60 8.07 -17.42
N ASP A 35 -9.12 9.15 -16.82
CA ASP A 35 -9.44 10.35 -17.57
C ASP A 35 -8.27 11.34 -17.54
N TRP A 36 -7.06 10.82 -17.68
CA TRP A 36 -5.89 11.66 -17.89
C TRP A 36 -5.72 12.67 -16.75
N HIS A 37 -5.66 12.16 -15.53
CA HIS A 37 -5.30 12.98 -14.38
C HIS A 37 -3.94 12.57 -13.83
N THR A 38 -3.18 13.55 -13.33
CA THR A 38 -1.76 13.35 -13.05
C THR A 38 -1.56 12.76 -11.67
N THR A 39 -0.92 11.59 -11.61
CA THR A 39 -0.62 10.94 -10.34
C THR A 39 0.89 10.69 -10.20
N ALA A 40 1.34 10.62 -8.95
CA ALA A 40 2.72 10.23 -8.67
C ALA A 40 2.85 9.64 -7.28
N ALA A 41 3.68 8.60 -7.15
CA ALA A 41 3.93 7.97 -5.86
C ALA A 41 5.43 7.92 -5.56
N THR A 42 5.77 8.07 -4.28
CA THR A 42 7.16 7.98 -3.85
C THR A 42 7.31 7.05 -2.65
N VAL A 43 8.31 6.19 -2.70
CA VAL A 43 8.65 5.35 -1.56
C VAL A 43 10.14 5.38 -1.27
N ASP A 44 10.49 5.72 -0.03
CA ASP A 44 11.88 5.72 0.40
C ASP A 44 12.05 4.87 1.66
N LEU A 45 12.43 3.62 1.46
CA LEU A 45 12.54 2.67 2.56
C LEU A 45 13.85 2.85 3.32
N ARG A 46 13.85 3.76 4.29
CA ARG A 46 15.03 3.98 5.14
C ARG A 46 14.62 4.60 6.47
N GLU A 47 15.30 4.19 7.54
CA GLU A 47 15.04 4.72 8.88
C GLU A 47 15.20 6.24 8.89
N GLY A 48 14.12 6.94 9.19
CA GLY A 48 14.17 8.39 9.26
C GLY A 48 13.87 9.04 7.91
N GLY A 49 13.66 8.22 6.89
CA GLY A 49 13.44 8.73 5.56
C GLY A 49 12.00 9.13 5.32
N ALA A 50 11.78 10.06 4.41
CA ALA A 50 10.45 10.61 4.17
C ALA A 50 9.94 10.24 2.79
N PHE A 51 8.63 10.05 2.67
CA PHE A 51 8.00 9.73 1.40
C PHE A 51 6.71 10.51 1.20
N SER A 52 6.34 10.72 -0.06
CA SER A 52 5.13 11.49 -0.38
C SER A 52 4.52 11.00 -1.68
N SER A 53 3.21 10.75 -1.65
CA SER A 53 2.49 10.32 -2.84
C SER A 53 1.24 11.18 -3.05
N ARG A 54 1.08 11.70 -4.26
CA ARG A 54 0.11 12.76 -4.52
C ARG A 54 -0.66 12.49 -5.81
N MET A 55 -1.97 12.68 -5.76
CA MET A 55 -2.80 12.60 -6.96
C MET A 55 -3.44 13.94 -7.27
N GLU A 56 -3.54 14.27 -8.55
CA GLU A 56 -4.06 15.56 -8.97
C GLU A 56 -5.16 15.39 -10.02
N ALA A 57 -6.13 16.30 -10.00
CA ALA A 57 -7.28 16.22 -10.90
C ALA A 57 -7.24 17.33 -11.94
N LYS A 58 -7.39 16.95 -13.21
CA LYS A 58 -7.52 17.94 -14.28
C LYS A 58 -8.95 18.49 -14.36
N ASP A 59 -9.91 17.62 -14.10
CA ASP A 59 -11.32 17.98 -14.26
C ASP A 59 -12.03 18.00 -12.91
N GLY A 60 -11.45 17.30 -11.93
CA GLY A 60 -12.09 17.20 -10.63
C GLY A 60 -12.59 15.79 -10.35
N SER A 61 -11.83 14.79 -10.77
CA SER A 61 -12.26 13.40 -10.67
C SER A 61 -11.70 12.74 -9.42
N MET A 62 -10.43 13.01 -9.13
CA MET A 62 -9.75 12.39 -8.01
C MET A 62 -8.50 13.18 -7.61
N GLY A 63 -8.06 12.99 -6.38
CA GLY A 63 -6.82 13.62 -5.93
C GLY A 63 -6.64 13.54 -4.42
N PHE A 64 -5.40 13.66 -3.97
CA PHE A 64 -5.11 13.70 -2.54
C PHE A 64 -3.61 13.88 -2.30
N ASP A 65 -3.26 14.24 -1.07
CA ASP A 65 -1.86 14.36 -0.68
C ASP A 65 -1.54 13.46 0.51
N PHE A 66 -0.75 12.42 0.25
CA PHE A 66 -0.30 11.53 1.31
C PHE A 66 1.19 11.72 1.59
N ALA A 67 1.54 11.85 2.86
CA ALA A 67 2.92 12.01 3.26
C ALA A 67 3.21 11.29 4.56
N GLY A 68 4.41 10.71 4.67
CA GLY A 68 4.80 10.04 5.89
C GLY A 68 6.30 9.82 5.98
N THR A 69 6.75 9.24 7.09
CA THR A 69 8.15 8.88 7.24
C THR A 69 8.30 7.44 7.72
N TYR A 70 9.33 6.75 7.22
CA TYR A 70 9.58 5.37 7.61
C TYR A 70 10.45 5.30 8.85
N THR A 71 10.14 4.36 9.74
CA THR A 71 10.80 4.27 11.04
C THR A 71 11.70 3.05 11.12
N LYS A 72 11.30 1.98 10.44
CA LYS A 72 11.98 0.69 10.58
C LYS A 72 11.60 -0.23 9.43
N VAL A 73 12.59 -0.98 8.93
CA VAL A 73 12.34 -2.02 7.95
C VAL A 73 13.19 -3.26 8.23
N VAL A 74 12.53 -4.40 8.37
CA VAL A 74 13.17 -5.60 8.90
C VAL A 74 13.02 -6.77 7.93
N GLU A 75 14.15 -7.41 7.61
CA GLU A 75 14.12 -8.65 6.84
C GLU A 75 13.25 -8.49 5.60
N ASN A 76 13.24 -7.29 5.05
CA ASN A 76 12.35 -6.98 3.93
C ASN A 76 10.96 -7.57 4.17
N LYS A 77 10.44 -7.39 5.39
CA LYS A 77 9.39 -8.25 5.91
C LYS A 77 8.49 -7.50 6.89
N ARG A 78 9.07 -6.50 7.56
CA ARG A 78 8.32 -5.70 8.52
C ARG A 78 8.61 -4.22 8.33
N ILE A 79 7.56 -3.44 8.12
CA ILE A 79 7.71 -2.03 7.78
C ILE A 79 6.80 -1.15 8.65
N GLU A 80 7.41 -0.23 9.39
CA GLU A 80 6.66 0.70 10.22
C GLU A 80 6.92 2.14 9.79
N TYR A 81 5.86 2.93 9.69
CA TYR A 81 5.98 4.32 9.28
C TYR A 81 4.89 5.17 9.94
N ALA A 82 5.08 6.49 9.92
CA ALA A 82 4.14 7.42 10.53
C ALA A 82 3.47 8.30 9.47
N PHE A 83 2.16 8.43 9.56
CA PHE A 83 1.40 9.20 8.58
C PHE A 83 0.61 10.31 9.24
N GLY A 84 1.12 11.53 9.17
CA GLY A 84 0.48 12.66 9.82
C GLY A 84 0.49 12.55 11.33
N ASP A 85 -0.70 12.51 11.93
CA ASP A 85 -0.83 12.28 13.36
C ASP A 85 -1.18 10.82 13.65
N ARG A 86 -1.10 9.99 12.61
CA ARG A 86 -1.42 8.57 12.74
C ARG A 86 -0.20 7.71 12.42
N THR A 87 -0.32 6.41 12.70
CA THR A 87 0.74 5.47 12.38
C THR A 87 0.20 4.26 11.64
N ALA A 88 1.06 3.60 10.88
CA ALA A 88 0.69 2.38 10.19
C ALA A 88 1.89 1.44 10.02
N LYS A 89 1.61 0.14 10.04
CA LYS A 89 2.66 -0.87 9.91
C LYS A 89 2.26 -1.96 8.93
N VAL A 90 3.16 -2.28 8.00
CA VAL A 90 2.91 -3.33 7.03
C VAL A 90 3.83 -4.52 7.26
N GLU A 91 3.24 -5.71 7.34
CA GLU A 91 4.00 -6.92 7.62
C GLU A 91 3.78 -7.98 6.55
N PHE A 92 4.81 -8.78 6.29
CA PHE A 92 4.70 -9.87 5.34
C PHE A 92 4.93 -11.22 6.02
N LEU A 93 4.00 -12.14 5.82
CA LEU A 93 4.10 -13.47 6.41
C LEU A 93 4.31 -14.52 5.33
N GLU A 94 5.37 -15.31 5.48
CA GLU A 94 5.68 -16.36 4.51
C GLU A 94 4.87 -17.63 4.80
N ALA A 95 4.09 -18.06 3.80
CA ALA A 95 3.40 -19.33 3.88
C ALA A 95 3.90 -20.30 2.82
N PRO A 96 3.65 -21.61 3.04
CA PRO A 96 4.04 -22.65 2.10
C PRO A 96 3.29 -22.56 0.78
N GLN A 97 2.08 -22.02 0.83
CA GLN A 97 1.22 -21.95 -0.34
C GLN A 97 1.25 -20.55 -0.96
N GLY A 98 1.80 -19.59 -0.21
CA GLY A 98 1.82 -18.22 -0.68
C GLY A 98 2.37 -17.27 0.36
N VAL A 99 2.28 -15.97 0.08
CA VAL A 99 2.70 -14.95 1.04
C VAL A 99 1.53 -14.05 1.43
N THR A 100 1.38 -13.82 2.72
CA THR A 100 0.26 -13.02 3.23
C THR A 100 0.73 -11.60 3.55
N VAL A 101 0.00 -10.61 3.02
CA VAL A 101 0.33 -9.21 3.24
C VAL A 101 -0.67 -8.55 4.20
N ARG A 102 -0.16 -8.06 5.32
CA ARG A 102 -1.01 -7.47 6.35
C ARG A 102 -0.69 -5.99 6.53
N VAL A 103 -1.72 -5.16 6.49
CA VAL A 103 -1.56 -3.72 6.75
C VAL A 103 -2.44 -3.28 7.91
N SER A 104 -1.80 -2.73 8.94
CA SER A 104 -2.51 -2.18 10.09
C SER A 104 -2.27 -0.68 10.21
N PHE A 105 -3.36 0.07 10.44
CA PHE A 105 -3.28 1.52 10.50
C PHE A 105 -4.23 2.06 11.56
N VAL A 106 -3.92 3.24 12.09
CA VAL A 106 -4.78 3.92 13.05
C VAL A 106 -6.02 4.49 12.37
N ALA A 107 -7.17 4.29 12.99
CA ALA A 107 -8.43 4.79 12.46
C ALA A 107 -8.47 6.31 12.49
N GLU A 108 -8.86 6.92 11.36
CA GLU A 108 -9.00 8.37 11.29
C GLU A 108 -10.42 8.79 11.61
N THR A 109 -10.55 9.77 12.50
CA THR A 109 -11.86 10.16 13.03
C THR A 109 -12.75 10.73 11.93
N GLU A 110 -12.12 11.20 10.85
CA GLU A 110 -12.85 11.85 9.76
C GLU A 110 -13.53 10.80 8.88
N TYR A 111 -13.05 9.57 8.95
CA TYR A 111 -13.57 8.49 8.11
C TYR A 111 -14.03 7.31 8.95
N PRO A 112 -15.12 6.68 8.53
CA PRO A 112 -15.67 5.48 9.20
C PRO A 112 -14.64 4.37 9.31
N VAL A 113 -14.67 3.66 10.44
CA VAL A 113 -13.77 2.54 10.65
C VAL A 113 -13.92 1.49 9.55
N GLU A 114 -15.17 1.14 9.24
CA GLU A 114 -15.44 0.13 8.23
C GLU A 114 -15.03 0.61 6.84
N GLN A 115 -15.29 1.88 6.57
CA GLN A 115 -15.02 2.45 5.25
C GLN A 115 -13.52 2.45 4.94
N GLN A 116 -12.72 2.78 5.94
CA GLN A 116 -11.27 2.79 5.78
C GLN A 116 -10.74 1.37 5.61
N GLN A 117 -11.29 0.44 6.37
CA GLN A 117 -10.86 -0.96 6.29
C GLN A 117 -11.13 -1.54 4.90
N GLN A 118 -12.31 -1.25 4.36
CA GLN A 118 -12.68 -1.72 3.04
C GLN A 118 -11.79 -1.09 1.97
N GLY A 119 -11.48 0.18 2.14
CA GLY A 119 -10.62 0.88 1.19
C GLY A 119 -9.22 0.30 1.16
N TRP A 120 -8.63 0.11 2.34
CA TRP A 120 -7.28 -0.41 2.45
C TRP A 120 -7.23 -1.88 2.05
N GLN A 121 -8.32 -2.60 2.33
CA GLN A 121 -8.47 -3.98 1.86
C GLN A 121 -8.55 -4.03 0.34
N ALA A 122 -9.27 -3.08 -0.24
CA ALA A 122 -9.39 -3.00 -1.69
C ALA A 122 -8.03 -2.73 -2.34
N ILE A 123 -7.20 -1.95 -1.65
CA ILE A 123 -5.86 -1.65 -2.14
C ILE A 123 -5.02 -2.93 -2.23
N LEU A 124 -5.07 -3.73 -1.18
CA LEU A 124 -4.38 -5.02 -1.18
C LEU A 124 -4.99 -5.98 -2.19
N ASN A 125 -6.31 -5.90 -2.34
CA ASN A 125 -7.03 -6.74 -3.30
C ASN A 125 -6.61 -6.43 -4.72
N ASN A 126 -6.41 -5.14 -5.01
CA ASN A 126 -5.87 -4.72 -6.29
C ASN A 126 -4.42 -5.20 -6.47
N PHE A 127 -3.65 -5.15 -5.38
CA PHE A 127 -2.29 -5.66 -5.40
C PHE A 127 -2.27 -7.15 -5.72
N LYS A 128 -3.23 -7.89 -5.18
CA LYS A 128 -3.36 -9.31 -5.47
C LYS A 128 -3.49 -9.56 -6.96
N ARG A 129 -4.34 -8.77 -7.61
CA ARG A 129 -4.49 -8.85 -9.06
C ARG A 129 -3.22 -8.40 -9.77
N HIS A 130 -2.50 -7.46 -9.15
CA HIS A 130 -1.19 -7.05 -9.62
C HIS A 130 -0.23 -8.24 -9.67
N VAL A 131 -0.20 -9.00 -8.58
CA VAL A 131 0.57 -10.24 -8.54
C VAL A 131 0.05 -11.24 -9.56
N GLU A 132 -1.27 -11.33 -9.68
CA GLU A 132 -1.90 -12.25 -10.63
C GLU A 132 -1.41 -11.98 -12.05
N SER A 133 -1.21 -10.70 -12.36
CA SER A 133 -0.79 -10.31 -13.71
C SER A 133 0.66 -10.72 -13.97
N HIS A 134 1.39 -11.01 -12.89
CA HIS A 134 2.80 -11.34 -13.00
C HIS A 134 3.02 -12.83 -12.77
N LEU A 135 1.93 -13.57 -12.61
CA LEU A 135 2.00 -15.02 -12.45
C LEU A 135 0.73 -15.68 -12.97
N GLU A 136 0.88 -16.53 -13.99
CA GLU A 136 -0.25 -17.19 -14.62
C GLU A 136 -1.28 -17.61 -13.58
N HIS A 137 -0.78 -18.08 -12.43
CA HIS A 137 -1.64 -18.66 -11.40
C HIS A 137 -2.94 -17.86 -11.27
N HIS A 138 -4.05 -18.56 -11.09
CA HIS A 138 -5.37 -17.93 -11.11
C HIS A 138 -6.35 -18.70 -10.24
N MET A 1 -9.35 3.45 17.10
CA MET A 1 -9.71 2.25 16.36
C MET A 1 -8.57 1.81 15.44
N ASN A 2 -8.13 0.58 15.60
CA ASN A 2 -7.13 0.00 14.70
C ASN A 2 -7.81 -0.91 13.67
N ILE A 3 -7.51 -0.66 12.40
CA ILE A 3 -8.07 -1.47 11.32
C ILE A 3 -6.99 -2.34 10.67
N THR A 4 -7.28 -3.63 10.53
CA THR A 4 -6.29 -4.57 10.01
C THR A 4 -6.81 -5.25 8.75
N VAL A 5 -5.95 -5.38 7.74
CA VAL A 5 -6.29 -6.12 6.53
C VAL A 5 -5.18 -7.10 6.16
N GLU A 6 -5.54 -8.14 5.41
CA GLU A 6 -4.60 -9.21 5.09
C GLU A 6 -4.93 -9.82 3.73
N THR A 7 -3.90 -10.15 2.97
CA THR A 7 -4.07 -10.79 1.68
C THR A 7 -2.90 -11.72 1.36
N THR A 8 -3.22 -12.87 0.77
CA THR A 8 -2.19 -13.83 0.37
C THR A 8 -2.03 -13.86 -1.15
N VAL A 9 -0.79 -13.69 -1.61
CA VAL A 9 -0.51 -13.58 -3.03
C VAL A 9 0.37 -14.74 -3.50
N ALA A 10 0.14 -15.19 -4.73
CA ALA A 10 0.97 -16.24 -5.33
C ALA A 10 2.16 -15.65 -6.07
N ALA A 11 3.13 -15.14 -5.32
CA ALA A 11 4.32 -14.55 -5.91
C ALA A 11 5.54 -14.75 -5.00
N PRO A 12 6.73 -14.62 -5.58
CA PRO A 12 7.99 -14.78 -4.85
C PRO A 12 8.23 -13.64 -3.86
N VAL A 13 8.85 -13.96 -2.73
CA VAL A 13 8.96 -13.03 -1.62
C VAL A 13 9.70 -11.77 -2.03
N GLY A 14 10.61 -11.91 -2.99
CA GLY A 14 11.34 -10.76 -3.49
C GLY A 14 10.44 -9.73 -4.15
N LYS A 15 9.52 -10.22 -4.99
CA LYS A 15 8.59 -9.34 -5.67
C LYS A 15 7.53 -8.81 -4.71
N VAL A 16 7.09 -9.67 -3.79
CA VAL A 16 6.03 -9.31 -2.86
C VAL A 16 6.51 -8.25 -1.86
N TRP A 17 7.67 -8.49 -1.27
CA TRP A 17 8.19 -7.61 -0.24
C TRP A 17 8.44 -6.21 -0.79
N ARG A 18 9.02 -6.14 -1.99
CA ARG A 18 9.38 -4.87 -2.58
C ARG A 18 8.13 -4.07 -2.96
N ALA A 19 7.06 -4.77 -3.29
CA ALA A 19 5.87 -4.13 -3.83
C ALA A 19 5.12 -3.36 -2.76
N TYR A 20 5.51 -3.57 -1.50
CA TYR A 20 4.78 -3.00 -0.38
C TYR A 20 4.71 -1.49 -0.46
N THR A 21 5.69 -0.89 -1.12
CA THR A 21 5.63 0.52 -1.47
C THR A 21 6.27 0.78 -2.83
N THR A 22 5.60 0.32 -3.89
CA THR A 22 6.01 0.64 -5.25
C THR A 22 5.05 1.64 -5.89
N PRO A 23 5.62 2.71 -6.46
CA PRO A 23 4.83 3.79 -7.07
C PRO A 23 3.99 3.30 -8.25
N GLU A 24 4.53 2.35 -9.00
CA GLU A 24 3.79 1.72 -10.08
C GLU A 24 2.55 1.01 -9.55
N ASP A 25 2.69 0.39 -8.39
CA ASP A 25 1.54 -0.23 -7.71
C ASP A 25 0.60 0.83 -7.17
N ILE A 26 1.17 1.91 -6.63
CA ILE A 26 0.38 3.01 -6.08
C ILE A 26 -0.48 3.66 -7.16
N LYS A 27 0.03 3.66 -8.38
CA LYS A 27 -0.74 4.17 -9.52
C LYS A 27 -2.03 3.38 -9.71
N GLN A 28 -2.03 2.14 -9.23
CA GLN A 28 -3.24 1.32 -9.24
C GLN A 28 -4.14 1.67 -8.05
N TRP A 29 -3.57 2.37 -7.07
CA TRP A 29 -4.33 2.80 -5.91
C TRP A 29 -4.93 4.19 -6.14
N ASN A 30 -5.11 4.55 -7.40
CA ASN A 30 -5.48 5.91 -7.76
C ASN A 30 -6.86 6.26 -7.20
N ALA A 31 -7.22 7.53 -7.26
CA ALA A 31 -8.44 8.02 -6.62
C ALA A 31 -9.66 7.74 -7.48
N ALA A 32 -9.63 8.20 -8.72
CA ALA A 32 -10.80 8.15 -9.58
C ALA A 32 -10.66 7.05 -10.63
N SER A 33 -9.70 7.22 -11.53
CA SER A 33 -9.51 6.29 -12.63
C SER A 33 -8.11 6.39 -13.21
N ASP A 34 -7.63 5.31 -13.82
CA ASP A 34 -6.33 5.30 -14.46
C ASP A 34 -6.36 6.06 -15.78
N ASP A 35 -7.53 6.57 -16.13
CA ASP A 35 -7.69 7.36 -17.35
C ASP A 35 -7.93 8.83 -17.03
N TRP A 36 -8.74 9.08 -15.99
CA TRP A 36 -9.14 10.44 -15.65
C TRP A 36 -8.21 11.02 -14.60
N HIS A 37 -7.49 10.16 -13.89
CA HIS A 37 -6.71 10.56 -12.72
C HIS A 37 -5.24 10.18 -12.89
N THR A 38 -4.36 11.10 -12.51
CA THR A 38 -2.92 10.86 -12.62
C THR A 38 -2.30 10.67 -11.23
N THR A 39 -1.50 9.61 -11.10
CA THR A 39 -0.86 9.31 -9.83
C THR A 39 0.65 9.23 -9.98
N ALA A 40 1.37 9.91 -9.08
CA ALA A 40 2.82 9.81 -9.02
C ALA A 40 3.31 9.61 -7.59
N ALA A 41 4.30 8.75 -7.43
CA ALA A 41 4.82 8.44 -6.10
C ALA A 41 6.35 8.34 -6.12
N THR A 42 6.99 8.87 -5.09
CA THR A 42 8.42 8.70 -4.89
C THR A 42 8.74 8.22 -3.48
N VAL A 43 9.54 7.16 -3.39
CA VAL A 43 9.83 6.53 -2.10
C VAL A 43 11.31 6.22 -1.97
N ASP A 44 11.87 6.52 -0.80
CA ASP A 44 13.18 6.00 -0.42
C ASP A 44 13.04 4.78 0.49
N LEU A 45 13.33 3.60 -0.06
CA LEU A 45 13.06 2.35 0.63
C LEU A 45 14.14 2.05 1.65
N ARG A 46 13.93 2.51 2.88
CA ARG A 46 14.87 2.25 3.96
C ARG A 46 14.26 2.62 5.31
N GLU A 47 14.79 2.04 6.38
CA GLU A 47 14.43 2.44 7.73
C GLU A 47 14.81 3.91 7.98
N GLY A 48 13.81 4.72 8.32
CA GLY A 48 14.05 6.14 8.47
C GLY A 48 13.85 6.91 7.19
N GLY A 49 13.66 6.18 6.09
CA GLY A 49 13.55 6.82 4.79
C GLY A 49 12.20 7.50 4.60
N ALA A 50 12.18 8.53 3.77
CA ALA A 50 10.94 9.29 3.53
C ALA A 50 10.27 8.84 2.24
N PHE A 51 8.95 8.95 2.20
CA PHE A 51 8.19 8.68 0.98
C PHE A 51 7.04 9.68 0.82
N SER A 52 6.62 9.87 -0.42
CA SER A 52 5.57 10.85 -0.73
C SER A 52 4.83 10.47 -2.00
N SER A 53 3.52 10.75 -2.03
CA SER A 53 2.71 10.44 -3.19
C SER A 53 1.83 11.64 -3.57
N ARG A 54 1.93 12.06 -4.81
CA ARG A 54 1.15 13.19 -5.31
C ARG A 54 0.07 12.72 -6.29
N MET A 55 -1.18 13.01 -5.95
CA MET A 55 -2.30 12.64 -6.80
C MET A 55 -2.97 13.89 -7.39
N GLU A 56 -3.27 13.84 -8.69
CA GLU A 56 -3.97 14.92 -9.35
C GLU A 56 -5.04 14.38 -10.30
N ALA A 57 -6.14 15.12 -10.43
CA ALA A 57 -7.13 14.84 -11.47
C ALA A 57 -6.76 15.55 -12.77
N LYS A 58 -6.90 14.85 -13.89
CA LYS A 58 -6.58 15.40 -15.19
C LYS A 58 -7.51 16.56 -15.54
N ASP A 59 -8.69 16.56 -14.93
CA ASP A 59 -9.65 17.64 -15.14
C ASP A 59 -9.40 18.78 -14.15
N GLY A 60 -8.40 18.60 -13.29
CA GLY A 60 -7.95 19.69 -12.45
C GLY A 60 -8.96 20.04 -11.38
N SER A 61 -9.89 19.13 -11.12
CA SER A 61 -10.99 19.40 -10.20
C SER A 61 -10.55 19.20 -8.75
N MET A 62 -9.54 18.36 -8.56
CA MET A 62 -9.08 18.00 -7.21
C MET A 62 -7.71 17.35 -7.27
N GLY A 63 -7.02 17.35 -6.13
CA GLY A 63 -5.81 16.55 -5.99
C GLY A 63 -5.46 16.29 -4.54
N PHE A 64 -4.55 15.35 -4.32
CA PHE A 64 -4.20 14.92 -2.96
C PHE A 64 -2.70 14.92 -2.76
N ASP A 65 -2.27 15.18 -1.53
CA ASP A 65 -0.85 15.17 -1.19
C ASP A 65 -0.59 14.26 0.01
N PHE A 66 0.15 13.18 -0.21
CA PHE A 66 0.46 12.23 0.84
C PHE A 66 1.95 12.22 1.15
N ALA A 67 2.29 12.23 2.43
CA ALA A 67 3.69 12.17 2.87
C ALA A 67 3.84 11.32 4.13
N GLY A 68 4.94 10.60 4.22
CA GLY A 68 5.19 9.77 5.39
C GLY A 68 6.65 9.37 5.51
N THR A 69 7.01 8.78 6.65
CA THR A 69 8.37 8.32 6.88
C THR A 69 8.39 6.93 7.50
N TYR A 70 9.44 6.17 7.20
CA TYR A 70 9.61 4.84 7.78
C TYR A 70 10.24 4.93 9.17
N THR A 71 9.80 4.05 10.07
CA THR A 71 10.30 4.03 11.43
C THR A 71 11.08 2.75 11.71
N LYS A 72 10.71 1.67 11.04
CA LYS A 72 11.33 0.37 11.25
C LYS A 72 11.25 -0.49 10.00
N VAL A 73 12.37 -1.11 9.64
CA VAL A 73 12.39 -2.09 8.56
C VAL A 73 13.27 -3.28 8.93
N VAL A 74 12.70 -4.47 8.83
CA VAL A 74 13.42 -5.69 9.20
C VAL A 74 13.43 -6.70 8.05
N GLU A 75 14.55 -6.80 7.36
CA GLU A 75 14.73 -7.82 6.34
C GLU A 75 13.53 -7.88 5.40
N ASN A 76 12.87 -6.73 5.21
CA ASN A 76 11.66 -6.67 4.41
C ASN A 76 10.61 -7.65 4.94
N LYS A 77 10.52 -7.76 6.26
CA LYS A 77 9.65 -8.74 6.88
C LYS A 77 8.77 -8.10 7.95
N ARG A 78 9.33 -7.13 8.66
CA ARG A 78 8.55 -6.32 9.59
C ARG A 78 8.84 -4.84 9.39
N ILE A 79 7.82 -4.10 8.96
CA ILE A 79 8.00 -2.72 8.54
C ILE A 79 6.94 -1.81 9.15
N GLU A 80 7.40 -0.75 9.81
CA GLU A 80 6.48 0.23 10.40
C GLU A 80 6.75 1.63 9.84
N TYR A 81 5.68 2.35 9.53
CA TYR A 81 5.81 3.68 8.94
C TYR A 81 4.65 4.57 9.39
N ALA A 82 4.83 5.88 9.20
CA ALA A 82 3.79 6.84 9.55
C ALA A 82 3.52 7.79 8.39
N PHE A 83 2.25 8.13 8.19
CA PHE A 83 1.85 8.98 7.09
C PHE A 83 0.81 10.01 7.54
N GLY A 84 1.03 11.27 7.18
CA GLY A 84 0.14 12.33 7.63
C GLY A 84 0.07 12.44 9.13
N ASP A 85 -1.13 12.37 9.68
CA ASP A 85 -1.32 12.28 11.12
C ASP A 85 -1.72 10.87 11.53
N ARG A 86 -1.39 9.90 10.68
CA ARG A 86 -1.73 8.51 10.94
C ARG A 86 -0.49 7.61 10.85
N THR A 87 -0.64 6.36 11.27
CA THR A 87 0.46 5.41 11.24
C THR A 87 -0.02 4.02 10.86
N ALA A 88 0.87 3.22 10.28
CA ALA A 88 0.52 1.87 9.87
C ALA A 88 1.74 0.95 9.90
N LYS A 89 1.50 -0.34 10.04
CA LYS A 89 2.58 -1.32 10.08
C LYS A 89 2.24 -2.54 9.23
N VAL A 90 3.19 -2.97 8.39
CA VAL A 90 2.97 -4.11 7.51
C VAL A 90 3.90 -5.25 7.88
N GLU A 91 3.35 -6.46 7.92
CA GLU A 91 4.12 -7.65 8.28
C GLU A 91 4.00 -8.71 7.19
N PHE A 92 5.08 -9.45 6.95
CA PHE A 92 5.12 -10.43 5.87
C PHE A 92 5.34 -11.84 6.42
N LEU A 93 4.47 -12.75 6.02
CA LEU A 93 4.61 -14.15 6.41
C LEU A 93 4.81 -15.05 5.20
N GLU A 94 5.87 -15.85 5.23
CA GLU A 94 6.15 -16.79 4.15
C GLU A 94 5.29 -18.05 4.29
N ALA A 95 4.46 -18.31 3.30
CA ALA A 95 3.61 -19.50 3.30
C ALA A 95 4.05 -20.49 2.23
N PRO A 96 3.67 -21.76 2.42
CA PRO A 96 3.97 -22.83 1.46
C PRO A 96 3.24 -22.66 0.14
N GLN A 97 2.07 -22.00 0.20
CA GLN A 97 1.23 -21.82 -0.97
C GLN A 97 1.44 -20.45 -1.59
N GLY A 98 2.02 -19.53 -0.81
CA GLY A 98 2.19 -18.17 -1.27
C GLY A 98 2.82 -17.28 -0.22
N VAL A 99 2.73 -15.96 -0.42
CA VAL A 99 3.22 -15.00 0.56
C VAL A 99 2.07 -14.17 1.14
N THR A 100 1.99 -14.12 2.46
CA THR A 100 0.89 -13.43 3.13
C THR A 100 1.32 -12.04 3.59
N VAL A 101 0.57 -11.02 3.17
CA VAL A 101 0.86 -9.65 3.55
C VAL A 101 -0.25 -9.08 4.43
N ARG A 102 0.13 -8.61 5.62
CA ARG A 102 -0.84 -8.07 6.56
C ARG A 102 -0.51 -6.61 6.90
N VAL A 103 -1.51 -5.75 6.79
CA VAL A 103 -1.32 -4.33 7.10
C VAL A 103 -2.30 -3.87 8.18
N SER A 104 -1.77 -3.31 9.24
CA SER A 104 -2.60 -2.77 10.32
C SER A 104 -2.32 -1.28 10.53
N PHE A 105 -3.39 -0.48 10.55
CA PHE A 105 -3.25 0.97 10.53
C PHE A 105 -4.28 1.62 11.45
N VAL A 106 -4.04 2.88 11.81
CA VAL A 106 -4.98 3.64 12.62
C VAL A 106 -6.10 4.22 11.76
N ALA A 107 -7.33 3.99 12.17
CA ALA A 107 -8.49 4.48 11.43
C ALA A 107 -8.64 5.99 11.56
N GLU A 108 -8.96 6.65 10.46
CA GLU A 108 -9.17 8.09 10.46
C GLU A 108 -10.52 8.44 11.08
N THR A 109 -10.50 9.27 12.12
CA THR A 109 -11.71 9.58 12.88
C THR A 109 -12.72 10.34 12.02
N GLU A 110 -12.23 10.98 10.97
CA GLU A 110 -13.10 11.74 10.07
C GLU A 110 -13.94 10.80 9.21
N TYR A 111 -13.55 9.53 9.18
CA TYR A 111 -14.27 8.54 8.39
C TYR A 111 -14.66 7.34 9.26
N PRO A 112 -15.76 6.68 8.88
CA PRO A 112 -16.21 5.45 9.55
C PRO A 112 -15.24 4.29 9.35
N VAL A 113 -15.16 3.41 10.34
CA VAL A 113 -14.25 2.28 10.29
C VAL A 113 -14.49 1.43 9.05
N GLU A 114 -15.74 1.38 8.60
CA GLU A 114 -16.11 0.64 7.41
C GLU A 114 -15.43 1.23 6.17
N GLN A 115 -15.40 2.56 6.10
CA GLN A 115 -14.78 3.24 4.97
C GLN A 115 -13.29 2.99 4.92
N GLN A 116 -12.65 3.00 6.09
CA GLN A 116 -11.21 2.78 6.18
C GLN A 116 -10.85 1.33 5.85
N GLN A 117 -11.64 0.40 6.37
CA GLN A 117 -11.42 -1.02 6.13
C GLN A 117 -11.57 -1.34 4.64
N GLN A 118 -12.67 -0.88 4.05
CA GLN A 118 -12.95 -1.13 2.65
C GLN A 118 -11.95 -0.40 1.75
N GLY A 119 -11.55 0.80 2.17
CA GLY A 119 -10.59 1.57 1.41
C GLY A 119 -9.25 0.87 1.29
N TRP A 120 -8.75 0.36 2.41
CA TRP A 120 -7.49 -0.37 2.43
C TRP A 120 -7.65 -1.72 1.72
N GLN A 121 -8.82 -2.32 1.84
CA GLN A 121 -9.11 -3.57 1.16
C GLN A 121 -9.12 -3.37 -0.35
N ALA A 122 -9.66 -2.25 -0.80
CA ALA A 122 -9.77 -1.97 -2.23
C ALA A 122 -8.39 -1.84 -2.86
N ILE A 123 -7.50 -1.12 -2.20
CA ILE A 123 -6.13 -0.95 -2.69
C ILE A 123 -5.32 -2.22 -2.48
N LEU A 124 -5.66 -2.97 -1.44
CA LEU A 124 -5.03 -4.27 -1.19
C LEU A 124 -5.41 -5.28 -2.27
N ASN A 125 -6.65 -5.16 -2.76
CA ASN A 125 -7.12 -6.02 -3.84
C ASN A 125 -6.34 -5.78 -5.12
N ASN A 126 -6.04 -4.50 -5.39
CA ASN A 126 -5.21 -4.13 -6.52
C ASN A 126 -3.77 -4.58 -6.31
N PHE A 127 -3.31 -4.50 -5.07
CA PHE A 127 -2.01 -5.05 -4.69
C PHE A 127 -1.94 -6.54 -5.01
N LYS A 128 -2.98 -7.27 -4.62
CA LYS A 128 -3.05 -8.70 -4.86
C LYS A 128 -2.99 -9.00 -6.36
N ARG A 129 -3.84 -8.32 -7.13
CA ARG A 129 -3.95 -8.56 -8.56
C ARG A 129 -2.65 -8.17 -9.27
N HIS A 130 -2.01 -7.12 -8.78
CA HIS A 130 -0.78 -6.63 -9.39
C HIS A 130 0.37 -7.60 -9.15
N VAL A 131 0.61 -7.93 -7.89
CA VAL A 131 1.78 -8.72 -7.50
C VAL A 131 1.61 -10.17 -7.90
N GLU A 132 0.42 -10.71 -7.65
CA GLU A 132 0.16 -12.12 -7.91
C GLU A 132 0.44 -12.46 -9.38
N SER A 133 0.21 -11.51 -10.26
CA SER A 133 0.32 -11.74 -11.70
C SER A 133 1.78 -11.86 -12.12
N HIS A 134 2.68 -11.62 -11.17
CA HIS A 134 4.11 -11.65 -11.46
C HIS A 134 4.68 -13.06 -11.27
N LEU A 135 3.79 -14.03 -11.06
CA LEU A 135 4.19 -15.42 -11.00
C LEU A 135 3.08 -16.34 -11.52
N GLU A 136 3.38 -17.09 -12.57
CA GLU A 136 2.44 -18.06 -13.12
C GLU A 136 2.51 -19.37 -12.34
N HIS A 137 1.36 -20.02 -12.16
CA HIS A 137 1.30 -21.30 -11.45
C HIS A 137 0.62 -22.35 -12.31
N HIS A 138 -0.59 -22.05 -12.76
CA HIS A 138 -1.36 -23.00 -13.57
C HIS A 138 -2.47 -22.28 -14.34
N MET A 1 -9.51 3.18 17.35
CA MET A 1 -9.86 2.04 16.52
C MET A 1 -8.70 1.65 15.60
N ASN A 2 -8.27 0.39 15.70
CA ASN A 2 -7.27 -0.15 14.79
C ASN A 2 -7.93 -1.02 13.72
N ILE A 3 -7.63 -0.73 12.46
CA ILE A 3 -8.16 -1.50 11.35
C ILE A 3 -7.08 -2.35 10.70
N THR A 4 -7.36 -3.64 10.55
CA THR A 4 -6.37 -4.58 10.01
C THR A 4 -6.90 -5.25 8.75
N VAL A 5 -6.03 -5.37 7.75
CA VAL A 5 -6.36 -6.11 6.53
C VAL A 5 -5.28 -7.11 6.18
N GLU A 6 -5.65 -8.15 5.44
CA GLU A 6 -4.74 -9.23 5.13
C GLU A 6 -5.03 -9.82 3.76
N THR A 7 -3.98 -10.16 3.01
CA THR A 7 -4.13 -10.78 1.71
C THR A 7 -2.98 -11.74 1.42
N THR A 8 -3.29 -12.89 0.83
CA THR A 8 -2.29 -13.86 0.46
C THR A 8 -2.10 -13.91 -1.06
N VAL A 9 -0.86 -13.78 -1.51
CA VAL A 9 -0.57 -13.68 -2.93
C VAL A 9 0.27 -14.87 -3.40
N ALA A 10 0.03 -15.33 -4.62
CA ALA A 10 0.81 -16.40 -5.21
C ALA A 10 2.04 -15.86 -5.94
N ALA A 11 3.05 -15.48 -5.16
CA ALA A 11 4.28 -14.94 -5.74
C ALA A 11 5.45 -15.15 -4.79
N PRO A 12 6.69 -15.05 -5.34
CA PRO A 12 7.91 -15.19 -4.56
C PRO A 12 8.16 -14.00 -3.64
N VAL A 13 8.77 -14.26 -2.49
CA VAL A 13 8.91 -13.24 -1.45
C VAL A 13 9.72 -12.05 -1.96
N GLY A 14 10.62 -12.30 -2.90
CA GLY A 14 11.40 -11.23 -3.48
C GLY A 14 10.56 -10.20 -4.20
N LYS A 15 9.59 -10.68 -4.98
CA LYS A 15 8.69 -9.79 -5.71
C LYS A 15 7.68 -9.15 -4.77
N VAL A 16 7.20 -9.93 -3.80
CA VAL A 16 6.15 -9.47 -2.90
C VAL A 16 6.66 -8.38 -1.96
N TRP A 17 7.80 -8.63 -1.35
CA TRP A 17 8.35 -7.72 -0.35
C TRP A 17 8.71 -6.37 -0.98
N ARG A 18 9.28 -6.42 -2.17
CA ARG A 18 9.68 -5.22 -2.88
C ARG A 18 8.47 -4.36 -3.23
N ALA A 19 7.34 -5.00 -3.44
CA ALA A 19 6.14 -4.33 -3.92
C ALA A 19 5.49 -3.49 -2.82
N TYR A 20 5.99 -3.66 -1.60
CA TYR A 20 5.36 -3.05 -0.43
C TYR A 20 5.13 -1.56 -0.65
N THR A 21 6.04 -0.92 -1.37
CA THR A 21 5.86 0.47 -1.78
C THR A 21 6.45 0.70 -3.16
N THR A 22 5.76 0.22 -4.19
CA THR A 22 6.11 0.56 -5.58
C THR A 22 5.14 1.57 -6.15
N PRO A 23 5.69 2.66 -6.71
CA PRO A 23 4.89 3.75 -7.27
C PRO A 23 4.04 3.31 -8.46
N GLU A 24 4.59 2.40 -9.25
CA GLU A 24 3.85 1.82 -10.37
C GLU A 24 2.63 1.05 -9.88
N ASP A 25 2.78 0.40 -8.74
CA ASP A 25 1.66 -0.27 -8.10
C ASP A 25 0.67 0.74 -7.51
N ILE A 26 1.21 1.82 -6.96
CA ILE A 26 0.38 2.87 -6.38
C ILE A 26 -0.47 3.54 -7.44
N LYS A 27 0.04 3.59 -8.66
CA LYS A 27 -0.72 4.10 -9.80
C LYS A 27 -2.01 3.31 -9.99
N GLN A 28 -2.00 2.05 -9.57
CA GLN A 28 -3.19 1.22 -9.59
C GLN A 28 -4.07 1.47 -8.37
N TRP A 29 -3.49 2.14 -7.36
CA TRP A 29 -4.24 2.50 -6.17
C TRP A 29 -4.80 3.91 -6.29
N ASN A 30 -4.99 4.37 -7.52
CA ASN A 30 -5.33 5.76 -7.78
C ASN A 30 -6.69 6.11 -7.19
N ALA A 31 -7.02 7.40 -7.18
CA ALA A 31 -8.20 7.88 -6.47
C ALA A 31 -9.44 7.83 -7.37
N ALA A 32 -9.29 8.31 -8.60
CA ALA A 32 -10.42 8.41 -9.52
C ALA A 32 -10.37 7.31 -10.58
N SER A 33 -9.61 7.55 -11.64
CA SER A 33 -9.52 6.61 -12.74
C SER A 33 -8.14 6.66 -13.40
N ASP A 34 -7.75 5.54 -13.99
CA ASP A 34 -6.42 5.43 -14.60
C ASP A 34 -6.37 6.20 -15.92
N ASP A 35 -7.48 6.85 -16.27
CA ASP A 35 -7.55 7.65 -17.48
C ASP A 35 -7.62 9.13 -17.15
N TRP A 36 -8.35 9.46 -16.09
CA TRP A 36 -8.65 10.85 -15.76
C TRP A 36 -7.86 11.31 -14.54
N HIS A 37 -7.11 10.39 -13.96
CA HIS A 37 -6.34 10.69 -12.75
C HIS A 37 -4.84 10.50 -13.00
N THR A 38 -4.05 11.43 -12.50
CA THR A 38 -2.59 11.31 -12.56
C THR A 38 -2.01 10.94 -11.20
N THR A 39 -1.28 9.83 -11.16
CA THR A 39 -0.69 9.35 -9.92
C THR A 39 0.82 9.21 -10.05
N ALA A 40 1.55 9.78 -9.09
CA ALA A 40 2.99 9.57 -9.02
C ALA A 40 3.45 9.44 -7.57
N ALA A 41 4.45 8.59 -7.35
CA ALA A 41 4.93 8.31 -6.00
C ALA A 41 6.45 8.30 -5.96
N THR A 42 7.02 8.87 -4.90
CA THR A 42 8.46 8.81 -4.67
C THR A 42 8.77 8.26 -3.28
N VAL A 43 9.67 7.28 -3.22
CA VAL A 43 9.96 6.59 -1.97
C VAL A 43 11.46 6.46 -1.74
N ASP A 44 11.89 6.74 -0.52
CA ASP A 44 13.24 6.38 -0.09
C ASP A 44 13.24 5.05 0.64
N LEU A 45 13.79 4.03 -0.01
CA LEU A 45 13.67 2.67 0.48
C LEU A 45 14.69 2.40 1.60
N ARG A 46 14.33 2.82 2.81
CA ARG A 46 15.19 2.59 3.97
C ARG A 46 14.44 2.83 5.27
N GLU A 47 14.94 2.29 6.36
CA GLU A 47 14.49 2.67 7.70
C GLU A 47 14.81 4.14 7.97
N GLY A 48 13.78 4.90 8.32
CA GLY A 48 13.94 6.33 8.51
C GLY A 48 13.71 7.10 7.22
N GLY A 49 13.49 6.38 6.13
CA GLY A 49 13.34 7.02 4.83
C GLY A 49 12.04 7.77 4.70
N ALA A 50 12.00 8.76 3.80
CA ALA A 50 10.81 9.56 3.60
C ALA A 50 10.03 9.06 2.38
N PHE A 51 8.71 9.24 2.43
CA PHE A 51 7.85 8.90 1.30
C PHE A 51 6.90 10.05 0.97
N SER A 52 6.65 10.26 -0.32
CA SER A 52 5.71 11.28 -0.75
C SER A 52 4.99 10.85 -2.02
N SER A 53 3.66 10.91 -1.98
CA SER A 53 2.85 10.55 -3.14
C SER A 53 2.03 11.76 -3.63
N ARG A 54 2.15 12.05 -4.91
CA ARG A 54 1.44 13.19 -5.50
C ARG A 54 0.32 12.71 -6.41
N MET A 55 -0.92 13.06 -6.06
CA MET A 55 -2.07 12.72 -6.87
C MET A 55 -2.77 13.97 -7.39
N GLU A 56 -3.15 13.95 -8.66
CA GLU A 56 -3.85 15.06 -9.27
C GLU A 56 -4.98 14.58 -10.19
N ALA A 57 -6.02 15.39 -10.31
CA ALA A 57 -7.03 15.18 -11.34
C ALA A 57 -6.64 15.86 -12.64
N LYS A 58 -6.74 15.12 -13.74
CA LYS A 58 -6.35 15.63 -15.05
C LYS A 58 -7.27 16.78 -15.47
N ASP A 59 -8.46 16.83 -14.89
CA ASP A 59 -9.40 17.90 -15.17
C ASP A 59 -9.13 19.12 -14.28
N GLY A 60 -8.12 18.99 -13.41
CA GLY A 60 -7.62 20.13 -12.69
C GLY A 60 -8.58 20.62 -11.62
N SER A 61 -9.56 19.78 -11.28
CA SER A 61 -10.60 20.16 -10.34
C SER A 61 -10.13 19.99 -8.90
N MET A 62 -9.28 18.99 -8.68
CA MET A 62 -8.81 18.66 -7.35
C MET A 62 -7.42 18.02 -7.39
N GLY A 63 -6.70 18.09 -6.27
CA GLY A 63 -5.52 17.28 -6.10
C GLY A 63 -5.40 16.70 -4.70
N PHE A 64 -4.35 15.94 -4.47
CA PHE A 64 -4.15 15.27 -3.19
C PHE A 64 -2.67 15.08 -2.90
N ASP A 65 -2.27 15.38 -1.66
CA ASP A 65 -0.87 15.30 -1.27
C ASP A 65 -0.69 14.39 -0.07
N PHE A 66 0.04 13.29 -0.27
CA PHE A 66 0.30 12.34 0.80
C PHE A 66 1.78 12.29 1.15
N ALA A 67 2.09 12.40 2.43
CA ALA A 67 3.48 12.39 2.88
C ALA A 67 3.63 11.62 4.19
N GLY A 68 4.77 10.97 4.36
CA GLY A 68 5.04 10.26 5.59
C GLY A 68 6.49 9.80 5.70
N THR A 69 6.84 9.19 6.83
CA THR A 69 8.19 8.69 7.03
C THR A 69 8.17 7.29 7.63
N TYR A 70 9.18 6.49 7.30
CA TYR A 70 9.30 5.15 7.85
C TYR A 70 10.03 5.16 9.18
N THR A 71 9.60 4.30 10.10
CA THR A 71 10.15 4.26 11.45
C THR A 71 10.96 2.98 11.66
N LYS A 72 10.58 1.93 10.94
CA LYS A 72 11.23 0.63 11.10
C LYS A 72 11.17 -0.17 9.80
N VAL A 73 12.30 -0.72 9.39
CA VAL A 73 12.34 -1.65 8.27
C VAL A 73 13.26 -2.82 8.56
N VAL A 74 12.74 -4.04 8.44
CA VAL A 74 13.51 -5.24 8.75
C VAL A 74 13.42 -6.24 7.61
N GLU A 75 14.53 -6.43 6.91
CA GLU A 75 14.62 -7.46 5.87
C GLU A 75 13.40 -7.42 4.96
N ASN A 76 12.90 -6.21 4.71
CA ASN A 76 11.71 -6.04 3.88
C ASN A 76 10.57 -6.94 4.36
N LYS A 77 10.51 -7.16 5.67
CA LYS A 77 9.67 -8.22 6.23
C LYS A 77 8.86 -7.69 7.40
N ARG A 78 9.44 -6.76 8.15
CA ARG A 78 8.70 -6.02 9.17
C ARG A 78 8.91 -4.52 9.00
N ILE A 79 7.84 -3.83 8.61
CA ILE A 79 7.95 -2.43 8.23
C ILE A 79 6.88 -1.57 8.91
N GLU A 80 7.32 -0.53 9.60
CA GLU A 80 6.40 0.38 10.26
C GLU A 80 6.51 1.78 9.66
N TYR A 81 5.36 2.39 9.37
CA TYR A 81 5.32 3.63 8.61
C TYR A 81 4.35 4.62 9.24
N ALA A 82 4.72 5.90 9.22
CA ALA A 82 3.92 6.94 9.85
C ALA A 82 3.53 8.02 8.84
N PHE A 83 2.28 8.45 8.90
CA PHE A 83 1.78 9.47 7.98
C PHE A 83 0.74 10.36 8.67
N GLY A 84 0.90 11.67 8.52
CA GLY A 84 -0.04 12.60 9.11
C GLY A 84 -0.15 12.44 10.61
N ASP A 85 -1.36 12.17 11.09
CA ASP A 85 -1.57 11.86 12.50
C ASP A 85 -2.00 10.41 12.68
N ARG A 86 -1.64 9.58 11.71
CA ARG A 86 -1.96 8.15 11.77
C ARG A 86 -0.75 7.31 11.41
N THR A 87 -0.80 6.02 11.76
CA THR A 87 0.31 5.12 11.50
C THR A 87 -0.19 3.82 10.86
N ALA A 88 0.72 3.10 10.21
CA ALA A 88 0.40 1.78 9.67
C ALA A 88 1.64 0.89 9.66
N LYS A 89 1.42 -0.41 9.83
CA LYS A 89 2.51 -1.38 9.87
C LYS A 89 2.20 -2.59 9.01
N VAL A 90 3.16 -2.98 8.16
CA VAL A 90 2.98 -4.13 7.29
C VAL A 90 3.95 -5.25 7.64
N GLU A 91 3.44 -6.47 7.68
CA GLU A 91 4.27 -7.64 7.99
C GLU A 91 4.15 -8.70 6.91
N PHE A 92 5.25 -9.39 6.63
CA PHE A 92 5.28 -10.39 5.57
C PHE A 92 5.55 -11.79 6.14
N LEU A 93 4.69 -12.73 5.77
CA LEU A 93 4.86 -14.12 6.20
C LEU A 93 5.02 -15.04 5.00
N GLU A 94 6.05 -15.89 5.03
CA GLU A 94 6.27 -16.86 3.97
C GLU A 94 5.43 -18.12 4.22
N ALA A 95 4.57 -18.46 3.27
CA ALA A 95 3.77 -19.67 3.35
C ALA A 95 4.18 -20.66 2.26
N PRO A 96 3.88 -21.94 2.49
CA PRO A 96 4.14 -23.01 1.51
C PRO A 96 3.33 -22.84 0.23
N GLN A 97 2.18 -22.18 0.36
CA GLN A 97 1.28 -22.00 -0.78
C GLN A 97 1.49 -20.63 -1.42
N GLY A 98 2.04 -19.69 -0.65
CA GLY A 98 2.17 -18.33 -1.13
C GLY A 98 2.79 -17.41 -0.09
N VAL A 99 2.67 -16.11 -0.31
CA VAL A 99 3.14 -15.13 0.66
C VAL A 99 1.97 -14.33 1.24
N THR A 100 1.89 -14.28 2.57
CA THR A 100 0.81 -13.60 3.25
C THR A 100 1.23 -12.21 3.70
N VAL A 101 0.48 -11.19 3.27
CA VAL A 101 0.79 -9.80 3.60
C VAL A 101 -0.29 -9.20 4.50
N ARG A 102 0.13 -8.73 5.67
CA ARG A 102 -0.81 -8.17 6.64
C ARG A 102 -0.50 -6.70 6.92
N VAL A 103 -1.51 -5.86 6.82
CA VAL A 103 -1.34 -4.43 7.09
C VAL A 103 -2.32 -3.97 8.17
N SER A 104 -1.78 -3.41 9.25
CA SER A 104 -2.60 -2.88 10.34
C SER A 104 -2.34 -1.40 10.55
N PHE A 105 -3.41 -0.62 10.62
CA PHE A 105 -3.30 0.84 10.65
C PHE A 105 -4.35 1.45 11.57
N VAL A 106 -4.11 2.70 11.96
CA VAL A 106 -5.04 3.40 12.85
C VAL A 106 -6.13 4.11 12.06
N ALA A 107 -7.37 3.94 12.49
CA ALA A 107 -8.52 4.48 11.75
C ALA A 107 -8.65 5.99 11.96
N GLU A 108 -9.09 6.68 10.93
CA GLU A 108 -9.37 8.12 11.03
C GLU A 108 -10.75 8.36 11.62
N THR A 109 -10.84 9.32 12.53
CA THR A 109 -12.10 9.65 13.18
C THR A 109 -13.04 10.39 12.23
N GLU A 110 -12.46 10.99 11.19
CA GLU A 110 -13.25 11.76 10.22
C GLU A 110 -14.04 10.83 9.32
N TYR A 111 -13.66 9.55 9.30
CA TYR A 111 -14.34 8.57 8.47
C TYR A 111 -14.74 7.35 9.28
N PRO A 112 -15.83 6.68 8.86
CA PRO A 112 -16.28 5.43 9.49
C PRO A 112 -15.29 4.29 9.30
N VAL A 113 -15.22 3.41 10.28
CA VAL A 113 -14.29 2.30 10.24
C VAL A 113 -14.51 1.42 9.00
N GLU A 114 -15.74 1.41 8.52
CA GLU A 114 -16.07 0.69 7.30
C GLU A 114 -15.35 1.28 6.09
N GLN A 115 -15.32 2.62 6.05
CA GLN A 115 -14.64 3.32 4.95
C GLN A 115 -13.13 3.10 5.01
N GLN A 116 -12.58 3.09 6.22
CA GLN A 116 -11.15 2.87 6.40
C GLN A 116 -10.75 1.46 5.96
N GLN A 117 -11.54 0.48 6.39
CA GLN A 117 -11.30 -0.91 6.00
C GLN A 117 -11.46 -1.10 4.50
N GLN A 118 -12.54 -0.54 3.96
CA GLN A 118 -12.85 -0.72 2.54
C GLN A 118 -11.79 -0.08 1.66
N GLY A 119 -11.32 1.10 2.08
CA GLY A 119 -10.32 1.82 1.30
C GLY A 119 -9.02 1.05 1.18
N TRP A 120 -8.54 0.53 2.32
CA TRP A 120 -7.32 -0.27 2.34
C TRP A 120 -7.53 -1.60 1.62
N GLN A 121 -8.73 -2.15 1.75
CA GLN A 121 -9.07 -3.41 1.09
C GLN A 121 -9.08 -3.25 -0.42
N ALA A 122 -9.61 -2.13 -0.89
CA ALA A 122 -9.74 -1.86 -2.32
C ALA A 122 -8.37 -1.82 -2.99
N ILE A 123 -7.45 -1.11 -2.37
CA ILE A 123 -6.08 -1.02 -2.89
C ILE A 123 -5.31 -2.32 -2.68
N LEU A 124 -5.65 -3.03 -1.61
CA LEU A 124 -5.06 -4.33 -1.34
C LEU A 124 -5.51 -5.36 -2.37
N ASN A 125 -6.75 -5.21 -2.84
CA ASN A 125 -7.28 -6.10 -3.87
C ASN A 125 -6.49 -5.95 -5.17
N ASN A 126 -6.16 -4.72 -5.53
CA ASN A 126 -5.32 -4.46 -6.69
C ASN A 126 -3.91 -4.97 -6.46
N PHE A 127 -3.42 -4.85 -5.23
CA PHE A 127 -2.13 -5.42 -4.85
C PHE A 127 -2.12 -6.93 -5.09
N LYS A 128 -3.15 -7.61 -4.62
CA LYS A 128 -3.24 -9.06 -4.76
C LYS A 128 -3.25 -9.47 -6.23
N ARG A 129 -4.12 -8.85 -7.01
CA ARG A 129 -4.34 -9.24 -8.39
C ARG A 129 -3.10 -8.96 -9.23
N HIS A 130 -2.42 -7.86 -8.94
CA HIS A 130 -1.21 -7.49 -9.66
C HIS A 130 -0.06 -8.44 -9.33
N VAL A 131 0.18 -8.64 -8.04
CA VAL A 131 1.29 -9.46 -7.58
C VAL A 131 1.08 -10.92 -7.97
N GLU A 132 -0.15 -11.39 -7.85
CA GLU A 132 -0.48 -12.77 -8.18
C GLU A 132 0.01 -13.13 -9.58
N SER A 133 -0.06 -12.16 -10.48
CA SER A 133 0.22 -12.41 -11.89
C SER A 133 1.71 -12.58 -12.14
N HIS A 134 2.51 -12.37 -11.09
CA HIS A 134 3.96 -12.38 -11.21
C HIS A 134 4.50 -13.80 -11.02
N LEU A 135 3.61 -14.75 -10.79
CA LEU A 135 3.98 -16.15 -10.69
C LEU A 135 2.81 -17.06 -11.06
N GLU A 136 2.97 -17.82 -12.14
CA GLU A 136 1.94 -18.75 -12.58
C GLU A 136 2.11 -20.11 -11.92
N HIS A 137 1.00 -20.85 -11.79
CA HIS A 137 1.02 -22.16 -11.18
C HIS A 137 0.28 -23.18 -12.04
N HIS A 138 -0.84 -22.76 -12.60
CA HIS A 138 -1.66 -23.64 -13.42
C HIS A 138 -1.94 -23.01 -14.79
N MET A 1 -9.29 3.93 16.66
CA MET A 1 -9.64 2.68 15.99
C MET A 1 -8.53 2.23 15.06
N ASN A 2 -8.05 1.00 15.26
CA ASN A 2 -7.08 0.40 14.36
C ASN A 2 -7.75 -0.59 13.41
N ILE A 3 -7.48 -0.45 12.13
CA ILE A 3 -8.03 -1.36 11.12
C ILE A 3 -6.93 -2.20 10.48
N THR A 4 -7.14 -3.51 10.43
CA THR A 4 -6.15 -4.43 9.88
C THR A 4 -6.70 -5.16 8.65
N VAL A 5 -5.87 -5.24 7.61
CA VAL A 5 -6.24 -5.98 6.41
C VAL A 5 -5.15 -6.94 6.00
N GLU A 6 -5.53 -8.01 5.30
CA GLU A 6 -4.59 -9.08 4.98
C GLU A 6 -4.93 -9.71 3.62
N THR A 7 -3.90 -10.01 2.85
CA THR A 7 -4.09 -10.66 1.56
C THR A 7 -2.90 -11.55 1.21
N THR A 8 -3.19 -12.72 0.63
CA THR A 8 -2.15 -13.66 0.24
C THR A 8 -1.98 -13.70 -1.27
N VAL A 9 -0.74 -13.52 -1.72
CA VAL A 9 -0.45 -13.45 -3.15
C VAL A 9 0.48 -14.57 -3.58
N ALA A 10 0.26 -15.10 -4.78
CA ALA A 10 1.13 -16.12 -5.35
C ALA A 10 2.25 -15.49 -6.16
N ALA A 11 3.26 -14.97 -5.46
CA ALA A 11 4.41 -14.34 -6.12
C ALA A 11 5.69 -14.56 -5.32
N PRO A 12 6.83 -14.37 -5.98
CA PRO A 12 8.15 -14.50 -5.35
C PRO A 12 8.29 -13.60 -4.13
N VAL A 13 8.87 -14.13 -3.06
CA VAL A 13 8.86 -13.46 -1.77
C VAL A 13 9.64 -12.15 -1.82
N GLY A 14 10.69 -12.13 -2.65
CA GLY A 14 11.45 -10.91 -2.84
C GLY A 14 10.67 -9.83 -3.55
N LYS A 15 9.94 -10.22 -4.59
CA LYS A 15 9.12 -9.28 -5.36
C LYS A 15 8.00 -8.73 -4.49
N VAL A 16 7.44 -9.57 -3.63
CA VAL A 16 6.35 -9.16 -2.74
C VAL A 16 6.86 -8.20 -1.66
N TRP A 17 8.01 -8.54 -1.09
CA TRP A 17 8.63 -7.67 -0.09
C TRP A 17 8.96 -6.30 -0.68
N ARG A 18 9.48 -6.31 -1.91
CA ARG A 18 9.82 -5.06 -2.60
C ARG A 18 8.57 -4.24 -2.89
N ALA A 19 7.44 -4.94 -3.06
CA ALA A 19 6.20 -4.28 -3.47
C ALA A 19 5.58 -3.51 -2.32
N TYR A 20 6.19 -3.64 -1.14
CA TYR A 20 5.66 -3.00 0.07
C TYR A 20 5.38 -1.52 -0.17
N THR A 21 6.26 -0.88 -0.95
CA THR A 21 6.07 0.51 -1.35
C THR A 21 6.71 0.78 -2.70
N THR A 22 6.10 0.27 -3.76
CA THR A 22 6.49 0.62 -5.12
C THR A 22 5.50 1.59 -5.75
N PRO A 23 6.01 2.73 -6.23
CA PRO A 23 5.18 3.81 -6.76
C PRO A 23 4.38 3.38 -7.98
N GLU A 24 4.98 2.52 -8.81
CA GLU A 24 4.28 1.94 -9.94
C GLU A 24 3.10 1.09 -9.47
N ASP A 25 3.27 0.44 -8.34
CA ASP A 25 2.19 -0.35 -7.74
C ASP A 25 1.15 0.57 -7.09
N ILE A 26 1.62 1.67 -6.51
CA ILE A 26 0.73 2.64 -5.89
C ILE A 26 -0.25 3.23 -6.91
N LYS A 27 0.19 3.29 -8.16
CA LYS A 27 -0.67 3.78 -9.25
C LYS A 27 -1.96 2.97 -9.32
N GLN A 28 -1.90 1.72 -8.86
CA GLN A 28 -3.08 0.87 -8.81
C GLN A 28 -3.98 1.26 -7.65
N TRP A 29 -3.40 1.93 -6.66
CA TRP A 29 -4.14 2.36 -5.48
C TRP A 29 -4.71 3.76 -5.67
N ASN A 30 -4.97 4.12 -6.92
CA ASN A 30 -5.40 5.48 -7.25
C ASN A 30 -6.72 5.81 -6.58
N ALA A 31 -7.08 7.09 -6.58
CA ALA A 31 -8.22 7.56 -5.81
C ALA A 31 -9.49 7.54 -6.66
N ALA A 32 -9.42 8.09 -7.86
CA ALA A 32 -10.59 8.22 -8.72
C ALA A 32 -10.65 7.08 -9.73
N SER A 33 -9.88 7.18 -10.80
CA SER A 33 -9.88 6.18 -11.86
C SER A 33 -8.50 6.07 -12.51
N ASP A 34 -8.21 4.90 -13.05
CA ASP A 34 -6.91 4.63 -13.65
C ASP A 34 -6.79 5.35 -14.99
N ASP A 35 -7.85 6.05 -15.38
CA ASP A 35 -7.84 6.83 -16.61
C ASP A 35 -7.90 8.33 -16.31
N TRP A 36 -8.65 8.68 -15.28
CA TRP A 36 -8.96 10.08 -15.00
C TRP A 36 -8.19 10.58 -13.80
N HIS A 37 -7.35 9.72 -13.22
CA HIS A 37 -6.55 10.08 -12.06
C HIS A 37 -5.06 9.88 -12.36
N THR A 38 -4.25 10.83 -11.90
CA THR A 38 -2.80 10.71 -12.00
C THR A 38 -2.17 10.46 -10.63
N THR A 39 -1.40 9.38 -10.52
CA THR A 39 -0.83 8.96 -9.25
C THR A 39 0.69 8.94 -9.32
N ALA A 40 1.32 9.64 -8.38
CA ALA A 40 2.78 9.63 -8.27
C ALA A 40 3.22 9.31 -6.84
N ALA A 41 4.30 8.53 -6.73
CA ALA A 41 4.86 8.20 -5.42
C ALA A 41 6.39 8.23 -5.45
N THR A 42 6.98 8.75 -4.38
CA THR A 42 8.43 8.71 -4.23
C THR A 42 8.83 8.04 -2.92
N VAL A 43 9.74 7.08 -3.00
CA VAL A 43 10.12 6.28 -1.85
C VAL A 43 11.64 6.19 -1.71
N ASP A 44 12.13 6.38 -0.50
CA ASP A 44 13.52 6.10 -0.18
C ASP A 44 13.66 4.72 0.46
N LEU A 45 14.24 3.79 -0.29
CA LEU A 45 14.27 2.39 0.11
C LEU A 45 15.39 2.14 1.11
N ARG A 46 15.11 2.41 2.38
CA ARG A 46 16.07 2.18 3.45
C ARG A 46 15.40 2.21 4.82
N GLU A 47 16.06 1.64 5.82
CA GLU A 47 15.63 1.78 7.20
C GLU A 47 15.62 3.24 7.63
N GLY A 48 14.46 3.72 8.05
CA GLY A 48 14.33 5.12 8.42
C GLY A 48 14.01 5.99 7.23
N GLY A 49 13.86 5.37 6.06
CA GLY A 49 13.65 6.13 4.84
C GLY A 49 12.32 6.84 4.81
N ALA A 50 12.21 7.87 3.98
CA ALA A 50 10.98 8.66 3.89
C ALA A 50 10.18 8.27 2.65
N PHE A 51 8.86 8.40 2.74
CA PHE A 51 7.99 8.14 1.60
C PHE A 51 6.98 9.27 1.43
N SER A 52 6.63 9.55 0.17
CA SER A 52 5.63 10.57 -0.13
C SER A 52 4.73 10.11 -1.28
N SER A 53 3.42 10.26 -1.10
CA SER A 53 2.47 9.91 -2.15
C SER A 53 1.66 11.14 -2.57
N ARG A 54 1.73 11.48 -3.85
CA ARG A 54 1.03 12.63 -4.37
C ARG A 54 -0.04 12.21 -5.38
N MET A 55 -1.30 12.48 -5.06
CA MET A 55 -2.41 12.09 -5.91
C MET A 55 -3.13 13.33 -6.46
N GLU A 56 -3.48 13.29 -7.73
CA GLU A 56 -4.22 14.37 -8.36
C GLU A 56 -5.24 13.84 -9.37
N ALA A 57 -6.36 14.55 -9.51
CA ALA A 57 -7.32 14.24 -10.56
C ALA A 57 -6.98 14.98 -11.85
N LYS A 58 -7.10 14.28 -12.97
CA LYS A 58 -6.80 14.88 -14.27
C LYS A 58 -7.80 15.98 -14.60
N ASP A 59 -8.96 15.93 -13.98
CA ASP A 59 -9.97 16.97 -14.15
C ASP A 59 -9.77 18.09 -13.14
N GLY A 60 -8.75 17.94 -12.28
CA GLY A 60 -8.37 19.02 -11.39
C GLY A 60 -9.41 19.28 -10.33
N SER A 61 -10.29 18.31 -10.10
CA SER A 61 -11.39 18.48 -9.16
C SER A 61 -10.93 18.29 -7.72
N MET A 62 -9.85 17.55 -7.55
CA MET A 62 -9.36 17.21 -6.21
C MET A 62 -7.93 16.70 -6.27
N GLY A 63 -7.23 16.75 -5.14
CA GLY A 63 -5.97 16.04 -5.02
C GLY A 63 -5.56 15.84 -3.57
N PHE A 64 -4.61 14.93 -3.35
CA PHE A 64 -4.20 14.57 -2.00
C PHE A 64 -2.69 14.53 -1.88
N ASP A 65 -2.18 14.82 -0.69
CA ASP A 65 -0.74 14.78 -0.43
C ASP A 65 -0.45 14.10 0.90
N PHE A 66 0.22 12.95 0.83
CA PHE A 66 0.58 12.20 2.02
C PHE A 66 2.08 12.04 2.14
N ALA A 67 2.60 12.23 3.35
CA ALA A 67 4.03 12.07 3.60
C ALA A 67 4.27 11.42 4.96
N GLY A 68 5.34 10.62 5.04
CA GLY A 68 5.69 9.98 6.30
C GLY A 68 7.09 9.39 6.28
N THR A 69 7.57 8.98 7.44
CA THR A 69 8.89 8.37 7.55
C THR A 69 8.82 7.01 8.21
N TYR A 70 9.76 6.13 7.88
CA TYR A 70 9.84 4.81 8.48
C TYR A 70 10.34 4.89 9.91
N THR A 71 9.85 3.99 10.76
CA THR A 71 10.35 3.89 12.13
C THR A 71 11.26 2.69 12.29
N LYS A 72 11.06 1.67 11.45
CA LYS A 72 11.89 0.48 11.48
C LYS A 72 11.69 -0.36 10.22
N VAL A 73 12.79 -0.91 9.70
CA VAL A 73 12.70 -1.83 8.57
C VAL A 73 13.58 -3.06 8.81
N VAL A 74 12.97 -4.23 8.75
CA VAL A 74 13.69 -5.48 9.02
C VAL A 74 13.54 -6.46 7.86
N GLU A 75 14.66 -6.74 7.20
CA GLU A 75 14.70 -7.76 6.16
C GLU A 75 13.52 -7.62 5.21
N ASN A 76 13.14 -6.37 4.93
CA ASN A 76 12.01 -6.10 4.06
C ASN A 76 10.78 -6.88 4.48
N LYS A 77 10.62 -7.07 5.79
CA LYS A 77 9.70 -8.05 6.33
C LYS A 77 8.85 -7.46 7.45
N ARG A 78 9.44 -6.53 8.19
CA ARG A 78 8.68 -5.75 9.17
C ARG A 78 8.94 -4.26 8.97
N ILE A 79 7.91 -3.53 8.57
CA ILE A 79 8.05 -2.13 8.21
C ILE A 79 6.90 -1.29 8.77
N GLU A 80 7.24 -0.22 9.48
CA GLU A 80 6.25 0.71 9.98
C GLU A 80 6.49 2.12 9.42
N TYR A 81 5.42 2.75 8.95
CA TYR A 81 5.53 3.99 8.19
C TYR A 81 4.34 4.89 8.44
N ALA A 82 4.46 6.15 8.04
CA ALA A 82 3.39 7.12 8.22
C ALA A 82 2.92 7.69 6.88
N PHE A 83 1.63 7.94 6.77
CA PHE A 83 1.07 8.61 5.60
C PHE A 83 0.16 9.76 6.02
N GLY A 84 0.57 10.99 5.66
CA GLY A 84 -0.19 12.16 6.04
C GLY A 84 -0.22 12.38 7.54
N ASP A 85 -1.41 12.48 8.11
CA ASP A 85 -1.57 12.60 9.56
C ASP A 85 -1.96 11.26 10.17
N ARG A 86 -1.74 10.19 9.43
CA ARG A 86 -2.05 8.85 9.92
C ARG A 86 -0.85 7.92 9.79
N THR A 87 -0.94 6.74 10.39
CA THR A 87 0.16 5.79 10.39
C THR A 87 -0.31 4.40 9.96
N ALA A 88 0.62 3.61 9.44
CA ALA A 88 0.31 2.23 9.06
C ALA A 88 1.56 1.35 9.14
N LYS A 89 1.35 0.06 9.35
CA LYS A 89 2.46 -0.89 9.47
C LYS A 89 2.20 -2.13 8.61
N VAL A 90 3.20 -2.53 7.84
CA VAL A 90 3.07 -3.68 6.96
C VAL A 90 4.00 -4.80 7.40
N GLU A 91 3.46 -6.02 7.45
CA GLU A 91 4.24 -7.19 7.82
C GLU A 91 4.09 -8.30 6.80
N PHE A 92 5.17 -9.05 6.57
CA PHE A 92 5.18 -10.09 5.56
C PHE A 92 5.40 -11.47 6.20
N LEU A 93 4.53 -12.40 5.85
CA LEU A 93 4.69 -13.79 6.29
C LEU A 93 4.87 -14.72 5.10
N GLU A 94 5.97 -15.47 5.10
CA GLU A 94 6.26 -16.40 4.02
C GLU A 94 5.53 -17.72 4.22
N ALA A 95 4.70 -18.09 3.25
CA ALA A 95 3.99 -19.36 3.30
C ALA A 95 4.46 -20.30 2.18
N PRO A 96 4.24 -21.61 2.39
CA PRO A 96 4.60 -22.63 1.40
C PRO A 96 3.77 -22.53 0.13
N GLN A 97 2.56 -21.99 0.26
CA GLN A 97 1.65 -21.89 -0.88
C GLN A 97 1.70 -20.50 -1.50
N GLY A 98 2.17 -19.53 -0.71
CA GLY A 98 2.18 -18.15 -1.18
C GLY A 98 2.82 -17.21 -0.17
N VAL A 99 2.72 -15.92 -0.44
CA VAL A 99 3.22 -14.91 0.49
C VAL A 99 2.08 -14.05 1.04
N THR A 100 2.01 -13.97 2.36
CA THR A 100 0.91 -13.28 3.02
C THR A 100 1.31 -11.87 3.44
N VAL A 101 0.53 -10.88 2.99
CA VAL A 101 0.82 -9.48 3.29
C VAL A 101 -0.24 -8.89 4.21
N ARG A 102 0.20 -8.37 5.34
CA ARG A 102 -0.72 -7.80 6.33
C ARG A 102 -0.41 -6.33 6.58
N VAL A 103 -1.44 -5.49 6.47
CA VAL A 103 -1.28 -4.06 6.73
C VAL A 103 -2.28 -3.58 7.78
N SER A 104 -1.76 -2.95 8.83
CA SER A 104 -2.60 -2.40 9.88
C SER A 104 -2.38 -0.90 10.02
N PHE A 105 -3.48 -0.14 10.03
CA PHE A 105 -3.41 1.31 9.94
C PHE A 105 -4.41 1.96 10.89
N VAL A 106 -4.19 3.24 11.19
CA VAL A 106 -5.10 3.99 12.03
C VAL A 106 -6.26 4.55 11.21
N ALA A 107 -7.48 4.33 11.69
CA ALA A 107 -8.67 4.81 11.00
C ALA A 107 -8.81 6.32 11.11
N GLU A 108 -9.14 6.96 9.99
CA GLU A 108 -9.35 8.41 9.98
C GLU A 108 -10.68 8.77 10.66
N THR A 109 -10.61 9.62 11.67
CA THR A 109 -11.78 9.95 12.47
C THR A 109 -12.83 10.69 11.65
N GLU A 110 -12.38 11.34 10.58
CA GLU A 110 -13.27 12.09 9.71
C GLU A 110 -14.16 11.15 8.89
N TYR A 111 -13.76 9.88 8.84
CA TYR A 111 -14.53 8.88 8.10
C TYR A 111 -14.90 7.70 8.99
N PRO A 112 -16.02 7.04 8.68
CA PRO A 112 -16.48 5.86 9.41
C PRO A 112 -15.55 4.68 9.23
N VAL A 113 -15.48 3.82 10.25
CA VAL A 113 -14.59 2.66 10.23
C VAL A 113 -14.80 1.83 8.98
N GLU A 114 -16.05 1.66 8.59
CA GLU A 114 -16.40 0.84 7.44
C GLU A 114 -15.77 1.40 6.16
N GLN A 115 -15.80 2.73 6.03
CA GLN A 115 -15.28 3.38 4.83
C GLN A 115 -13.78 3.17 4.70
N GLN A 116 -13.07 3.27 5.83
CA GLN A 116 -11.62 3.11 5.83
C GLN A 116 -11.24 1.65 5.58
N GLN A 117 -11.97 0.73 6.20
CA GLN A 117 -11.71 -0.69 6.06
C GLN A 117 -11.91 -1.13 4.61
N GLN A 118 -13.05 -0.74 4.03
CA GLN A 118 -13.36 -1.11 2.66
C GLN A 118 -12.42 -0.42 1.68
N GLY A 119 -12.03 0.81 2.00
CA GLY A 119 -11.12 1.54 1.16
C GLY A 119 -9.77 0.86 1.02
N TRP A 120 -9.23 0.40 2.15
CA TRP A 120 -7.95 -0.31 2.16
C TRP A 120 -8.11 -1.69 1.52
N GLN A 121 -9.27 -2.30 1.71
CA GLN A 121 -9.57 -3.59 1.10
C GLN A 121 -9.62 -3.48 -0.43
N ALA A 122 -10.21 -2.39 -0.91
CA ALA A 122 -10.36 -2.18 -2.34
C ALA A 122 -9.01 -2.04 -3.03
N ILE A 123 -8.12 -1.26 -2.43
CA ILE A 123 -6.79 -1.05 -2.97
C ILE A 123 -5.91 -2.29 -2.75
N LEU A 124 -6.17 -2.99 -1.66
CA LEU A 124 -5.49 -4.25 -1.39
C LEU A 124 -5.90 -5.33 -2.41
N ASN A 125 -7.15 -5.26 -2.85
CA ASN A 125 -7.64 -6.16 -3.89
C ASN A 125 -6.88 -5.94 -5.20
N ASN A 126 -6.59 -4.67 -5.50
CA ASN A 126 -5.74 -4.34 -6.65
C ASN A 126 -4.32 -4.84 -6.43
N PHE A 127 -3.84 -4.72 -5.19
CA PHE A 127 -2.52 -5.24 -4.83
C PHE A 127 -2.45 -6.74 -5.09
N LYS A 128 -3.47 -7.47 -4.65
CA LYS A 128 -3.53 -8.92 -4.82
C LYS A 128 -3.50 -9.29 -6.30
N ARG A 129 -4.39 -8.67 -7.08
CA ARG A 129 -4.51 -8.98 -8.50
C ARG A 129 -3.25 -8.55 -9.25
N HIS A 130 -2.66 -7.45 -8.82
CA HIS A 130 -1.47 -6.90 -9.48
C HIS A 130 -0.26 -7.80 -9.24
N VAL A 131 0.01 -8.09 -7.97
CA VAL A 131 1.22 -8.81 -7.60
C VAL A 131 1.13 -10.28 -7.99
N GLU A 132 -0.01 -10.88 -7.71
CA GLU A 132 -0.21 -12.31 -7.98
C GLU A 132 0.03 -12.62 -9.46
N SER A 133 -0.26 -11.66 -10.32
CA SER A 133 -0.19 -11.86 -11.75
C SER A 133 1.27 -11.88 -12.22
N HIS A 134 2.18 -11.64 -11.28
CA HIS A 134 3.60 -11.60 -11.60
C HIS A 134 4.23 -12.98 -11.50
N LEU A 135 3.39 -13.99 -11.24
CA LEU A 135 3.85 -15.37 -11.18
C LEU A 135 2.71 -16.33 -11.49
N GLU A 136 2.87 -17.07 -12.58
CA GLU A 136 1.85 -18.04 -13.00
C GLU A 136 2.14 -19.42 -12.41
N HIS A 137 1.09 -20.23 -12.28
CA HIS A 137 1.23 -21.57 -11.72
C HIS A 137 0.46 -22.58 -12.54
N HIS A 138 -0.77 -22.23 -12.92
CA HIS A 138 -1.62 -23.12 -13.70
C HIS A 138 -2.16 -22.41 -14.94
N MET A 1 -8.84 2.81 17.76
CA MET A 1 -9.30 1.79 16.84
C MET A 1 -8.22 1.44 15.82
N ASN A 2 -7.81 0.18 15.80
CA ASN A 2 -6.90 -0.31 14.77
C ASN A 2 -7.65 -1.11 13.70
N ILE A 3 -7.42 -0.75 12.45
CA ILE A 3 -8.03 -1.48 11.33
C ILE A 3 -6.99 -2.28 10.57
N THR A 4 -7.27 -3.56 10.36
CA THR A 4 -6.34 -4.46 9.72
C THR A 4 -6.91 -5.03 8.42
N VAL A 5 -6.09 -5.05 7.37
CA VAL A 5 -6.47 -5.69 6.12
C VAL A 5 -5.39 -6.66 5.64
N GLU A 6 -5.80 -7.65 4.86
CA GLU A 6 -4.93 -8.77 4.54
C GLU A 6 -5.20 -9.27 3.12
N THR A 7 -4.14 -9.69 2.43
CA THR A 7 -4.28 -10.36 1.15
C THR A 7 -3.13 -11.34 0.91
N THR A 8 -3.45 -12.50 0.35
CA THR A 8 -2.44 -13.51 0.05
C THR A 8 -2.21 -13.62 -1.45
N VAL A 9 -0.95 -13.53 -1.85
CA VAL A 9 -0.61 -13.50 -3.27
C VAL A 9 0.27 -14.69 -3.65
N ALA A 10 0.07 -15.20 -4.86
CA ALA A 10 0.94 -16.24 -5.40
C ALA A 10 2.10 -15.64 -6.19
N ALA A 11 3.11 -15.17 -5.48
CA ALA A 11 4.28 -14.58 -6.13
C ALA A 11 5.54 -14.85 -5.33
N PRO A 12 6.70 -14.71 -5.97
CA PRO A 12 8.01 -14.89 -5.32
C PRO A 12 8.17 -13.98 -4.10
N VAL A 13 8.74 -14.54 -3.03
CA VAL A 13 8.76 -13.88 -1.74
C VAL A 13 9.57 -12.59 -1.80
N GLY A 14 10.61 -12.59 -2.63
CA GLY A 14 11.42 -11.39 -2.81
C GLY A 14 10.67 -10.30 -3.53
N LYS A 15 9.95 -10.67 -4.58
CA LYS A 15 9.17 -9.71 -5.36
C LYS A 15 8.04 -9.12 -4.51
N VAL A 16 7.45 -9.94 -3.66
CA VAL A 16 6.35 -9.49 -2.81
C VAL A 16 6.84 -8.55 -1.71
N TRP A 17 7.94 -8.92 -1.08
CA TRP A 17 8.53 -8.10 -0.03
C TRP A 17 8.97 -6.75 -0.58
N ARG A 18 9.60 -6.76 -1.76
CA ARG A 18 10.06 -5.54 -2.39
C ARG A 18 8.88 -4.65 -2.77
N ALA A 19 7.74 -5.27 -3.02
CA ALA A 19 6.56 -4.54 -3.51
C ALA A 19 5.90 -3.76 -2.39
N TYR A 20 6.42 -3.90 -1.17
CA TYR A 20 5.80 -3.29 0.00
C TYR A 20 5.57 -1.80 -0.23
N THR A 21 6.44 -1.17 -1.02
CA THR A 21 6.22 0.19 -1.46
C THR A 21 6.73 0.39 -2.89
N THR A 22 5.98 -0.13 -3.85
CA THR A 22 6.24 0.15 -5.26
C THR A 22 5.22 1.13 -5.83
N PRO A 23 5.71 2.21 -6.48
CA PRO A 23 4.85 3.26 -7.02
C PRO A 23 3.99 2.77 -8.17
N GLU A 24 4.51 1.82 -8.93
CA GLU A 24 3.74 1.19 -10.01
C GLU A 24 2.55 0.44 -9.45
N ASP A 25 2.72 -0.16 -8.27
CA ASP A 25 1.61 -0.77 -7.56
C ASP A 25 0.65 0.28 -7.03
N ILE A 26 1.20 1.38 -6.52
CA ILE A 26 0.39 2.46 -5.97
C ILE A 26 -0.48 3.10 -7.04
N LYS A 27 0.00 3.06 -8.28
CA LYS A 27 -0.79 3.54 -9.42
C LYS A 27 -2.12 2.80 -9.51
N GLN A 28 -2.14 1.56 -9.01
CA GLN A 28 -3.38 0.80 -8.94
C GLN A 28 -4.21 1.21 -7.74
N TRP A 29 -3.58 1.92 -6.80
CA TRP A 29 -4.28 2.39 -5.61
C TRP A 29 -4.87 3.78 -5.84
N ASN A 30 -5.12 4.11 -7.11
CA ASN A 30 -5.49 5.46 -7.49
C ASN A 30 -6.82 5.85 -6.84
N ALA A 31 -7.13 7.15 -6.89
CA ALA A 31 -8.27 7.68 -6.15
C ALA A 31 -9.54 7.66 -7.02
N ALA A 32 -9.40 8.14 -8.25
CA ALA A 32 -10.54 8.27 -9.16
C ALA A 32 -10.58 7.11 -10.15
N SER A 33 -9.79 7.23 -11.21
CA SER A 33 -9.76 6.21 -12.26
C SER A 33 -8.37 6.15 -12.90
N ASP A 34 -8.03 4.97 -13.43
CA ASP A 34 -6.72 4.76 -14.02
C ASP A 34 -6.62 5.46 -15.38
N ASP A 35 -7.70 6.14 -15.77
CA ASP A 35 -7.71 6.88 -17.03
C ASP A 35 -7.73 8.38 -16.77
N TRP A 36 -8.47 8.80 -15.75
CA TRP A 36 -8.71 10.22 -15.50
C TRP A 36 -7.91 10.71 -14.31
N HIS A 37 -7.15 9.81 -13.69
CA HIS A 37 -6.36 10.15 -12.51
C HIS A 37 -4.87 9.95 -12.80
N THR A 38 -4.06 10.91 -12.36
CA THR A 38 -2.61 10.79 -12.44
C THR A 38 -2.02 10.43 -11.07
N THR A 39 -1.33 9.30 -11.01
CA THR A 39 -0.74 8.82 -9.77
C THR A 39 0.78 8.67 -9.90
N ALA A 40 1.51 9.36 -9.03
CA ALA A 40 2.95 9.18 -8.94
C ALA A 40 3.40 9.04 -7.49
N ALA A 41 4.35 8.14 -7.26
CA ALA A 41 4.85 7.89 -5.91
C ALA A 41 6.38 7.91 -5.87
N THR A 42 6.93 8.58 -4.86
CA THR A 42 8.37 8.58 -4.65
C THR A 42 8.72 8.07 -3.26
N VAL A 43 9.66 7.12 -3.19
CA VAL A 43 9.99 6.47 -1.94
C VAL A 43 11.51 6.38 -1.74
N ASP A 44 11.96 6.71 -0.53
CA ASP A 44 13.32 6.37 -0.12
C ASP A 44 13.35 5.05 0.63
N LEU A 45 13.88 4.02 -0.02
CA LEU A 45 13.78 2.66 0.50
C LEU A 45 14.81 2.41 1.59
N ARG A 46 14.48 2.84 2.81
CA ARG A 46 15.35 2.63 3.96
C ARG A 46 14.61 2.87 5.26
N GLU A 47 15.14 2.32 6.35
CA GLU A 47 14.69 2.69 7.69
C GLU A 47 14.96 4.16 7.97
N GLY A 48 13.92 4.90 8.33
CA GLY A 48 14.05 6.33 8.53
C GLY A 48 13.80 7.11 7.26
N GLY A 49 13.58 6.40 6.15
CA GLY A 49 13.45 7.05 4.86
C GLY A 49 12.14 7.81 4.74
N ALA A 50 12.09 8.76 3.82
CA ALA A 50 10.90 9.57 3.61
C ALA A 50 10.10 9.08 2.41
N PHE A 51 8.79 9.27 2.46
CA PHE A 51 7.92 8.89 1.35
C PHE A 51 6.98 10.05 0.98
N SER A 52 6.72 10.20 -0.31
CA SER A 52 5.79 11.22 -0.79
C SER A 52 5.05 10.74 -2.03
N SER A 53 3.72 10.84 -1.99
CA SER A 53 2.90 10.43 -3.13
C SER A 53 2.15 11.63 -3.70
N ARG A 54 2.28 11.83 -5.01
CA ARG A 54 1.62 12.95 -5.68
C ARG A 54 0.45 12.46 -6.52
N MET A 55 -0.76 12.83 -6.12
CA MET A 55 -1.97 12.46 -6.86
C MET A 55 -2.68 13.70 -7.38
N GLU A 56 -3.10 13.64 -8.65
CA GLU A 56 -3.84 14.75 -9.25
C GLU A 56 -4.92 14.23 -10.20
N ALA A 57 -5.98 15.00 -10.34
CA ALA A 57 -7.00 14.73 -11.35
C ALA A 57 -6.62 15.34 -12.70
N LYS A 58 -6.75 14.55 -13.75
CA LYS A 58 -6.36 14.99 -15.09
C LYS A 58 -7.26 16.13 -15.57
N ASP A 59 -8.45 16.23 -14.98
CA ASP A 59 -9.37 17.31 -15.29
C ASP A 59 -9.05 18.56 -14.47
N GLY A 60 -8.04 18.45 -13.62
CA GLY A 60 -7.51 19.62 -12.95
C GLY A 60 -8.46 20.19 -11.92
N SER A 61 -9.46 19.40 -11.54
CA SER A 61 -10.50 19.85 -10.62
C SER A 61 -10.03 19.75 -9.17
N MET A 62 -9.14 18.79 -8.91
CA MET A 62 -8.68 18.54 -7.55
C MET A 62 -7.32 17.85 -7.56
N GLY A 63 -6.59 17.95 -6.45
CA GLY A 63 -5.40 17.16 -6.26
C GLY A 63 -5.25 16.63 -4.85
N PHE A 64 -4.19 15.87 -4.60
CA PHE A 64 -3.99 15.26 -3.29
C PHE A 64 -2.49 15.07 -3.02
N ASP A 65 -2.06 15.49 -1.84
CA ASP A 65 -0.65 15.39 -1.46
C ASP A 65 -0.47 14.53 -0.22
N PHE A 66 0.22 13.41 -0.38
CA PHE A 66 0.45 12.49 0.73
C PHE A 66 1.94 12.42 1.07
N ALA A 67 2.25 12.55 2.35
CA ALA A 67 3.64 12.54 2.81
C ALA A 67 3.77 11.81 4.14
N GLY A 68 4.90 11.15 4.33
CA GLY A 68 5.16 10.47 5.59
C GLY A 68 6.60 9.99 5.71
N THR A 69 6.93 9.40 6.86
CA THR A 69 8.27 8.88 7.09
C THR A 69 8.22 7.48 7.68
N TYR A 70 9.23 6.68 7.36
CA TYR A 70 9.34 5.33 7.91
C TYR A 70 10.07 5.35 9.25
N THR A 71 9.63 4.49 10.16
CA THR A 71 10.20 4.44 11.51
C THR A 71 11.01 3.16 11.70
N LYS A 72 10.66 2.12 10.96
CA LYS A 72 11.32 0.83 11.09
C LYS A 72 11.17 0.01 9.81
N VAL A 73 12.27 -0.57 9.34
CA VAL A 73 12.24 -1.51 8.24
C VAL A 73 13.15 -2.70 8.50
N VAL A 74 12.58 -3.90 8.44
CA VAL A 74 13.31 -5.10 8.79
C VAL A 74 13.20 -6.16 7.69
N GLU A 75 14.33 -6.45 7.05
CA GLU A 75 14.40 -7.57 6.11
C GLU A 75 13.21 -7.55 5.15
N ASN A 76 12.78 -6.36 4.77
CA ASN A 76 11.66 -6.20 3.85
C ASN A 76 10.47 -7.03 4.32
N LYS A 77 10.32 -7.17 5.64
CA LYS A 77 9.40 -8.13 6.21
C LYS A 77 8.55 -7.50 7.31
N ARG A 78 9.14 -6.54 8.02
CA ARG A 78 8.40 -5.74 8.99
C ARG A 78 8.66 -4.26 8.78
N ILE A 79 7.62 -3.52 8.40
CA ILE A 79 7.76 -2.11 8.08
C ILE A 79 6.75 -1.27 8.85
N GLU A 80 7.24 -0.29 9.60
CA GLU A 80 6.38 0.64 10.31
C GLU A 80 6.49 2.05 9.74
N TYR A 81 5.35 2.66 9.45
CA TYR A 81 5.32 3.90 8.67
C TYR A 81 4.36 4.91 9.30
N ALA A 82 4.77 6.17 9.31
CA ALA A 82 4.00 7.22 9.96
C ALA A 82 3.60 8.30 8.96
N PHE A 83 2.34 8.72 9.02
CA PHE A 83 1.83 9.74 8.11
C PHE A 83 0.77 10.60 8.80
N GLY A 84 0.90 11.92 8.65
CA GLY A 84 -0.04 12.83 9.27
C GLY A 84 -0.12 12.65 10.77
N ASP A 85 -1.31 12.36 11.27
CA ASP A 85 -1.49 12.01 12.67
C ASP A 85 -1.94 10.56 12.83
N ARG A 86 -1.62 9.75 11.83
CA ARG A 86 -1.93 8.32 11.88
C ARG A 86 -0.71 7.48 11.50
N THR A 87 -0.75 6.20 11.83
CA THR A 87 0.35 5.30 11.53
C THR A 87 -0.16 4.00 10.91
N ALA A 88 0.74 3.29 10.23
CA ALA A 88 0.41 1.98 9.67
C ALA A 88 1.63 1.07 9.65
N LYS A 89 1.39 -0.23 9.70
CA LYS A 89 2.47 -1.21 9.70
C LYS A 89 2.21 -2.31 8.69
N VAL A 90 3.21 -2.59 7.85
CA VAL A 90 3.10 -3.66 6.86
C VAL A 90 3.93 -4.87 7.26
N GLU A 91 3.29 -6.04 7.27
CA GLU A 91 3.96 -7.27 7.68
C GLU A 91 3.84 -8.34 6.60
N PHE A 92 4.89 -9.13 6.43
CA PHE A 92 4.91 -10.19 5.44
C PHE A 92 5.07 -11.56 6.11
N LEU A 93 4.21 -12.50 5.75
CA LEU A 93 4.36 -13.88 6.19
C LEU A 93 4.55 -14.82 5.00
N GLU A 94 5.64 -15.57 5.02
CA GLU A 94 5.94 -16.50 3.94
C GLU A 94 5.22 -17.83 4.14
N ALA A 95 4.39 -18.22 3.17
CA ALA A 95 3.68 -19.49 3.22
C ALA A 95 4.16 -20.43 2.13
N PRO A 96 3.93 -21.73 2.31
CA PRO A 96 4.29 -22.76 1.33
C PRO A 96 3.47 -22.65 0.05
N GLN A 97 2.28 -22.08 0.16
CA GLN A 97 1.39 -21.96 -0.98
C GLN A 97 1.47 -20.56 -1.59
N GLY A 98 1.95 -19.61 -0.81
CA GLY A 98 1.99 -18.23 -1.25
C GLY A 98 2.58 -17.30 -0.21
N VAL A 99 2.49 -15.99 -0.46
CA VAL A 99 2.95 -15.00 0.50
C VAL A 99 1.80 -14.13 1.00
N THR A 100 1.65 -14.03 2.32
CA THR A 100 0.54 -13.30 2.91
C THR A 100 0.97 -11.89 3.32
N VAL A 101 0.26 -10.89 2.83
CA VAL A 101 0.58 -9.50 3.13
C VAL A 101 -0.48 -8.88 4.04
N ARG A 102 -0.06 -8.42 5.22
CA ARG A 102 -0.97 -7.87 6.19
C ARG A 102 -0.63 -6.41 6.51
N VAL A 103 -1.61 -5.54 6.39
CA VAL A 103 -1.41 -4.12 6.68
C VAL A 103 -2.39 -3.62 7.74
N SER A 104 -1.85 -3.09 8.83
CA SER A 104 -2.67 -2.61 9.93
C SER A 104 -2.39 -1.14 10.21
N PHE A 105 -3.45 -0.35 10.35
CA PHE A 105 -3.32 1.10 10.45
C PHE A 105 -4.32 1.66 11.46
N VAL A 106 -4.04 2.86 11.95
CA VAL A 106 -4.91 3.52 12.92
C VAL A 106 -6.08 4.20 12.23
N ALA A 107 -7.28 3.98 12.75
CA ALA A 107 -8.50 4.48 12.12
C ALA A 107 -8.54 6.01 12.16
N GLU A 108 -8.99 6.61 11.05
CA GLU A 108 -9.25 8.04 11.02
C GLU A 108 -10.66 8.35 11.52
N THR A 109 -10.75 9.17 12.56
CA THR A 109 -12.02 9.43 13.24
C THR A 109 -12.97 10.22 12.34
N GLU A 110 -12.40 10.87 11.33
CA GLU A 110 -13.20 11.67 10.40
C GLU A 110 -13.99 10.76 9.46
N TYR A 111 -13.58 9.50 9.38
CA TYR A 111 -14.24 8.53 8.51
C TYR A 111 -14.67 7.30 9.31
N PRO A 112 -15.76 6.66 8.86
CA PRO A 112 -16.27 5.44 9.50
C PRO A 112 -15.34 4.25 9.32
N VAL A 113 -15.31 3.37 10.31
CA VAL A 113 -14.42 2.22 10.30
C VAL A 113 -14.62 1.39 9.03
N GLU A 114 -15.88 1.23 8.63
CA GLU A 114 -16.22 0.40 7.48
C GLU A 114 -15.56 0.95 6.21
N GLN A 115 -15.61 2.27 6.04
CA GLN A 115 -15.07 2.91 4.85
C GLN A 115 -13.56 2.77 4.79
N GLN A 116 -12.90 2.92 5.94
CA GLN A 116 -11.45 2.83 6.00
C GLN A 116 -10.99 1.38 5.81
N GLN A 117 -11.70 0.45 6.44
CA GLN A 117 -11.38 -0.97 6.32
C GLN A 117 -11.52 -1.44 4.87
N GLN A 118 -12.66 -1.14 4.28
CA GLN A 118 -12.93 -1.56 2.90
C GLN A 118 -12.00 -0.85 1.93
N GLY A 119 -11.70 0.42 2.21
CA GLY A 119 -10.84 1.19 1.34
C GLY A 119 -9.44 0.62 1.25
N TRP A 120 -8.86 0.29 2.40
CA TRP A 120 -7.52 -0.27 2.44
C TRP A 120 -7.49 -1.67 1.84
N GLN A 121 -8.54 -2.44 2.10
CA GLN A 121 -8.65 -3.79 1.54
C GLN A 121 -8.83 -3.74 0.02
N ALA A 122 -9.59 -2.75 -0.45
CA ALA A 122 -9.89 -2.63 -1.86
C ALA A 122 -8.63 -2.35 -2.67
N ILE A 123 -7.81 -1.41 -2.18
CA ILE A 123 -6.55 -1.08 -2.84
C ILE A 123 -5.53 -2.20 -2.66
N LEU A 124 -5.61 -2.89 -1.52
CA LEU A 124 -4.80 -4.08 -1.29
C LEU A 124 -5.22 -5.21 -2.22
N ASN A 125 -6.50 -5.26 -2.56
CA ASN A 125 -7.01 -6.24 -3.51
C ASN A 125 -6.45 -5.99 -4.90
N ASN A 126 -6.29 -4.72 -5.25
CA ASN A 126 -5.59 -4.34 -6.47
C ASN A 126 -4.13 -4.74 -6.41
N PHE A 127 -3.52 -4.57 -5.24
CA PHE A 127 -2.17 -5.06 -5.00
C PHE A 127 -2.08 -6.56 -5.22
N LYS A 128 -3.09 -7.29 -4.74
CA LYS A 128 -3.15 -8.74 -4.93
C LYS A 128 -3.13 -9.10 -6.42
N ARG A 129 -4.04 -8.50 -7.17
CA ARG A 129 -4.22 -8.85 -8.58
C ARG A 129 -2.99 -8.48 -9.39
N HIS A 130 -2.36 -7.36 -9.03
CA HIS A 130 -1.18 -6.88 -9.73
C HIS A 130 0.00 -7.80 -9.51
N VAL A 131 0.33 -8.05 -8.24
CA VAL A 131 1.50 -8.84 -7.89
C VAL A 131 1.29 -10.31 -8.24
N GLU A 132 0.10 -10.83 -7.95
CA GLU A 132 -0.20 -12.24 -8.17
C GLU A 132 0.06 -12.62 -9.62
N SER A 133 -0.18 -11.69 -10.54
CA SER A 133 -0.12 -11.97 -11.96
C SER A 133 1.33 -12.10 -12.42
N HIS A 134 2.26 -11.87 -11.50
CA HIS A 134 3.69 -11.92 -11.82
C HIS A 134 4.24 -13.33 -11.60
N LEU A 135 3.35 -14.27 -11.31
CA LEU A 135 3.73 -15.67 -11.18
C LEU A 135 2.54 -16.58 -11.45
N GLU A 136 2.71 -17.51 -12.39
CA GLU A 136 1.70 -18.54 -12.65
C GLU A 136 1.82 -19.68 -11.63
N HIS A 137 0.68 -20.16 -11.15
CA HIS A 137 0.65 -21.24 -10.17
C HIS A 137 -0.21 -22.39 -10.65
N HIS A 138 -1.47 -22.09 -10.98
CA HIS A 138 -2.39 -23.11 -11.45
C HIS A 138 -3.59 -22.47 -12.15
N MET A 1 -9.11 2.99 17.67
CA MET A 1 -9.52 1.87 16.83
C MET A 1 -8.42 1.49 15.84
N ASN A 2 -8.03 0.22 15.87
CA ASN A 2 -7.08 -0.30 14.89
C ASN A 2 -7.78 -1.14 13.83
N ILE A 3 -7.47 -0.86 12.57
CA ILE A 3 -8.03 -1.63 11.46
C ILE A 3 -6.95 -2.48 10.80
N THR A 4 -7.24 -3.77 10.64
CA THR A 4 -6.28 -4.70 10.06
C THR A 4 -6.85 -5.37 8.81
N VAL A 5 -6.03 -5.47 7.77
CA VAL A 5 -6.42 -6.18 6.56
C VAL A 5 -5.34 -7.16 6.13
N GLU A 6 -5.73 -8.18 5.38
CA GLU A 6 -4.83 -9.27 5.01
C GLU A 6 -5.16 -9.82 3.64
N THR A 7 -4.12 -10.15 2.87
CA THR A 7 -4.30 -10.75 1.55
C THR A 7 -3.15 -11.70 1.23
N THR A 8 -3.47 -12.83 0.61
CA THR A 8 -2.47 -13.81 0.22
C THR A 8 -2.26 -13.80 -1.29
N VAL A 9 -1.02 -13.66 -1.71
CA VAL A 9 -0.69 -13.55 -3.13
C VAL A 9 0.16 -14.73 -3.59
N ALA A 10 -0.06 -15.17 -4.82
CA ALA A 10 0.74 -16.23 -5.42
C ALA A 10 1.97 -15.66 -6.12
N ALA A 11 2.95 -15.21 -5.34
CA ALA A 11 4.17 -14.66 -5.89
C ALA A 11 5.35 -14.90 -4.96
N PRO A 12 6.56 -14.82 -5.52
CA PRO A 12 7.80 -15.02 -4.75
C PRO A 12 8.08 -13.88 -3.78
N VAL A 13 8.66 -14.21 -2.63
CA VAL A 13 8.78 -13.26 -1.53
C VAL A 13 9.62 -12.05 -1.95
N GLY A 14 10.54 -12.27 -2.89
CA GLY A 14 11.34 -11.18 -3.42
C GLY A 14 10.50 -10.12 -4.09
N LYS A 15 9.55 -10.56 -4.92
CA LYS A 15 8.67 -9.65 -5.62
C LYS A 15 7.63 -9.06 -4.67
N VAL A 16 7.14 -9.87 -3.74
CA VAL A 16 6.07 -9.46 -2.84
C VAL A 16 6.57 -8.43 -1.84
N TRP A 17 7.71 -8.72 -1.22
CA TRP A 17 8.26 -7.87 -0.17
C TRP A 17 8.65 -6.50 -0.74
N ARG A 18 9.25 -6.51 -1.91
CA ARG A 18 9.68 -5.27 -2.56
C ARG A 18 8.48 -4.39 -2.90
N ALA A 19 7.34 -5.02 -3.13
CA ALA A 19 6.15 -4.32 -3.60
C ALA A 19 5.53 -3.49 -2.49
N TYR A 20 6.04 -3.66 -1.27
CA TYR A 20 5.46 -3.01 -0.10
C TYR A 20 5.30 -1.51 -0.33
N THR A 21 6.24 -0.93 -1.08
CA THR A 21 6.10 0.44 -1.55
C THR A 21 6.68 0.61 -2.95
N THR A 22 5.96 0.12 -3.94
CA THR A 22 6.31 0.36 -5.34
C THR A 22 5.36 1.35 -5.98
N PRO A 23 5.92 2.40 -6.61
CA PRO A 23 5.14 3.46 -7.24
C PRO A 23 4.29 2.96 -8.39
N GLU A 24 4.83 1.98 -9.13
CA GLU A 24 4.09 1.35 -10.22
C GLU A 24 2.84 0.64 -9.69
N ASP A 25 2.95 0.06 -8.51
CA ASP A 25 1.80 -0.51 -7.82
C ASP A 25 0.86 0.58 -7.34
N ILE A 26 1.44 1.66 -6.82
CA ILE A 26 0.65 2.77 -6.29
C ILE A 26 -0.17 3.43 -7.40
N LYS A 27 0.35 3.39 -8.62
CA LYS A 27 -0.37 3.90 -9.78
C LYS A 27 -1.73 3.22 -9.92
N GLN A 28 -1.82 1.99 -9.42
CA GLN A 28 -3.07 1.25 -9.45
C GLN A 28 -4.03 1.77 -8.38
N TRP A 29 -3.50 2.54 -7.43
CA TRP A 29 -4.30 3.04 -6.31
C TRP A 29 -4.93 4.38 -6.66
N ASN A 30 -5.17 4.62 -7.94
CA ASN A 30 -5.64 5.92 -8.42
C ASN A 30 -7.00 6.26 -7.79
N ALA A 31 -7.32 7.55 -7.77
CA ALA A 31 -8.50 8.02 -7.07
C ALA A 31 -9.72 8.04 -7.98
N ALA A 32 -9.54 8.56 -9.19
CA ALA A 32 -10.65 8.70 -10.13
C ALA A 32 -10.71 7.52 -11.10
N SER A 33 -9.85 7.55 -12.11
CA SER A 33 -9.82 6.50 -13.13
C SER A 33 -8.42 6.32 -13.68
N ASP A 34 -8.12 5.12 -14.15
CA ASP A 34 -6.79 4.80 -14.66
C ASP A 34 -6.55 5.47 -16.02
N ASP A 35 -7.55 6.20 -16.49
CA ASP A 35 -7.42 6.97 -17.73
C ASP A 35 -7.46 8.47 -17.44
N TRP A 36 -8.29 8.86 -16.49
CA TRP A 36 -8.57 10.27 -16.24
C TRP A 36 -7.85 10.77 -15.00
N HIS A 37 -7.01 9.90 -14.41
CA HIS A 37 -6.27 10.25 -13.21
C HIS A 37 -4.77 10.04 -13.42
N THR A 38 -3.98 10.99 -12.93
CA THR A 38 -2.53 10.86 -12.97
C THR A 38 -1.97 10.54 -11.58
N THR A 39 -1.25 9.43 -11.47
CA THR A 39 -0.70 8.99 -10.20
C THR A 39 0.81 8.83 -10.27
N ALA A 40 1.51 9.39 -9.28
CA ALA A 40 2.95 9.24 -9.19
C ALA A 40 3.41 9.12 -7.74
N ALA A 41 4.46 8.34 -7.52
CA ALA A 41 4.99 8.13 -6.18
C ALA A 41 6.51 8.27 -6.16
N THR A 42 7.02 8.95 -5.13
CA THR A 42 8.46 9.00 -4.90
C THR A 42 8.80 8.53 -3.49
N VAL A 43 9.72 7.58 -3.39
CA VAL A 43 10.04 6.95 -2.13
C VAL A 43 11.54 6.79 -1.95
N ASP A 44 12.02 7.11 -0.75
CA ASP A 44 13.35 6.67 -0.32
C ASP A 44 13.27 5.37 0.47
N LEU A 45 13.71 4.28 -0.16
CA LEU A 45 13.50 2.94 0.39
C LEU A 45 14.52 2.65 1.48
N ARG A 46 14.20 3.03 2.71
CA ARG A 46 15.08 2.77 3.84
C ARG A 46 14.35 3.03 5.16
N GLU A 47 14.87 2.43 6.24
CA GLU A 47 14.42 2.78 7.58
C GLU A 47 14.74 4.24 7.90
N GLY A 48 13.71 5.00 8.27
CA GLY A 48 13.88 6.41 8.51
C GLY A 48 13.66 7.24 7.26
N GLY A 49 13.52 6.57 6.13
CA GLY A 49 13.40 7.28 4.86
C GLY A 49 12.04 7.90 4.67
N ALA A 50 11.96 8.91 3.80
CA ALA A 50 10.70 9.60 3.56
C ALA A 50 10.11 9.18 2.21
N PHE A 51 8.78 9.18 2.14
CA PHE A 51 8.09 8.83 0.91
C PHE A 51 6.84 9.70 0.72
N SER A 52 6.40 9.84 -0.52
CA SER A 52 5.23 10.66 -0.83
C SER A 52 4.55 10.17 -2.10
N SER A 53 3.22 10.20 -2.10
CA SER A 53 2.45 9.87 -3.28
C SER A 53 1.58 11.05 -3.73
N ARG A 54 1.71 11.42 -5.00
CA ARG A 54 0.94 12.53 -5.55
C ARG A 54 -0.17 12.03 -6.46
N MET A 55 -1.42 12.30 -6.07
CA MET A 55 -2.57 11.91 -6.87
C MET A 55 -3.32 13.13 -7.37
N GLU A 56 -3.50 13.22 -8.69
CA GLU A 56 -4.16 14.36 -9.30
C GLU A 56 -5.11 13.91 -10.42
N ALA A 57 -6.21 14.65 -10.58
CA ALA A 57 -7.13 14.40 -11.67
C ALA A 57 -6.68 15.12 -12.94
N LYS A 58 -6.74 14.42 -14.07
CA LYS A 58 -6.32 14.99 -15.35
C LYS A 58 -7.24 16.13 -15.76
N ASP A 59 -8.45 16.14 -15.22
CA ASP A 59 -9.40 17.21 -15.49
C ASP A 59 -9.21 18.36 -14.49
N GLY A 60 -8.26 18.19 -13.57
CA GLY A 60 -7.87 19.28 -12.71
C GLY A 60 -8.94 19.64 -11.70
N SER A 61 -9.88 18.72 -11.49
CA SER A 61 -11.03 18.99 -10.62
C SER A 61 -10.65 18.79 -9.16
N MET A 62 -9.65 17.96 -8.92
CA MET A 62 -9.26 17.61 -7.56
C MET A 62 -7.88 16.96 -7.54
N GLY A 63 -7.24 16.96 -6.37
CA GLY A 63 -6.06 16.15 -6.16
C GLY A 63 -5.67 16.04 -4.70
N PHE A 64 -4.90 15.01 -4.37
CA PHE A 64 -4.54 14.75 -2.98
C PHE A 64 -3.03 14.56 -2.84
N ASP A 65 -2.50 14.95 -1.70
CA ASP A 65 -1.08 14.79 -1.41
C ASP A 65 -0.86 13.90 -0.20
N PHE A 66 -0.24 12.75 -0.41
CA PHE A 66 0.02 11.80 0.66
C PHE A 66 1.51 11.71 0.98
N ALA A 67 1.85 11.82 2.25
CA ALA A 67 3.25 11.81 2.67
C ALA A 67 3.43 10.99 3.94
N GLY A 68 4.59 10.35 4.09
CA GLY A 68 4.89 9.61 5.29
C GLY A 68 6.37 9.34 5.46
N THR A 69 6.76 8.87 6.64
CA THR A 69 8.14 8.50 6.90
C THR A 69 8.24 7.14 7.57
N TYR A 70 9.31 6.42 7.29
CA TYR A 70 9.51 5.09 7.84
C TYR A 70 10.07 5.15 9.26
N THR A 71 9.61 4.24 10.11
CA THR A 71 10.08 4.19 11.49
C THR A 71 10.89 2.92 11.75
N LYS A 72 10.57 1.86 11.02
CA LYS A 72 11.24 0.57 11.20
C LYS A 72 11.14 -0.27 9.93
N VAL A 73 12.26 -0.85 9.53
CA VAL A 73 12.27 -1.79 8.41
C VAL A 73 13.11 -3.02 8.73
N VAL A 74 12.51 -4.20 8.60
CA VAL A 74 13.19 -5.44 8.91
C VAL A 74 13.13 -6.40 7.72
N GLU A 75 14.28 -6.59 7.06
CA GLU A 75 14.39 -7.59 6.01
C GLU A 75 13.20 -7.54 5.07
N ASN A 76 12.72 -6.32 4.81
CA ASN A 76 11.56 -6.13 3.92
C ASN A 76 10.40 -7.02 4.34
N LYS A 77 10.28 -7.24 5.64
CA LYS A 77 9.40 -8.29 6.17
C LYS A 77 8.51 -7.75 7.27
N ARG A 78 9.08 -6.88 8.12
CA ARG A 78 8.30 -6.16 9.11
C ARG A 78 8.59 -4.66 9.06
N ILE A 79 7.63 -3.89 8.59
CA ILE A 79 7.87 -2.49 8.25
C ILE A 79 6.81 -1.58 8.86
N GLU A 80 7.26 -0.58 9.62
CA GLU A 80 6.35 0.37 10.25
C GLU A 80 6.66 1.79 9.79
N TYR A 81 5.60 2.55 9.52
CA TYR A 81 5.76 3.92 9.04
C TYR A 81 4.62 4.81 9.55
N ALA A 82 4.83 6.11 9.52
CA ALA A 82 3.86 7.07 10.05
C ALA A 82 3.47 8.09 8.99
N PHE A 83 2.20 8.48 8.99
CA PHE A 83 1.72 9.51 8.07
C PHE A 83 0.67 10.39 8.76
N GLY A 84 0.84 11.70 8.62
CA GLY A 84 -0.07 12.64 9.26
C GLY A 84 -0.12 12.48 10.76
N ASP A 85 -1.31 12.22 11.30
CA ASP A 85 -1.47 11.91 12.71
C ASP A 85 -1.88 10.46 12.89
N ARG A 86 -1.55 9.62 11.91
CA ARG A 86 -1.86 8.20 11.98
C ARG A 86 -0.66 7.35 11.59
N THR A 87 -0.72 6.05 11.88
CA THR A 87 0.37 5.15 11.58
C THR A 87 -0.13 3.87 10.92
N ALA A 88 0.76 3.15 10.25
CA ALA A 88 0.43 1.85 9.68
C ALA A 88 1.66 0.96 9.61
N LYS A 89 1.44 -0.36 9.67
CA LYS A 89 2.53 -1.32 9.67
C LYS A 89 2.24 -2.48 8.73
N VAL A 90 3.22 -2.80 7.88
CA VAL A 90 3.07 -3.89 6.94
C VAL A 90 3.96 -5.07 7.31
N GLU A 91 3.37 -6.26 7.36
CA GLU A 91 4.11 -7.47 7.71
C GLU A 91 3.95 -8.54 6.64
N PHE A 92 5.01 -9.31 6.43
CA PHE A 92 5.01 -10.34 5.40
C PHE A 92 5.23 -11.72 6.01
N LEU A 93 4.37 -12.67 5.65
CA LEU A 93 4.49 -14.05 6.12
C LEU A 93 4.65 -15.02 4.95
N GLU A 94 5.65 -15.88 5.02
CA GLU A 94 5.87 -16.89 4.00
C GLU A 94 4.96 -18.10 4.22
N ALA A 95 4.12 -18.38 3.23
CA ALA A 95 3.26 -19.55 3.28
C ALA A 95 3.68 -20.59 2.24
N PRO A 96 3.27 -21.85 2.46
CA PRO A 96 3.57 -22.95 1.53
C PRO A 96 2.84 -22.79 0.20
N GLN A 97 1.69 -22.12 0.24
CA GLN A 97 0.87 -21.96 -0.95
C GLN A 97 1.10 -20.59 -1.59
N GLY A 98 1.67 -19.68 -0.83
CA GLY A 98 1.84 -18.31 -1.29
C GLY A 98 2.49 -17.42 -0.25
N VAL A 99 2.41 -16.11 -0.45
CA VAL A 99 2.89 -15.15 0.52
C VAL A 99 1.74 -14.33 1.10
N THR A 100 1.63 -14.30 2.42
CA THR A 100 0.54 -13.61 3.08
C THR A 100 0.97 -12.24 3.57
N VAL A 101 0.24 -11.21 3.14
CA VAL A 101 0.59 -9.83 3.49
C VAL A 101 -0.47 -9.22 4.40
N ARG A 102 -0.03 -8.76 5.57
CA ARG A 102 -0.94 -8.19 6.56
C ARG A 102 -0.60 -6.72 6.84
N VAL A 103 -1.61 -5.87 6.72
CA VAL A 103 -1.42 -4.44 6.95
C VAL A 103 -2.37 -3.93 8.03
N SER A 104 -1.80 -3.34 9.08
CA SER A 104 -2.61 -2.82 10.19
C SER A 104 -2.32 -1.34 10.40
N PHE A 105 -3.38 -0.55 10.54
CA PHE A 105 -3.26 0.90 10.63
C PHE A 105 -4.26 1.47 11.63
N VAL A 106 -4.02 2.69 12.08
CA VAL A 106 -4.91 3.37 13.02
C VAL A 106 -6.02 4.09 12.28
N ALA A 107 -7.26 3.91 12.75
CA ALA A 107 -8.42 4.44 12.05
C ALA A 107 -8.50 5.96 12.21
N GLU A 108 -8.95 6.64 11.15
CA GLU A 108 -9.20 8.08 11.22
C GLU A 108 -10.60 8.35 11.76
N THR A 109 -10.67 9.14 12.83
CA THR A 109 -11.92 9.39 13.53
C THR A 109 -12.87 10.23 12.67
N GLU A 110 -12.30 10.94 11.70
CA GLU A 110 -13.10 11.76 10.80
C GLU A 110 -13.89 10.91 9.83
N TYR A 111 -13.49 9.64 9.70
CA TYR A 111 -14.17 8.72 8.80
C TYR A 111 -14.60 7.45 9.55
N PRO A 112 -15.68 6.82 9.08
CA PRO A 112 -16.20 5.58 9.65
C PRO A 112 -15.23 4.42 9.45
N VAL A 113 -15.22 3.49 10.40
CA VAL A 113 -14.32 2.35 10.35
C VAL A 113 -14.45 1.61 9.01
N GLU A 114 -15.68 1.45 8.54
CA GLU A 114 -15.94 0.73 7.31
C GLU A 114 -15.21 1.38 6.13
N GLN A 115 -15.26 2.70 6.06
CA GLN A 115 -14.71 3.42 4.93
C GLN A 115 -13.19 3.27 4.87
N GLN A 116 -12.55 3.35 6.02
CA GLN A 116 -11.10 3.22 6.10
C GLN A 116 -10.66 1.80 5.83
N GLN A 117 -11.42 0.84 6.36
CA GLN A 117 -11.15 -0.57 6.12
C GLN A 117 -11.27 -0.90 4.64
N GLN A 118 -12.34 -0.42 4.01
CA GLN A 118 -12.56 -0.66 2.59
C GLN A 118 -11.51 0.07 1.74
N GLY A 119 -11.10 1.25 2.21
CA GLY A 119 -10.09 2.00 1.50
C GLY A 119 -8.76 1.27 1.43
N TRP A 120 -8.33 0.72 2.56
CA TRP A 120 -7.10 -0.07 2.61
C TRP A 120 -7.28 -1.39 1.87
N GLN A 121 -8.49 -1.95 1.94
CA GLN A 121 -8.81 -3.18 1.22
C GLN A 121 -8.75 -2.96 -0.29
N ALA A 122 -9.22 -1.79 -0.72
CA ALA A 122 -9.27 -1.47 -2.15
C ALA A 122 -7.86 -1.40 -2.74
N ILE A 123 -6.95 -0.74 -2.03
CA ILE A 123 -5.57 -0.63 -2.48
C ILE A 123 -4.81 -1.95 -2.26
N LEU A 124 -5.26 -2.72 -1.28
CA LEU A 124 -4.73 -4.06 -1.07
C LEU A 124 -5.17 -5.01 -2.18
N ASN A 125 -6.38 -4.81 -2.68
CA ASN A 125 -6.89 -5.61 -3.80
C ASN A 125 -6.08 -5.34 -5.06
N ASN A 126 -5.73 -4.08 -5.27
CA ASN A 126 -4.85 -3.71 -6.39
C ASN A 126 -3.45 -4.26 -6.19
N PHE A 127 -2.99 -4.25 -4.94
CA PHE A 127 -1.73 -4.89 -4.58
C PHE A 127 -1.74 -6.37 -4.93
N LYS A 128 -2.82 -7.05 -4.57
CA LYS A 128 -2.96 -8.48 -4.86
C LYS A 128 -2.90 -8.74 -6.35
N ARG A 129 -3.72 -8.03 -7.11
CA ARG A 129 -3.85 -8.25 -8.54
C ARG A 129 -2.54 -7.92 -9.26
N HIS A 130 -1.86 -6.89 -8.78
CA HIS A 130 -0.61 -6.44 -9.39
C HIS A 130 0.50 -7.46 -9.15
N VAL A 131 0.72 -7.80 -7.89
CA VAL A 131 1.86 -8.63 -7.50
C VAL A 131 1.64 -10.08 -7.91
N GLU A 132 0.44 -10.59 -7.67
CA GLU A 132 0.12 -11.99 -7.95
C GLU A 132 0.40 -12.32 -9.40
N SER A 133 0.22 -11.34 -10.28
CA SER A 133 0.34 -11.57 -11.72
C SER A 133 1.79 -11.74 -12.12
N HIS A 134 2.70 -11.58 -11.16
CA HIS A 134 4.12 -11.67 -11.42
C HIS A 134 4.63 -13.10 -11.25
N LEU A 135 3.70 -14.02 -11.07
CA LEU A 135 4.03 -15.45 -11.03
C LEU A 135 2.88 -16.29 -11.56
N GLU A 136 3.15 -17.06 -12.60
CA GLU A 136 2.17 -18.00 -13.14
C GLU A 136 2.13 -19.28 -12.30
N HIS A 137 0.93 -19.81 -12.08
CA HIS A 137 0.75 -21.02 -11.29
C HIS A 137 -0.02 -22.07 -12.09
N HIS A 138 -1.20 -21.70 -12.56
CA HIS A 138 -2.04 -22.61 -13.31
C HIS A 138 -3.09 -21.86 -14.12
N MET A 1 -9.22 3.92 16.71
CA MET A 1 -9.59 2.68 16.05
C MET A 1 -8.48 2.21 15.11
N ASN A 2 -8.03 0.97 15.30
CA ASN A 2 -7.06 0.36 14.40
C ASN A 2 -7.75 -0.58 13.41
N ILE A 3 -7.50 -0.37 12.12
CA ILE A 3 -8.08 -1.19 11.08
C ILE A 3 -7.02 -2.05 10.41
N THR A 4 -7.31 -3.35 10.30
CA THR A 4 -6.33 -4.30 9.77
C THR A 4 -6.88 -5.03 8.55
N VAL A 5 -6.04 -5.20 7.53
CA VAL A 5 -6.41 -5.97 6.35
C VAL A 5 -5.33 -6.97 5.98
N GLU A 6 -5.71 -8.01 5.26
CA GLU A 6 -4.81 -9.11 4.96
C GLU A 6 -5.12 -9.72 3.60
N THR A 7 -4.07 -10.07 2.86
CA THR A 7 -4.24 -10.72 1.55
C THR A 7 -3.06 -11.64 1.25
N THR A 8 -3.36 -12.80 0.67
CA THR A 8 -2.32 -13.75 0.28
C THR A 8 -2.11 -13.76 -1.22
N VAL A 9 -0.86 -13.58 -1.64
CA VAL A 9 -0.55 -13.47 -3.06
C VAL A 9 0.39 -14.59 -3.52
N ALA A 10 0.27 -14.97 -4.78
CA ALA A 10 1.12 -16.01 -5.34
C ALA A 10 2.22 -15.41 -6.21
N ALA A 11 3.30 -14.98 -5.57
CA ALA A 11 4.47 -14.49 -6.28
C ALA A 11 5.75 -14.73 -5.48
N PRO A 12 6.90 -14.57 -6.15
CA PRO A 12 8.21 -14.75 -5.52
C PRO A 12 8.38 -13.88 -4.28
N VAL A 13 9.07 -14.43 -3.28
CA VAL A 13 9.12 -13.80 -1.96
C VAL A 13 9.73 -12.41 -2.04
N GLY A 14 10.84 -12.30 -2.77
CA GLY A 14 11.53 -11.03 -2.88
C GLY A 14 10.70 -9.98 -3.60
N LYS A 15 10.02 -10.40 -4.67
CA LYS A 15 9.21 -9.48 -5.47
C LYS A 15 8.05 -8.92 -4.65
N VAL A 16 7.46 -9.77 -3.82
CA VAL A 16 6.33 -9.37 -2.99
C VAL A 16 6.78 -8.45 -1.86
N TRP A 17 7.87 -8.83 -1.20
CA TRP A 17 8.38 -8.07 -0.06
C TRP A 17 8.83 -6.68 -0.49
N ARG A 18 9.45 -6.61 -1.67
CA ARG A 18 9.91 -5.32 -2.21
C ARG A 18 8.73 -4.41 -2.52
N ALA A 19 7.57 -5.01 -2.79
CA ALA A 19 6.40 -4.26 -3.23
C ALA A 19 5.76 -3.52 -2.07
N TYR A 20 6.29 -3.73 -0.87
CA TYR A 20 5.72 -3.13 0.34
C TYR A 20 5.53 -1.64 0.18
N THR A 21 6.41 -1.01 -0.60
CA THR A 21 6.22 0.37 -1.03
C THR A 21 6.87 0.62 -2.38
N THR A 22 6.23 0.12 -3.44
CA THR A 22 6.62 0.47 -4.80
C THR A 22 5.65 1.48 -5.41
N PRO A 23 6.19 2.60 -5.90
CA PRO A 23 5.39 3.72 -6.41
C PRO A 23 4.64 3.36 -7.69
N GLU A 24 5.26 2.50 -8.50
CA GLU A 24 4.62 2.03 -9.73
C GLU A 24 3.43 1.12 -9.41
N ASP A 25 3.57 0.32 -8.36
CA ASP A 25 2.55 -0.66 -8.01
C ASP A 25 1.31 0.02 -7.44
N ILE A 26 1.53 1.00 -6.57
CA ILE A 26 0.44 1.67 -5.86
C ILE A 26 -0.40 2.50 -6.82
N LYS A 27 0.09 2.67 -8.05
CA LYS A 27 -0.67 3.32 -9.10
C LYS A 27 -2.00 2.61 -9.33
N GLN A 28 -2.05 1.33 -8.94
CA GLN A 28 -3.29 0.56 -9.02
C GLN A 28 -4.26 1.00 -7.92
N TRP A 29 -3.74 1.70 -6.92
CA TRP A 29 -4.55 2.14 -5.79
C TRP A 29 -5.15 3.52 -6.06
N ASN A 30 -5.34 3.85 -7.34
CA ASN A 30 -5.81 5.16 -7.73
C ASN A 30 -7.13 5.50 -7.03
N ALA A 31 -7.42 6.79 -6.91
CA ALA A 31 -8.55 7.24 -6.12
C ALA A 31 -9.81 7.34 -6.98
N ALA A 32 -9.65 7.84 -8.20
CA ALA A 32 -10.78 8.03 -9.10
C ALA A 32 -10.85 6.89 -10.12
N SER A 33 -10.04 6.99 -11.17
CA SER A 33 -10.03 5.98 -12.22
C SER A 33 -8.65 5.87 -12.85
N ASP A 34 -8.35 4.71 -13.42
CA ASP A 34 -7.04 4.45 -14.02
C ASP A 34 -6.90 5.21 -15.34
N ASP A 35 -7.94 5.94 -15.71
CA ASP A 35 -7.89 6.76 -16.92
C ASP A 35 -7.91 8.25 -16.55
N TRP A 36 -8.63 8.58 -15.50
CA TRP A 36 -8.91 9.97 -15.16
C TRP A 36 -8.08 10.43 -13.97
N HIS A 37 -7.32 9.49 -13.38
CA HIS A 37 -6.52 9.78 -12.20
C HIS A 37 -5.03 9.68 -12.52
N THR A 38 -4.26 10.63 -11.99
CA THR A 38 -2.80 10.57 -12.08
C THR A 38 -2.18 10.24 -10.73
N THR A 39 -1.38 9.18 -10.68
CA THR A 39 -0.73 8.77 -9.45
C THR A 39 0.78 8.83 -9.58
N ALA A 40 1.42 9.58 -8.67
CA ALA A 40 2.88 9.65 -8.64
C ALA A 40 3.39 9.52 -7.22
N ALA A 41 4.54 8.85 -7.06
CA ALA A 41 5.13 8.62 -5.75
C ALA A 41 6.65 8.65 -5.82
N THR A 42 7.28 9.15 -4.76
CA THR A 42 8.72 9.02 -4.59
C THR A 42 9.05 8.36 -3.27
N VAL A 43 9.94 7.36 -3.31
CA VAL A 43 10.20 6.51 -2.16
C VAL A 43 11.70 6.36 -1.93
N ASP A 44 12.11 6.53 -0.67
CA ASP A 44 13.44 6.10 -0.24
C ASP A 44 13.36 4.80 0.54
N LEU A 45 13.79 3.71 -0.08
CA LEU A 45 13.58 2.37 0.46
C LEU A 45 14.62 2.06 1.55
N ARG A 46 14.35 2.53 2.76
CA ARG A 46 15.24 2.28 3.89
C ARG A 46 14.55 2.59 5.21
N GLU A 47 15.06 2.03 6.30
CA GLU A 47 14.66 2.44 7.64
C GLU A 47 15.02 3.89 7.89
N GLY A 48 14.03 4.69 8.26
CA GLY A 48 14.24 6.12 8.45
C GLY A 48 14.03 6.90 7.18
N GLY A 49 13.82 6.20 6.06
CA GLY A 49 13.68 6.86 4.78
C GLY A 49 12.35 7.57 4.64
N ALA A 50 12.30 8.54 3.74
CA ALA A 50 11.09 9.31 3.51
C ALA A 50 10.30 8.78 2.32
N PHE A 51 8.98 8.88 2.39
CA PHE A 51 8.12 8.55 1.26
C PHE A 51 7.08 9.63 1.04
N SER A 52 6.76 9.90 -0.23
CA SER A 52 5.77 10.90 -0.58
C SER A 52 4.89 10.43 -1.73
N SER A 53 3.58 10.54 -1.56
CA SER A 53 2.63 10.13 -2.58
C SER A 53 1.72 11.28 -2.98
N ARG A 54 1.74 11.63 -4.26
CA ARG A 54 0.92 12.72 -4.77
C ARG A 54 -0.15 12.20 -5.73
N MET A 55 -1.41 12.47 -5.40
CA MET A 55 -2.52 12.07 -6.25
C MET A 55 -3.18 13.29 -6.88
N GLU A 56 -3.46 13.20 -8.18
CA GLU A 56 -4.13 14.29 -8.89
C GLU A 56 -5.28 13.76 -9.74
N ALA A 57 -6.33 14.57 -9.87
CA ALA A 57 -7.35 14.32 -10.89
C ALA A 57 -6.99 15.02 -12.19
N LYS A 58 -7.11 14.30 -13.30
CA LYS A 58 -6.78 14.84 -14.61
C LYS A 58 -7.71 15.98 -14.99
N ASP A 59 -8.88 16.00 -14.39
CA ASP A 59 -9.86 17.07 -14.61
C ASP A 59 -9.58 18.25 -13.67
N GLY A 60 -8.56 18.10 -12.83
CA GLY A 60 -8.10 19.22 -12.03
C GLY A 60 -9.09 19.60 -10.93
N SER A 61 -9.99 18.69 -10.63
CA SER A 61 -11.07 18.97 -9.68
C SER A 61 -10.59 18.83 -8.25
N MET A 62 -9.55 18.01 -8.06
CA MET A 62 -9.06 17.70 -6.72
C MET A 62 -7.66 17.09 -6.78
N GLY A 63 -6.95 17.15 -5.66
CA GLY A 63 -5.73 16.36 -5.51
C GLY A 63 -5.31 16.22 -4.07
N PHE A 64 -4.49 15.21 -3.80
CA PHE A 64 -4.07 14.91 -2.43
C PHE A 64 -2.55 14.79 -2.34
N ASP A 65 -2.00 15.21 -1.21
CA ASP A 65 -0.56 15.11 -0.98
C ASP A 65 -0.28 14.44 0.36
N PHE A 66 0.35 13.28 0.32
CA PHE A 66 0.70 12.54 1.53
C PHE A 66 2.22 12.39 1.67
N ALA A 67 2.73 12.64 2.87
CA ALA A 67 4.15 12.51 3.13
C ALA A 67 4.40 11.91 4.51
N GLY A 68 5.45 11.11 4.63
CA GLY A 68 5.79 10.51 5.91
C GLY A 68 7.17 9.87 5.89
N THR A 69 7.59 9.34 7.04
CA THR A 69 8.89 8.70 7.16
C THR A 69 8.76 7.30 7.77
N TYR A 70 9.72 6.45 7.47
CA TYR A 70 9.78 5.11 8.07
C TYR A 70 10.36 5.18 9.48
N THR A 71 9.87 4.31 10.36
CA THR A 71 10.38 4.23 11.72
C THR A 71 11.13 2.93 11.95
N LYS A 72 10.77 1.90 11.20
CA LYS A 72 11.39 0.59 11.34
C LYS A 72 11.25 -0.22 10.05
N VAL A 73 12.36 -0.80 9.59
CA VAL A 73 12.32 -1.73 8.47
C VAL A 73 13.26 -2.90 8.71
N VAL A 74 12.71 -4.11 8.64
CA VAL A 74 13.46 -5.32 8.96
C VAL A 74 13.30 -6.37 7.86
N GLU A 75 14.42 -6.75 7.25
CA GLU A 75 14.44 -7.88 6.33
C GLU A 75 13.28 -7.81 5.34
N ASN A 76 12.92 -6.58 4.95
CA ASN A 76 11.84 -6.37 4.01
C ASN A 76 10.60 -7.15 4.43
N LYS A 77 10.36 -7.24 5.73
CA LYS A 77 9.43 -8.22 6.28
C LYS A 77 8.62 -7.61 7.43
N ARG A 78 9.24 -6.68 8.15
CA ARG A 78 8.54 -5.90 9.15
C ARG A 78 8.78 -4.40 8.95
N ILE A 79 7.73 -3.68 8.57
CA ILE A 79 7.85 -2.28 8.23
C ILE A 79 6.84 -1.43 8.99
N GLU A 80 7.33 -0.43 9.71
CA GLU A 80 6.47 0.56 10.36
C GLU A 80 6.68 1.94 9.76
N TYR A 81 5.58 2.58 9.38
CA TYR A 81 5.65 3.81 8.59
C TYR A 81 4.64 4.84 9.08
N ALA A 82 5.02 6.10 9.01
CA ALA A 82 4.14 7.20 9.43
C ALA A 82 3.85 8.14 8.27
N PHE A 83 2.62 8.63 8.20
CA PHE A 83 2.23 9.58 7.17
C PHE A 83 1.19 10.56 7.71
N GLY A 84 1.41 11.85 7.47
CA GLY A 84 0.51 12.86 7.97
C GLY A 84 0.37 12.81 9.48
N ASP A 85 -0.86 12.62 9.96
CA ASP A 85 -1.11 12.40 11.37
C ASP A 85 -1.63 10.98 11.62
N ARG A 86 -1.31 10.08 10.70
CA ARG A 86 -1.69 8.67 10.85
C ARG A 86 -0.49 7.76 10.64
N THR A 87 -0.62 6.52 11.10
CA THR A 87 0.45 5.54 10.98
C THR A 87 -0.06 4.22 10.41
N ALA A 88 0.86 3.44 9.85
CA ALA A 88 0.51 2.11 9.36
C ALA A 88 1.72 1.17 9.45
N LYS A 89 1.44 -0.13 9.57
CA LYS A 89 2.49 -1.13 9.68
C LYS A 89 2.25 -2.28 8.71
N VAL A 90 3.28 -2.63 7.94
CA VAL A 90 3.17 -3.72 6.97
C VAL A 90 4.01 -4.91 7.41
N GLU A 91 3.39 -6.09 7.44
CA GLU A 91 4.07 -7.31 7.84
C GLU A 91 3.95 -8.39 6.77
N PHE A 92 5.01 -9.16 6.59
CA PHE A 92 5.02 -10.23 5.60
C PHE A 92 5.18 -11.59 6.27
N LEU A 93 4.32 -12.54 5.91
CA LEU A 93 4.46 -13.91 6.36
C LEU A 93 4.73 -14.84 5.18
N GLU A 94 5.84 -15.58 5.25
CA GLU A 94 6.22 -16.49 4.18
C GLU A 94 5.43 -17.80 4.29
N ALA A 95 4.65 -18.10 3.25
CA ALA A 95 3.89 -19.35 3.20
C ALA A 95 4.44 -20.27 2.12
N PRO A 96 4.16 -21.59 2.27
CA PRO A 96 4.55 -22.60 1.28
C PRO A 96 3.81 -22.43 -0.04
N GLN A 97 2.62 -21.83 0.02
CA GLN A 97 1.79 -21.66 -1.16
C GLN A 97 1.97 -20.27 -1.76
N GLY A 98 2.46 -19.34 -0.96
CA GLY A 98 2.56 -17.96 -1.39
C GLY A 98 3.08 -17.05 -0.28
N VAL A 99 2.87 -15.75 -0.47
CA VAL A 99 3.23 -14.77 0.56
C VAL A 99 2.00 -14.08 1.11
N THR A 100 1.86 -14.09 2.44
CA THR A 100 0.72 -13.45 3.09
C THR A 100 1.09 -12.05 3.58
N VAL A 101 0.33 -11.06 3.13
CA VAL A 101 0.63 -9.66 3.47
C VAL A 101 -0.43 -9.09 4.41
N ARG A 102 0.02 -8.62 5.57
CA ARG A 102 -0.88 -8.04 6.55
C ARG A 102 -0.55 -6.57 6.80
N VAL A 103 -1.54 -5.70 6.62
CA VAL A 103 -1.34 -4.27 6.81
C VAL A 103 -2.33 -3.72 7.84
N SER A 104 -1.79 -3.09 8.89
CA SER A 104 -2.63 -2.51 9.93
C SER A 104 -2.36 -1.01 10.08
N PHE A 105 -3.42 -0.23 10.11
CA PHE A 105 -3.30 1.23 10.05
C PHE A 105 -4.30 1.89 11.00
N VAL A 106 -4.03 3.15 11.33
CA VAL A 106 -4.96 3.93 12.16
C VAL A 106 -6.08 4.51 11.31
N ALA A 107 -7.32 4.28 11.75
CA ALA A 107 -8.49 4.72 11.00
C ALA A 107 -8.67 6.23 11.12
N GLU A 108 -9.14 6.85 10.03
CA GLU A 108 -9.42 8.28 10.04
C GLU A 108 -10.74 8.58 10.76
N THR A 109 -10.68 9.46 11.74
CA THR A 109 -11.85 9.80 12.55
C THR A 109 -12.90 10.51 11.70
N GLU A 110 -12.46 11.11 10.60
CA GLU A 110 -13.37 11.84 9.71
C GLU A 110 -14.25 10.87 8.93
N TYR A 111 -13.86 9.59 8.93
CA TYR A 111 -14.60 8.58 8.19
C TYR A 111 -14.93 7.39 9.10
N PRO A 112 -16.04 6.71 8.79
CA PRO A 112 -16.45 5.49 9.50
C PRO A 112 -15.48 4.33 9.29
N VAL A 113 -15.34 3.50 10.30
CA VAL A 113 -14.39 2.38 10.25
C VAL A 113 -14.68 1.49 9.05
N GLU A 114 -15.95 1.42 8.65
CA GLU A 114 -16.34 0.64 7.48
C GLU A 114 -15.72 1.20 6.22
N GLN A 115 -15.70 2.52 6.11
CA GLN A 115 -15.14 3.18 4.94
C GLN A 115 -13.63 2.94 4.84
N GLN A 116 -12.95 2.97 5.98
CA GLN A 116 -11.51 2.76 6.01
C GLN A 116 -11.16 1.31 5.71
N GLN A 117 -11.92 0.39 6.31
CA GLN A 117 -11.69 -1.03 6.09
C GLN A 117 -11.92 -1.41 4.62
N GLN A 118 -13.05 -1.00 4.08
CA GLN A 118 -13.40 -1.32 2.70
C GLN A 118 -12.48 -0.60 1.73
N GLY A 119 -12.10 0.63 2.07
CA GLY A 119 -11.20 1.40 1.23
C GLY A 119 -9.84 0.74 1.06
N TRP A 120 -9.27 0.28 2.17
CA TRP A 120 -8.00 -0.42 2.13
C TRP A 120 -8.15 -1.80 1.49
N GLN A 121 -9.30 -2.43 1.71
CA GLN A 121 -9.57 -3.73 1.12
C GLN A 121 -9.66 -3.63 -0.40
N ALA A 122 -10.29 -2.55 -0.89
CA ALA A 122 -10.49 -2.36 -2.32
C ALA A 122 -9.15 -2.20 -3.03
N ILE A 123 -8.27 -1.40 -2.45
CA ILE A 123 -6.95 -1.17 -3.03
C ILE A 123 -6.05 -2.38 -2.81
N LEU A 124 -6.27 -3.09 -1.71
CA LEU A 124 -5.57 -4.34 -1.44
C LEU A 124 -5.97 -5.41 -2.45
N ASN A 125 -7.23 -5.38 -2.87
CA ASN A 125 -7.71 -6.30 -3.90
C ASN A 125 -6.98 -6.07 -5.22
N ASN A 126 -6.73 -4.80 -5.54
CA ASN A 126 -5.92 -4.45 -6.71
C ASN A 126 -4.48 -4.90 -6.52
N PHE A 127 -3.98 -4.75 -5.29
CA PHE A 127 -2.64 -5.24 -4.95
C PHE A 127 -2.54 -6.74 -5.18
N LYS A 128 -3.54 -7.48 -4.69
CA LYS A 128 -3.55 -8.94 -4.83
C LYS A 128 -3.52 -9.35 -6.29
N ARG A 129 -4.39 -8.73 -7.10
CA ARG A 129 -4.50 -9.07 -8.51
C ARG A 129 -3.26 -8.58 -9.27
N HIS A 130 -2.72 -7.45 -8.85
CA HIS A 130 -1.53 -6.89 -9.48
C HIS A 130 -0.33 -7.79 -9.27
N VAL A 131 -0.11 -8.18 -8.02
CA VAL A 131 0.99 -9.08 -7.68
C VAL A 131 0.77 -10.46 -8.27
N GLU A 132 -0.47 -10.93 -8.25
CA GLU A 132 -0.82 -12.22 -8.80
C GLU A 132 -0.33 -12.34 -10.24
N SER A 133 -0.39 -11.24 -10.98
CA SER A 133 -0.07 -11.24 -12.40
C SER A 133 1.43 -11.33 -12.62
N HIS A 134 2.19 -11.27 -11.53
CA HIS A 134 3.65 -11.29 -11.61
C HIS A 134 4.18 -12.72 -11.57
N LEU A 135 3.27 -13.68 -11.41
CA LEU A 135 3.64 -15.09 -11.44
C LEU A 135 2.46 -15.95 -11.86
N GLU A 136 2.63 -16.69 -12.94
CA GLU A 136 1.60 -17.61 -13.41
C GLU A 136 1.70 -18.96 -12.69
N HIS A 137 0.56 -19.59 -12.46
CA HIS A 137 0.52 -20.88 -11.78
C HIS A 137 -0.21 -21.92 -12.62
N HIS A 138 -1.44 -21.61 -13.01
CA HIS A 138 -2.25 -22.53 -13.79
C HIS A 138 -3.39 -21.78 -14.51
N MET A 1 -9.46 3.27 17.27
CA MET A 1 -9.84 2.13 16.44
C MET A 1 -8.68 1.70 15.56
N ASN A 2 -8.26 0.45 15.71
CA ASN A 2 -7.25 -0.12 14.82
C ASN A 2 -7.91 -1.00 13.75
N ILE A 3 -7.59 -0.73 12.49
CA ILE A 3 -8.12 -1.53 11.38
C ILE A 3 -7.03 -2.40 10.77
N THR A 4 -7.32 -3.69 10.64
CA THR A 4 -6.35 -4.65 10.12
C THR A 4 -6.88 -5.35 8.89
N VAL A 5 -6.03 -5.50 7.88
CA VAL A 5 -6.36 -6.28 6.69
C VAL A 5 -5.26 -7.28 6.37
N GLU A 6 -5.62 -8.34 5.64
CA GLU A 6 -4.68 -9.41 5.33
C GLU A 6 -5.01 -10.04 3.98
N THR A 7 -3.96 -10.37 3.23
CA THR A 7 -4.13 -11.00 1.92
C THR A 7 -2.97 -11.94 1.61
N THR A 8 -3.29 -13.09 1.01
CA THR A 8 -2.27 -14.04 0.60
C THR A 8 -2.03 -13.98 -0.90
N VAL A 9 -0.77 -13.76 -1.29
CA VAL A 9 -0.43 -13.56 -2.69
C VAL A 9 0.46 -14.69 -3.21
N ALA A 10 0.09 -15.27 -4.34
CA ALA A 10 0.83 -16.39 -4.91
C ALA A 10 1.99 -15.90 -5.76
N ALA A 11 3.01 -15.36 -5.09
CA ALA A 11 4.20 -14.85 -5.78
C ALA A 11 5.45 -14.97 -4.91
N PRO A 12 6.62 -14.83 -5.53
CA PRO A 12 7.90 -14.91 -4.82
C PRO A 12 8.12 -13.75 -3.87
N VAL A 13 8.84 -13.99 -2.78
CA VAL A 13 8.97 -13.02 -1.71
C VAL A 13 9.58 -11.72 -2.22
N GLY A 14 10.47 -11.83 -3.20
CA GLY A 14 11.11 -10.66 -3.75
C GLY A 14 10.13 -9.72 -4.42
N LYS A 15 9.20 -10.28 -5.18
CA LYS A 15 8.21 -9.47 -5.90
C LYS A 15 7.15 -8.94 -4.94
N VAL A 16 6.76 -9.78 -3.98
CA VAL A 16 5.70 -9.41 -3.05
C VAL A 16 6.16 -8.33 -2.08
N TRP A 17 7.31 -8.56 -1.46
CA TRP A 17 7.79 -7.68 -0.40
C TRP A 17 8.09 -6.29 -0.95
N ARG A 18 8.71 -6.24 -2.12
CA ARG A 18 9.12 -4.97 -2.72
C ARG A 18 7.91 -4.15 -3.15
N ALA A 19 6.83 -4.84 -3.51
CA ALA A 19 5.68 -4.20 -4.12
C ALA A 19 4.87 -3.41 -3.08
N TYR A 20 5.20 -3.62 -1.81
CA TYR A 20 4.42 -3.05 -0.72
C TYR A 20 4.38 -1.52 -0.81
N THR A 21 5.41 -0.95 -1.42
CA THR A 21 5.41 0.46 -1.74
C THR A 21 6.09 0.72 -3.08
N THR A 22 5.44 0.31 -4.16
CA THR A 22 5.88 0.66 -5.51
C THR A 22 4.94 1.67 -6.15
N PRO A 23 5.51 2.76 -6.69
CA PRO A 23 4.74 3.86 -7.26
C PRO A 23 3.97 3.44 -8.51
N GLU A 24 4.55 2.52 -9.27
CA GLU A 24 3.86 1.93 -10.41
C GLU A 24 2.62 1.16 -9.97
N ASP A 25 2.73 0.51 -8.81
CA ASP A 25 1.59 -0.16 -8.21
C ASP A 25 0.60 0.86 -7.64
N ILE A 26 1.12 1.93 -7.08
CA ILE A 26 0.29 2.99 -6.52
C ILE A 26 -0.57 3.65 -7.60
N LYS A 27 -0.04 3.69 -8.82
CA LYS A 27 -0.79 4.19 -9.97
C LYS A 27 -2.06 3.36 -10.17
N GLN A 28 -2.02 2.10 -9.73
CA GLN A 28 -3.21 1.25 -9.75
C GLN A 28 -4.06 1.47 -8.50
N TRP A 29 -3.49 2.13 -7.50
CA TRP A 29 -4.22 2.47 -6.30
C TRP A 29 -4.79 3.88 -6.38
N ASN A 30 -5.00 4.36 -7.60
CA ASN A 30 -5.31 5.76 -7.83
C ASN A 30 -6.67 6.11 -7.24
N ALA A 31 -6.98 7.41 -7.20
CA ALA A 31 -8.15 7.89 -6.49
C ALA A 31 -9.39 7.84 -7.36
N ALA A 32 -9.27 8.35 -8.58
CA ALA A 32 -10.41 8.46 -9.49
C ALA A 32 -10.36 7.39 -10.57
N SER A 33 -9.63 7.66 -11.64
CA SER A 33 -9.55 6.74 -12.78
C SER A 33 -8.20 6.86 -13.47
N ASP A 34 -7.78 5.76 -14.10
CA ASP A 34 -6.46 5.70 -14.73
C ASP A 34 -6.45 6.49 -16.03
N ASP A 35 -7.56 7.13 -16.34
CA ASP A 35 -7.68 7.96 -17.54
C ASP A 35 -7.76 9.44 -17.17
N TRP A 36 -8.49 9.73 -16.09
CA TRP A 36 -8.79 11.12 -15.74
C TRP A 36 -7.98 11.56 -14.53
N HIS A 37 -7.19 10.63 -13.99
CA HIS A 37 -6.43 10.91 -12.77
C HIS A 37 -4.93 10.70 -13.02
N THR A 38 -4.13 11.64 -12.54
CA THR A 38 -2.67 11.51 -12.61
C THR A 38 -2.09 11.10 -11.27
N THR A 39 -1.37 9.98 -11.27
CA THR A 39 -0.76 9.46 -10.04
C THR A 39 0.75 9.30 -10.20
N ALA A 40 1.49 9.82 -9.23
CA ALA A 40 2.93 9.58 -9.17
C ALA A 40 3.42 9.53 -7.72
N ALA A 41 4.41 8.68 -7.47
CA ALA A 41 4.92 8.49 -6.12
C ALA A 41 6.44 8.34 -6.12
N THR A 42 7.08 8.87 -5.08
CA THR A 42 8.51 8.66 -4.88
C THR A 42 8.78 8.12 -3.48
N VAL A 43 9.59 7.05 -3.42
CA VAL A 43 9.82 6.34 -2.17
C VAL A 43 11.30 6.10 -1.94
N ASP A 44 11.75 6.36 -0.72
CA ASP A 44 13.05 5.87 -0.25
C ASP A 44 12.89 4.64 0.63
N LEU A 45 13.21 3.48 0.09
CA LEU A 45 12.93 2.22 0.76
C LEU A 45 13.98 1.92 1.83
N ARG A 46 13.77 2.44 3.02
CA ARG A 46 14.69 2.21 4.13
C ARG A 46 14.06 2.61 5.45
N GLU A 47 14.61 2.10 6.55
CA GLU A 47 14.26 2.58 7.88
C GLU A 47 14.63 4.06 8.04
N GLY A 48 13.64 4.88 8.34
CA GLY A 48 13.86 6.31 8.42
C GLY A 48 13.65 7.01 7.09
N GLY A 49 13.42 6.22 6.04
CA GLY A 49 13.30 6.77 4.71
C GLY A 49 12.00 7.55 4.52
N ALA A 50 12.03 8.54 3.63
CA ALA A 50 10.86 9.38 3.39
C ALA A 50 10.06 8.88 2.20
N PHE A 51 8.75 9.09 2.24
CA PHE A 51 7.88 8.78 1.11
C PHE A 51 6.94 9.95 0.81
N SER A 52 6.69 10.17 -0.47
CA SER A 52 5.75 11.21 -0.89
C SER A 52 4.98 10.79 -2.13
N SER A 53 3.66 10.88 -2.07
CA SER A 53 2.81 10.54 -3.21
C SER A 53 2.02 11.76 -3.68
N ARG A 54 2.13 12.06 -4.97
CA ARG A 54 1.43 13.21 -5.54
C ARG A 54 0.30 12.75 -6.45
N MET A 55 -0.93 13.12 -6.08
CA MET A 55 -2.09 12.80 -6.90
C MET A 55 -2.79 14.07 -7.40
N GLU A 56 -3.19 14.07 -8.66
CA GLU A 56 -3.88 15.21 -9.24
C GLU A 56 -5.03 14.74 -10.14
N ALA A 57 -6.08 15.56 -10.23
CA ALA A 57 -7.11 15.37 -11.24
C ALA A 57 -6.75 16.06 -12.54
N LYS A 58 -6.86 15.34 -13.65
CA LYS A 58 -6.49 15.88 -14.96
C LYS A 58 -7.43 17.01 -15.35
N ASP A 59 -8.60 17.05 -14.74
CA ASP A 59 -9.56 18.13 -15.00
C ASP A 59 -9.25 19.35 -14.14
N GLY A 60 -8.22 19.22 -13.30
CA GLY A 60 -7.70 20.38 -12.59
C GLY A 60 -8.64 20.87 -11.50
N SER A 61 -9.60 20.02 -11.12
CA SER A 61 -10.61 20.39 -10.15
C SER A 61 -10.06 20.29 -8.72
N MET A 62 -9.19 19.33 -8.51
CA MET A 62 -8.67 19.05 -7.18
C MET A 62 -7.37 18.25 -7.25
N GLY A 63 -6.58 18.29 -6.17
CA GLY A 63 -5.45 17.40 -6.04
C GLY A 63 -5.35 16.79 -4.66
N PHE A 64 -4.31 16.00 -4.44
CA PHE A 64 -4.12 15.30 -3.17
C PHE A 64 -2.65 15.09 -2.88
N ASP A 65 -2.23 15.41 -1.67
CA ASP A 65 -0.83 15.31 -1.27
C ASP A 65 -0.67 14.37 -0.08
N PHE A 66 0.06 13.26 -0.29
CA PHE A 66 0.30 12.30 0.77
C PHE A 66 1.79 12.23 1.10
N ALA A 67 2.11 12.33 2.38
CA ALA A 67 3.50 12.31 2.83
C ALA A 67 3.65 11.49 4.11
N GLY A 68 4.79 10.83 4.25
CA GLY A 68 5.06 10.08 5.46
C GLY A 68 6.52 9.63 5.55
N THR A 69 6.88 9.03 6.68
CA THR A 69 8.23 8.53 6.87
C THR A 69 8.22 7.14 7.49
N TYR A 70 9.24 6.34 7.18
CA TYR A 70 9.38 5.01 7.74
C TYR A 70 10.01 5.08 9.13
N THR A 71 9.55 4.20 10.03
CA THR A 71 10.05 4.20 11.40
C THR A 71 10.84 2.93 11.68
N LYS A 72 10.50 1.85 10.99
CA LYS A 72 11.14 0.56 11.21
C LYS A 72 11.10 -0.30 9.95
N VAL A 73 12.23 -0.90 9.60
CA VAL A 73 12.29 -1.87 8.52
C VAL A 73 13.18 -3.05 8.88
N VAL A 74 12.65 -4.26 8.77
CA VAL A 74 13.40 -5.45 9.12
C VAL A 74 13.41 -6.46 7.97
N GLU A 75 14.54 -6.52 7.27
CA GLU A 75 14.75 -7.56 6.26
C GLU A 75 13.55 -7.66 5.33
N ASN A 76 12.87 -6.54 5.13
CA ASN A 76 11.65 -6.53 4.31
C ASN A 76 10.63 -7.53 4.85
N LYS A 77 10.55 -7.64 6.16
CA LYS A 77 9.70 -8.64 6.80
C LYS A 77 8.80 -8.01 7.85
N ARG A 78 9.33 -7.01 8.56
CA ARG A 78 8.53 -6.22 9.48
C ARG A 78 8.80 -4.73 9.28
N ILE A 79 7.78 -3.99 8.87
CA ILE A 79 7.93 -2.60 8.48
C ILE A 79 6.85 -1.73 9.11
N GLU A 80 7.28 -0.64 9.75
CA GLU A 80 6.34 0.32 10.33
C GLU A 80 6.48 1.69 9.69
N TYR A 81 5.37 2.30 9.32
CA TYR A 81 5.37 3.52 8.54
C TYR A 81 4.36 4.53 9.09
N ALA A 82 4.77 5.80 9.12
CA ALA A 82 3.95 6.84 9.73
C ALA A 82 3.58 7.91 8.71
N PHE A 83 2.33 8.35 8.75
CA PHE A 83 1.84 9.34 7.79
C PHE A 83 0.82 10.26 8.44
N GLY A 84 0.98 11.56 8.23
CA GLY A 84 0.04 12.53 8.77
C GLY A 84 -0.09 12.45 10.27
N ASP A 85 -1.31 12.27 10.75
CA ASP A 85 -1.54 12.06 12.18
C ASP A 85 -1.95 10.61 12.46
N ARG A 86 -1.57 9.71 11.56
CA ARG A 86 -1.85 8.30 11.73
C ARG A 86 -0.62 7.45 11.45
N THR A 87 -0.71 6.15 11.74
CA THR A 87 0.40 5.24 11.56
C THR A 87 -0.07 3.87 11.11
N ALA A 88 0.82 3.11 10.47
CA ALA A 88 0.49 1.77 10.01
C ALA A 88 1.70 0.85 10.09
N LYS A 89 1.44 -0.46 10.15
CA LYS A 89 2.51 -1.44 10.16
C LYS A 89 2.17 -2.61 9.25
N VAL A 90 3.12 -2.99 8.38
CA VAL A 90 2.93 -4.10 7.47
C VAL A 90 3.86 -5.27 7.83
N GLU A 91 3.29 -6.47 7.86
CA GLU A 91 4.07 -7.66 8.20
C GLU A 91 4.03 -8.69 7.07
N PHE A 92 5.14 -9.36 6.84
CA PHE A 92 5.25 -10.33 5.75
C PHE A 92 5.51 -11.72 6.28
N LEU A 93 4.67 -12.68 5.88
CA LEU A 93 4.83 -14.07 6.29
C LEU A 93 5.10 -14.96 5.09
N GLU A 94 6.20 -15.71 5.14
CA GLU A 94 6.53 -16.65 4.08
C GLU A 94 5.77 -17.96 4.26
N ALA A 95 4.97 -18.31 3.26
CA ALA A 95 4.20 -19.55 3.29
C ALA A 95 4.62 -20.49 2.17
N PRO A 96 4.37 -21.79 2.36
CA PRO A 96 4.67 -22.81 1.34
C PRO A 96 3.85 -22.62 0.07
N GLN A 97 2.68 -22.02 0.22
CA GLN A 97 1.76 -21.83 -0.89
C GLN A 97 1.91 -20.44 -1.51
N GLY A 98 2.45 -19.51 -0.73
CA GLY A 98 2.55 -18.14 -1.17
C GLY A 98 3.10 -17.21 -0.10
N VAL A 99 2.96 -15.91 -0.30
CA VAL A 99 3.38 -14.93 0.69
C VAL A 99 2.18 -14.17 1.25
N THR A 100 2.05 -14.16 2.57
CA THR A 100 0.91 -13.53 3.22
C THR A 100 1.29 -12.15 3.76
N VAL A 101 0.52 -11.14 3.38
CA VAL A 101 0.79 -9.77 3.80
C VAL A 101 -0.30 -9.24 4.72
N ARG A 102 0.09 -8.78 5.89
CA ARG A 102 -0.85 -8.26 6.86
C ARG A 102 -0.55 -6.80 7.20
N VAL A 103 -1.57 -5.94 7.06
CA VAL A 103 -1.40 -4.52 7.32
C VAL A 103 -2.36 -4.04 8.39
N SER A 104 -1.82 -3.45 9.45
CA SER A 104 -2.64 -2.89 10.52
C SER A 104 -2.35 -1.41 10.71
N PHE A 105 -3.41 -0.60 10.75
CA PHE A 105 -3.27 0.85 10.75
C PHE A 105 -4.33 1.49 11.64
N VAL A 106 -4.08 2.75 12.02
CA VAL A 106 -5.01 3.48 12.87
C VAL A 106 -6.08 4.18 12.05
N ALA A 107 -7.33 4.04 12.45
CA ALA A 107 -8.45 4.56 11.68
C ALA A 107 -8.57 6.07 11.85
N GLU A 108 -9.01 6.74 10.79
CA GLU A 108 -9.28 8.17 10.85
C GLU A 108 -10.67 8.44 11.42
N THR A 109 -10.77 9.42 12.31
CA THR A 109 -12.04 9.77 12.94
C THR A 109 -12.97 10.48 11.96
N GLU A 110 -12.38 11.07 10.92
CA GLU A 110 -13.15 11.81 9.93
C GLU A 110 -13.93 10.86 9.02
N TYR A 111 -13.55 9.59 9.04
CA TYR A 111 -14.21 8.58 8.22
C TYR A 111 -14.63 7.38 9.06
N PRO A 112 -15.72 6.72 8.65
CA PRO A 112 -16.19 5.48 9.28
C PRO A 112 -15.20 4.34 9.13
N VAL A 113 -15.14 3.47 10.13
CA VAL A 113 -14.21 2.36 10.14
C VAL A 113 -14.41 1.47 8.91
N GLU A 114 -15.63 1.45 8.39
CA GLU A 114 -15.94 0.71 7.17
C GLU A 114 -15.19 1.30 5.98
N GLN A 115 -15.16 2.62 5.90
CA GLN A 115 -14.47 3.31 4.82
C GLN A 115 -12.96 3.06 4.89
N GLN A 116 -12.42 3.06 6.11
CA GLN A 116 -11.01 2.82 6.31
C GLN A 116 -10.64 1.39 5.91
N GLN A 117 -11.44 0.43 6.34
CA GLN A 117 -11.19 -0.97 6.03
C GLN A 117 -11.27 -1.23 4.53
N GLN A 118 -12.35 -0.74 3.91
CA GLN A 118 -12.59 -0.97 2.49
C GLN A 118 -11.55 -0.25 1.65
N GLY A 119 -11.14 0.94 2.10
CA GLY A 119 -10.15 1.71 1.36
C GLY A 119 -8.82 0.99 1.26
N TRP A 120 -8.34 0.45 2.38
CA TRP A 120 -7.10 -0.32 2.40
C TRP A 120 -7.29 -1.65 1.67
N GLN A 121 -8.47 -2.24 1.81
CA GLN A 121 -8.78 -3.50 1.14
C GLN A 121 -8.81 -3.31 -0.38
N ALA A 122 -9.30 -2.17 -0.82
CA ALA A 122 -9.43 -1.89 -2.25
C ALA A 122 -8.07 -1.88 -2.92
N ILE A 123 -7.10 -1.21 -2.30
CA ILE A 123 -5.74 -1.14 -2.83
C ILE A 123 -5.00 -2.44 -2.58
N LEU A 124 -5.40 -3.16 -1.53
CA LEU A 124 -4.85 -4.48 -1.25
C LEU A 124 -5.30 -5.49 -2.29
N ASN A 125 -6.53 -5.32 -2.77
CA ASN A 125 -7.06 -6.19 -3.82
C ASN A 125 -6.28 -6.03 -5.12
N ASN A 126 -5.95 -4.78 -5.46
CA ASN A 126 -5.12 -4.51 -6.62
C ASN A 126 -3.69 -5.01 -6.39
N PHE A 127 -3.21 -4.89 -5.16
CA PHE A 127 -1.92 -5.45 -4.79
C PHE A 127 -1.87 -6.95 -5.06
N LYS A 128 -2.88 -7.65 -4.60
CA LYS A 128 -2.96 -9.10 -4.79
C LYS A 128 -3.02 -9.46 -6.27
N ARG A 129 -3.97 -8.84 -6.97
CA ARG A 129 -4.25 -9.22 -8.36
C ARG A 129 -3.05 -8.91 -9.26
N HIS A 130 -2.37 -7.81 -8.96
CA HIS A 130 -1.21 -7.38 -9.76
C HIS A 130 -0.03 -8.31 -9.51
N VAL A 131 0.34 -8.47 -8.24
CA VAL A 131 1.56 -9.18 -7.89
C VAL A 131 1.42 -10.68 -8.13
N GLU A 132 0.24 -11.23 -7.80
CA GLU A 132 0.00 -12.65 -7.93
C GLU A 132 0.25 -13.11 -9.37
N SER A 133 -0.03 -12.22 -10.32
CA SER A 133 0.06 -12.58 -11.74
C SER A 133 1.51 -12.69 -12.18
N HIS A 134 2.43 -12.38 -11.28
CA HIS A 134 3.85 -12.42 -11.59
C HIS A 134 4.44 -13.78 -11.29
N LEU A 135 3.58 -14.75 -10.96
CA LEU A 135 4.00 -16.13 -10.78
C LEU A 135 2.89 -17.09 -11.21
N GLU A 136 3.17 -17.86 -12.26
CA GLU A 136 2.20 -18.83 -12.76
C GLU A 136 2.25 -20.13 -11.96
N HIS A 137 1.10 -20.78 -11.82
CA HIS A 137 1.03 -22.05 -11.12
C HIS A 137 0.28 -23.09 -11.94
N HIS A 138 -0.77 -22.66 -12.63
CA HIS A 138 -1.58 -23.55 -13.44
C HIS A 138 -1.69 -23.04 -14.87
N MET A 1 -9.45 4.12 16.46
CA MET A 1 -9.81 2.89 15.78
C MET A 1 -8.66 2.39 14.91
N ASN A 2 -8.18 1.18 15.20
CA ASN A 2 -7.19 0.53 14.36
C ASN A 2 -7.85 -0.43 13.38
N ILE A 3 -7.52 -0.30 12.10
CA ILE A 3 -8.05 -1.18 11.08
C ILE A 3 -6.99 -2.15 10.56
N THR A 4 -7.35 -3.43 10.50
CA THR A 4 -6.45 -4.45 10.00
C THR A 4 -7.00 -5.11 8.74
N VAL A 5 -6.17 -5.23 7.71
CA VAL A 5 -6.55 -5.90 6.49
C VAL A 5 -5.48 -6.90 6.05
N GLU A 6 -5.88 -7.90 5.28
CA GLU A 6 -4.97 -8.97 4.86
C GLU A 6 -5.22 -9.34 3.40
N THR A 7 -4.13 -9.66 2.70
CA THR A 7 -4.23 -10.25 1.37
C THR A 7 -3.13 -11.28 1.14
N THR A 8 -3.51 -12.45 0.64
CA THR A 8 -2.56 -13.53 0.40
C THR A 8 -2.23 -13.65 -1.09
N VAL A 9 -0.95 -13.52 -1.41
CA VAL A 9 -0.51 -13.51 -2.81
C VAL A 9 0.48 -14.64 -3.07
N ALA A 10 0.44 -15.18 -4.29
CA ALA A 10 1.38 -16.21 -4.69
C ALA A 10 2.69 -15.62 -5.20
N ALA A 11 3.52 -15.16 -4.28
CA ALA A 11 4.81 -14.57 -4.64
C ALA A 11 5.78 -14.62 -3.46
N PRO A 12 7.08 -14.68 -3.78
CA PRO A 12 8.14 -14.74 -2.75
C PRO A 12 8.22 -13.46 -1.93
N VAL A 13 8.61 -13.62 -0.67
CA VAL A 13 8.51 -12.53 0.30
C VAL A 13 9.29 -11.30 -0.18
N GLY A 14 10.46 -11.54 -0.76
CA GLY A 14 11.30 -10.45 -1.19
C GLY A 14 10.65 -9.60 -2.26
N LYS A 15 10.08 -10.24 -3.26
CA LYS A 15 9.40 -9.54 -4.34
C LYS A 15 8.13 -8.85 -3.84
N VAL A 16 7.42 -9.53 -2.94
CA VAL A 16 6.20 -8.98 -2.36
C VAL A 16 6.48 -7.70 -1.58
N TRP A 17 7.52 -7.74 -0.75
CA TRP A 17 7.91 -6.57 0.03
C TRP A 17 8.34 -5.43 -0.87
N ARG A 18 9.15 -5.74 -1.88
CA ARG A 18 9.66 -4.74 -2.81
C ARG A 18 8.53 -4.11 -3.60
N ALA A 19 7.58 -4.94 -4.03
CA ALA A 19 6.44 -4.47 -4.81
C ALA A 19 5.53 -3.57 -3.97
N TYR A 20 5.42 -3.90 -2.69
CA TYR A 20 4.56 -3.14 -1.78
C TYR A 20 5.11 -1.73 -1.58
N THR A 21 6.41 -1.57 -1.74
CA THR A 21 7.08 -0.30 -1.48
C THR A 21 7.66 0.29 -2.75
N THR A 22 7.17 -0.17 -3.90
CA THR A 22 7.51 0.43 -5.18
C THR A 22 6.49 1.49 -5.59
N PRO A 23 6.97 2.71 -5.83
CA PRO A 23 6.10 3.86 -6.15
C PRO A 23 5.35 3.67 -7.46
N GLU A 24 6.03 3.08 -8.45
CA GLU A 24 5.40 2.77 -9.73
C GLU A 24 4.24 1.80 -9.55
N ASP A 25 4.38 0.88 -8.61
CA ASP A 25 3.32 -0.08 -8.31
C ASP A 25 2.22 0.57 -7.48
N ILE A 26 2.61 1.31 -6.45
CA ILE A 26 1.66 1.87 -5.50
C ILE A 26 0.67 2.80 -6.20
N LYS A 27 1.19 3.66 -7.07
CA LYS A 27 0.37 4.68 -7.73
C LYS A 27 -0.71 4.03 -8.59
N GLN A 28 -0.50 2.77 -8.94
CA GLN A 28 -1.44 2.04 -9.78
C GLN A 28 -2.52 1.36 -8.95
N TRP A 29 -2.17 1.03 -7.71
CA TRP A 29 -3.04 0.22 -6.86
C TRP A 29 -4.10 1.07 -6.17
N ASN A 30 -3.97 2.39 -6.32
CA ASN A 30 -4.96 3.32 -5.77
C ASN A 30 -6.37 2.77 -5.95
N ALA A 31 -7.17 2.85 -4.89
CA ALA A 31 -8.43 2.13 -4.83
C ALA A 31 -9.50 2.84 -5.65
N ALA A 32 -9.24 4.09 -6.01
CA ALA A 32 -10.22 4.91 -6.70
C ALA A 32 -10.17 4.67 -8.20
N SER A 33 -10.85 5.53 -8.95
CA SER A 33 -11.02 5.33 -10.39
C SER A 33 -9.72 5.63 -11.14
N ASP A 34 -9.52 4.96 -12.26
CA ASP A 34 -8.42 5.28 -13.17
C ASP A 34 -8.80 6.45 -14.08
N ASP A 35 -10.01 6.96 -13.91
CA ASP A 35 -10.57 7.92 -14.85
C ASP A 35 -10.59 9.32 -14.24
N TRP A 36 -11.18 9.45 -13.06
CA TRP A 36 -11.38 10.75 -12.43
C TRP A 36 -10.32 11.01 -11.37
N HIS A 37 -9.31 10.14 -11.32
CA HIS A 37 -8.22 10.30 -10.37
C HIS A 37 -6.87 10.06 -11.05
N THR A 38 -5.94 10.99 -10.89
CA THR A 38 -4.58 10.80 -11.33
C THR A 38 -3.63 10.64 -10.13
N THR A 39 -2.78 9.62 -10.19
CA THR A 39 -1.96 9.24 -9.04
C THR A 39 -0.49 9.12 -9.43
N ALA A 40 0.38 9.64 -8.58
CA ALA A 40 1.81 9.42 -8.73
C ALA A 40 2.49 9.32 -7.37
N ALA A 41 3.50 8.46 -7.27
CA ALA A 41 4.16 8.19 -5.99
C ALA A 41 5.68 8.20 -6.15
N THR A 42 6.38 8.61 -5.09
CA THR A 42 7.81 8.38 -5.00
C THR A 42 8.20 7.88 -3.62
N VAL A 43 8.99 6.81 -3.58
CA VAL A 43 9.36 6.17 -2.32
C VAL A 43 10.87 6.01 -2.21
N ASP A 44 11.42 6.45 -1.08
CA ASP A 44 12.81 6.15 -0.73
C ASP A 44 12.91 4.87 0.07
N LEU A 45 13.56 3.86 -0.50
CA LEU A 45 13.60 2.53 0.10
C LEU A 45 14.72 2.44 1.14
N ARG A 46 14.41 2.84 2.36
CA ARG A 46 15.35 2.68 3.48
C ARG A 46 14.64 2.91 4.81
N GLU A 47 15.19 2.31 5.86
CA GLU A 47 14.73 2.60 7.22
C GLU A 47 15.02 4.06 7.60
N GLY A 48 13.96 4.78 7.95
CA GLY A 48 14.08 6.22 8.15
C GLY A 48 13.81 7.01 6.89
N GLY A 49 13.69 6.30 5.77
CA GLY A 49 13.48 6.97 4.49
C GLY A 49 12.09 7.55 4.37
N ALA A 50 11.95 8.57 3.53
CA ALA A 50 10.67 9.25 3.34
C ALA A 50 9.96 8.73 2.09
N PHE A 51 8.64 8.85 2.08
CA PHE A 51 7.86 8.53 0.90
C PHE A 51 6.69 9.49 0.73
N SER A 52 6.22 9.65 -0.50
CA SER A 52 5.19 10.64 -0.81
C SER A 52 4.34 10.19 -1.99
N SER A 53 3.06 10.54 -1.96
CA SER A 53 2.15 10.25 -3.07
C SER A 53 1.25 11.44 -3.37
N ARG A 54 1.23 11.87 -4.62
CA ARG A 54 0.40 12.99 -5.04
C ARG A 54 -0.83 12.49 -5.80
N MET A 55 -2.01 12.87 -5.33
CA MET A 55 -3.26 12.53 -6.00
C MET A 55 -4.02 13.78 -6.42
N GLU A 56 -4.53 13.78 -7.65
CA GLU A 56 -5.33 14.89 -8.15
C GLU A 56 -6.63 14.39 -8.77
N ALA A 57 -7.68 15.19 -8.67
CA ALA A 57 -8.93 14.92 -9.37
C ALA A 57 -8.82 15.32 -10.84
N LYS A 58 -9.33 14.46 -11.72
CA LYS A 58 -9.25 14.68 -13.16
C LYS A 58 -9.95 15.98 -13.53
N ASP A 59 -11.00 16.32 -12.79
CA ASP A 59 -11.80 17.51 -13.09
C ASP A 59 -11.13 18.76 -12.52
N GLY A 60 -10.01 18.56 -11.82
CA GLY A 60 -9.17 19.68 -11.45
C GLY A 60 -9.73 20.49 -10.31
N SER A 61 -10.71 19.92 -9.61
CA SER A 61 -11.42 20.64 -8.56
C SER A 61 -10.64 20.58 -7.24
N MET A 62 -9.90 19.49 -7.05
CA MET A 62 -9.23 19.24 -5.79
C MET A 62 -8.02 18.33 -5.97
N GLY A 63 -7.13 18.32 -4.99
CA GLY A 63 -6.06 17.35 -4.97
C GLY A 63 -5.34 17.30 -3.64
N PHE A 64 -4.67 16.18 -3.35
CA PHE A 64 -4.11 15.95 -2.03
C PHE A 64 -2.64 15.51 -2.15
N ASP A 65 -1.81 16.02 -1.25
CA ASP A 65 -0.43 15.58 -1.15
C ASP A 65 -0.23 14.69 0.08
N PHE A 66 0.19 13.45 -0.15
CA PHE A 66 0.34 12.47 0.93
C PHE A 66 1.81 12.21 1.24
N ALA A 67 2.13 12.16 2.52
CA ALA A 67 3.53 12.03 2.95
C ALA A 67 3.64 11.10 4.14
N GLY A 68 4.76 10.36 4.21
CA GLY A 68 5.03 9.54 5.38
C GLY A 68 6.51 9.20 5.50
N THR A 69 6.89 8.64 6.64
CA THR A 69 8.28 8.28 6.90
C THR A 69 8.39 6.88 7.47
N TYR A 70 9.42 6.15 7.04
CA TYR A 70 9.65 4.79 7.51
C TYR A 70 10.35 4.79 8.86
N THR A 71 9.99 3.84 9.72
CA THR A 71 10.55 3.76 11.06
C THR A 71 11.41 2.51 11.22
N LYS A 72 10.99 1.42 10.58
CA LYS A 72 11.57 0.10 10.83
C LYS A 72 11.44 -0.79 9.62
N VAL A 73 12.52 -1.50 9.28
CA VAL A 73 12.47 -2.55 8.26
C VAL A 73 13.27 -3.76 8.69
N VAL A 74 12.64 -4.93 8.65
CA VAL A 74 13.26 -6.16 9.13
C VAL A 74 13.14 -7.27 8.08
N GLU A 75 14.28 -7.87 7.73
CA GLU A 75 14.29 -9.04 6.86
C GLU A 75 13.40 -8.82 5.65
N ASN A 76 13.32 -7.57 5.18
CA ASN A 76 12.39 -7.20 4.13
C ASN A 76 11.04 -7.88 4.33
N LYS A 77 10.53 -7.83 5.55
CA LYS A 77 9.51 -8.76 6.01
C LYS A 77 8.62 -8.13 7.07
N ARG A 78 9.18 -7.18 7.81
CA ARG A 78 8.41 -6.43 8.79
C ARG A 78 8.76 -4.94 8.75
N ILE A 79 7.76 -4.12 8.49
CA ILE A 79 8.00 -2.73 8.11
C ILE A 79 6.97 -1.80 8.74
N GLU A 80 7.44 -0.78 9.44
CA GLU A 80 6.56 0.19 10.09
C GLU A 80 6.85 1.61 9.62
N TYR A 81 5.79 2.39 9.43
CA TYR A 81 5.93 3.76 8.96
C TYR A 81 4.83 4.65 9.53
N ALA A 82 5.04 5.96 9.47
CA ALA A 82 4.08 6.92 10.01
C ALA A 82 3.54 7.81 8.90
N PHE A 83 2.22 7.99 8.87
CA PHE A 83 1.56 8.66 7.76
C PHE A 83 0.74 9.85 8.26
N GLY A 84 1.29 11.06 8.05
CA GLY A 84 0.62 12.25 8.52
C GLY A 84 0.57 12.34 10.03
N ASP A 85 -0.63 12.45 10.59
CA ASP A 85 -0.81 12.40 12.03
C ASP A 85 -1.21 10.99 12.48
N ARG A 86 -1.08 10.03 11.57
CA ARG A 86 -1.45 8.65 11.87
C ARG A 86 -0.25 7.72 11.70
N THR A 87 -0.41 6.48 12.13
CA THR A 87 0.64 5.48 12.01
C THR A 87 0.11 4.20 11.38
N ALA A 88 1.01 3.41 10.78
CA ALA A 88 0.65 2.12 10.24
C ALA A 88 1.81 1.13 10.37
N LYS A 89 1.49 -0.15 10.55
CA LYS A 89 2.50 -1.19 10.65
C LYS A 89 2.15 -2.39 9.77
N VAL A 90 3.09 -2.80 8.93
CA VAL A 90 2.85 -3.86 7.97
C VAL A 90 3.78 -5.04 8.22
N GLU A 91 3.21 -6.25 8.17
CA GLU A 91 4.00 -7.46 8.36
C GLU A 91 3.74 -8.46 7.23
N PHE A 92 4.78 -9.21 6.87
CA PHE A 92 4.68 -10.20 5.80
C PHE A 92 4.96 -11.60 6.33
N LEU A 93 4.04 -12.52 6.08
CA LEU A 93 4.14 -13.87 6.62
C LEU A 93 4.36 -14.89 5.50
N GLU A 94 5.40 -15.69 5.63
CA GLU A 94 5.69 -16.75 4.66
C GLU A 94 4.81 -17.96 4.91
N ALA A 95 4.00 -18.31 3.91
CA ALA A 95 3.15 -19.49 3.99
C ALA A 95 3.59 -20.56 2.99
N PRO A 96 3.20 -21.81 3.26
CA PRO A 96 3.51 -22.94 2.37
C PRO A 96 2.86 -22.79 1.00
N GLN A 97 1.73 -22.10 0.95
CA GLN A 97 0.97 -21.96 -0.28
C GLN A 97 1.20 -20.59 -0.92
N GLY A 98 1.82 -19.69 -0.17
CA GLY A 98 2.00 -18.34 -0.64
C GLY A 98 2.57 -17.41 0.43
N VAL A 99 2.53 -16.12 0.17
CA VAL A 99 2.91 -15.12 1.16
C VAL A 99 1.76 -14.21 1.52
N THR A 100 1.52 -14.03 2.82
CA THR A 100 0.38 -13.26 3.29
C THR A 100 0.83 -11.86 3.72
N VAL A 101 0.10 -10.84 3.25
CA VAL A 101 0.42 -9.46 3.58
C VAL A 101 -0.59 -8.87 4.55
N ARG A 102 -0.11 -8.48 5.73
CA ARG A 102 -0.97 -7.92 6.76
C ARG A 102 -0.68 -6.45 7.00
N VAL A 103 -1.69 -5.61 6.80
CA VAL A 103 -1.54 -4.17 7.02
C VAL A 103 -2.47 -3.68 8.12
N SER A 104 -1.88 -3.08 9.15
CA SER A 104 -2.66 -2.43 10.21
C SER A 104 -2.39 -0.94 10.23
N PHE A 105 -3.46 -0.15 10.23
CA PHE A 105 -3.35 1.30 10.13
C PHE A 105 -4.42 2.00 10.96
N VAL A 106 -4.17 3.25 11.31
CA VAL A 106 -5.14 4.04 12.06
C VAL A 106 -6.21 4.62 11.15
N ALA A 107 -7.46 4.52 11.58
CA ALA A 107 -8.58 4.98 10.77
C ALA A 107 -8.59 6.51 10.68
N GLU A 108 -8.88 7.02 9.48
CA GLU A 108 -8.99 8.45 9.27
C GLU A 108 -10.36 8.97 9.71
N THR A 109 -10.36 9.93 10.63
CA THR A 109 -11.60 10.40 11.24
C THR A 109 -12.48 11.10 10.22
N GLU A 110 -11.86 11.62 9.17
CA GLU A 110 -12.59 12.36 8.14
C GLU A 110 -13.41 11.42 7.27
N TYR A 111 -13.06 10.14 7.30
CA TYR A 111 -13.72 9.14 6.47
C TYR A 111 -14.23 7.98 7.32
N PRO A 112 -15.28 7.30 6.83
CA PRO A 112 -15.86 6.14 7.51
C PRO A 112 -14.82 5.05 7.76
N VAL A 113 -14.93 4.40 8.93
CA VAL A 113 -14.06 3.28 9.26
C VAL A 113 -14.15 2.18 8.21
N GLU A 114 -15.38 1.85 7.80
CA GLU A 114 -15.60 0.82 6.80
C GLU A 114 -14.99 1.23 5.46
N GLN A 115 -15.11 2.51 5.13
CA GLN A 115 -14.60 3.01 3.86
C GLN A 115 -13.09 2.90 3.79
N GLN A 116 -12.42 3.19 4.90
CA GLN A 116 -10.97 3.10 4.97
C GLN A 116 -10.51 1.65 4.92
N GLN A 117 -11.24 0.77 5.61
CA GLN A 117 -10.95 -0.65 5.59
C GLN A 117 -11.02 -1.21 4.17
N GLN A 118 -12.11 -0.91 3.49
CA GLN A 118 -12.33 -1.42 2.13
C GLN A 118 -11.31 -0.83 1.16
N GLY A 119 -10.99 0.44 1.36
CA GLY A 119 -10.03 1.10 0.48
C GLY A 119 -8.65 0.46 0.54
N TRP A 120 -8.17 0.22 1.76
CA TRP A 120 -6.86 -0.38 1.94
C TRP A 120 -6.85 -1.82 1.43
N GLN A 121 -7.95 -2.53 1.63
CA GLN A 121 -8.10 -3.88 1.12
C GLN A 121 -8.09 -3.89 -0.41
N ALA A 122 -8.77 -2.91 -1.01
CA ALA A 122 -8.83 -2.80 -2.46
C ALA A 122 -7.45 -2.53 -3.04
N ILE A 123 -6.65 -1.73 -2.34
CA ILE A 123 -5.29 -1.47 -2.74
C ILE A 123 -4.45 -2.74 -2.72
N LEU A 124 -4.59 -3.52 -1.65
CA LEU A 124 -3.91 -4.81 -1.53
C LEU A 124 -4.47 -5.80 -2.54
N ASN A 125 -5.76 -5.67 -2.85
CA ASN A 125 -6.40 -6.50 -3.85
C ASN A 125 -5.81 -6.24 -5.24
N ASN A 126 -5.52 -4.97 -5.52
CA ASN A 126 -4.82 -4.60 -6.75
C ASN A 126 -3.40 -5.15 -6.73
N PHE A 127 -2.78 -5.16 -5.55
CA PHE A 127 -1.47 -5.78 -5.39
C PHE A 127 -1.52 -7.26 -5.73
N LYS A 128 -2.58 -7.94 -5.28
CA LYS A 128 -2.77 -9.35 -5.60
C LYS A 128 -2.87 -9.56 -7.10
N ARG A 129 -3.65 -8.72 -7.77
CA ARG A 129 -3.81 -8.79 -9.21
C ARG A 129 -2.48 -8.54 -9.91
N HIS A 130 -1.68 -7.65 -9.34
CA HIS A 130 -0.34 -7.39 -9.86
C HIS A 130 0.53 -8.65 -9.80
N VAL A 131 0.47 -9.34 -8.67
CA VAL A 131 1.19 -10.60 -8.51
C VAL A 131 0.70 -11.65 -9.51
N GLU A 132 -0.62 -11.68 -9.71
CA GLU A 132 -1.21 -12.66 -10.61
C GLU A 132 -0.70 -12.47 -12.04
N SER A 133 -0.37 -11.23 -12.39
CA SER A 133 0.13 -10.91 -13.72
C SER A 133 1.57 -11.38 -13.87
N HIS A 134 2.22 -11.67 -12.75
CA HIS A 134 3.59 -12.16 -12.75
C HIS A 134 3.62 -13.69 -12.70
N LEU A 135 2.46 -14.31 -12.87
CA LEU A 135 2.38 -15.76 -12.97
C LEU A 135 2.38 -16.21 -14.43
N GLU A 136 1.39 -17.00 -14.80
CA GLU A 136 1.32 -17.55 -16.16
C GLU A 136 0.91 -16.47 -17.15
N HIS A 137 1.85 -15.59 -17.48
CA HIS A 137 1.59 -14.52 -18.44
C HIS A 137 1.31 -15.09 -19.83
N HIS A 138 0.35 -14.49 -20.52
CA HIS A 138 -0.02 -14.94 -21.85
C HIS A 138 0.32 -13.90 -22.90
N MET A 1 -9.58 3.71 17.03
CA MET A 1 -9.93 2.49 16.32
C MET A 1 -8.78 2.02 15.45
N ASN A 2 -8.31 0.80 15.70
CA ASN A 2 -7.31 0.16 14.84
C ASN A 2 -7.97 -0.80 13.86
N ILE A 3 -7.60 -0.68 12.59
CA ILE A 3 -8.12 -1.57 11.55
C ILE A 3 -7.04 -2.55 11.09
N THR A 4 -7.40 -3.83 11.08
CA THR A 4 -6.48 -4.86 10.63
C THR A 4 -7.03 -5.61 9.41
N VAL A 5 -6.20 -5.76 8.39
CA VAL A 5 -6.58 -6.51 7.20
C VAL A 5 -5.47 -7.47 6.78
N GLU A 6 -5.83 -8.46 5.96
CA GLU A 6 -4.89 -9.49 5.54
C GLU A 6 -5.15 -9.90 4.09
N THR A 7 -4.08 -10.02 3.32
CA THR A 7 -4.18 -10.47 1.93
C THR A 7 -3.04 -11.43 1.58
N THR A 8 -3.40 -12.57 1.01
CA THR A 8 -2.43 -13.60 0.67
C THR A 8 -2.15 -13.62 -0.84
N VAL A 9 -0.89 -13.48 -1.21
CA VAL A 9 -0.51 -13.44 -2.62
C VAL A 9 0.51 -14.51 -2.96
N ALA A 10 0.44 -15.03 -4.18
CA ALA A 10 1.37 -16.06 -4.63
C ALA A 10 2.63 -15.44 -5.23
N ALA A 11 3.49 -14.92 -4.37
CA ALA A 11 4.75 -14.33 -4.80
C ALA A 11 5.80 -14.38 -3.69
N PRO A 12 7.08 -14.52 -4.09
CA PRO A 12 8.20 -14.54 -3.14
C PRO A 12 8.20 -13.32 -2.22
N VAL A 13 8.61 -13.53 -0.97
CA VAL A 13 8.51 -12.49 0.05
C VAL A 13 9.25 -11.22 -0.37
N GLY A 14 10.43 -11.41 -0.95
CA GLY A 14 11.23 -10.27 -1.36
C GLY A 14 10.58 -9.46 -2.46
N LYS A 15 9.99 -10.15 -3.42
CA LYS A 15 9.28 -9.49 -4.52
C LYS A 15 8.03 -8.79 -4.01
N VAL A 16 7.34 -9.43 -3.07
CA VAL A 16 6.13 -8.86 -2.48
C VAL A 16 6.45 -7.59 -1.71
N TRP A 17 7.50 -7.64 -0.89
CA TRP A 17 7.92 -6.48 -0.12
C TRP A 17 8.33 -5.34 -1.03
N ARG A 18 9.11 -5.65 -2.05
CA ARG A 18 9.62 -4.64 -2.97
C ARG A 18 8.48 -4.03 -3.79
N ALA A 19 7.55 -4.87 -4.21
CA ALA A 19 6.39 -4.41 -4.97
C ALA A 19 5.49 -3.51 -4.12
N TYR A 20 5.39 -3.83 -2.83
CA TYR A 20 4.55 -3.08 -1.92
C TYR A 20 5.02 -1.64 -1.79
N THR A 21 6.32 -1.42 -2.00
CA THR A 21 6.92 -0.11 -1.81
C THR A 21 7.58 0.37 -3.09
N THR A 22 7.08 -0.09 -4.23
CA THR A 22 7.48 0.46 -5.52
C THR A 22 6.48 1.51 -5.99
N PRO A 23 6.97 2.73 -6.20
CA PRO A 23 6.13 3.86 -6.62
C PRO A 23 5.33 3.55 -7.88
N GLU A 24 5.98 2.89 -8.85
CA GLU A 24 5.33 2.54 -10.10
C GLU A 24 4.16 1.59 -9.87
N ASP A 25 4.31 0.70 -8.89
CA ASP A 25 3.26 -0.24 -8.53
C ASP A 25 2.17 0.44 -7.73
N ILE A 26 2.57 1.29 -6.79
CA ILE A 26 1.63 1.93 -5.89
C ILE A 26 0.65 2.81 -6.65
N LYS A 27 1.16 3.59 -7.58
CA LYS A 27 0.35 4.56 -8.32
C LYS A 27 -0.73 3.84 -9.13
N GLN A 28 -0.53 2.55 -9.37
CA GLN A 28 -1.49 1.76 -10.13
C GLN A 28 -2.57 1.19 -9.23
N TRP A 29 -2.25 1.04 -7.95
CA TRP A 29 -3.15 0.38 -7.02
C TRP A 29 -4.18 1.37 -6.47
N ASN A 30 -3.98 2.65 -6.77
CA ASN A 30 -4.95 3.68 -6.41
C ASN A 30 -6.36 3.25 -6.80
N ALA A 31 -7.31 3.46 -5.88
CA ALA A 31 -8.65 2.90 -6.02
C ALA A 31 -9.40 3.55 -7.18
N ALA A 32 -9.07 4.81 -7.45
CA ALA A 32 -9.80 5.59 -8.45
C ALA A 32 -9.40 5.19 -9.86
N SER A 33 -9.94 5.91 -10.85
CA SER A 33 -9.81 5.49 -12.24
C SER A 33 -8.44 5.87 -12.79
N ASP A 34 -8.02 5.18 -13.84
CA ASP A 34 -6.79 5.52 -14.54
C ASP A 34 -7.05 6.56 -15.63
N ASP A 35 -8.27 7.06 -15.68
CA ASP A 35 -8.70 7.92 -16.77
C ASP A 35 -8.94 9.34 -16.29
N TRP A 36 -9.69 9.48 -15.21
CA TRP A 36 -10.08 10.80 -14.71
C TRP A 36 -9.26 11.17 -13.48
N HIS A 37 -8.31 10.31 -13.13
CA HIS A 37 -7.48 10.53 -11.95
C HIS A 37 -6.02 10.20 -12.24
N THR A 38 -5.13 11.13 -11.93
CA THR A 38 -3.69 10.94 -12.16
C THR A 38 -2.95 10.73 -10.85
N THR A 39 -2.09 9.72 -10.81
CA THR A 39 -1.34 9.39 -9.62
C THR A 39 0.15 9.29 -9.90
N ALA A 40 0.97 9.85 -9.02
CA ALA A 40 2.41 9.67 -9.08
C ALA A 40 3.02 9.64 -7.69
N ALA A 41 4.03 8.79 -7.50
CA ALA A 41 4.60 8.54 -6.18
C ALA A 41 6.12 8.52 -6.24
N THR A 42 6.75 8.90 -5.13
CA THR A 42 8.17 8.66 -4.93
C THR A 42 8.46 8.10 -3.56
N VAL A 43 9.22 7.00 -3.51
CA VAL A 43 9.50 6.31 -2.25
C VAL A 43 10.99 6.11 -2.05
N ASP A 44 11.50 6.55 -0.90
CA ASP A 44 12.86 6.25 -0.50
C ASP A 44 12.91 5.01 0.38
N LEU A 45 13.52 3.94 -0.13
CA LEU A 45 13.49 2.64 0.54
C LEU A 45 14.61 2.54 1.58
N ARG A 46 14.32 2.98 2.79
CA ARG A 46 15.27 2.85 3.89
C ARG A 46 14.59 3.10 5.23
N GLU A 47 15.19 2.59 6.30
CA GLU A 47 14.75 2.93 7.65
C GLU A 47 14.93 4.42 7.93
N GLY A 48 13.82 5.09 8.27
CA GLY A 48 13.84 6.52 8.43
C GLY A 48 13.59 7.27 7.13
N GLY A 49 13.51 6.52 6.04
CA GLY A 49 13.35 7.14 4.73
C GLY A 49 11.96 7.70 4.52
N ALA A 50 11.86 8.71 3.66
CA ALA A 50 10.58 9.38 3.43
C ALA A 50 9.92 8.87 2.15
N PHE A 51 8.59 8.98 2.09
CA PHE A 51 7.86 8.68 0.87
C PHE A 51 6.73 9.68 0.66
N SER A 52 6.32 9.86 -0.59
CA SER A 52 5.31 10.84 -0.94
C SER A 52 4.50 10.39 -2.15
N SER A 53 3.21 10.72 -2.14
CA SER A 53 2.35 10.44 -3.28
C SER A 53 1.51 11.66 -3.65
N ARG A 54 1.62 12.09 -4.90
CA ARG A 54 0.85 13.22 -5.39
C ARG A 54 -0.29 12.76 -6.29
N MET A 55 -1.52 13.16 -5.95
CA MET A 55 -2.68 12.80 -6.74
C MET A 55 -3.38 14.06 -7.26
N GLU A 56 -3.75 14.03 -8.54
CA GLU A 56 -4.45 15.15 -9.16
C GLU A 56 -5.69 14.66 -9.90
N ALA A 57 -6.74 15.48 -9.90
CA ALA A 57 -7.93 15.21 -10.71
C ALA A 57 -7.70 15.61 -12.16
N LYS A 58 -8.18 14.77 -13.08
CA LYS A 58 -8.02 15.04 -14.51
C LYS A 58 -8.67 16.36 -14.89
N ASP A 59 -9.75 16.72 -14.19
CA ASP A 59 -10.50 17.92 -14.49
C ASP A 59 -9.85 19.15 -13.86
N GLY A 60 -8.77 18.92 -13.12
CA GLY A 60 -7.92 20.01 -12.70
C GLY A 60 -8.56 20.84 -11.59
N SER A 61 -9.57 20.28 -10.94
CA SER A 61 -10.34 21.02 -9.95
C SER A 61 -9.69 20.94 -8.57
N MET A 62 -9.02 19.82 -8.31
CA MET A 62 -8.54 19.53 -6.96
C MET A 62 -7.41 18.49 -7.02
N GLY A 63 -6.68 18.37 -5.91
CA GLY A 63 -5.69 17.31 -5.79
C GLY A 63 -5.12 17.22 -4.40
N PHE A 64 -4.38 16.14 -4.12
CA PHE A 64 -3.85 15.90 -2.79
C PHE A 64 -2.34 15.66 -2.84
N ASP A 65 -1.64 16.14 -1.82
CA ASP A 65 -0.23 15.79 -1.63
C ASP A 65 -0.05 15.01 -0.32
N PHE A 66 0.31 13.74 -0.44
CA PHE A 66 0.42 12.87 0.72
C PHE A 66 1.88 12.52 1.00
N ALA A 67 2.24 12.51 2.28
CA ALA A 67 3.63 12.25 2.67
C ALA A 67 3.68 11.40 3.94
N GLY A 68 4.73 10.59 4.05
CA GLY A 68 4.92 9.79 5.26
C GLY A 68 6.37 9.39 5.46
N THR A 69 6.67 8.82 6.62
CA THR A 69 8.03 8.46 6.96
C THR A 69 8.11 7.02 7.46
N TYR A 70 9.16 6.31 7.04
CA TYR A 70 9.38 4.94 7.50
C TYR A 70 10.06 4.93 8.86
N THR A 71 9.73 3.94 9.68
CA THR A 71 10.25 3.86 11.04
C THR A 71 11.20 2.67 11.20
N LYS A 72 10.89 1.58 10.51
CA LYS A 72 11.57 0.31 10.75
C LYS A 72 11.40 -0.62 9.56
N VAL A 73 12.48 -1.32 9.21
CA VAL A 73 12.41 -2.36 8.19
C VAL A 73 13.26 -3.57 8.58
N VAL A 74 12.66 -4.75 8.51
CA VAL A 74 13.32 -5.96 8.99
C VAL A 74 13.41 -7.01 7.88
N GLU A 75 14.64 -7.32 7.48
CA GLU A 75 14.89 -8.43 6.56
C GLU A 75 13.91 -8.39 5.39
N ASN A 76 13.46 -7.19 5.04
CA ASN A 76 12.44 -7.03 4.01
C ASN A 76 11.21 -7.88 4.32
N LYS A 77 10.80 -7.87 5.59
CA LYS A 77 9.81 -8.81 6.08
C LYS A 77 8.82 -8.13 7.01
N ARG A 78 9.27 -7.05 7.65
CA ARG A 78 8.38 -6.19 8.43
C ARG A 78 8.73 -4.72 8.21
N ILE A 79 7.69 -3.90 8.04
CA ILE A 79 7.88 -2.50 7.71
C ILE A 79 6.81 -1.63 8.33
N GLU A 80 7.23 -0.60 9.07
CA GLU A 80 6.30 0.30 9.73
C GLU A 80 6.55 1.74 9.32
N TYR A 81 5.47 2.49 9.14
CA TYR A 81 5.56 3.88 8.70
C TYR A 81 4.45 4.73 9.31
N ALA A 82 4.68 6.03 9.37
CA ALA A 82 3.73 6.95 9.99
C ALA A 82 3.19 7.95 8.97
N PHE A 83 1.88 8.18 9.01
CA PHE A 83 1.23 9.04 8.04
C PHE A 83 0.38 10.10 8.73
N GLY A 84 0.86 11.34 8.73
CA GLY A 84 0.14 12.42 9.38
C GLY A 84 0.03 12.23 10.88
N ASP A 85 -1.19 12.13 11.38
CA ASP A 85 -1.43 11.86 12.79
C ASP A 85 -1.75 10.38 13.02
N ARG A 86 -1.55 9.57 11.98
CA ARG A 86 -1.87 8.15 12.04
C ARG A 86 -0.63 7.30 11.80
N THR A 87 -0.72 6.02 12.13
CA THR A 87 0.38 5.09 11.90
C THR A 87 -0.10 3.81 11.24
N ALA A 88 0.83 3.10 10.59
CA ALA A 88 0.52 1.80 10.01
C ALA A 88 1.72 0.86 10.09
N LYS A 89 1.45 -0.43 10.28
CA LYS A 89 2.50 -1.42 10.39
C LYS A 89 2.19 -2.64 9.54
N VAL A 90 3.14 -3.04 8.70
CA VAL A 90 2.93 -4.14 7.76
C VAL A 90 3.87 -5.29 8.06
N GLU A 91 3.32 -6.51 8.04
CA GLU A 91 4.11 -7.71 8.24
C GLU A 91 3.96 -8.66 7.05
N PHE A 92 5.05 -9.34 6.70
CA PHE A 92 5.03 -10.30 5.60
C PHE A 92 5.39 -11.70 6.08
N LEU A 93 4.47 -12.64 5.89
CA LEU A 93 4.62 -13.98 6.45
C LEU A 93 4.77 -15.02 5.34
N GLU A 94 5.77 -15.88 5.46
CA GLU A 94 5.99 -16.95 4.49
C GLU A 94 5.06 -18.12 4.76
N ALA A 95 4.19 -18.41 3.79
CA ALA A 95 3.32 -19.58 3.87
C ALA A 95 3.74 -20.65 2.86
N PRO A 96 3.30 -21.89 3.10
CA PRO A 96 3.58 -23.02 2.21
C PRO A 96 2.90 -22.86 0.85
N GLN A 97 1.77 -22.15 0.84
CA GLN A 97 0.97 -22.00 -0.37
C GLN A 97 1.18 -20.63 -0.99
N GLY A 98 1.83 -19.74 -0.25
CA GLY A 98 2.02 -18.38 -0.71
C GLY A 98 2.65 -17.48 0.33
N VAL A 99 2.59 -16.18 0.11
CA VAL A 99 3.03 -15.21 1.10
C VAL A 99 1.87 -14.35 1.60
N THR A 100 1.70 -14.28 2.91
CA THR A 100 0.58 -13.56 3.50
C THR A 100 1.00 -12.18 3.98
N VAL A 101 0.25 -11.16 3.58
CA VAL A 101 0.56 -9.78 3.95
C VAL A 101 -0.49 -9.22 4.90
N ARG A 102 -0.07 -8.87 6.10
CA ARG A 102 -0.99 -8.40 7.14
C ARG A 102 -0.69 -6.95 7.52
N VAL A 103 -1.71 -6.11 7.45
CA VAL A 103 -1.54 -4.69 7.71
C VAL A 103 -2.45 -4.22 8.85
N SER A 104 -1.87 -3.56 9.84
CA SER A 104 -2.64 -2.88 10.87
C SER A 104 -2.38 -1.38 10.84
N PHE A 105 -3.46 -0.60 10.76
CA PHE A 105 -3.36 0.84 10.60
C PHE A 105 -4.47 1.56 11.38
N VAL A 106 -4.21 2.81 11.75
CA VAL A 106 -5.16 3.59 12.52
C VAL A 106 -6.27 4.14 11.64
N ALA A 107 -7.51 3.95 12.07
CA ALA A 107 -8.67 4.45 11.34
C ALA A 107 -8.70 5.97 11.34
N GLU A 108 -8.98 6.56 10.18
CA GLU A 108 -9.05 8.01 10.05
C GLU A 108 -10.37 8.54 10.60
N THR A 109 -10.28 9.63 11.37
CA THR A 109 -11.46 10.21 11.99
C THR A 109 -12.36 10.86 10.94
N GLU A 110 -11.77 11.30 9.84
CA GLU A 110 -12.51 11.98 8.79
C GLU A 110 -13.32 11.01 7.95
N TYR A 111 -12.96 9.74 8.03
CA TYR A 111 -13.60 8.70 7.23
C TYR A 111 -14.14 7.57 8.10
N PRO A 112 -15.25 6.96 7.65
CA PRO A 112 -15.83 5.80 8.33
C PRO A 112 -14.84 4.67 8.52
N VAL A 113 -14.93 3.99 9.66
CA VAL A 113 -14.05 2.85 9.94
C VAL A 113 -14.20 1.77 8.87
N GLU A 114 -15.44 1.47 8.50
CA GLU A 114 -15.70 0.45 7.48
C GLU A 114 -15.16 0.89 6.13
N GLN A 115 -15.32 2.18 5.83
CA GLN A 115 -14.85 2.73 4.56
C GLN A 115 -13.34 2.64 4.44
N GLN A 116 -12.65 2.91 5.54
CA GLN A 116 -11.19 2.82 5.57
C GLN A 116 -10.73 1.39 5.40
N GLN A 117 -11.41 0.47 6.07
CA GLN A 117 -11.08 -0.95 5.98
C GLN A 117 -11.25 -1.46 4.56
N GLN A 118 -12.41 -1.19 3.97
CA GLN A 118 -12.74 -1.74 2.66
C GLN A 118 -11.89 -1.09 1.57
N GLY A 119 -11.71 0.23 1.67
CA GLY A 119 -10.90 0.94 0.69
C GLY A 119 -9.45 0.49 0.69
N TRP A 120 -8.88 0.36 1.89
CA TRP A 120 -7.50 -0.11 2.02
C TRP A 120 -7.36 -1.56 1.56
N GLN A 121 -8.38 -2.37 1.88
CA GLN A 121 -8.42 -3.75 1.40
C GLN A 121 -8.45 -3.81 -0.11
N ALA A 122 -9.22 -2.90 -0.72
CA ALA A 122 -9.30 -2.84 -2.17
C ALA A 122 -7.94 -2.51 -2.79
N ILE A 123 -7.17 -1.68 -2.11
CA ILE A 123 -5.81 -1.37 -2.54
C ILE A 123 -4.93 -2.61 -2.48
N LEU A 124 -5.03 -3.37 -1.40
CA LEU A 124 -4.28 -4.61 -1.25
C LEU A 124 -4.79 -5.66 -2.24
N ASN A 125 -6.09 -5.60 -2.54
CA ASN A 125 -6.68 -6.48 -3.56
C ASN A 125 -6.10 -6.17 -4.94
N ASN A 126 -5.86 -4.88 -5.20
CA ASN A 126 -5.18 -4.47 -6.42
C ASN A 126 -3.75 -4.97 -6.44
N PHE A 127 -3.10 -4.97 -5.28
CA PHE A 127 -1.77 -5.55 -5.14
C PHE A 127 -1.79 -7.04 -5.48
N LYS A 128 -2.81 -7.74 -4.98
CA LYS A 128 -2.98 -9.16 -5.28
C LYS A 128 -3.14 -9.37 -6.78
N ARG A 129 -3.96 -8.54 -7.42
CA ARG A 129 -4.15 -8.62 -8.86
C ARG A 129 -2.85 -8.33 -9.60
N HIS A 130 -2.04 -7.45 -9.04
CA HIS A 130 -0.71 -7.17 -9.60
C HIS A 130 0.17 -8.42 -9.57
N VAL A 131 0.14 -9.12 -8.44
CA VAL A 131 0.85 -10.38 -8.32
C VAL A 131 0.31 -11.42 -9.30
N GLU A 132 -1.01 -11.43 -9.45
CA GLU A 132 -1.65 -12.33 -10.41
C GLU A 132 -1.20 -12.03 -11.83
N SER A 133 -0.88 -10.76 -12.09
CA SER A 133 -0.39 -10.34 -13.39
C SER A 133 1.04 -10.82 -13.61
N HIS A 134 1.69 -11.24 -12.53
CA HIS A 134 3.04 -11.79 -12.62
C HIS A 134 3.00 -13.31 -12.72
N LEU A 135 1.82 -13.85 -13.00
CA LEU A 135 1.67 -15.27 -13.29
C LEU A 135 1.89 -15.55 -14.77
N GLU A 136 1.28 -16.63 -15.26
CA GLU A 136 1.46 -17.04 -16.64
C GLU A 136 0.78 -16.06 -17.60
N HIS A 137 1.42 -14.91 -17.81
CA HIS A 137 0.87 -13.88 -18.68
C HIS A 137 0.85 -14.37 -20.13
N HIS A 138 -0.26 -14.12 -20.81
CA HIS A 138 -0.41 -14.52 -22.20
C HIS A 138 -0.44 -13.30 -23.13
N MET A 1 -9.50 3.73 16.93
CA MET A 1 -9.78 2.39 16.42
C MET A 1 -8.64 1.88 15.56
N ASN A 2 -8.12 0.71 15.90
CA ASN A 2 -7.08 0.07 15.10
C ASN A 2 -7.69 -0.99 14.18
N ILE A 3 -7.38 -0.91 12.89
CA ILE A 3 -7.88 -1.86 11.92
C ILE A 3 -6.75 -2.71 11.34
N THR A 4 -6.96 -4.02 11.31
CA THR A 4 -5.98 -4.94 10.74
C THR A 4 -6.50 -5.62 9.48
N VAL A 5 -5.69 -5.64 8.45
CA VAL A 5 -6.08 -6.28 7.19
C VAL A 5 -5.01 -7.27 6.71
N GLU A 6 -5.43 -8.25 5.92
CA GLU A 6 -4.51 -9.27 5.43
C GLU A 6 -4.83 -9.60 3.97
N THR A 7 -3.77 -9.79 3.18
CA THR A 7 -3.91 -10.33 1.83
C THR A 7 -2.77 -11.29 1.50
N THR A 8 -3.13 -12.49 1.04
CA THR A 8 -2.14 -13.48 0.63
C THR A 8 -2.09 -13.60 -0.89
N VAL A 9 -0.90 -13.44 -1.46
CA VAL A 9 -0.74 -13.39 -2.90
C VAL A 9 0.23 -14.47 -3.38
N ALA A 10 0.03 -14.94 -4.61
CA ALA A 10 0.90 -15.94 -5.19
C ALA A 10 2.09 -15.30 -5.90
N ALA A 11 2.98 -14.70 -5.12
CA ALA A 11 4.16 -14.06 -5.67
C ALA A 11 5.34 -14.13 -4.69
N PRO A 12 6.57 -14.12 -5.23
CA PRO A 12 7.79 -14.16 -4.42
C PRO A 12 7.95 -12.91 -3.57
N VAL A 13 8.59 -13.06 -2.41
CA VAL A 13 8.66 -12.00 -1.43
C VAL A 13 9.28 -10.74 -2.02
N GLY A 14 10.30 -10.93 -2.85
CA GLY A 14 10.97 -9.79 -3.46
C GLY A 14 10.06 -8.95 -4.32
N LYS A 15 9.27 -9.60 -5.16
CA LYS A 15 8.32 -8.91 -6.03
C LYS A 15 7.20 -8.27 -5.21
N VAL A 16 6.75 -8.99 -4.18
CA VAL A 16 5.72 -8.48 -3.29
C VAL A 16 6.20 -7.27 -2.50
N TRP A 17 7.42 -7.36 -2.00
CA TRP A 17 8.03 -6.25 -1.27
C TRP A 17 8.12 -5.00 -2.14
N ARG A 18 8.65 -5.17 -3.36
CA ARG A 18 8.84 -4.04 -4.27
C ARG A 18 7.49 -3.48 -4.71
N ALA A 19 6.51 -4.36 -4.90
CA ALA A 19 5.22 -3.95 -5.41
C ALA A 19 4.46 -3.11 -4.40
N TYR A 20 4.75 -3.33 -3.12
CA TYR A 20 4.02 -2.65 -2.04
C TYR A 20 4.17 -1.14 -2.17
N THR A 21 5.29 -0.69 -2.71
CA THR A 21 5.55 0.73 -2.88
C THR A 21 6.06 1.04 -4.28
N THR A 22 5.28 0.66 -5.28
CA THR A 22 5.50 1.11 -6.65
C THR A 22 4.32 1.93 -7.16
N PRO A 23 4.62 3.15 -7.64
CA PRO A 23 3.59 4.07 -8.12
C PRO A 23 2.86 3.55 -9.36
N GLU A 24 3.58 2.78 -10.18
CA GLU A 24 2.99 2.14 -11.35
C GLU A 24 1.96 1.09 -10.91
N ASP A 25 2.19 0.50 -9.75
CA ASP A 25 1.22 -0.43 -9.17
C ASP A 25 0.09 0.33 -8.49
N ILE A 26 0.44 1.40 -7.78
CA ILE A 26 -0.54 2.18 -7.02
C ILE A 26 -1.64 2.70 -7.93
N LYS A 27 -1.25 3.18 -9.10
CA LYS A 27 -2.21 3.71 -10.07
C LYS A 27 -3.17 2.62 -10.53
N GLN A 28 -2.76 1.37 -10.39
CA GLN A 28 -3.63 0.24 -10.71
C GLN A 28 -4.54 -0.09 -9.54
N TRP A 29 -4.09 0.21 -8.33
CA TRP A 29 -4.88 -0.04 -7.13
C TRP A 29 -5.89 1.07 -6.89
N ASN A 30 -5.65 2.22 -7.51
CA ASN A 30 -6.57 3.35 -7.41
C ASN A 30 -7.85 3.10 -8.18
N ALA A 31 -8.95 3.67 -7.71
CA ALA A 31 -10.24 3.46 -8.33
C ALA A 31 -10.33 4.20 -9.67
N ALA A 32 -9.83 5.43 -9.70
CA ALA A 32 -9.76 6.19 -10.94
C ALA A 32 -8.90 5.47 -11.97
N SER A 33 -8.77 6.08 -13.15
CA SER A 33 -8.25 5.39 -14.32
C SER A 33 -6.74 5.52 -14.41
N ASP A 34 -6.08 4.50 -14.96
CA ASP A 34 -4.65 4.54 -15.18
C ASP A 34 -4.31 5.33 -16.44
N ASP A 35 -5.32 6.00 -17.00
CA ASP A 35 -5.11 6.85 -18.17
C ASP A 35 -5.45 8.30 -17.85
N TRP A 36 -6.30 8.50 -16.85
CA TRP A 36 -6.76 9.83 -16.49
C TRP A 36 -6.29 10.21 -15.10
N HIS A 37 -5.52 9.32 -14.47
CA HIS A 37 -4.93 9.61 -13.16
C HIS A 37 -3.42 9.39 -13.20
N THR A 38 -2.68 10.38 -12.71
CA THR A 38 -1.23 10.30 -12.66
C THR A 38 -0.73 10.05 -11.24
N THR A 39 0.06 9.00 -11.07
CA THR A 39 0.63 8.67 -9.77
C THR A 39 2.15 8.58 -9.83
N ALA A 40 2.82 9.23 -8.89
CA ALA A 40 4.26 9.09 -8.74
C ALA A 40 4.66 8.99 -7.27
N ALA A 41 5.52 8.03 -6.97
CA ALA A 41 5.92 7.77 -5.60
C ALA A 41 7.43 7.64 -5.46
N THR A 42 7.99 8.26 -4.43
CA THR A 42 9.41 8.09 -4.11
C THR A 42 9.59 7.60 -2.68
N VAL A 43 10.35 6.52 -2.53
CA VAL A 43 10.54 5.89 -1.23
C VAL A 43 12.01 5.64 -0.94
N ASP A 44 12.48 6.15 0.20
CA ASP A 44 13.80 5.78 0.70
C ASP A 44 13.69 4.61 1.69
N LEU A 45 14.14 3.44 1.25
CA LEU A 45 13.97 2.22 2.04
C LEU A 45 15.04 2.09 3.11
N ARG A 46 14.78 2.67 4.27
CA ARG A 46 15.71 2.58 5.39
C ARG A 46 15.04 3.04 6.68
N GLU A 47 15.61 2.62 7.81
CA GLU A 47 15.18 3.14 9.12
C GLU A 47 15.39 4.65 9.19
N GLY A 48 14.30 5.38 9.41
CA GLY A 48 14.37 6.83 9.43
C GLY A 48 14.19 7.43 8.05
N GLY A 49 14.11 6.57 7.03
CA GLY A 49 14.03 7.04 5.67
C GLY A 49 12.69 7.66 5.34
N ALA A 50 12.68 8.61 4.41
CA ALA A 50 11.48 9.36 4.08
C ALA A 50 10.83 8.82 2.80
N PHE A 51 9.52 8.96 2.71
CA PHE A 51 8.80 8.62 1.48
C PHE A 51 7.69 9.63 1.20
N SER A 52 7.31 9.75 -0.06
CA SER A 52 6.23 10.66 -0.45
C SER A 52 5.60 10.22 -1.77
N SER A 53 4.28 10.34 -1.84
CA SER A 53 3.55 9.97 -3.06
C SER A 53 2.65 11.12 -3.52
N ARG A 54 2.83 11.52 -4.77
CA ARG A 54 2.05 12.62 -5.34
C ARG A 54 1.08 12.11 -6.39
N MET A 55 -0.21 12.38 -6.18
CA MET A 55 -1.24 11.98 -7.13
C MET A 55 -1.94 13.19 -7.72
N GLU A 56 -2.19 13.15 -9.03
CA GLU A 56 -2.81 14.28 -9.72
C GLU A 56 -3.81 13.79 -10.76
N ALA A 57 -4.90 14.53 -10.93
CA ALA A 57 -5.87 14.25 -11.97
C ALA A 57 -5.38 14.74 -13.33
N LYS A 58 -5.58 13.91 -14.35
CA LYS A 58 -5.28 14.30 -15.73
C LYS A 58 -6.10 15.52 -16.14
N ASP A 59 -7.26 15.68 -15.50
CA ASP A 59 -8.14 16.80 -15.81
C ASP A 59 -7.70 18.06 -15.07
N GLY A 60 -6.70 17.92 -14.21
CA GLY A 60 -6.10 19.09 -13.58
C GLY A 60 -7.02 19.73 -12.56
N SER A 61 -7.98 18.95 -12.07
CA SER A 61 -9.00 19.49 -11.15
C SER A 61 -8.51 19.43 -9.71
N MET A 62 -7.84 18.33 -9.36
CA MET A 62 -7.49 18.07 -7.97
C MET A 62 -6.35 17.05 -7.88
N GLY A 63 -5.74 16.97 -6.71
CA GLY A 63 -4.74 15.94 -6.47
C GLY A 63 -4.51 15.68 -5.00
N PHE A 64 -3.65 14.71 -4.70
CA PHE A 64 -3.39 14.32 -3.31
C PHE A 64 -1.89 14.33 -3.02
N ASP A 65 -1.54 14.60 -1.76
CA ASP A 65 -0.15 14.59 -1.34
C ASP A 65 0.02 13.74 -0.08
N PHE A 66 0.71 12.62 -0.21
CA PHE A 66 1.01 11.76 0.93
C PHE A 66 2.50 11.79 1.25
N ALA A 67 2.82 11.93 2.54
CA ALA A 67 4.21 11.95 2.98
C ALA A 67 4.36 11.29 4.34
N GLY A 68 5.50 10.63 4.55
CA GLY A 68 5.76 10.00 5.83
C GLY A 68 7.20 9.58 5.99
N THR A 69 7.56 9.11 7.18
CA THR A 69 8.90 8.57 7.42
C THR A 69 8.84 7.22 8.10
N TYR A 70 9.84 6.39 7.84
CA TYR A 70 9.96 5.09 8.51
C TYR A 70 10.52 5.26 9.92
N THR A 71 10.06 4.43 10.84
CA THR A 71 10.57 4.42 12.20
C THR A 71 11.50 3.23 12.43
N LYS A 72 11.26 2.15 11.70
CA LYS A 72 12.06 0.95 11.84
C LYS A 72 11.81 -0.01 10.67
N VAL A 73 12.88 -0.64 10.19
CA VAL A 73 12.76 -1.68 9.18
C VAL A 73 13.69 -2.85 9.48
N VAL A 74 13.15 -4.06 9.38
CA VAL A 74 13.88 -5.26 9.76
C VAL A 74 14.01 -6.23 8.59
N GLU A 75 15.24 -6.46 8.15
CA GLU A 75 15.51 -7.51 7.16
C GLU A 75 14.56 -7.40 5.98
N ASN A 76 14.11 -6.18 5.69
CA ASN A 76 13.16 -5.95 4.61
C ASN A 76 11.92 -6.82 4.79
N LYS A 77 11.38 -6.85 6.01
CA LYS A 77 10.29 -7.75 6.36
C LYS A 77 9.19 -7.02 7.11
N ARG A 78 9.56 -5.91 7.74
CA ARG A 78 8.63 -5.18 8.60
C ARG A 78 8.93 -3.69 8.61
N ILE A 79 7.90 -2.87 8.44
CA ILE A 79 8.07 -1.42 8.43
C ILE A 79 6.94 -0.73 9.19
N GLU A 80 7.29 0.30 9.96
CA GLU A 80 6.31 1.15 10.59
C GLU A 80 6.45 2.59 10.13
N TYR A 81 5.32 3.22 9.78
CA TYR A 81 5.32 4.57 9.25
C TYR A 81 4.04 5.32 9.65
N ALA A 82 4.08 6.63 9.52
CA ALA A 82 3.01 7.48 10.03
C ALA A 82 2.51 8.45 8.96
N PHE A 83 1.23 8.78 9.03
CA PHE A 83 0.66 9.80 8.15
C PHE A 83 -0.26 10.74 8.92
N GLY A 84 0.13 12.01 9.00
CA GLY A 84 -0.63 12.97 9.76
C GLY A 84 -0.65 12.67 11.25
N ASP A 85 -1.84 12.46 11.79
CA ASP A 85 -1.98 12.11 13.21
C ASP A 85 -2.30 10.63 13.38
N ARG A 86 -2.19 9.88 12.28
CA ARG A 86 -2.45 8.44 12.32
C ARG A 86 -1.21 7.66 11.90
N THR A 87 -1.22 6.36 12.18
CA THR A 87 -0.07 5.50 11.87
C THR A 87 -0.51 4.26 11.11
N ALA A 88 0.44 3.64 10.42
CA ALA A 88 0.20 2.34 9.79
C ALA A 88 1.47 1.50 9.76
N LYS A 89 1.32 0.19 9.95
CA LYS A 89 2.46 -0.70 10.08
C LYS A 89 2.27 -1.95 9.24
N VAL A 90 3.27 -2.27 8.43
CA VAL A 90 3.18 -3.39 7.50
C VAL A 90 4.24 -4.45 7.81
N GLU A 91 3.85 -5.72 7.71
CA GLU A 91 4.80 -6.81 7.83
C GLU A 91 4.51 -7.91 6.80
N PHE A 92 5.54 -8.61 6.38
CA PHE A 92 5.41 -9.63 5.35
C PHE A 92 5.79 -11.00 5.88
N LEU A 93 4.94 -11.98 5.63
CA LEU A 93 5.16 -13.35 6.11
C LEU A 93 5.23 -14.34 4.95
N GLU A 94 6.31 -15.11 4.91
CA GLU A 94 6.50 -16.11 3.87
C GLU A 94 5.64 -17.34 4.13
N ALA A 95 4.70 -17.61 3.23
CA ALA A 95 3.88 -18.80 3.31
C ALA A 95 4.35 -19.86 2.32
N PRO A 96 3.98 -21.13 2.58
CA PRO A 96 4.29 -22.24 1.69
C PRO A 96 3.61 -22.12 0.34
N GLN A 97 2.45 -21.47 0.33
CA GLN A 97 1.64 -21.38 -0.88
C GLN A 97 1.77 -20.01 -1.52
N GLY A 98 2.33 -19.06 -0.78
CA GLY A 98 2.41 -17.69 -1.25
C GLY A 98 3.05 -16.76 -0.23
N VAL A 99 2.86 -15.46 -0.40
CA VAL A 99 3.32 -14.48 0.56
C VAL A 99 2.15 -13.73 1.19
N THR A 100 2.14 -13.67 2.52
CA THR A 100 1.06 -13.01 3.24
C THR A 100 1.46 -11.59 3.66
N VAL A 101 0.65 -10.62 3.30
CA VAL A 101 0.90 -9.23 3.66
C VAL A 101 -0.08 -8.74 4.72
N ARG A 102 0.44 -8.33 5.86
CA ARG A 102 -0.39 -7.90 6.98
C ARG A 102 -0.15 -6.43 7.31
N VAL A 103 -1.22 -5.65 7.30
CA VAL A 103 -1.13 -4.23 7.60
C VAL A 103 -2.09 -3.83 8.72
N SER A 104 -1.56 -3.16 9.73
CA SER A 104 -2.40 -2.58 10.79
C SER A 104 -2.28 -1.07 10.80
N PHE A 105 -3.43 -0.39 10.82
CA PHE A 105 -3.47 1.05 10.66
C PHE A 105 -4.56 1.66 11.53
N VAL A 106 -4.43 2.95 11.84
CA VAL A 106 -5.44 3.68 12.59
C VAL A 106 -6.56 4.18 11.68
N ALA A 107 -7.79 3.99 12.12
CA ALA A 107 -8.94 4.39 11.32
C ALA A 107 -9.14 5.89 11.34
N GLU A 108 -9.54 6.45 10.21
CA GLU A 108 -9.84 7.88 10.11
C GLU A 108 -11.18 8.19 10.78
N THR A 109 -11.16 9.08 11.76
CA THR A 109 -12.33 9.38 12.56
C THR A 109 -13.42 10.03 11.71
N GLU A 110 -13.01 10.63 10.59
CA GLU A 110 -13.97 11.28 9.70
C GLU A 110 -14.79 10.25 8.94
N TYR A 111 -14.34 9.01 8.96
CA TYR A 111 -15.04 7.93 8.27
C TYR A 111 -15.32 6.77 9.22
N PRO A 112 -16.40 6.02 8.93
CA PRO A 112 -16.78 4.84 9.71
C PRO A 112 -15.76 3.72 9.60
N VAL A 113 -15.65 2.93 10.67
CA VAL A 113 -14.67 1.86 10.71
C VAL A 113 -14.83 0.91 9.53
N GLU A 114 -16.07 0.61 9.18
CA GLU A 114 -16.35 -0.32 8.10
C GLU A 114 -15.79 0.19 6.78
N GLN A 115 -15.93 1.48 6.54
CA GLN A 115 -15.46 2.08 5.29
C GLN A 115 -13.94 2.01 5.19
N GLN A 116 -13.27 2.28 6.31
CA GLN A 116 -11.81 2.24 6.35
C GLN A 116 -11.30 0.82 6.20
N GLN A 117 -11.94 -0.12 6.87
CA GLN A 117 -11.55 -1.52 6.82
C GLN A 117 -11.67 -2.06 5.39
N GLN A 118 -12.84 -1.87 4.79
CA GLN A 118 -13.11 -2.40 3.47
C GLN A 118 -12.29 -1.68 2.41
N GLY A 119 -12.18 -0.37 2.53
CA GLY A 119 -11.44 0.41 1.55
C GLY A 119 -9.97 0.09 1.54
N TRP A 120 -9.37 0.01 2.74
CA TRP A 120 -7.95 -0.29 2.86
C TRP A 120 -7.68 -1.74 2.45
N GLN A 121 -8.62 -2.63 2.75
CA GLN A 121 -8.55 -4.00 2.28
C GLN A 121 -8.59 -4.05 0.75
N ALA A 122 -9.43 -3.21 0.16
CA ALA A 122 -9.59 -3.18 -1.28
C ALA A 122 -8.28 -2.81 -1.97
N ILE A 123 -7.48 -2.00 -1.30
CA ILE A 123 -6.18 -1.61 -1.82
C ILE A 123 -5.26 -2.83 -1.96
N LEU A 124 -5.22 -3.65 -0.92
CA LEU A 124 -4.42 -4.87 -0.93
C LEU A 124 -5.04 -5.92 -1.85
N ASN A 125 -6.37 -5.88 -1.96
CA ASN A 125 -7.09 -6.75 -2.88
C ASN A 125 -6.75 -6.42 -4.33
N ASN A 126 -6.60 -5.13 -4.61
CA ASN A 126 -6.15 -4.68 -5.93
C ASN A 126 -4.67 -5.01 -6.14
N PHE A 127 -3.91 -5.01 -5.05
CA PHE A 127 -2.53 -5.51 -5.08
C PHE A 127 -2.50 -6.98 -5.49
N LYS A 128 -3.44 -7.75 -4.97
CA LYS A 128 -3.62 -9.13 -5.40
C LYS A 128 -3.94 -9.21 -6.89
N ARG A 129 -4.77 -8.28 -7.37
CA ARG A 129 -5.08 -8.18 -8.78
C ARG A 129 -3.82 -7.98 -9.61
N HIS A 130 -2.91 -7.16 -9.11
CA HIS A 130 -1.63 -6.92 -9.77
C HIS A 130 -0.82 -8.23 -9.85
N VAL A 131 -0.83 -8.98 -8.76
CA VAL A 131 -0.16 -10.28 -8.72
C VAL A 131 -0.83 -11.26 -9.68
N GLU A 132 -2.15 -11.21 -9.75
CA GLU A 132 -2.90 -12.05 -10.68
C GLU A 132 -2.53 -11.72 -12.13
N SER A 133 -2.16 -10.48 -12.37
CA SER A 133 -1.71 -10.05 -13.69
C SER A 133 -0.37 -10.71 -14.04
N HIS A 134 0.29 -11.26 -13.03
CA HIS A 134 1.56 -11.94 -13.24
C HIS A 134 1.33 -13.43 -13.51
N LEU A 135 0.07 -13.81 -13.72
CA LEU A 135 -0.26 -15.17 -14.11
C LEU A 135 -0.16 -15.34 -15.63
N GLU A 136 -0.68 -16.45 -16.12
CA GLU A 136 -0.62 -16.76 -17.55
C GLU A 136 -1.60 -15.90 -18.33
N HIS A 137 -1.33 -14.60 -18.40
CA HIS A 137 -2.19 -13.68 -19.15
C HIS A 137 -2.16 -13.99 -20.64
N HIS A 138 -3.33 -14.02 -21.25
CA HIS A 138 -3.44 -14.31 -22.67
C HIS A 138 -3.81 -13.05 -23.45
N MET A 1 -9.52 4.55 15.86
CA MET A 1 -9.89 3.23 15.39
C MET A 1 -8.79 2.64 14.50
N ASN A 2 -8.28 1.49 14.90
CA ASN A 2 -7.26 0.79 14.11
C ASN A 2 -7.90 -0.25 13.20
N ILE A 3 -7.52 -0.22 11.92
CA ILE A 3 -8.03 -1.19 10.96
C ILE A 3 -6.94 -2.18 10.55
N THR A 4 -7.26 -3.47 10.57
CA THR A 4 -6.34 -4.50 10.13
C THR A 4 -6.87 -5.22 8.90
N VAL A 5 -6.01 -5.37 7.90
CA VAL A 5 -6.38 -6.08 6.67
C VAL A 5 -5.31 -7.09 6.29
N GLU A 6 -5.74 -8.17 5.62
CA GLU A 6 -4.83 -9.24 5.25
C GLU A 6 -5.06 -9.68 3.81
N THR A 7 -3.97 -9.92 3.09
CA THR A 7 -4.05 -10.45 1.73
C THR A 7 -2.95 -11.48 1.48
N THR A 8 -3.34 -12.63 0.94
CA THR A 8 -2.38 -13.69 0.65
C THR A 8 -2.11 -13.80 -0.85
N VAL A 9 -0.84 -13.65 -1.23
CA VAL A 9 -0.47 -13.64 -2.63
C VAL A 9 0.52 -14.75 -2.95
N ALA A 10 0.42 -15.31 -4.15
CA ALA A 10 1.33 -16.36 -4.59
C ALA A 10 2.62 -15.77 -5.17
N ALA A 11 3.49 -15.29 -4.29
CA ALA A 11 4.76 -14.70 -4.71
C ALA A 11 5.78 -14.75 -3.58
N PRO A 12 7.07 -14.79 -3.96
CA PRO A 12 8.18 -14.81 -3.00
C PRO A 12 8.17 -13.60 -2.08
N VAL A 13 8.63 -13.80 -0.84
CA VAL A 13 8.57 -12.75 0.18
C VAL A 13 9.34 -11.50 -0.27
N GLY A 14 10.49 -11.72 -0.89
CA GLY A 14 11.32 -10.62 -1.34
C GLY A 14 10.65 -9.78 -2.41
N LYS A 15 10.03 -10.45 -3.37
CA LYS A 15 9.34 -9.77 -4.47
C LYS A 15 8.10 -9.04 -3.94
N VAL A 16 7.39 -9.67 -3.02
CA VAL A 16 6.21 -9.07 -2.42
C VAL A 16 6.57 -7.82 -1.63
N TRP A 17 7.62 -7.91 -0.82
CA TRP A 17 8.08 -6.79 -0.02
C TRP A 17 8.53 -5.63 -0.90
N ARG A 18 9.31 -5.95 -1.93
CA ARG A 18 9.86 -4.94 -2.82
C ARG A 18 8.74 -4.27 -3.63
N ALA A 19 7.79 -5.07 -4.09
CA ALA A 19 6.69 -4.54 -4.89
C ALA A 19 5.75 -3.70 -4.04
N TYR A 20 5.59 -4.09 -2.78
CA TYR A 20 4.69 -3.37 -1.87
C TYR A 20 5.18 -1.94 -1.64
N THR A 21 6.48 -1.74 -1.81
CA THR A 21 7.09 -0.44 -1.52
C THR A 21 7.71 0.17 -2.77
N THR A 22 7.19 -0.22 -3.93
CA THR A 22 7.54 0.45 -5.18
C THR A 22 6.53 1.55 -5.51
N PRO A 23 7.04 2.77 -5.72
CA PRO A 23 6.20 3.95 -5.97
C PRO A 23 5.40 3.82 -7.28
N GLU A 24 6.06 3.29 -8.31
CA GLU A 24 5.39 3.06 -9.58
C GLU A 24 4.23 2.07 -9.42
N ASP A 25 4.41 1.09 -8.54
CA ASP A 25 3.38 0.10 -8.28
C ASP A 25 2.27 0.69 -7.42
N ILE A 26 2.64 1.42 -6.37
CA ILE A 26 1.69 1.92 -5.39
C ILE A 26 0.69 2.87 -6.03
N LYS A 27 1.21 3.77 -6.88
CA LYS A 27 0.38 4.80 -7.49
C LYS A 27 -0.71 4.19 -8.35
N GLN A 28 -0.52 2.93 -8.75
CA GLN A 28 -1.46 2.25 -9.62
C GLN A 28 -2.53 1.53 -8.80
N TRP A 29 -2.19 1.21 -7.55
CA TRP A 29 -3.05 0.37 -6.73
C TRP A 29 -4.11 1.21 -6.04
N ASN A 30 -3.98 2.53 -6.14
CA ASN A 30 -4.94 3.45 -5.53
C ASN A 30 -6.37 2.99 -5.80
N ALA A 31 -7.23 3.13 -4.80
CA ALA A 31 -8.54 2.49 -4.81
C ALA A 31 -9.61 3.43 -5.35
N ALA A 32 -9.19 4.63 -5.74
CA ALA A 32 -10.11 5.65 -6.22
C ALA A 32 -10.41 5.48 -7.70
N SER A 33 -11.18 6.41 -8.26
CA SER A 33 -11.58 6.33 -9.67
C SER A 33 -10.35 6.27 -10.58
N ASP A 34 -10.38 5.36 -11.55
CA ASP A 34 -9.34 5.30 -12.57
C ASP A 34 -9.51 6.43 -13.58
N ASP A 35 -10.63 7.14 -13.48
CA ASP A 35 -11.01 8.10 -14.50
C ASP A 35 -10.84 9.53 -14.00
N TRP A 36 -11.41 9.82 -12.84
CA TRP A 36 -11.48 11.19 -12.33
C TRP A 36 -10.57 11.37 -11.13
N HIS A 37 -9.56 10.53 -11.02
CA HIS A 37 -8.53 10.68 -10.00
C HIS A 37 -7.15 10.36 -10.54
N THR A 38 -6.21 11.27 -10.34
CA THR A 38 -4.83 11.05 -10.76
C THR A 38 -3.92 10.80 -9.56
N THR A 39 -3.06 9.80 -9.70
CA THR A 39 -2.18 9.39 -8.60
C THR A 39 -0.73 9.34 -9.05
N ALA A 40 0.17 9.84 -8.20
CA ALA A 40 1.60 9.63 -8.40
C ALA A 40 2.31 9.47 -7.06
N ALA A 41 3.30 8.58 -7.01
CA ALA A 41 4.02 8.29 -5.78
C ALA A 41 5.52 8.30 -6.02
N THR A 42 6.26 8.76 -5.01
CA THR A 42 7.72 8.60 -5.00
C THR A 42 8.21 8.12 -3.63
N VAL A 43 8.99 7.05 -3.65
CA VAL A 43 9.41 6.39 -2.41
C VAL A 43 10.92 6.18 -2.39
N ASP A 44 11.55 6.59 -1.29
CA ASP A 44 12.92 6.16 -0.99
C ASP A 44 12.93 4.94 -0.07
N LEU A 45 13.30 3.80 -0.62
CA LEU A 45 13.12 2.52 0.06
C LEU A 45 14.28 2.25 1.00
N ARG A 46 14.13 2.63 2.26
CA ARG A 46 15.15 2.37 3.27
C ARG A 46 14.63 2.69 4.67
N GLU A 47 15.26 2.10 5.68
CA GLU A 47 14.94 2.42 7.08
C GLU A 47 15.32 3.87 7.39
N GLY A 48 14.33 4.65 7.79
CA GLY A 48 14.52 6.08 7.94
C GLY A 48 14.22 6.84 6.67
N GLY A 49 14.05 6.10 5.57
CA GLY A 49 13.82 6.74 4.29
C GLY A 49 12.48 7.45 4.22
N ALA A 50 12.41 8.51 3.43
CA ALA A 50 11.18 9.29 3.30
C ALA A 50 10.44 8.91 2.02
N PHE A 51 9.13 9.10 2.02
CA PHE A 51 8.31 8.88 0.83
C PHE A 51 7.14 9.86 0.78
N SER A 52 6.59 10.05 -0.41
CA SER A 52 5.53 11.02 -0.62
C SER A 52 4.57 10.57 -1.73
N SER A 53 3.29 10.88 -1.56
CA SER A 53 2.29 10.54 -2.57
C SER A 53 1.47 11.76 -2.94
N ARG A 54 1.42 12.05 -4.24
CA ARG A 54 0.64 13.18 -4.75
C ARG A 54 -0.65 12.70 -5.40
N MET A 55 -1.78 13.07 -4.79
CA MET A 55 -3.09 12.68 -5.32
C MET A 55 -3.93 13.92 -5.62
N GLU A 56 -4.54 13.94 -6.81
CA GLU A 56 -5.39 15.06 -7.21
C GLU A 56 -6.62 14.56 -7.95
N ALA A 57 -7.71 15.33 -7.86
CA ALA A 57 -8.92 15.04 -8.61
C ALA A 57 -8.82 15.54 -10.05
N LYS A 58 -9.23 14.72 -10.99
CA LYS A 58 -9.15 15.06 -12.41
C LYS A 58 -9.93 16.34 -12.70
N ASP A 59 -11.00 16.56 -11.93
CA ASP A 59 -11.87 17.71 -12.15
C ASP A 59 -11.27 18.97 -11.53
N GLY A 60 -10.13 18.82 -10.87
CA GLY A 60 -9.35 19.97 -10.47
C GLY A 60 -9.97 20.71 -9.31
N SER A 61 -10.92 20.07 -8.63
CA SER A 61 -11.65 20.71 -7.54
C SER A 61 -10.86 20.65 -6.25
N MET A 62 -10.08 19.58 -6.09
CA MET A 62 -9.35 19.33 -4.84
C MET A 62 -8.14 18.44 -5.09
N GLY A 63 -7.21 18.44 -4.13
CA GLY A 63 -6.13 17.48 -4.15
C GLY A 63 -5.37 17.44 -2.85
N PHE A 64 -4.65 16.34 -2.61
CA PHE A 64 -3.99 16.12 -1.32
C PHE A 64 -2.54 15.70 -1.53
N ASP A 65 -1.66 16.21 -0.68
CA ASP A 65 -0.27 15.79 -0.68
C ASP A 65 0.06 14.99 0.58
N PHE A 66 0.54 13.77 0.39
CA PHE A 66 0.80 12.86 1.52
C PHE A 66 2.29 12.63 1.70
N ALA A 67 2.73 12.57 2.95
CA ALA A 67 4.13 12.35 3.26
C ALA A 67 4.28 11.35 4.40
N GLY A 68 5.39 10.61 4.38
CA GLY A 68 5.68 9.69 5.48
C GLY A 68 7.13 9.27 5.51
N THR A 69 7.54 8.61 6.58
CA THR A 69 8.88 8.07 6.70
C THR A 69 8.88 6.65 7.26
N TYR A 70 9.88 5.87 6.89
CA TYR A 70 10.04 4.53 7.43
C TYR A 70 10.79 4.56 8.76
N THR A 71 10.37 3.71 9.70
CA THR A 71 10.93 3.72 11.04
C THR A 71 11.82 2.50 11.28
N LYS A 72 11.47 1.39 10.63
CA LYS A 72 12.11 0.11 10.92
C LYS A 72 11.89 -0.88 9.78
N VAL A 73 12.92 -1.63 9.44
CA VAL A 73 12.79 -2.71 8.47
C VAL A 73 13.58 -3.94 8.92
N VAL A 74 12.90 -5.08 9.00
CA VAL A 74 13.52 -6.30 9.50
C VAL A 74 13.32 -7.45 8.53
N GLU A 75 14.41 -8.09 8.14
CA GLU A 75 14.36 -9.31 7.33
C GLU A 75 13.40 -9.13 6.15
N ASN A 76 13.34 -7.92 5.62
CA ASN A 76 12.37 -7.58 4.58
C ASN A 76 10.99 -8.11 4.93
N LYS A 77 10.62 -8.01 6.20
CA LYS A 77 9.59 -8.87 6.78
C LYS A 77 8.68 -8.07 7.70
N ARG A 78 9.23 -7.03 8.32
CA ARG A 78 8.45 -6.15 9.18
C ARG A 78 8.84 -4.69 8.94
N ILE A 79 7.84 -3.86 8.65
CA ILE A 79 8.08 -2.49 8.20
C ILE A 79 7.01 -1.53 8.71
N GLU A 80 7.44 -0.45 9.34
CA GLU A 80 6.52 0.53 9.90
C GLU A 80 6.75 1.90 9.29
N TYR A 81 5.66 2.58 8.95
CA TYR A 81 5.75 3.88 8.28
C TYR A 81 4.56 4.75 8.65
N ALA A 82 4.66 6.04 8.35
CA ALA A 82 3.60 6.99 8.64
C ALA A 82 3.03 7.60 7.37
N PHE A 83 1.71 7.71 7.30
CA PHE A 83 1.04 8.24 6.12
C PHE A 83 0.21 9.47 6.47
N GLY A 84 0.76 10.65 6.20
CA GLY A 84 0.10 11.88 6.59
C GLY A 84 0.12 12.10 8.09
N ASP A 85 -1.06 12.32 8.67
CA ASP A 85 -1.18 12.46 10.11
C ASP A 85 -1.52 11.11 10.76
N ARG A 86 -1.41 10.04 9.98
CA ARG A 86 -1.74 8.71 10.47
C ARG A 86 -0.53 7.77 10.33
N THR A 87 -0.64 6.59 10.93
CA THR A 87 0.46 5.64 10.94
C THR A 87 -0.01 4.26 10.49
N ALA A 88 0.94 3.44 10.04
CA ALA A 88 0.63 2.06 9.66
C ALA A 88 1.83 1.16 9.90
N LYS A 89 1.56 -0.12 10.17
CA LYS A 89 2.62 -1.10 10.37
C LYS A 89 2.31 -2.40 9.63
N VAL A 90 3.26 -2.87 8.84
CA VAL A 90 3.04 -4.01 7.95
C VAL A 90 3.95 -5.17 8.30
N GLU A 91 3.40 -6.38 8.28
CA GLU A 91 4.20 -7.58 8.48
C GLU A 91 3.98 -8.57 7.34
N PHE A 92 5.04 -9.30 6.99
CA PHE A 92 4.98 -10.29 5.92
C PHE A 92 5.28 -11.69 6.46
N LEU A 93 4.35 -12.62 6.21
CA LEU A 93 4.47 -13.97 6.76
C LEU A 93 4.59 -15.00 5.64
N GLU A 94 5.62 -15.83 5.70
CA GLU A 94 5.81 -16.88 4.71
C GLU A 94 4.90 -18.07 4.98
N ALA A 95 4.01 -18.35 4.04
CA ALA A 95 3.15 -19.52 4.13
C ALA A 95 3.61 -20.61 3.17
N PRO A 96 3.22 -21.87 3.46
CA PRO A 96 3.54 -23.01 2.60
C PRO A 96 2.89 -22.90 1.22
N GLN A 97 1.75 -22.20 1.17
CA GLN A 97 0.99 -22.11 -0.08
C GLN A 97 1.18 -20.74 -0.72
N GLY A 98 1.81 -19.83 0.00
CA GLY A 98 1.98 -18.47 -0.48
C GLY A 98 2.60 -17.55 0.54
N VAL A 99 2.52 -16.25 0.30
CA VAL A 99 2.95 -15.26 1.29
C VAL A 99 1.79 -14.37 1.73
N THR A 100 1.64 -14.22 3.04
CA THR A 100 0.52 -13.45 3.59
C THR A 100 0.99 -12.06 4.03
N VAL A 101 0.23 -11.04 3.63
CA VAL A 101 0.57 -9.66 3.96
C VAL A 101 -0.45 -9.07 4.93
N ARG A 102 0.03 -8.64 6.09
CA ARG A 102 -0.84 -8.09 7.12
C ARG A 102 -0.54 -6.62 7.36
N VAL A 103 -1.56 -5.78 7.21
CA VAL A 103 -1.40 -4.34 7.40
C VAL A 103 -2.34 -3.82 8.48
N SER A 104 -1.78 -3.14 9.47
CA SER A 104 -2.58 -2.41 10.45
C SER A 104 -2.34 -0.91 10.35
N PHE A 105 -3.41 -0.16 10.21
CA PHE A 105 -3.31 1.28 9.95
C PHE A 105 -4.43 2.04 10.66
N VAL A 106 -4.23 3.34 10.86
CA VAL A 106 -5.24 4.18 11.50
C VAL A 106 -6.34 4.57 10.52
N ALA A 107 -7.58 4.44 10.96
CA ALA A 107 -8.73 4.82 10.14
C ALA A 107 -8.78 6.32 9.91
N GLU A 108 -9.05 6.72 8.67
CA GLU A 108 -9.14 8.14 8.34
C GLU A 108 -10.43 8.75 8.89
N THR A 109 -10.29 9.82 9.65
CA THR A 109 -11.44 10.46 10.30
C THR A 109 -12.38 11.07 9.27
N GLU A 110 -11.83 11.45 8.12
CA GLU A 110 -12.61 12.11 7.07
C GLU A 110 -13.53 11.12 6.37
N TYR A 111 -13.26 9.83 6.57
CA TYR A 111 -14.04 8.78 5.92
C TYR A 111 -14.50 7.73 6.95
N PRO A 112 -15.64 7.09 6.66
CA PRO A 112 -16.17 6.01 7.50
C PRO A 112 -15.16 4.88 7.69
N VAL A 113 -15.16 4.30 8.89
CA VAL A 113 -14.24 3.23 9.21
C VAL A 113 -14.38 2.06 8.24
N GLU A 114 -15.63 1.68 7.97
CA GLU A 114 -15.91 0.56 7.06
C GLU A 114 -15.43 0.88 5.65
N GLN A 115 -15.68 2.10 5.21
CA GLN A 115 -15.32 2.51 3.86
C GLN A 115 -13.80 2.55 3.70
N GLN A 116 -13.11 2.98 4.75
CA GLN A 116 -11.65 3.05 4.75
C GLN A 116 -11.04 1.66 4.72
N GLN A 117 -11.65 0.74 5.47
CA GLN A 117 -11.21 -0.66 5.46
C GLN A 117 -11.34 -1.26 4.06
N GLN A 118 -12.49 -1.04 3.43
CA GLN A 118 -12.74 -1.57 2.09
C GLN A 118 -11.82 -0.92 1.07
N GLY A 119 -11.58 0.38 1.23
CA GLY A 119 -10.72 1.09 0.31
C GLY A 119 -9.29 0.57 0.34
N TRP A 120 -8.74 0.42 1.53
CA TRP A 120 -7.39 -0.11 1.68
C TRP A 120 -7.33 -1.57 1.22
N GLN A 121 -8.38 -2.32 1.50
CA GLN A 121 -8.48 -3.71 1.07
C GLN A 121 -8.43 -3.81 -0.45
N ALA A 122 -9.10 -2.87 -1.12
CA ALA A 122 -9.08 -2.80 -2.58
C ALA A 122 -7.67 -2.53 -3.10
N ILE A 123 -6.92 -1.73 -2.35
CA ILE A 123 -5.53 -1.45 -2.71
C ILE A 123 -4.67 -2.71 -2.62
N LEU A 124 -4.83 -3.45 -1.53
CA LEU A 124 -4.12 -4.72 -1.37
C LEU A 124 -4.60 -5.75 -2.39
N ASN A 125 -5.89 -5.68 -2.71
CA ASN A 125 -6.46 -6.55 -3.74
C ASN A 125 -5.85 -6.24 -5.11
N ASN A 126 -5.59 -4.96 -5.37
CA ASN A 126 -4.91 -4.55 -6.59
C ASN A 126 -3.47 -5.05 -6.60
N PHE A 127 -2.85 -5.06 -5.43
CA PHE A 127 -1.52 -5.66 -5.28
C PHE A 127 -1.55 -7.14 -5.60
N LYS A 128 -2.58 -7.83 -5.10
CA LYS A 128 -2.78 -9.24 -5.40
C LYS A 128 -2.89 -9.47 -6.91
N ARG A 129 -3.67 -8.61 -7.57
CA ARG A 129 -3.82 -8.69 -9.01
C ARG A 129 -2.49 -8.44 -9.72
N HIS A 130 -1.68 -7.55 -9.15
CA HIS A 130 -0.34 -7.30 -9.67
C HIS A 130 0.51 -8.57 -9.60
N VAL A 131 0.43 -9.27 -8.48
CA VAL A 131 1.12 -10.54 -8.32
C VAL A 131 0.64 -11.57 -9.34
N GLU A 132 -0.67 -11.58 -9.59
CA GLU A 132 -1.25 -12.51 -10.54
C GLU A 132 -0.71 -12.29 -11.94
N SER A 133 -0.39 -11.04 -12.25
CA SER A 133 0.15 -10.69 -13.57
C SER A 133 1.57 -11.18 -13.72
N HIS A 134 2.19 -11.56 -12.60
CA HIS A 134 3.54 -12.13 -12.62
C HIS A 134 3.48 -13.65 -12.72
N LEU A 135 2.28 -14.18 -12.92
CA LEU A 135 2.11 -15.61 -13.16
C LEU A 135 2.16 -15.92 -14.65
N GLU A 136 1.40 -16.93 -15.06
CA GLU A 136 1.43 -17.40 -16.44
C GLU A 136 0.82 -16.37 -17.38
N HIS A 137 1.55 -15.30 -17.65
CA HIS A 137 1.08 -14.25 -18.54
C HIS A 137 0.93 -14.76 -19.97
N HIS A 138 -0.16 -14.36 -20.62
CA HIS A 138 -0.42 -14.78 -21.99
C HIS A 138 -0.34 -13.59 -22.95
N MET A 1 -9.24 4.28 16.25
CA MET A 1 -9.66 3.03 15.65
C MET A 1 -8.57 2.47 14.74
N ASN A 2 -8.07 1.28 15.08
CA ASN A 2 -7.09 0.60 14.24
C ASN A 2 -7.78 -0.35 13.26
N ILE A 3 -7.52 -0.16 11.97
CA ILE A 3 -8.09 -1.03 10.95
C ILE A 3 -7.04 -1.98 10.40
N THR A 4 -7.37 -3.27 10.34
CA THR A 4 -6.45 -4.28 9.86
C THR A 4 -6.99 -4.96 8.60
N VAL A 5 -6.13 -5.09 7.59
CA VAL A 5 -6.50 -5.79 6.37
C VAL A 5 -5.43 -6.81 5.98
N GLU A 6 -5.84 -7.84 5.25
CA GLU A 6 -4.93 -8.93 4.89
C GLU A 6 -5.18 -9.36 3.45
N THR A 7 -4.09 -9.67 2.74
CA THR A 7 -4.19 -10.28 1.42
C THR A 7 -3.08 -11.31 1.21
N THR A 8 -3.45 -12.48 0.71
CA THR A 8 -2.49 -13.56 0.48
C THR A 8 -2.17 -13.71 -1.00
N VAL A 9 -0.90 -13.57 -1.35
CA VAL A 9 -0.48 -13.61 -2.74
C VAL A 9 0.48 -14.77 -3.00
N ALA A 10 0.40 -15.34 -4.20
CA ALA A 10 1.32 -16.39 -4.60
C ALA A 10 2.62 -15.81 -5.15
N ALA A 11 3.49 -15.38 -4.26
CA ALA A 11 4.77 -14.80 -4.65
C ALA A 11 5.76 -14.82 -3.49
N PRO A 12 7.06 -14.89 -3.82
CA PRO A 12 8.13 -14.93 -2.82
C PRO A 12 8.21 -13.64 -2.02
N VAL A 13 8.59 -13.75 -0.75
CA VAL A 13 8.51 -12.65 0.19
C VAL A 13 9.30 -11.44 -0.30
N GLY A 14 10.46 -11.71 -0.89
CA GLY A 14 11.34 -10.65 -1.33
C GLY A 14 10.71 -9.79 -2.41
N LYS A 15 10.11 -10.44 -3.41
CA LYS A 15 9.43 -9.73 -4.49
C LYS A 15 8.19 -9.01 -3.98
N VAL A 16 7.47 -9.64 -3.07
CA VAL A 16 6.27 -9.06 -2.49
C VAL A 16 6.61 -7.79 -1.71
N TRP A 17 7.65 -7.86 -0.89
CA TRP A 17 8.09 -6.72 -0.10
C TRP A 17 8.57 -5.58 -0.99
N ARG A 18 9.37 -5.93 -1.99
CA ARG A 18 9.93 -4.94 -2.89
C ARG A 18 8.85 -4.27 -3.73
N ALA A 19 7.87 -5.06 -4.16
CA ALA A 19 6.76 -4.55 -4.95
C ALA A 19 5.86 -3.64 -4.11
N TYR A 20 5.74 -3.97 -2.83
CA TYR A 20 4.88 -3.21 -1.93
C TYR A 20 5.46 -1.82 -1.67
N THR A 21 6.78 -1.71 -1.80
CA THR A 21 7.48 -0.47 -1.47
C THR A 21 8.02 0.20 -2.72
N THR A 22 7.50 -0.19 -3.88
CA THR A 22 7.81 0.49 -5.12
C THR A 22 6.76 1.54 -5.45
N PRO A 23 7.21 2.79 -5.66
CA PRO A 23 6.32 3.91 -5.92
C PRO A 23 5.56 3.76 -7.23
N GLU A 24 6.23 3.25 -8.25
CA GLU A 24 5.59 2.98 -9.54
C GLU A 24 4.46 1.98 -9.38
N ASP A 25 4.63 1.03 -8.46
CA ASP A 25 3.60 0.03 -8.20
C ASP A 25 2.48 0.62 -7.34
N ILE A 26 2.86 1.35 -6.30
CA ILE A 26 1.90 1.85 -5.32
C ILE A 26 0.88 2.77 -5.98
N LYS A 27 1.37 3.68 -6.83
CA LYS A 27 0.53 4.69 -7.45
C LYS A 27 -0.53 4.05 -8.34
N GLN A 28 -0.28 2.81 -8.73
CA GLN A 28 -1.20 2.10 -9.63
C GLN A 28 -2.29 1.40 -8.84
N TRP A 29 -1.98 1.03 -7.60
CA TRP A 29 -2.86 0.16 -6.82
C TRP A 29 -3.91 0.98 -6.07
N ASN A 30 -3.76 2.30 -6.12
CA ASN A 30 -4.71 3.19 -5.47
C ASN A 30 -6.14 2.75 -5.73
N ALA A 31 -6.98 2.81 -4.69
CA ALA A 31 -8.21 2.04 -4.65
C ALA A 31 -9.32 2.74 -5.42
N ALA A 32 -9.08 3.99 -5.79
CA ALA A 32 -10.13 4.85 -6.35
C ALA A 32 -10.20 4.69 -7.86
N SER A 33 -10.93 5.61 -8.50
CA SER A 33 -11.21 5.50 -9.93
C SER A 33 -9.97 5.85 -10.76
N ASP A 34 -9.86 5.24 -11.93
CA ASP A 34 -8.84 5.62 -12.89
C ASP A 34 -9.26 6.86 -13.67
N ASP A 35 -10.43 7.39 -13.33
CA ASP A 35 -11.07 8.43 -14.14
C ASP A 35 -10.95 9.79 -13.45
N TRP A 36 -11.44 9.86 -12.22
CA TRP A 36 -11.55 11.14 -11.52
C TRP A 36 -10.43 11.29 -10.50
N HIS A 37 -9.51 10.33 -10.48
CA HIS A 37 -8.39 10.36 -9.56
C HIS A 37 -7.07 10.14 -10.30
N THR A 38 -6.15 11.08 -10.15
CA THR A 38 -4.79 10.91 -10.65
C THR A 38 -3.80 10.73 -9.50
N THR A 39 -2.93 9.73 -9.64
CA THR A 39 -2.05 9.32 -8.54
C THR A 39 -0.61 9.29 -8.98
N ALA A 40 0.29 9.81 -8.14
CA ALA A 40 1.72 9.64 -8.33
C ALA A 40 2.44 9.52 -6.99
N ALA A 41 3.44 8.65 -6.95
CA ALA A 41 4.17 8.38 -5.71
C ALA A 41 5.66 8.34 -5.95
N THR A 42 6.43 8.77 -4.95
CA THR A 42 7.87 8.52 -4.93
C THR A 42 8.33 8.03 -3.56
N VAL A 43 9.07 6.93 -3.55
CA VAL A 43 9.49 6.30 -2.31
C VAL A 43 10.99 6.07 -2.29
N ASP A 44 11.62 6.44 -1.17
CA ASP A 44 12.99 6.01 -0.88
C ASP A 44 13.00 4.74 -0.05
N LEU A 45 13.45 3.65 -0.66
CA LEU A 45 13.35 2.33 -0.04
C LEU A 45 14.50 2.09 0.93
N ARG A 46 14.31 2.48 2.18
CA ARG A 46 15.30 2.23 3.22
C ARG A 46 14.73 2.51 4.60
N GLU A 47 15.36 1.96 5.62
CA GLU A 47 15.03 2.28 7.00
C GLU A 47 15.40 3.73 7.32
N GLY A 48 14.39 4.52 7.70
CA GLY A 48 14.59 5.95 7.88
C GLY A 48 14.30 6.72 6.61
N GLY A 49 14.13 6.00 5.51
CA GLY A 49 13.87 6.65 4.23
C GLY A 49 12.53 7.35 4.20
N ALA A 50 12.43 8.43 3.43
CA ALA A 50 11.20 9.19 3.33
C ALA A 50 10.46 8.85 2.04
N PHE A 51 9.16 9.11 2.02
CA PHE A 51 8.34 8.89 0.83
C PHE A 51 7.19 9.89 0.76
N SER A 52 6.63 10.05 -0.43
CA SER A 52 5.55 11.01 -0.65
C SER A 52 4.60 10.53 -1.73
N SER A 53 3.31 10.78 -1.54
CA SER A 53 2.30 10.42 -2.54
C SER A 53 1.37 11.59 -2.82
N ARG A 54 1.28 11.98 -4.08
CA ARG A 54 0.42 13.09 -4.48
C ARG A 54 -0.82 12.58 -5.22
N MET A 55 -1.99 12.98 -4.76
CA MET A 55 -3.23 12.64 -5.43
C MET A 55 -4.03 13.89 -5.79
N GLU A 56 -4.54 13.92 -7.02
CA GLU A 56 -5.35 15.05 -7.48
C GLU A 56 -6.67 14.57 -8.07
N ALA A 57 -7.71 15.37 -7.90
CA ALA A 57 -8.98 15.13 -8.55
C ALA A 57 -8.96 15.60 -10.01
N LYS A 58 -9.42 14.74 -10.91
CA LYS A 58 -9.42 15.06 -12.34
C LYS A 58 -10.20 16.33 -12.61
N ASP A 59 -11.24 16.56 -11.81
CA ASP A 59 -12.11 17.72 -12.00
C ASP A 59 -11.45 18.98 -11.45
N GLY A 60 -10.29 18.82 -10.82
CA GLY A 60 -9.43 19.95 -10.54
C GLY A 60 -9.90 20.76 -9.34
N SER A 61 -10.86 20.21 -8.60
CA SER A 61 -11.49 20.93 -7.50
C SER A 61 -10.63 20.84 -6.24
N MET A 62 -9.92 19.73 -6.09
CA MET A 62 -9.22 19.42 -4.85
C MET A 62 -8.04 18.49 -5.10
N GLY A 63 -7.13 18.43 -4.15
CA GLY A 63 -6.07 17.43 -4.18
C GLY A 63 -5.30 17.34 -2.88
N PHE A 64 -4.65 16.21 -2.65
CA PHE A 64 -4.02 15.93 -1.37
C PHE A 64 -2.57 15.48 -1.55
N ASP A 65 -1.69 15.97 -0.69
CA ASP A 65 -0.30 15.53 -0.69
C ASP A 65 0.05 14.83 0.63
N PHE A 66 0.54 13.60 0.52
CA PHE A 66 0.82 12.78 1.69
C PHE A 66 2.31 12.50 1.82
N ALA A 67 2.82 12.60 3.04
CA ALA A 67 4.22 12.30 3.31
C ALA A 67 4.37 11.30 4.45
N GLY A 68 5.47 10.55 4.44
CA GLY A 68 5.76 9.64 5.52
C GLY A 68 7.23 9.26 5.59
N THR A 69 7.62 8.62 6.69
CA THR A 69 9.00 8.16 6.85
C THR A 69 9.04 6.76 7.48
N TYR A 70 9.99 5.95 7.03
CA TYR A 70 10.10 4.58 7.51
C TYR A 70 10.86 4.52 8.83
N THR A 71 10.36 3.71 9.76
CA THR A 71 10.91 3.67 11.11
C THR A 71 11.82 2.45 11.28
N LYS A 72 11.48 1.37 10.60
CA LYS A 72 12.14 0.09 10.82
C LYS A 72 11.87 -0.88 9.68
N VAL A 73 12.88 -1.66 9.30
CA VAL A 73 12.69 -2.75 8.35
C VAL A 73 13.46 -3.99 8.78
N VAL A 74 12.74 -5.09 8.92
CA VAL A 74 13.32 -6.33 9.45
C VAL A 74 13.07 -7.50 8.50
N GLU A 75 14.12 -8.24 8.17
CA GLU A 75 14.00 -9.44 7.36
C GLU A 75 13.18 -9.16 6.10
N ASN A 76 13.29 -7.94 5.59
CA ASN A 76 12.39 -7.47 4.55
C ASN A 76 10.98 -8.00 4.75
N LYS A 77 10.44 -7.78 5.95
CA LYS A 77 9.36 -8.61 6.47
C LYS A 77 8.48 -7.82 7.43
N ARG A 78 9.05 -6.79 8.04
CA ARG A 78 8.33 -5.93 8.96
C ARG A 78 8.71 -4.47 8.78
N ILE A 79 7.73 -3.63 8.52
CA ILE A 79 7.98 -2.27 8.08
C ILE A 79 6.89 -1.31 8.57
N GLU A 80 7.31 -0.24 9.24
CA GLU A 80 6.37 0.71 9.83
C GLU A 80 6.62 2.11 9.29
N TYR A 81 5.54 2.82 8.97
CA TYR A 81 5.63 4.11 8.31
C TYR A 81 4.43 4.99 8.64
N ALA A 82 4.51 6.26 8.26
CA ALA A 82 3.42 7.20 8.50
C ALA A 82 2.88 7.75 7.19
N PHE A 83 1.55 7.83 7.09
CA PHE A 83 0.90 8.31 5.88
C PHE A 83 0.05 9.54 6.16
N GLY A 84 0.61 10.72 5.88
CA GLY A 84 -0.10 11.96 6.18
C GLY A 84 -0.28 12.17 7.68
N ASP A 85 -1.53 12.36 8.09
CA ASP A 85 -1.83 12.59 9.49
C ASP A 85 -2.19 11.28 10.20
N ARG A 86 -1.86 10.17 9.56
CA ARG A 86 -2.10 8.85 10.14
C ARG A 86 -0.86 7.97 10.00
N THR A 87 -0.92 6.77 10.60
CA THR A 87 0.21 5.86 10.60
C THR A 87 -0.21 4.44 10.24
N ALA A 88 0.73 3.63 9.80
CA ALA A 88 0.45 2.24 9.46
C ALA A 88 1.67 1.35 9.75
N LYS A 89 1.39 0.08 10.02
CA LYS A 89 2.46 -0.90 10.21
C LYS A 89 2.16 -2.19 9.45
N VAL A 90 3.12 -2.66 8.67
CA VAL A 90 2.91 -3.78 7.77
C VAL A 90 3.80 -4.96 8.15
N GLU A 91 3.21 -6.15 8.16
CA GLU A 91 3.96 -7.37 8.39
C GLU A 91 3.76 -8.37 7.25
N PHE A 92 4.80 -9.11 6.92
CA PHE A 92 4.73 -10.13 5.88
C PHE A 92 4.99 -11.52 6.45
N LEU A 93 4.02 -12.41 6.26
CA LEU A 93 4.10 -13.76 6.83
C LEU A 93 4.27 -14.80 5.73
N GLU A 94 5.29 -15.63 5.86
CA GLU A 94 5.54 -16.71 4.90
C GLU A 94 4.62 -17.90 5.19
N ALA A 95 3.81 -18.26 4.19
CA ALA A 95 2.95 -19.43 4.30
C ALA A 95 3.38 -20.52 3.31
N PRO A 96 2.98 -21.76 3.60
CA PRO A 96 3.27 -22.90 2.73
C PRO A 96 2.60 -22.78 1.37
N GLN A 97 1.47 -22.09 1.33
CA GLN A 97 0.69 -21.97 0.10
C GLN A 97 0.94 -20.63 -0.59
N GLY A 98 1.60 -19.72 0.13
CA GLY A 98 1.82 -18.39 -0.38
C GLY A 98 2.39 -17.44 0.65
N VAL A 99 2.41 -16.15 0.34
CA VAL A 99 2.84 -15.14 1.29
C VAL A 99 1.68 -14.21 1.67
N THR A 100 1.49 -14.03 2.97
CA THR A 100 0.38 -13.23 3.46
C THR A 100 0.83 -11.82 3.84
N VAL A 101 0.10 -10.82 3.36
CA VAL A 101 0.44 -9.42 3.63
C VAL A 101 -0.56 -8.78 4.57
N ARG A 102 -0.07 -8.35 5.73
CA ARG A 102 -0.93 -7.77 6.75
C ARG A 102 -0.64 -6.28 6.94
N VAL A 103 -1.65 -5.46 6.72
CA VAL A 103 -1.50 -4.02 6.89
C VAL A 103 -2.46 -3.47 7.94
N SER A 104 -1.92 -2.82 8.96
CA SER A 104 -2.72 -2.16 9.97
C SER A 104 -2.49 -0.65 9.96
N PHE A 105 -3.58 0.11 9.93
CA PHE A 105 -3.49 1.56 9.80
C PHE A 105 -4.55 2.24 10.66
N VAL A 106 -4.29 3.49 11.04
CA VAL A 106 -5.22 4.25 11.87
C VAL A 106 -6.31 4.90 11.03
N ALA A 107 -7.55 4.78 11.49
CA ALA A 107 -8.70 5.27 10.74
C ALA A 107 -8.73 6.80 10.74
N GLU A 108 -9.22 7.37 9.64
CA GLU A 108 -9.42 8.81 9.56
C GLU A 108 -10.85 9.19 9.99
N THR A 109 -10.96 10.16 10.89
CA THR A 109 -12.25 10.57 11.41
C THR A 109 -13.15 11.12 10.29
N GLU A 110 -12.51 11.56 9.21
CA GLU A 110 -13.25 12.18 8.10
C GLU A 110 -13.93 11.12 7.24
N TYR A 111 -13.48 9.88 7.38
CA TYR A 111 -14.00 8.79 6.55
C TYR A 111 -14.47 7.63 7.44
N PRO A 112 -15.52 6.94 6.99
CA PRO A 112 -16.07 5.78 7.69
C PRO A 112 -15.04 4.66 7.85
N VAL A 113 -15.06 4.01 9.01
CA VAL A 113 -14.16 2.90 9.27
C VAL A 113 -14.32 1.81 8.23
N GLU A 114 -15.55 1.47 7.90
CA GLU A 114 -15.84 0.41 6.95
C GLU A 114 -15.23 0.72 5.59
N GLN A 115 -15.44 1.95 5.11
CA GLN A 115 -15.00 2.33 3.78
C GLN A 115 -13.47 2.38 3.70
N GLN A 116 -12.84 2.77 4.80
CA GLN A 116 -11.38 2.82 4.86
C GLN A 116 -10.78 1.42 4.80
N GLN A 117 -11.41 0.49 5.51
CA GLN A 117 -11.00 -0.91 5.47
C GLN A 117 -11.06 -1.46 4.05
N GLN A 118 -12.16 -1.17 3.36
CA GLN A 118 -12.37 -1.67 2.00
C GLN A 118 -11.34 -1.06 1.05
N GLY A 119 -11.03 0.22 1.26
CA GLY A 119 -10.08 0.90 0.40
C GLY A 119 -8.69 0.31 0.48
N TRP A 120 -8.19 0.13 1.70
CA TRP A 120 -6.87 -0.44 1.91
C TRP A 120 -6.83 -1.90 1.47
N GLN A 121 -7.93 -2.61 1.66
CA GLN A 121 -8.07 -3.98 1.18
C GLN A 121 -8.02 -4.02 -0.34
N ALA A 122 -8.70 -3.07 -0.98
CA ALA A 122 -8.72 -2.99 -2.43
C ALA A 122 -7.33 -2.72 -2.99
N ILE A 123 -6.54 -1.94 -2.26
CA ILE A 123 -5.16 -1.66 -2.65
C ILE A 123 -4.33 -2.95 -2.64
N LEU A 124 -4.47 -3.73 -1.58
CA LEU A 124 -3.79 -5.02 -1.48
C LEU A 124 -4.35 -6.00 -2.50
N ASN A 125 -5.65 -5.91 -2.75
CA ASN A 125 -6.30 -6.75 -3.75
C ASN A 125 -5.76 -6.45 -5.15
N ASN A 126 -5.52 -5.17 -5.42
CA ASN A 126 -4.87 -4.77 -6.66
C ASN A 126 -3.44 -5.28 -6.73
N PHE A 127 -2.76 -5.27 -5.58
CA PHE A 127 -1.43 -5.86 -5.48
C PHE A 127 -1.47 -7.35 -5.80
N LYS A 128 -2.50 -8.03 -5.30
CA LYS A 128 -2.70 -9.45 -5.59
C LYS A 128 -2.82 -9.68 -7.09
N ARG A 129 -3.65 -8.87 -7.75
CA ARG A 129 -3.83 -8.95 -9.19
C ARG A 129 -2.51 -8.69 -9.91
N HIS A 130 -1.70 -7.80 -9.36
CA HIS A 130 -0.37 -7.52 -9.90
C HIS A 130 0.50 -8.76 -9.84
N VAL A 131 0.47 -9.46 -8.71
CA VAL A 131 1.19 -10.72 -8.56
C VAL A 131 0.68 -11.76 -9.56
N GLU A 132 -0.64 -11.81 -9.74
CA GLU A 132 -1.25 -12.77 -10.63
C GLU A 132 -0.79 -12.54 -12.08
N SER A 133 -0.48 -11.29 -12.40
CA SER A 133 -0.01 -10.94 -13.74
C SER A 133 1.45 -11.36 -13.92
N HIS A 134 2.11 -11.68 -12.82
CA HIS A 134 3.50 -12.14 -12.86
C HIS A 134 3.56 -13.66 -12.88
N LEU A 135 2.40 -14.30 -13.04
CA LEU A 135 2.34 -15.75 -13.20
C LEU A 135 2.32 -16.13 -14.68
N GLU A 136 1.31 -16.90 -15.07
CA GLU A 136 1.21 -17.39 -16.45
C GLU A 136 0.77 -16.26 -17.38
N HIS A 137 1.68 -15.34 -17.66
CA HIS A 137 1.40 -14.24 -18.59
C HIS A 137 1.19 -14.76 -20.00
N HIS A 138 0.23 -14.15 -20.70
CA HIS A 138 -0.10 -14.57 -22.05
C HIS A 138 0.23 -13.47 -23.06
N MET A 1 -9.34 4.06 16.58
CA MET A 1 -9.75 2.84 15.88
C MET A 1 -8.62 2.32 15.01
N ASN A 2 -8.11 1.13 15.34
CA ASN A 2 -7.11 0.47 14.52
C ASN A 2 -7.76 -0.56 13.60
N ILE A 3 -7.43 -0.48 12.31
CA ILE A 3 -7.96 -1.41 11.34
C ILE A 3 -6.89 -2.41 10.90
N THR A 4 -7.23 -3.70 10.96
CA THR A 4 -6.31 -4.75 10.56
C THR A 4 -6.86 -5.56 9.39
N VAL A 5 -6.05 -5.73 8.36
CA VAL A 5 -6.46 -6.48 7.18
C VAL A 5 -5.37 -7.45 6.73
N GLU A 6 -5.76 -8.45 5.95
CA GLU A 6 -4.82 -9.47 5.48
C GLU A 6 -5.08 -9.81 4.02
N THR A 7 -4.01 -9.96 3.24
CA THR A 7 -4.13 -10.39 1.85
C THR A 7 -3.01 -11.36 1.49
N THR A 8 -3.38 -12.51 0.93
CA THR A 8 -2.42 -13.54 0.59
C THR A 8 -2.16 -13.58 -0.91
N VAL A 9 -0.89 -13.45 -1.29
CA VAL A 9 -0.52 -13.40 -2.71
C VAL A 9 0.49 -14.50 -3.04
N ALA A 10 0.41 -15.01 -4.27
CA ALA A 10 1.33 -16.05 -4.72
C ALA A 10 2.60 -15.44 -5.31
N ALA A 11 3.47 -14.96 -4.44
CA ALA A 11 4.74 -14.39 -4.87
C ALA A 11 5.79 -14.48 -3.76
N PRO A 12 7.06 -14.60 -4.16
CA PRO A 12 8.19 -14.64 -3.22
C PRO A 12 8.19 -13.45 -2.27
N VAL A 13 8.61 -13.68 -1.02
CA VAL A 13 8.50 -12.67 0.02
C VAL A 13 9.23 -11.38 -0.38
N GLY A 14 10.41 -11.54 -0.97
CA GLY A 14 11.20 -10.39 -1.36
C GLY A 14 10.53 -9.56 -2.44
N LYS A 15 9.94 -10.24 -3.41
CA LYS A 15 9.22 -9.56 -4.49
C LYS A 15 7.97 -8.88 -3.95
N VAL A 16 7.29 -9.54 -3.01
CA VAL A 16 6.09 -8.98 -2.40
C VAL A 16 6.42 -7.73 -1.61
N TRP A 17 7.47 -7.79 -0.81
CA TRP A 17 7.89 -6.64 -0.01
C TRP A 17 8.32 -5.49 -0.92
N ARG A 18 9.11 -5.79 -1.94
CA ARG A 18 9.62 -4.77 -2.84
C ARG A 18 8.49 -4.13 -3.64
N ALA A 19 7.55 -4.96 -4.07
CA ALA A 19 6.38 -4.47 -4.81
C ALA A 19 5.51 -3.58 -3.95
N TYR A 20 5.40 -3.92 -2.66
CA TYR A 20 4.56 -3.18 -1.74
C TYR A 20 5.07 -1.76 -1.55
N THR A 21 6.39 -1.58 -1.73
CA THR A 21 7.03 -0.30 -1.46
C THR A 21 7.66 0.26 -2.72
N THR A 22 7.17 -0.17 -3.88
CA THR A 22 7.54 0.45 -5.15
C THR A 22 6.54 1.53 -5.53
N PRO A 23 7.05 2.75 -5.77
CA PRO A 23 6.21 3.92 -6.07
C PRO A 23 5.44 3.75 -7.38
N GLU A 24 6.09 3.14 -8.37
CA GLU A 24 5.44 2.86 -9.64
C GLU A 24 4.28 1.90 -9.47
N ASP A 25 4.44 0.96 -8.54
CA ASP A 25 3.39 -0.01 -8.24
C ASP A 25 2.28 0.63 -7.41
N ILE A 26 2.67 1.41 -6.41
CA ILE A 26 1.72 1.99 -5.48
C ILE A 26 0.75 2.94 -6.19
N LYS A 27 1.30 3.78 -7.06
CA LYS A 27 0.52 4.79 -7.75
C LYS A 27 -0.55 4.14 -8.63
N GLN A 28 -0.34 2.88 -8.97
CA GLN A 28 -1.28 2.15 -9.82
C GLN A 28 -2.36 1.49 -8.99
N TRP A 29 -2.07 1.26 -7.70
CA TRP A 29 -2.95 0.48 -6.85
C TRP A 29 -4.03 1.37 -6.22
N ASN A 30 -3.92 2.67 -6.45
CA ASN A 30 -4.92 3.61 -5.98
C ASN A 30 -6.33 3.08 -6.21
N ALA A 31 -7.17 3.17 -5.19
CA ALA A 31 -8.47 2.51 -5.21
C ALA A 31 -9.44 3.24 -6.13
N ALA A 32 -9.13 4.50 -6.42
CA ALA A 32 -10.04 5.35 -7.19
C ALA A 32 -9.91 5.06 -8.69
N SER A 33 -10.59 5.88 -9.50
CA SER A 33 -10.66 5.63 -10.94
C SER A 33 -9.28 5.70 -11.58
N ASP A 34 -9.00 4.79 -12.50
CA ASP A 34 -7.77 4.83 -13.28
C ASP A 34 -7.88 5.81 -14.43
N ASP A 35 -9.08 6.37 -14.60
CA ASP A 35 -9.37 7.17 -15.79
C ASP A 35 -9.54 8.64 -15.41
N TRP A 36 -10.27 8.90 -14.33
CA TRP A 36 -10.56 10.26 -13.92
C TRP A 36 -9.78 10.63 -12.66
N HIS A 37 -8.65 9.96 -12.47
CA HIS A 37 -7.71 10.32 -11.41
C HIS A 37 -6.27 10.08 -11.84
N THR A 38 -5.40 11.03 -11.54
CA THR A 38 -3.97 10.88 -11.80
C THR A 38 -3.19 10.71 -10.50
N THR A 39 -2.36 9.68 -10.45
CA THR A 39 -1.63 9.34 -9.24
C THR A 39 -0.13 9.20 -9.51
N ALA A 40 0.68 9.76 -8.62
CA ALA A 40 2.12 9.59 -8.69
C ALA A 40 2.72 9.43 -7.30
N ALA A 41 3.77 8.61 -7.20
CA ALA A 41 4.42 8.35 -5.92
C ALA A 41 5.93 8.32 -6.07
N THR A 42 6.63 8.71 -5.00
CA THR A 42 8.07 8.49 -4.90
C THR A 42 8.45 7.95 -3.53
N VAL A 43 9.22 6.86 -3.51
CA VAL A 43 9.58 6.20 -2.26
C VAL A 43 11.10 6.04 -2.14
N ASP A 44 11.63 6.47 -1.00
CA ASP A 44 13.01 6.15 -0.64
C ASP A 44 13.05 4.90 0.25
N LEU A 45 13.62 3.83 -0.29
CA LEU A 45 13.58 2.52 0.37
C LEU A 45 14.70 2.42 1.41
N ARG A 46 14.40 2.85 2.62
CA ARG A 46 15.33 2.69 3.74
C ARG A 46 14.64 2.97 5.07
N GLU A 47 15.17 2.38 6.14
CA GLU A 47 14.72 2.71 7.49
C GLU A 47 15.01 4.17 7.83
N GLY A 48 13.96 4.92 8.14
CA GLY A 48 14.09 6.35 8.31
C GLY A 48 13.87 7.12 7.02
N GLY A 49 13.79 6.39 5.91
CA GLY A 49 13.64 7.03 4.61
C GLY A 49 12.27 7.61 4.40
N ALA A 50 12.18 8.63 3.55
CA ALA A 50 10.93 9.34 3.34
C ALA A 50 10.24 8.87 2.07
N PHE A 51 8.91 8.98 2.04
CA PHE A 51 8.14 8.71 0.83
C PHE A 51 6.97 9.67 0.70
N SER A 52 6.51 9.87 -0.53
CA SER A 52 5.47 10.85 -0.81
C SER A 52 4.57 10.37 -1.95
N SER A 53 3.29 10.73 -1.87
CA SER A 53 2.35 10.41 -2.94
C SER A 53 1.48 11.63 -3.28
N ARG A 54 1.42 11.96 -4.56
CA ARG A 54 0.62 13.08 -5.02
C ARG A 54 -0.61 12.60 -5.79
N MET A 55 -1.79 12.96 -5.29
CA MET A 55 -3.04 12.58 -5.94
C MET A 55 -3.74 13.80 -6.52
N GLU A 56 -4.15 13.68 -7.78
CA GLU A 56 -4.85 14.77 -8.46
C GLU A 56 -6.07 14.25 -9.21
N ALA A 57 -7.15 15.03 -9.20
CA ALA A 57 -8.32 14.72 -10.00
C ALA A 57 -8.08 15.04 -11.47
N LYS A 58 -8.56 14.17 -12.36
CA LYS A 58 -8.43 14.38 -13.79
C LYS A 58 -9.15 15.66 -14.22
N ASP A 59 -10.19 16.03 -13.48
CA ASP A 59 -10.95 17.23 -13.78
C ASP A 59 -10.22 18.47 -13.28
N GLY A 60 -9.17 18.25 -12.50
CA GLY A 60 -8.31 19.35 -12.10
C GLY A 60 -8.95 20.23 -11.04
N SER A 61 -9.97 19.71 -10.39
CA SER A 61 -10.76 20.50 -9.44
C SER A 61 -10.13 20.44 -8.04
N MET A 62 -9.45 19.33 -7.75
CA MET A 62 -8.98 19.07 -6.40
C MET A 62 -7.78 18.11 -6.42
N GLY A 63 -7.03 18.10 -5.33
CA GLY A 63 -5.97 17.12 -5.18
C GLY A 63 -5.30 17.19 -3.82
N PHE A 64 -4.50 16.17 -3.50
CA PHE A 64 -3.88 16.08 -2.19
C PHE A 64 -2.39 15.76 -2.31
N ASP A 65 -1.60 16.32 -1.41
CA ASP A 65 -0.21 15.92 -1.26
C ASP A 65 0.01 15.12 0.01
N PHE A 66 0.40 13.87 -0.14
CA PHE A 66 0.55 12.97 1.00
C PHE A 66 2.02 12.63 1.24
N ALA A 67 2.41 12.56 2.51
CA ALA A 67 3.79 12.33 2.88
C ALA A 67 3.89 11.40 4.08
N GLY A 68 4.96 10.60 4.12
CA GLY A 68 5.21 9.74 5.27
C GLY A 68 6.67 9.34 5.38
N THR A 69 7.03 8.74 6.51
CA THR A 69 8.40 8.31 6.75
C THR A 69 8.44 6.90 7.30
N TYR A 70 9.50 6.17 6.96
CA TYR A 70 9.70 4.82 7.49
C TYR A 70 10.35 4.88 8.87
N THR A 71 9.93 3.95 9.74
CA THR A 71 10.44 3.91 11.10
C THR A 71 11.27 2.65 11.34
N LYS A 72 10.87 1.56 10.70
CA LYS A 72 11.48 0.26 10.97
C LYS A 72 11.41 -0.64 9.73
N VAL A 73 12.52 -1.29 9.41
CA VAL A 73 12.55 -2.32 8.38
C VAL A 73 13.39 -3.50 8.81
N VAL A 74 12.80 -4.69 8.77
CA VAL A 74 13.46 -5.90 9.24
C VAL A 74 13.35 -7.03 8.23
N GLU A 75 14.49 -7.60 7.85
CA GLU A 75 14.51 -8.81 7.04
C GLU A 75 13.56 -8.67 5.84
N ASN A 76 13.44 -7.45 5.33
CA ASN A 76 12.48 -7.17 4.26
C ASN A 76 11.14 -7.86 4.53
N LYS A 77 10.70 -7.82 5.77
CA LYS A 77 9.68 -8.75 6.26
C LYS A 77 8.78 -8.09 7.29
N ARG A 78 9.35 -7.15 8.05
CA ARG A 78 8.57 -6.38 9.01
C ARG A 78 8.89 -4.89 8.89
N ILE A 79 7.88 -4.09 8.58
CA ILE A 79 8.10 -2.70 8.16
C ILE A 79 7.03 -1.79 8.73
N GLU A 80 7.46 -0.72 9.39
CA GLU A 80 6.53 0.23 9.99
C GLU A 80 6.80 1.64 9.47
N TYR A 81 5.72 2.38 9.21
CA TYR A 81 5.83 3.72 8.65
C TYR A 81 4.69 4.61 9.14
N ALA A 82 4.88 5.92 9.02
CA ALA A 82 3.86 6.88 9.43
C ALA A 82 3.37 7.69 8.24
N PHE A 83 2.05 7.79 8.10
CA PHE A 83 1.45 8.36 6.89
C PHE A 83 0.57 9.56 7.24
N GLY A 84 1.08 10.76 6.98
CA GLY A 84 0.38 11.97 7.38
C GLY A 84 0.30 12.11 8.89
N ASP A 85 -0.92 12.18 9.40
CA ASP A 85 -1.14 12.21 10.84
C ASP A 85 -1.56 10.83 11.35
N ARG A 86 -1.37 9.82 10.51
CA ARG A 86 -1.72 8.44 10.88
C ARG A 86 -0.50 7.54 10.85
N THR A 87 -0.63 6.35 11.42
CA THR A 87 0.46 5.38 11.43
C THR A 87 0.00 4.02 10.91
N ALA A 88 0.95 3.24 10.41
CA ALA A 88 0.64 1.89 9.95
C ALA A 88 1.83 0.95 10.17
N LYS A 89 1.54 -0.32 10.43
CA LYS A 89 2.58 -1.32 10.59
C LYS A 89 2.27 -2.58 9.78
N VAL A 90 3.22 -2.99 8.97
CA VAL A 90 3.00 -4.10 8.03
C VAL A 90 3.93 -5.27 8.33
N GLU A 91 3.38 -6.47 8.30
CA GLU A 91 4.18 -7.69 8.48
C GLU A 91 3.96 -8.65 7.32
N PHE A 92 5.02 -9.35 6.94
CA PHE A 92 4.96 -10.32 5.85
C PHE A 92 5.26 -11.73 6.34
N LEU A 93 4.34 -12.65 6.10
CA LEU A 93 4.48 -14.02 6.59
C LEU A 93 4.64 -15.00 5.42
N GLU A 94 5.68 -15.81 5.48
CA GLU A 94 5.91 -16.83 4.46
C GLU A 94 5.03 -18.05 4.71
N ALA A 95 4.15 -18.34 3.76
CA ALA A 95 3.30 -19.52 3.84
C ALA A 95 3.72 -20.58 2.83
N PRO A 96 3.29 -21.83 3.05
CA PRO A 96 3.59 -22.95 2.15
C PRO A 96 2.90 -22.81 0.81
N GLN A 97 1.76 -22.11 0.80
CA GLN A 97 0.96 -21.97 -0.42
C GLN A 97 1.15 -20.59 -1.02
N GLY A 98 1.79 -19.69 -0.27
CA GLY A 98 1.96 -18.33 -0.73
C GLY A 98 2.60 -17.43 0.32
N VAL A 99 2.53 -16.13 0.10
CA VAL A 99 2.97 -15.17 1.11
C VAL A 99 1.81 -14.29 1.58
N THR A 100 1.63 -14.22 2.89
CA THR A 100 0.52 -13.48 3.47
C THR A 100 0.95 -12.10 3.95
N VAL A 101 0.21 -11.08 3.53
CA VAL A 101 0.54 -9.71 3.89
C VAL A 101 -0.46 -9.15 4.90
N ARG A 102 0.04 -8.78 6.08
CA ARG A 102 -0.82 -8.26 7.15
C ARG A 102 -0.55 -6.78 7.39
N VAL A 103 -1.59 -5.96 7.25
CA VAL A 103 -1.46 -4.52 7.42
C VAL A 103 -2.38 -4.02 8.52
N SER A 104 -1.80 -3.32 9.50
CA SER A 104 -2.59 -2.60 10.48
C SER A 104 -2.35 -1.09 10.37
N PHE A 105 -3.43 -0.33 10.28
CA PHE A 105 -3.34 1.11 10.08
C PHE A 105 -4.42 1.84 10.88
N VAL A 106 -4.16 3.10 11.20
CA VAL A 106 -5.10 3.91 11.95
C VAL A 106 -6.25 4.39 11.05
N ALA A 107 -7.47 4.24 11.55
CA ALA A 107 -8.65 4.71 10.83
C ALA A 107 -8.73 6.24 10.85
N GLU A 108 -9.09 6.83 9.72
CA GLU A 108 -9.24 8.27 9.62
C GLU A 108 -10.63 8.70 10.11
N THR A 109 -10.64 9.64 11.05
CA THR A 109 -11.89 10.05 11.70
C THR A 109 -12.85 10.69 10.71
N GLU A 110 -12.28 11.24 9.62
CA GLU A 110 -13.08 11.93 8.63
C GLU A 110 -13.90 10.96 7.79
N TYR A 111 -13.52 9.68 7.85
CA TYR A 111 -14.20 8.65 7.08
C TYR A 111 -14.60 7.48 7.96
N PRO A 112 -15.69 6.79 7.60
CA PRO A 112 -16.16 5.60 8.30
C PRO A 112 -15.08 4.53 8.44
N VAL A 113 -15.08 3.84 9.58
CA VAL A 113 -14.12 2.77 9.81
C VAL A 113 -14.22 1.69 8.74
N GLU A 114 -15.46 1.30 8.42
CA GLU A 114 -15.70 0.28 7.40
C GLU A 114 -15.25 0.77 6.03
N GLN A 115 -15.47 2.05 5.75
CA GLN A 115 -15.07 2.64 4.48
C GLN A 115 -13.55 2.64 4.33
N GLN A 116 -12.86 2.93 5.42
CA GLN A 116 -11.40 2.92 5.43
C GLN A 116 -10.87 1.51 5.22
N GLN A 117 -11.51 0.53 5.89
CA GLN A 117 -11.10 -0.86 5.78
C GLN A 117 -11.25 -1.35 4.33
N GLN A 118 -12.42 -1.12 3.76
CA GLN A 118 -12.73 -1.63 2.43
C GLN A 118 -11.92 -0.91 1.36
N GLY A 119 -11.79 0.41 1.52
CA GLY A 119 -11.01 1.19 0.56
C GLY A 119 -9.55 0.79 0.55
N TRP A 120 -8.97 0.61 1.73
CA TRP A 120 -7.60 0.14 1.85
C TRP A 120 -7.46 -1.27 1.30
N GLN A 121 -8.45 -2.12 1.57
CA GLN A 121 -8.44 -3.50 1.08
C GLN A 121 -8.49 -3.53 -0.44
N ALA A 122 -9.21 -2.57 -1.04
CA ALA A 122 -9.26 -2.44 -2.48
C ALA A 122 -7.89 -2.20 -3.07
N ILE A 123 -7.06 -1.44 -2.35
CA ILE A 123 -5.68 -1.23 -2.75
C ILE A 123 -4.87 -2.52 -2.67
N LEU A 124 -5.05 -3.25 -1.57
CA LEU A 124 -4.39 -4.54 -1.39
C LEU A 124 -4.89 -5.55 -2.42
N ASN A 125 -6.16 -5.44 -2.78
CA ASN A 125 -6.73 -6.27 -3.83
C ASN A 125 -6.07 -5.98 -5.17
N ASN A 126 -5.80 -4.71 -5.43
CA ASN A 126 -5.05 -4.31 -6.61
C ASN A 126 -3.62 -4.86 -6.56
N PHE A 127 -3.05 -4.87 -5.37
CA PHE A 127 -1.74 -5.48 -5.16
C PHE A 127 -1.76 -6.97 -5.52
N LYS A 128 -2.80 -7.66 -5.05
CA LYS A 128 -2.97 -9.07 -5.39
C LYS A 128 -3.11 -9.26 -6.89
N ARG A 129 -3.90 -8.41 -7.52
CA ARG A 129 -4.08 -8.47 -8.97
C ARG A 129 -2.76 -8.19 -9.69
N HIS A 130 -1.95 -7.33 -9.11
CA HIS A 130 -0.62 -7.06 -9.65
C HIS A 130 0.25 -8.32 -9.62
N VAL A 131 0.21 -9.03 -8.51
CA VAL A 131 0.91 -10.31 -8.39
C VAL A 131 0.34 -11.33 -9.37
N GLU A 132 -0.97 -11.32 -9.54
CA GLU A 132 -1.62 -12.19 -10.50
C GLU A 132 -1.18 -11.87 -11.93
N SER A 133 -0.86 -10.60 -12.16
CA SER A 133 -0.37 -10.17 -13.47
C SER A 133 1.06 -10.65 -13.70
N HIS A 134 1.71 -11.09 -12.63
CA HIS A 134 3.05 -11.65 -12.74
C HIS A 134 3.00 -13.17 -12.88
N LEU A 135 1.82 -13.69 -13.17
CA LEU A 135 1.66 -15.11 -13.48
C LEU A 135 1.77 -15.36 -14.98
N GLU A 136 1.06 -16.38 -15.45
CA GLU A 136 1.11 -16.76 -16.86
C GLU A 136 0.43 -15.71 -17.73
N HIS A 137 1.10 -14.58 -17.92
CA HIS A 137 0.57 -13.50 -18.75
C HIS A 137 0.48 -13.92 -20.21
N HIS A 138 -0.64 -13.60 -20.86
CA HIS A 138 -0.83 -13.95 -22.26
C HIS A 138 -0.83 -12.70 -23.13
N MET A 1 -9.10 3.63 16.84
CA MET A 1 -9.49 2.36 16.24
C MET A 1 -8.38 1.82 15.34
N ASN A 2 -7.95 0.59 15.62
CA ASN A 2 -6.97 -0.07 14.76
C ASN A 2 -7.65 -1.06 13.82
N ILE A 3 -7.34 -0.95 12.54
CA ILE A 3 -7.91 -1.85 11.53
C ILE A 3 -6.84 -2.76 10.94
N THR A 4 -7.13 -4.05 10.89
CA THR A 4 -6.18 -5.03 10.38
C THR A 4 -6.73 -5.76 9.17
N VAL A 5 -5.91 -5.92 8.14
CA VAL A 5 -6.28 -6.69 6.96
C VAL A 5 -5.22 -7.72 6.61
N GLU A 6 -5.63 -8.76 5.89
CA GLU A 6 -4.71 -9.82 5.50
C GLU A 6 -4.96 -10.26 4.06
N THR A 7 -3.89 -10.59 3.35
CA THR A 7 -4.00 -11.19 2.02
C THR A 7 -2.87 -12.18 1.77
N THR A 8 -3.21 -13.32 1.18
CA THR A 8 -2.21 -14.32 0.82
C THR A 8 -2.05 -14.41 -0.69
N VAL A 9 -0.81 -14.26 -1.16
CA VAL A 9 -0.54 -14.21 -2.59
C VAL A 9 0.64 -15.10 -2.95
N ALA A 10 0.67 -15.57 -4.19
CA ALA A 10 1.74 -16.45 -4.65
C ALA A 10 2.94 -15.65 -5.15
N ALA A 11 3.73 -15.14 -4.21
CA ALA A 11 4.91 -14.36 -4.56
C ALA A 11 5.96 -14.44 -3.46
N PRO A 12 7.24 -14.29 -3.85
CA PRO A 12 8.36 -14.30 -2.90
C PRO A 12 8.36 -13.08 -1.98
N VAL A 13 8.80 -13.28 -0.74
CA VAL A 13 8.64 -12.27 0.30
C VAL A 13 9.34 -10.97 -0.09
N GLY A 14 10.55 -11.10 -0.64
CA GLY A 14 11.32 -9.92 -0.99
C GLY A 14 10.65 -9.08 -2.06
N LYS A 15 10.12 -9.74 -3.09
CA LYS A 15 9.40 -9.05 -4.15
C LYS A 15 8.11 -8.42 -3.61
N VAL A 16 7.44 -9.12 -2.72
CA VAL A 16 6.22 -8.62 -2.10
C VAL A 16 6.50 -7.38 -1.26
N TRP A 17 7.58 -7.43 -0.49
CA TRP A 17 8.00 -6.28 0.31
C TRP A 17 8.29 -5.07 -0.58
N ARG A 18 9.01 -5.31 -1.67
CA ARG A 18 9.37 -4.23 -2.59
C ARG A 18 8.13 -3.66 -3.26
N ALA A 19 7.22 -4.53 -3.68
CA ALA A 19 6.06 -4.12 -4.46
C ALA A 19 5.10 -3.29 -3.60
N TYR A 20 5.06 -3.59 -2.31
CA TYR A 20 4.13 -2.93 -1.41
C TYR A 20 4.35 -1.41 -1.42
N THR A 21 5.59 -1.00 -1.64
CA THR A 21 5.91 0.42 -1.72
C THR A 21 6.86 0.70 -2.89
N THR A 22 6.49 0.19 -4.07
CA THR A 22 7.07 0.68 -5.31
C THR A 22 6.10 1.61 -6.04
N PRO A 23 6.59 2.82 -6.38
CA PRO A 23 5.76 3.87 -6.99
C PRO A 23 5.21 3.45 -8.35
N GLU A 24 6.01 2.72 -9.11
CA GLU A 24 5.57 2.18 -10.39
C GLU A 24 4.43 1.19 -10.21
N ASP A 25 4.45 0.47 -9.09
CA ASP A 25 3.38 -0.44 -8.74
C ASP A 25 2.17 0.32 -8.20
N ILE A 26 2.44 1.33 -7.38
CA ILE A 26 1.39 2.07 -6.69
C ILE A 26 0.47 2.78 -7.68
N LYS A 27 1.07 3.35 -8.73
CA LYS A 27 0.32 4.14 -9.70
C LYS A 27 -0.71 3.28 -10.42
N GLN A 28 -0.51 1.97 -10.39
CA GLN A 28 -1.43 1.04 -11.05
C GLN A 28 -2.64 0.77 -10.18
N TRP A 29 -2.51 1.01 -8.88
CA TRP A 29 -3.55 0.66 -7.92
C TRP A 29 -4.63 1.73 -7.88
N ASN A 30 -4.38 2.86 -8.53
CA ASN A 30 -5.33 3.96 -8.56
C ASN A 30 -6.61 3.54 -9.29
N ALA A 31 -7.75 3.90 -8.70
CA ALA A 31 -9.04 3.48 -9.24
C ALA A 31 -9.44 4.36 -10.42
N ALA A 32 -9.15 5.65 -10.32
CA ALA A 32 -9.47 6.59 -11.40
C ALA A 32 -8.71 6.22 -12.67
N SER A 33 -8.92 7.02 -13.72
CA SER A 33 -8.54 6.61 -15.06
C SER A 33 -7.08 6.93 -15.35
N ASP A 34 -6.45 6.16 -16.23
CA ASP A 34 -5.10 6.44 -16.68
C ASP A 34 -5.09 7.58 -17.70
N ASP A 35 -6.28 8.09 -18.00
CA ASP A 35 -6.44 9.06 -19.09
C ASP A 35 -6.81 10.43 -18.54
N TRP A 36 -7.63 10.46 -17.51
CA TRP A 36 -8.17 11.71 -16.98
C TRP A 36 -7.61 11.99 -15.58
N HIS A 37 -6.79 11.08 -15.08
CA HIS A 37 -6.18 11.24 -13.77
C HIS A 37 -4.67 11.11 -13.86
N THR A 38 -3.97 12.08 -13.27
CA THR A 38 -2.52 12.08 -13.25
C THR A 38 -1.99 11.61 -11.89
N THR A 39 -1.18 10.55 -11.91
CA THR A 39 -0.60 10.01 -10.68
C THR A 39 0.92 9.94 -10.77
N ALA A 40 1.58 10.29 -9.67
CA ALA A 40 3.03 10.12 -9.57
C ALA A 40 3.46 9.91 -8.12
N ALA A 41 4.37 8.98 -7.90
CA ALA A 41 4.82 8.65 -6.56
C ALA A 41 6.33 8.47 -6.52
N THR A 42 6.93 8.81 -5.38
CA THR A 42 8.35 8.53 -5.15
C THR A 42 8.57 7.90 -3.77
N VAL A 43 9.34 6.81 -3.74
CA VAL A 43 9.58 6.10 -2.50
C VAL A 43 11.08 5.86 -2.29
N ASP A 44 11.57 6.28 -1.13
CA ASP A 44 12.91 5.90 -0.69
C ASP A 44 12.86 4.71 0.26
N LEU A 45 13.31 3.56 -0.21
CA LEU A 45 13.18 2.31 0.54
C LEU A 45 14.29 2.17 1.56
N ARG A 46 14.05 2.68 2.77
CA ARG A 46 15.01 2.55 3.86
C ARG A 46 14.37 2.91 5.20
N GLU A 47 14.97 2.44 6.28
CA GLU A 47 14.57 2.86 7.62
C GLU A 47 14.77 4.36 7.80
N GLY A 48 13.69 5.07 8.11
CA GLY A 48 13.75 6.52 8.20
C GLY A 48 13.52 7.20 6.88
N GLY A 49 13.37 6.41 5.82
CA GLY A 49 13.25 6.97 4.49
C GLY A 49 11.89 7.58 4.24
N ALA A 50 11.85 8.56 3.33
CA ALA A 50 10.60 9.27 3.05
C ALA A 50 9.95 8.76 1.78
N PHE A 51 8.62 8.86 1.72
CA PHE A 51 7.88 8.53 0.51
C PHE A 51 6.70 9.48 0.33
N SER A 52 6.26 9.63 -0.92
CA SER A 52 5.17 10.54 -1.23
C SER A 52 4.42 10.08 -2.47
N SER A 53 3.10 10.23 -2.46
CA SER A 53 2.28 9.91 -3.62
C SER A 53 1.29 11.05 -3.92
N ARG A 54 1.41 11.62 -5.11
CA ARG A 54 0.64 12.81 -5.46
C ARG A 54 -0.37 12.50 -6.56
N MET A 55 -1.61 12.93 -6.35
CA MET A 55 -2.67 12.74 -7.35
C MET A 55 -3.21 14.07 -7.82
N GLU A 56 -3.39 14.21 -9.13
CA GLU A 56 -4.01 15.40 -9.70
C GLU A 56 -5.03 15.02 -10.77
N ALA A 57 -6.05 15.85 -10.94
CA ALA A 57 -7.08 15.63 -11.94
C ALA A 57 -6.74 16.34 -13.25
N LYS A 58 -6.98 15.67 -14.36
CA LYS A 58 -6.86 16.30 -15.67
C LYS A 58 -7.84 17.46 -15.81
N ASP A 59 -8.95 17.37 -15.08
CA ASP A 59 -9.97 18.42 -15.13
C ASP A 59 -9.63 19.56 -14.17
N GLY A 60 -8.62 19.33 -13.34
CA GLY A 60 -8.09 20.41 -12.51
C GLY A 60 -9.07 20.84 -11.44
N SER A 61 -9.99 19.95 -11.08
CA SER A 61 -11.04 20.28 -10.13
C SER A 61 -10.57 20.07 -8.70
N MET A 62 -9.88 18.96 -8.45
CA MET A 62 -9.48 18.59 -7.10
C MET A 62 -8.39 17.52 -7.13
N GLY A 63 -7.73 17.32 -6.00
CA GLY A 63 -6.76 16.24 -5.89
C GLY A 63 -6.13 16.17 -4.51
N PHE A 64 -5.41 15.09 -4.25
CA PHE A 64 -4.83 14.85 -2.93
C PHE A 64 -3.34 14.52 -3.03
N ASP A 65 -2.58 14.92 -2.02
CA ASP A 65 -1.16 14.64 -1.98
C ASP A 65 -0.76 14.00 -0.65
N PHE A 66 -0.23 12.78 -0.71
CA PHE A 66 0.06 12.01 0.49
C PHE A 66 1.57 11.90 0.70
N ALA A 67 1.99 12.07 1.95
CA ALA A 67 3.40 11.94 2.31
C ALA A 67 3.57 11.21 3.63
N GLY A 68 4.62 10.40 3.73
CA GLY A 68 4.88 9.64 4.94
C GLY A 68 6.33 9.25 5.09
N THR A 69 6.68 8.71 6.26
CA THR A 69 8.05 8.30 6.52
C THR A 69 8.10 6.90 7.13
N TYR A 70 9.19 6.19 6.87
CA TYR A 70 9.41 4.88 7.47
C TYR A 70 10.02 5.01 8.86
N THR A 71 9.67 4.07 9.74
CA THR A 71 10.16 4.10 11.11
C THR A 71 11.08 2.91 11.39
N LYS A 72 10.80 1.78 10.74
CA LYS A 72 11.48 0.53 11.04
C LYS A 72 11.29 -0.48 9.92
N VAL A 73 12.35 -1.23 9.61
CA VAL A 73 12.26 -2.35 8.69
C VAL A 73 13.24 -3.45 9.05
N VAL A 74 12.78 -4.69 9.03
CA VAL A 74 13.58 -5.82 9.49
C VAL A 74 13.69 -6.90 8.43
N GLU A 75 14.89 -7.07 7.88
CA GLU A 75 15.17 -8.20 7.00
C GLU A 75 14.09 -8.34 5.93
N ASN A 76 13.49 -7.21 5.55
CA ASN A 76 12.44 -7.21 4.54
C ASN A 76 11.32 -8.16 4.93
N LYS A 77 11.03 -8.23 6.22
CA LYS A 77 10.05 -9.19 6.73
C LYS A 77 8.98 -8.49 7.56
N ARG A 78 9.30 -7.28 8.04
CA ARG A 78 8.32 -6.42 8.66
C ARG A 78 8.73 -4.95 8.56
N ILE A 79 7.74 -4.08 8.39
CA ILE A 79 8.02 -2.67 8.09
C ILE A 79 6.94 -1.77 8.67
N GLU A 80 7.35 -0.69 9.32
CA GLU A 80 6.42 0.24 9.93
C GLU A 80 6.63 1.65 9.39
N TYR A 81 5.55 2.37 9.14
CA TYR A 81 5.62 3.72 8.63
C TYR A 81 4.50 4.59 9.20
N ALA A 82 4.72 5.91 9.20
CA ALA A 82 3.80 6.83 9.84
C ALA A 82 3.25 7.84 8.84
N PHE A 83 1.96 8.15 8.97
CA PHE A 83 1.33 9.17 8.14
C PHE A 83 0.63 10.22 8.99
N GLY A 84 1.24 11.39 9.11
CA GLY A 84 0.67 12.46 9.91
C GLY A 84 0.64 12.11 11.39
N ASP A 85 -0.55 12.03 11.96
CA ASP A 85 -0.72 11.64 13.35
C ASP A 85 -1.18 10.18 13.46
N ARG A 86 -1.09 9.46 12.34
CA ARG A 86 -1.49 8.05 12.31
C ARG A 86 -0.31 7.16 11.93
N THR A 87 -0.42 5.88 12.25
CA THR A 87 0.66 4.93 12.01
C THR A 87 0.14 3.67 11.34
N ALA A 88 1.05 2.94 10.69
CA ALA A 88 0.71 1.63 10.14
C ALA A 88 1.92 0.69 10.21
N LYS A 89 1.64 -0.60 10.44
CA LYS A 89 2.70 -1.59 10.55
C LYS A 89 2.36 -2.84 9.75
N VAL A 90 3.30 -3.28 8.94
CA VAL A 90 3.08 -4.43 8.06
C VAL A 90 4.03 -5.57 8.39
N GLU A 91 3.50 -6.80 8.43
CA GLU A 91 4.31 -7.97 8.64
C GLU A 91 4.12 -8.98 7.50
N PHE A 92 5.20 -9.68 7.16
CA PHE A 92 5.16 -10.66 6.08
C PHE A 92 5.52 -12.05 6.59
N LEU A 93 4.66 -13.01 6.29
CA LEU A 93 4.86 -14.38 6.75
C LEU A 93 4.99 -15.34 5.58
N GLU A 94 6.06 -16.13 5.58
CA GLU A 94 6.29 -17.11 4.52
C GLU A 94 5.42 -18.34 4.72
N ALA A 95 4.54 -18.60 3.76
CA ALA A 95 3.72 -19.81 3.78
C ALA A 95 4.27 -20.85 2.81
N PRO A 96 3.90 -22.12 3.03
CA PRO A 96 4.29 -23.23 2.14
C PRO A 96 3.70 -23.09 0.74
N GLN A 97 2.53 -22.45 0.66
CA GLN A 97 1.81 -22.35 -0.60
C GLN A 97 1.94 -20.93 -1.18
N GLY A 98 2.46 -20.02 -0.37
CA GLY A 98 2.49 -18.62 -0.77
C GLY A 98 3.06 -17.72 0.31
N VAL A 99 2.78 -16.43 0.22
CA VAL A 99 3.13 -15.49 1.29
C VAL A 99 1.89 -14.82 1.85
N THR A 100 1.82 -14.74 3.18
CA THR A 100 0.72 -14.05 3.85
C THR A 100 1.15 -12.66 4.31
N VAL A 101 0.39 -11.65 3.88
CA VAL A 101 0.71 -10.27 4.21
C VAL A 101 -0.32 -9.68 5.16
N ARG A 102 0.15 -9.19 6.31
CA ARG A 102 -0.73 -8.61 7.31
C ARG A 102 -0.45 -7.11 7.48
N VAL A 103 -1.48 -6.30 7.30
CA VAL A 103 -1.34 -4.85 7.43
C VAL A 103 -2.26 -4.31 8.52
N SER A 104 -1.67 -3.62 9.49
CA SER A 104 -2.44 -2.93 10.51
C SER A 104 -2.21 -1.42 10.43
N PHE A 105 -3.31 -0.66 10.48
CA PHE A 105 -3.23 0.79 10.37
C PHE A 105 -4.27 1.47 11.26
N VAL A 106 -4.00 2.71 11.63
CA VAL A 106 -4.94 3.49 12.43
C VAL A 106 -6.05 4.08 11.54
N ALA A 107 -7.30 3.91 11.98
CA ALA A 107 -8.43 4.40 11.21
C ALA A 107 -8.55 5.92 11.33
N GLU A 108 -8.88 6.57 10.22
CA GLU A 108 -9.08 8.01 10.20
C GLU A 108 -10.40 8.38 10.87
N THR A 109 -10.35 9.30 11.84
CA THR A 109 -11.51 9.64 12.64
C THR A 109 -12.55 10.37 11.80
N GLU A 110 -12.10 10.99 10.71
CA GLU A 110 -13.00 11.76 9.84
C GLU A 110 -13.90 10.82 9.05
N TYR A 111 -13.55 9.54 9.02
CA TYR A 111 -14.35 8.55 8.32
C TYR A 111 -14.70 7.38 9.24
N PRO A 112 -15.85 6.74 8.97
CA PRO A 112 -16.29 5.56 9.72
C PRO A 112 -15.37 4.36 9.52
N VAL A 113 -15.28 3.52 10.55
CA VAL A 113 -14.39 2.37 10.52
C VAL A 113 -14.62 1.52 9.27
N GLU A 114 -15.89 1.35 8.91
CA GLU A 114 -16.25 0.54 7.76
C GLU A 114 -15.65 1.10 6.47
N GLN A 115 -15.68 2.42 6.35
CA GLN A 115 -15.17 3.08 5.15
C GLN A 115 -13.66 2.90 5.03
N GLN A 116 -12.96 3.03 6.15
CA GLN A 116 -11.51 2.87 6.17
C GLN A 116 -11.13 1.42 5.92
N GLN A 117 -11.87 0.49 6.52
CA GLN A 117 -11.60 -0.93 6.37
C GLN A 117 -11.78 -1.37 4.92
N GLN A 118 -12.93 -1.02 4.34
CA GLN A 118 -13.25 -1.44 2.99
C GLN A 118 -12.37 -0.75 1.96
N GLY A 119 -12.16 0.55 2.17
CA GLY A 119 -11.31 1.31 1.27
C GLY A 119 -9.87 0.83 1.25
N TRP A 120 -9.33 0.57 2.43
CA TRP A 120 -7.99 0.02 2.56
C TRP A 120 -7.92 -1.38 1.95
N GLN A 121 -8.97 -2.17 2.17
CA GLN A 121 -9.06 -3.51 1.60
C GLN A 121 -9.05 -3.44 0.07
N ALA A 122 -9.73 -2.44 -0.47
CA ALA A 122 -9.75 -2.22 -1.92
C ALA A 122 -8.34 -1.94 -2.45
N ILE A 123 -7.55 -1.22 -1.66
CA ILE A 123 -6.16 -0.98 -1.99
C ILE A 123 -5.35 -2.27 -1.99
N LEU A 124 -5.56 -3.08 -0.95
CA LEU A 124 -4.89 -4.37 -0.85
C LEU A 124 -5.36 -5.32 -1.95
N ASN A 125 -6.63 -5.19 -2.34
CA ASN A 125 -7.18 -5.96 -3.45
C ASN A 125 -6.50 -5.60 -4.76
N ASN A 126 -6.20 -4.31 -4.92
CA ASN A 126 -5.45 -3.85 -6.09
C ASN A 126 -4.01 -4.34 -6.06
N PHE A 127 -3.45 -4.45 -4.85
CA PHE A 127 -2.13 -5.04 -4.66
C PHE A 127 -2.11 -6.49 -5.16
N LYS A 128 -3.09 -7.27 -4.72
CA LYS A 128 -3.24 -8.65 -5.18
C LYS A 128 -3.50 -8.69 -6.69
N ARG A 129 -4.32 -7.77 -7.18
CA ARG A 129 -4.56 -7.64 -8.61
C ARG A 129 -3.27 -7.42 -9.37
N HIS A 130 -2.38 -6.60 -8.80
CA HIS A 130 -1.10 -6.31 -9.42
C HIS A 130 -0.20 -7.55 -9.41
N VAL A 131 -0.28 -8.32 -8.33
CA VAL A 131 0.41 -9.60 -8.26
C VAL A 131 -0.11 -10.56 -9.32
N GLU A 132 -1.42 -10.56 -9.52
CA GLU A 132 -2.05 -11.38 -10.57
C GLU A 132 -1.60 -10.90 -11.95
N SER A 133 -1.32 -9.62 -12.07
CA SER A 133 -0.80 -9.06 -13.31
C SER A 133 0.64 -9.50 -13.56
N HIS A 134 1.28 -10.02 -12.52
CA HIS A 134 2.63 -10.54 -12.63
C HIS A 134 2.62 -12.03 -12.94
N LEU A 135 1.44 -12.55 -13.27
CA LEU A 135 1.32 -13.93 -13.72
C LEU A 135 1.58 -14.03 -15.22
N GLU A 136 1.22 -15.17 -15.81
CA GLU A 136 1.47 -15.42 -17.22
C GLU A 136 0.51 -14.61 -18.09
N HIS A 137 0.72 -13.30 -18.15
CA HIS A 137 -0.12 -12.42 -18.94
C HIS A 137 -0.02 -12.77 -20.43
N HIS A 138 -1.18 -12.82 -21.09
CA HIS A 138 -1.22 -13.16 -22.51
C HIS A 138 -1.57 -11.92 -23.34
N MET A 1 -8.87 3.75 17.12
CA MET A 1 -9.34 2.53 16.49
C MET A 1 -8.28 1.92 15.59
N ASN A 2 -7.87 0.69 15.89
CA ASN A 2 -6.92 -0.03 15.06
C ASN A 2 -7.63 -0.98 14.11
N ILE A 3 -7.42 -0.80 12.81
CA ILE A 3 -8.04 -1.66 11.81
C ILE A 3 -7.00 -2.52 11.10
N THR A 4 -7.31 -3.81 10.96
CA THR A 4 -6.38 -4.76 10.34
C THR A 4 -6.98 -5.38 9.09
N VAL A 5 -6.18 -5.46 8.04
CA VAL A 5 -6.60 -6.12 6.80
C VAL A 5 -5.54 -7.10 6.32
N GLU A 6 -5.98 -8.12 5.57
CA GLU A 6 -5.09 -9.19 5.15
C GLU A 6 -5.34 -9.56 3.69
N THR A 7 -4.26 -9.81 2.96
CA THR A 7 -4.37 -10.37 1.62
C THR A 7 -3.20 -11.31 1.33
N THR A 8 -3.51 -12.48 0.79
CA THR A 8 -2.49 -13.48 0.48
C THR A 8 -2.20 -13.53 -1.02
N VAL A 9 -0.93 -13.34 -1.38
CA VAL A 9 -0.53 -13.28 -2.78
C VAL A 9 0.52 -14.34 -3.09
N ALA A 10 0.49 -14.86 -4.32
CA ALA A 10 1.47 -15.84 -4.76
C ALA A 10 2.72 -15.17 -5.30
N ALA A 11 3.56 -14.67 -4.40
CA ALA A 11 4.83 -14.06 -4.79
C ALA A 11 5.83 -14.10 -3.64
N PRO A 12 7.12 -14.17 -3.99
CA PRO A 12 8.21 -14.20 -3.00
C PRO A 12 8.13 -13.04 -2.02
N VAL A 13 8.53 -13.29 -0.78
CA VAL A 13 8.37 -12.31 0.29
C VAL A 13 9.12 -11.01 -0.03
N GLY A 14 10.33 -11.16 -0.53
CA GLY A 14 11.15 -10.01 -0.83
C GLY A 14 10.57 -9.16 -1.94
N LYS A 15 10.06 -9.81 -2.98
CA LYS A 15 9.45 -9.12 -4.11
C LYS A 15 8.17 -8.40 -3.66
N VAL A 16 7.40 -9.05 -2.80
CA VAL A 16 6.16 -8.46 -2.29
C VAL A 16 6.46 -7.29 -1.35
N TRP A 17 7.45 -7.47 -0.48
CA TRP A 17 7.86 -6.41 0.43
C TRP A 17 8.31 -5.17 -0.33
N ARG A 18 9.13 -5.38 -1.37
CA ARG A 18 9.59 -4.28 -2.19
C ARG A 18 8.45 -3.66 -2.98
N ALA A 19 7.56 -4.52 -3.48
CA ALA A 19 6.44 -4.05 -4.30
C ALA A 19 5.46 -3.23 -3.47
N TYR A 20 5.34 -3.56 -2.19
CA TYR A 20 4.41 -2.88 -1.30
C TYR A 20 4.66 -1.37 -1.29
N THR A 21 5.89 -0.98 -1.58
CA THR A 21 6.27 0.42 -1.57
C THR A 21 7.04 0.80 -2.83
N THR A 22 6.66 0.21 -3.96
CA THR A 22 7.16 0.64 -5.25
C THR A 22 6.14 1.52 -5.98
N PRO A 23 6.55 2.76 -6.30
CA PRO A 23 5.67 3.72 -6.96
C PRO A 23 5.02 3.16 -8.21
N GLU A 24 5.81 2.44 -9.02
CA GLU A 24 5.31 1.88 -10.26
C GLU A 24 4.21 0.85 -10.00
N ASP A 25 4.33 0.14 -8.88
CA ASP A 25 3.31 -0.80 -8.47
C ASP A 25 2.11 -0.09 -7.86
N ILE A 26 2.40 0.88 -7.00
CA ILE A 26 1.36 1.56 -6.24
C ILE A 26 0.35 2.24 -7.17
N LYS A 27 0.87 2.84 -8.24
CA LYS A 27 0.04 3.62 -9.15
C LYS A 27 -1.12 2.78 -9.68
N GLN A 28 -0.94 1.46 -9.67
CA GLN A 28 -1.97 0.55 -10.15
C GLN A 28 -3.11 0.43 -9.14
N TRP A 29 -2.77 0.48 -7.86
CA TRP A 29 -3.70 0.09 -6.80
C TRP A 29 -4.68 1.22 -6.50
N ASN A 30 -4.39 2.40 -7.03
CA ASN A 30 -5.30 3.54 -6.91
C ASN A 30 -6.71 3.15 -7.39
N ALA A 31 -7.70 3.43 -6.57
CA ALA A 31 -9.05 2.91 -6.80
C ALA A 31 -9.72 3.63 -7.95
N ALA A 32 -9.50 4.94 -8.04
CA ALA A 32 -10.14 5.76 -9.07
C ALA A 32 -9.77 5.29 -10.47
N SER A 33 -10.39 5.89 -11.48
CA SER A 33 -10.29 5.39 -12.84
C SER A 33 -8.91 5.71 -13.44
N ASP A 34 -8.47 4.86 -14.37
CA ASP A 34 -7.19 5.05 -15.03
C ASP A 34 -7.27 6.15 -16.08
N ASP A 35 -8.43 6.78 -16.18
CA ASP A 35 -8.72 7.68 -17.28
C ASP A 35 -8.70 9.14 -16.83
N TRP A 36 -9.31 9.40 -15.68
CA TRP A 36 -9.42 10.76 -15.17
C TRP A 36 -8.64 10.91 -13.87
N HIS A 37 -7.70 10.01 -13.63
CA HIS A 37 -6.83 10.08 -12.46
C HIS A 37 -5.37 10.14 -12.85
N THR A 38 -4.67 11.17 -12.39
CA THR A 38 -3.22 11.26 -12.56
C THR A 38 -2.50 10.99 -11.24
N THR A 39 -1.57 10.06 -11.26
CA THR A 39 -0.87 9.64 -10.06
C THR A 39 0.63 9.55 -10.29
N ALA A 40 1.41 9.98 -9.30
CA ALA A 40 2.86 9.77 -9.33
C ALA A 40 3.43 9.75 -7.91
N ALA A 41 4.38 8.87 -7.68
CA ALA A 41 4.90 8.64 -6.34
C ALA A 41 6.42 8.49 -6.35
N THR A 42 7.05 8.90 -5.24
CA THR A 42 8.47 8.63 -5.04
C THR A 42 8.73 8.06 -3.65
N VAL A 43 9.48 6.96 -3.60
CA VAL A 43 9.74 6.27 -2.35
C VAL A 43 11.24 6.04 -2.15
N ASP A 44 11.73 6.42 -0.99
CA ASP A 44 13.08 6.06 -0.57
C ASP A 44 13.07 4.84 0.33
N LEU A 45 13.56 3.72 -0.18
CA LEU A 45 13.44 2.44 0.51
C LEU A 45 14.55 2.27 1.55
N ARG A 46 14.28 2.75 2.76
CA ARG A 46 15.22 2.59 3.87
C ARG A 46 14.55 2.90 5.20
N GLU A 47 15.15 2.41 6.28
CA GLU A 47 14.72 2.79 7.63
C GLU A 47 14.93 4.28 7.86
N GLY A 48 13.86 4.98 8.19
CA GLY A 48 13.92 6.42 8.32
C GLY A 48 13.69 7.14 7.01
N GLY A 49 13.60 6.37 5.93
CA GLY A 49 13.46 6.97 4.61
C GLY A 49 12.10 7.60 4.41
N ALA A 50 12.04 8.61 3.54
CA ALA A 50 10.80 9.32 3.28
C ALA A 50 10.13 8.83 2.01
N PHE A 51 8.80 8.96 1.95
CA PHE A 51 8.06 8.65 0.74
C PHE A 51 6.93 9.66 0.53
N SER A 52 6.52 9.83 -0.72
CA SER A 52 5.48 10.79 -1.07
C SER A 52 4.70 10.33 -2.31
N SER A 53 3.40 10.58 -2.30
CA SER A 53 2.56 10.27 -3.45
C SER A 53 1.62 11.43 -3.77
N ARG A 54 1.68 11.91 -5.01
CA ARG A 54 0.83 13.02 -5.44
C ARG A 54 -0.28 12.53 -6.37
N MET A 55 -1.52 12.90 -6.05
CA MET A 55 -2.66 12.56 -6.90
C MET A 55 -3.34 13.82 -7.40
N GLU A 56 -3.66 13.85 -8.69
CA GLU A 56 -4.37 14.98 -9.28
C GLU A 56 -5.58 14.50 -10.09
N ALA A 57 -6.65 15.30 -10.07
CA ALA A 57 -7.80 15.03 -10.93
C ALA A 57 -7.55 15.51 -12.35
N LYS A 58 -7.88 14.65 -13.31
CA LYS A 58 -7.67 14.98 -14.72
C LYS A 58 -8.43 16.24 -15.10
N ASP A 59 -9.55 16.49 -14.44
CA ASP A 59 -10.39 17.64 -14.75
C ASP A 59 -9.89 18.88 -14.01
N GLY A 60 -8.83 18.72 -13.24
CA GLY A 60 -8.13 19.87 -12.70
C GLY A 60 -8.89 20.53 -11.57
N SER A 61 -9.87 19.82 -11.01
CA SER A 61 -10.76 20.38 -10.00
C SER A 61 -10.11 20.32 -8.62
N MET A 62 -9.33 19.26 -8.38
CA MET A 62 -8.78 19.01 -7.06
C MET A 62 -7.54 18.14 -7.15
N GLY A 63 -6.76 18.10 -6.08
CA GLY A 63 -5.68 17.14 -5.96
C GLY A 63 -5.10 17.06 -4.56
N PHE A 64 -4.37 15.99 -4.29
CA PHE A 64 -3.84 15.76 -2.94
C PHE A 64 -2.34 15.45 -3.00
N ASP A 65 -1.63 15.91 -1.98
CA ASP A 65 -0.22 15.53 -1.82
C ASP A 65 0.00 14.79 -0.51
N PHE A 66 0.37 13.53 -0.60
CA PHE A 66 0.52 12.68 0.57
C PHE A 66 1.99 12.36 0.83
N ALA A 67 2.38 12.41 2.11
CA ALA A 67 3.77 12.19 2.49
C ALA A 67 3.86 11.40 3.79
N GLY A 68 4.91 10.61 3.93
CA GLY A 68 5.13 9.86 5.15
C GLY A 68 6.57 9.44 5.33
N THR A 69 6.89 8.89 6.50
CA THR A 69 8.25 8.45 6.80
C THR A 69 8.27 7.04 7.34
N TYR A 70 9.34 6.30 7.04
CA TYR A 70 9.53 4.96 7.58
C TYR A 70 10.16 5.01 8.96
N THR A 71 9.83 4.03 9.80
CA THR A 71 10.33 3.97 11.16
C THR A 71 11.30 2.81 11.34
N LYS A 72 11.03 1.71 10.65
CA LYS A 72 11.75 0.46 10.88
C LYS A 72 11.57 -0.50 9.70
N VAL A 73 12.64 -1.19 9.34
CA VAL A 73 12.57 -2.26 8.35
C VAL A 73 13.36 -3.48 8.80
N VAL A 74 12.76 -4.66 8.67
CA VAL A 74 13.36 -5.88 9.18
C VAL A 74 13.35 -6.98 8.11
N GLU A 75 14.52 -7.53 7.83
CA GLU A 75 14.62 -8.76 7.04
C GLU A 75 13.73 -8.68 5.80
N ASN A 76 13.63 -7.49 5.23
CA ASN A 76 12.75 -7.26 4.08
C ASN A 76 11.45 -8.02 4.24
N LYS A 77 10.88 -7.96 5.44
CA LYS A 77 9.83 -8.89 5.85
C LYS A 77 8.76 -8.18 6.68
N ARG A 78 9.13 -7.04 7.27
CA ARG A 78 8.17 -6.20 7.96
C ARG A 78 8.65 -4.75 8.01
N ILE A 79 7.71 -3.82 7.90
CA ILE A 79 8.05 -2.41 7.77
C ILE A 79 6.95 -1.52 8.37
N GLU A 80 7.36 -0.50 9.10
CA GLU A 80 6.40 0.41 9.74
C GLU A 80 6.64 1.84 9.29
N TYR A 81 5.55 2.58 9.10
CA TYR A 81 5.64 3.96 8.63
C TYR A 81 4.55 4.83 9.27
N ALA A 82 4.80 6.13 9.32
CA ALA A 82 3.88 7.05 9.98
C ALA A 82 3.34 8.07 8.99
N PHE A 83 2.03 8.32 9.05
CA PHE A 83 1.38 9.21 8.10
C PHE A 83 0.54 10.25 8.82
N GLY A 84 1.03 11.48 8.83
CA GLY A 84 0.32 12.56 9.52
C GLY A 84 0.28 12.36 11.02
N ASP A 85 -0.92 12.26 11.58
CA ASP A 85 -1.09 12.01 13.00
C ASP A 85 -1.48 10.54 13.24
N ARG A 86 -1.34 9.73 12.20
CA ARG A 86 -1.67 8.31 12.30
C ARG A 86 -0.46 7.45 11.94
N THR A 87 -0.55 6.16 12.26
CA THR A 87 0.53 5.22 11.98
C THR A 87 0.01 3.95 11.32
N ALA A 88 0.90 3.25 10.62
CA ALA A 88 0.54 1.97 10.02
C ALA A 88 1.74 1.03 9.98
N LYS A 89 1.48 -0.27 10.12
CA LYS A 89 2.55 -1.27 10.13
C LYS A 89 2.12 -2.52 9.37
N VAL A 90 3.00 -3.00 8.51
CA VAL A 90 2.71 -4.17 7.68
C VAL A 90 3.71 -5.29 7.92
N GLU A 91 3.22 -6.52 7.97
CA GLU A 91 4.08 -7.68 8.13
C GLU A 91 3.82 -8.72 7.05
N PHE A 92 4.88 -9.38 6.60
CA PHE A 92 4.79 -10.31 5.48
C PHE A 92 5.19 -11.72 5.91
N LEU A 93 4.27 -12.66 5.78
CA LEU A 93 4.43 -13.99 6.33
C LEU A 93 4.58 -15.03 5.22
N GLU A 94 5.61 -15.85 5.31
CA GLU A 94 5.84 -16.90 4.31
C GLU A 94 4.94 -18.09 4.55
N ALA A 95 4.05 -18.37 3.60
CA ALA A 95 3.20 -19.55 3.66
C ALA A 95 3.63 -20.59 2.63
N PRO A 96 3.21 -21.84 2.83
CA PRO A 96 3.50 -22.94 1.91
C PRO A 96 2.83 -22.74 0.55
N GLN A 97 1.69 -22.05 0.55
CA GLN A 97 0.90 -21.88 -0.66
C GLN A 97 1.10 -20.48 -1.24
N GLY A 98 1.72 -19.60 -0.46
CA GLY A 98 1.88 -18.22 -0.88
C GLY A 98 2.51 -17.36 0.20
N VAL A 99 2.41 -16.03 0.03
CA VAL A 99 2.84 -15.11 1.06
C VAL A 99 1.69 -14.23 1.52
N THR A 100 1.50 -14.14 2.84
CA THR A 100 0.38 -13.42 3.41
C THR A 100 0.79 -12.03 3.85
N VAL A 101 0.03 -11.02 3.41
CA VAL A 101 0.33 -9.64 3.74
C VAL A 101 -0.68 -9.09 4.75
N ARG A 102 -0.19 -8.69 5.91
CA ARG A 102 -1.05 -8.17 6.97
C ARG A 102 -0.73 -6.70 7.27
N VAL A 103 -1.75 -5.86 7.16
CA VAL A 103 -1.58 -4.43 7.43
C VAL A 103 -2.46 -3.99 8.59
N SER A 104 -1.82 -3.42 9.62
CA SER A 104 -2.56 -2.82 10.73
C SER A 104 -2.32 -1.31 10.78
N PHE A 105 -3.41 -0.55 10.79
CA PHE A 105 -3.34 0.90 10.66
C PHE A 105 -4.34 1.58 11.59
N VAL A 106 -4.08 2.85 11.90
CA VAL A 106 -5.04 3.65 12.64
C VAL A 106 -6.14 4.19 11.73
N ALA A 107 -7.39 4.01 12.15
CA ALA A 107 -8.53 4.41 11.34
C ALA A 107 -8.67 5.93 11.29
N GLU A 108 -9.01 6.45 10.12
CA GLU A 108 -9.22 7.89 9.96
C GLU A 108 -10.60 8.31 10.47
N THR A 109 -10.61 9.23 11.42
CA THR A 109 -11.85 9.63 12.08
C THR A 109 -12.78 10.35 11.11
N GLU A 110 -12.20 10.92 10.06
CA GLU A 110 -12.99 11.67 9.08
C GLU A 110 -13.79 10.72 8.19
N TYR A 111 -13.40 9.45 8.19
CA TYR A 111 -14.08 8.44 7.39
C TYR A 111 -14.61 7.31 8.26
N PRO A 112 -15.71 6.69 7.81
CA PRO A 112 -16.30 5.53 8.51
C PRO A 112 -15.29 4.41 8.72
N VAL A 113 -15.41 3.71 9.85
CA VAL A 113 -14.58 2.56 10.14
C VAL A 113 -14.67 1.52 9.02
N GLU A 114 -15.89 1.25 8.58
CA GLU A 114 -16.11 0.30 7.50
C GLU A 114 -15.48 0.78 6.21
N GLN A 115 -15.52 2.09 5.98
CA GLN A 115 -14.96 2.67 4.77
C GLN A 115 -13.45 2.46 4.70
N GLN A 116 -12.79 2.61 5.85
CA GLN A 116 -11.35 2.40 5.94
C GLN A 116 -11.02 0.91 5.81
N GLN A 117 -11.82 0.07 6.47
CA GLN A 117 -11.61 -1.37 6.43
C GLN A 117 -11.64 -1.88 4.99
N GLN A 118 -12.68 -1.48 4.25
CA GLN A 118 -12.87 -1.95 2.89
C GLN A 118 -11.84 -1.30 1.95
N GLY A 119 -11.58 -0.02 2.16
CA GLY A 119 -10.69 0.72 1.28
C GLY A 119 -9.27 0.20 1.34
N TRP A 120 -8.77 -0.04 2.54
CA TRP A 120 -7.42 -0.54 2.74
C TRP A 120 -7.30 -1.98 2.26
N GLN A 121 -8.35 -2.76 2.47
CA GLN A 121 -8.43 -4.11 1.91
C GLN A 121 -8.42 -4.07 0.39
N ALA A 122 -9.13 -3.10 -0.18
CA ALA A 122 -9.21 -2.95 -1.63
C ALA A 122 -7.82 -2.65 -2.21
N ILE A 123 -7.03 -1.88 -1.47
CA ILE A 123 -5.67 -1.57 -1.89
C ILE A 123 -4.82 -2.84 -1.99
N LEU A 124 -4.92 -3.70 -0.97
CA LEU A 124 -4.22 -4.97 -0.98
C LEU A 124 -4.80 -5.91 -2.04
N ASN A 125 -6.11 -5.81 -2.25
CA ASN A 125 -6.78 -6.61 -3.27
C ASN A 125 -6.29 -6.24 -4.66
N ASN A 126 -6.09 -4.95 -4.88
CA ASN A 126 -5.50 -4.46 -6.13
C ASN A 126 -4.03 -4.85 -6.22
N PHE A 127 -3.35 -4.87 -5.08
CA PHE A 127 -1.99 -5.38 -5.01
C PHE A 127 -1.93 -6.84 -5.45
N LYS A 128 -2.92 -7.62 -5.01
CA LYS A 128 -3.04 -9.01 -5.43
C LYS A 128 -3.23 -9.10 -6.94
N ARG A 129 -4.09 -8.24 -7.48
CA ARG A 129 -4.27 -8.15 -8.93
C ARG A 129 -2.95 -7.88 -9.63
N HIS A 130 -2.15 -6.99 -9.05
CA HIS A 130 -0.85 -6.65 -9.61
C HIS A 130 0.09 -7.85 -9.61
N VAL A 131 0.07 -8.60 -8.51
CA VAL A 131 0.81 -9.85 -8.43
C VAL A 131 0.34 -10.84 -9.48
N GLU A 132 -0.98 -10.90 -9.69
CA GLU A 132 -1.55 -11.80 -10.68
C GLU A 132 -1.10 -11.42 -12.09
N SER A 133 -0.86 -10.13 -12.29
CA SER A 133 -0.40 -9.64 -13.59
C SER A 133 1.07 -9.99 -13.80
N HIS A 134 1.74 -10.40 -12.74
CA HIS A 134 3.13 -10.84 -12.82
C HIS A 134 3.20 -12.36 -12.97
N LEU A 135 2.06 -12.97 -13.27
CA LEU A 135 2.03 -14.40 -13.61
C LEU A 135 2.29 -14.61 -15.10
N GLU A 136 1.82 -15.73 -15.62
CA GLU A 136 2.07 -16.09 -17.01
C GLU A 136 1.32 -15.16 -17.95
N HIS A 137 1.87 -13.95 -18.14
CA HIS A 137 1.24 -12.96 -19.01
C HIS A 137 1.26 -13.43 -20.46
N HIS A 138 0.12 -13.26 -21.14
CA HIS A 138 0.01 -13.65 -22.54
C HIS A 138 -0.13 -12.42 -23.44
N MET A 1 -9.59 3.85 16.66
CA MET A 1 -9.95 2.69 15.85
C MET A 1 -8.79 2.25 14.97
N ASN A 2 -8.27 1.05 15.22
CA ASN A 2 -7.28 0.44 14.35
C ASN A 2 -7.93 -0.52 13.37
N ILE A 3 -7.61 -0.35 12.09
CA ILE A 3 -8.14 -1.22 11.04
C ILE A 3 -7.06 -2.14 10.49
N THR A 4 -7.39 -3.42 10.37
CA THR A 4 -6.45 -4.40 9.84
C THR A 4 -6.99 -5.04 8.56
N VAL A 5 -6.14 -5.11 7.53
CA VAL A 5 -6.50 -5.75 6.28
C VAL A 5 -5.41 -6.70 5.81
N GLU A 6 -5.81 -7.73 5.06
CA GLU A 6 -4.91 -8.81 4.71
C GLU A 6 -5.11 -9.23 3.25
N THR A 7 -4.01 -9.60 2.60
CA THR A 7 -4.09 -10.26 1.30
C THR A 7 -3.00 -11.31 1.15
N THR A 8 -3.37 -12.45 0.59
CA THR A 8 -2.40 -13.52 0.35
C THR A 8 -2.10 -13.66 -1.14
N VAL A 9 -0.82 -13.52 -1.50
CA VAL A 9 -0.41 -13.51 -2.89
C VAL A 9 0.55 -14.66 -3.20
N ALA A 10 0.47 -15.19 -4.40
CA ALA A 10 1.38 -16.24 -4.84
C ALA A 10 2.67 -15.65 -5.39
N ALA A 11 3.53 -15.19 -4.49
CA ALA A 11 4.81 -14.62 -4.89
C ALA A 11 5.83 -14.70 -3.75
N PRO A 12 7.13 -14.74 -4.11
CA PRO A 12 8.22 -14.81 -3.14
C PRO A 12 8.30 -13.55 -2.27
N VAL A 13 8.71 -13.73 -1.03
CA VAL A 13 8.62 -12.65 -0.04
C VAL A 13 9.37 -11.41 -0.51
N GLY A 14 10.53 -11.63 -1.12
CA GLY A 14 11.36 -10.51 -1.55
C GLY A 14 10.67 -9.62 -2.56
N LYS A 15 10.03 -10.26 -3.55
CA LYS A 15 9.29 -9.51 -4.58
C LYS A 15 8.06 -8.85 -3.97
N VAL A 16 7.40 -9.55 -3.05
CA VAL A 16 6.19 -9.03 -2.42
C VAL A 16 6.50 -7.79 -1.59
N TRP A 17 7.55 -7.87 -0.77
CA TRP A 17 7.95 -6.76 0.07
C TRP A 17 8.43 -5.58 -0.78
N ARG A 18 9.26 -5.88 -1.77
CA ARG A 18 9.81 -4.85 -2.63
C ARG A 18 8.72 -4.15 -3.44
N ALA A 19 7.74 -4.93 -3.88
CA ALA A 19 6.63 -4.39 -4.66
C ALA A 19 5.79 -3.44 -3.82
N TYR A 20 5.66 -3.75 -2.54
CA TYR A 20 4.84 -2.94 -1.64
C TYR A 20 5.43 -1.55 -1.45
N THR A 21 6.75 -1.44 -1.63
CA THR A 21 7.45 -0.19 -1.40
C THR A 21 8.05 0.34 -2.70
N THR A 22 7.54 -0.14 -3.83
CA THR A 22 7.88 0.44 -5.13
C THR A 22 6.81 1.41 -5.59
N PRO A 23 7.23 2.65 -5.89
CA PRO A 23 6.31 3.73 -6.29
C PRO A 23 5.61 3.42 -7.62
N GLU A 24 6.35 2.82 -8.55
CA GLU A 24 5.79 2.43 -9.83
C GLU A 24 4.64 1.45 -9.65
N ASP A 25 4.78 0.56 -8.68
CA ASP A 25 3.74 -0.40 -8.36
C ASP A 25 2.59 0.27 -7.62
N ILE A 26 2.92 1.18 -6.70
CA ILE A 26 1.92 1.88 -5.91
C ILE A 26 0.99 2.67 -6.81
N LYS A 27 1.54 3.26 -7.87
CA LYS A 27 0.75 4.04 -8.82
C LYS A 27 -0.44 3.23 -9.33
N GLN A 28 -0.27 1.91 -9.40
CA GLN A 28 -1.28 1.04 -9.99
C GLN A 28 -2.39 0.75 -8.99
N TRP A 29 -2.01 0.52 -7.73
CA TRP A 29 -2.90 -0.11 -6.76
C TRP A 29 -3.92 0.87 -6.23
N ASN A 30 -3.77 2.14 -6.62
CA ASN A 30 -4.80 3.15 -6.36
C ASN A 30 -6.20 2.56 -6.59
N ALA A 31 -7.02 2.61 -5.55
CA ALA A 31 -8.26 1.84 -5.52
C ALA A 31 -9.39 2.59 -6.23
N ALA A 32 -9.12 3.83 -6.61
CA ALA A 32 -10.14 4.68 -7.22
C ALA A 32 -10.18 4.48 -8.74
N SER A 33 -10.88 5.38 -9.42
CA SER A 33 -11.09 5.24 -10.85
C SER A 33 -9.82 5.56 -11.63
N ASP A 34 -9.65 4.91 -12.77
CA ASP A 34 -8.56 5.23 -13.69
C ASP A 34 -8.90 6.46 -14.51
N ASP A 35 -10.08 7.03 -14.27
CA ASP A 35 -10.62 8.07 -15.14
C ASP A 35 -10.55 9.44 -14.46
N TRP A 36 -11.10 9.53 -13.27
CA TRP A 36 -11.24 10.81 -12.59
C TRP A 36 -10.19 10.97 -11.49
N HIS A 37 -9.28 10.01 -11.41
CA HIS A 37 -8.21 10.05 -10.42
C HIS A 37 -6.85 9.81 -11.07
N THR A 38 -5.92 10.74 -10.85
CA THR A 38 -4.54 10.56 -11.30
C THR A 38 -3.60 10.34 -10.12
N THR A 39 -2.71 9.37 -10.25
CA THR A 39 -1.84 8.98 -9.15
C THR A 39 -0.37 9.00 -9.58
N ALA A 40 0.48 9.57 -8.74
CA ALA A 40 1.92 9.47 -8.92
C ALA A 40 2.64 9.38 -7.57
N ALA A 41 3.54 8.42 -7.46
CA ALA A 41 4.17 8.11 -6.16
C ALA A 41 5.69 8.13 -6.28
N THR A 42 6.35 8.56 -5.21
CA THR A 42 7.79 8.42 -5.09
C THR A 42 8.19 7.92 -3.70
N VAL A 43 8.99 6.87 -3.67
CA VAL A 43 9.36 6.24 -2.40
C VAL A 43 10.88 6.07 -2.30
N ASP A 44 11.43 6.44 -1.15
CA ASP A 44 12.79 6.05 -0.80
C ASP A 44 12.80 4.78 0.05
N LEU A 45 13.27 3.68 -0.54
CA LEU A 45 13.16 2.37 0.07
C LEU A 45 14.28 2.15 1.08
N ARG A 46 14.04 2.53 2.33
CA ARG A 46 15.00 2.31 3.41
C ARG A 46 14.36 2.58 4.77
N GLU A 47 14.97 2.04 5.81
CA GLU A 47 14.59 2.38 7.18
C GLU A 47 14.93 3.84 7.48
N GLY A 48 13.92 4.61 7.85
CA GLY A 48 14.10 6.04 8.03
C GLY A 48 13.81 6.81 6.76
N GLY A 49 13.66 6.09 5.65
CA GLY A 49 13.44 6.74 4.37
C GLY A 49 12.08 7.40 4.28
N ALA A 50 11.98 8.45 3.47
CA ALA A 50 10.72 9.16 3.29
C ALA A 50 10.01 8.73 2.01
N PHE A 51 8.69 8.89 1.99
CA PHE A 51 7.91 8.60 0.80
C PHE A 51 6.77 9.60 0.63
N SER A 52 6.30 9.74 -0.61
CA SER A 52 5.24 10.70 -0.92
C SER A 52 4.33 10.18 -2.01
N SER A 53 3.03 10.45 -1.87
CA SER A 53 2.06 10.08 -2.89
C SER A 53 1.23 11.27 -3.32
N ARG A 54 1.27 11.59 -4.62
CA ARG A 54 0.54 12.73 -5.14
C ARG A 54 -0.70 12.26 -5.90
N MET A 55 -1.88 12.61 -5.40
CA MET A 55 -3.13 12.24 -6.03
C MET A 55 -3.97 13.47 -6.33
N GLU A 56 -4.51 13.54 -7.56
CA GLU A 56 -5.30 14.69 -7.97
C GLU A 56 -6.51 14.24 -8.80
N ALA A 57 -7.59 15.00 -8.72
CA ALA A 57 -8.79 14.70 -9.49
C ALA A 57 -8.65 15.17 -10.94
N LYS A 58 -9.06 14.33 -11.88
CA LYS A 58 -8.96 14.65 -13.30
C LYS A 58 -9.72 15.94 -13.61
N ASP A 59 -10.79 16.19 -12.87
CA ASP A 59 -11.63 17.36 -13.11
C ASP A 59 -10.99 18.61 -12.53
N GLY A 60 -9.87 18.44 -11.84
CA GLY A 60 -9.02 19.57 -11.52
C GLY A 60 -9.58 20.42 -10.39
N SER A 61 -10.59 19.90 -9.71
CA SER A 61 -11.30 20.66 -8.68
C SER A 61 -10.58 20.54 -7.34
N MET A 62 -9.92 19.41 -7.12
CA MET A 62 -9.36 19.09 -5.81
C MET A 62 -8.22 18.07 -5.95
N GLY A 63 -7.41 17.97 -4.90
CA GLY A 63 -6.41 16.92 -4.85
C GLY A 63 -5.69 16.86 -3.52
N PHE A 64 -4.93 15.80 -3.29
CA PHE A 64 -4.25 15.60 -2.01
C PHE A 64 -2.76 15.30 -2.23
N ASP A 65 -1.93 15.84 -1.33
CA ASP A 65 -0.52 15.46 -1.29
C ASP A 65 -0.21 14.68 -0.02
N PHE A 66 0.25 13.45 -0.18
CA PHE A 66 0.47 12.55 0.95
C PHE A 66 1.97 12.35 1.21
N ALA A 67 2.35 12.36 2.47
CA ALA A 67 3.75 12.19 2.85
C ALA A 67 3.89 11.34 4.10
N GLY A 68 4.95 10.54 4.17
CA GLY A 68 5.19 9.71 5.32
C GLY A 68 6.65 9.31 5.46
N THR A 69 7.00 8.74 6.61
CA THR A 69 8.37 8.33 6.88
C THR A 69 8.43 6.93 7.46
N TYR A 70 9.44 6.17 7.05
CA TYR A 70 9.60 4.80 7.54
C TYR A 70 10.36 4.79 8.87
N THR A 71 9.97 3.88 9.75
CA THR A 71 10.54 3.81 11.09
C THR A 71 11.44 2.59 11.26
N LYS A 72 11.04 1.48 10.63
CA LYS A 72 11.63 0.19 10.92
C LYS A 72 11.49 -0.76 9.73
N VAL A 73 12.55 -1.49 9.43
CA VAL A 73 12.51 -2.55 8.44
C VAL A 73 13.30 -3.77 8.89
N VAL A 74 12.64 -4.93 8.89
CA VAL A 74 13.25 -6.15 9.42
C VAL A 74 13.13 -7.29 8.43
N GLU A 75 14.25 -7.96 8.17
CA GLU A 75 14.26 -9.19 7.38
C GLU A 75 13.47 -9.00 6.09
N ASN A 76 13.52 -7.80 5.54
CA ASN A 76 12.65 -7.42 4.44
C ASN A 76 11.26 -8.01 4.60
N LYS A 77 10.71 -7.88 5.80
CA LYS A 77 9.63 -8.75 6.26
C LYS A 77 8.63 -7.98 7.10
N ARG A 78 9.10 -6.95 7.79
CA ARG A 78 8.25 -6.14 8.63
C ARG A 78 8.64 -4.65 8.54
N ILE A 79 7.65 -3.81 8.33
CA ILE A 79 7.90 -2.41 7.96
C ILE A 79 6.84 -1.48 8.54
N GLU A 80 7.29 -0.46 9.26
CA GLU A 80 6.38 0.48 9.91
C GLU A 80 6.65 1.91 9.45
N TYR A 81 5.58 2.67 9.27
CA TYR A 81 5.69 4.04 8.80
C TYR A 81 4.58 4.91 9.37
N ALA A 82 4.80 6.23 9.36
CA ALA A 82 3.85 7.16 9.95
C ALA A 82 3.31 8.13 8.91
N PHE A 83 2.01 8.41 8.98
CA PHE A 83 1.37 9.32 8.03
C PHE A 83 0.57 10.39 8.76
N GLY A 84 1.08 11.62 8.73
CA GLY A 84 0.40 12.72 9.39
C GLY A 84 0.40 12.58 10.90
N ASP A 85 -0.79 12.55 11.49
CA ASP A 85 -0.92 12.30 12.92
C ASP A 85 -1.31 10.85 13.18
N ARG A 86 -1.19 10.01 12.16
CA ARG A 86 -1.55 8.60 12.27
C ARG A 86 -0.35 7.72 11.97
N THR A 87 -0.47 6.43 12.30
CA THR A 87 0.59 5.47 12.07
C THR A 87 0.07 4.21 11.40
N ALA A 88 0.98 3.46 10.78
CA ALA A 88 0.63 2.16 10.20
C ALA A 88 1.80 1.19 10.29
N LYS A 89 1.50 -0.09 10.47
CA LYS A 89 2.53 -1.12 10.55
C LYS A 89 2.17 -2.33 9.70
N VAL A 90 3.11 -2.74 8.86
CA VAL A 90 2.86 -3.83 7.91
C VAL A 90 3.77 -5.02 8.20
N GLU A 91 3.20 -6.22 8.17
CA GLU A 91 3.97 -7.44 8.39
C GLU A 91 3.79 -8.40 7.21
N PHE A 92 4.86 -9.12 6.87
CA PHE A 92 4.82 -10.09 5.78
C PHE A 92 5.11 -11.49 6.30
N LEU A 93 4.18 -12.41 6.07
CA LEU A 93 4.29 -13.76 6.61
C LEU A 93 4.48 -14.77 5.49
N GLU A 94 5.51 -15.60 5.63
CA GLU A 94 5.77 -16.66 4.66
C GLU A 94 4.86 -17.86 4.91
N ALA A 95 4.05 -18.21 3.91
CA ALA A 95 3.21 -19.39 3.97
C ALA A 95 3.67 -20.45 2.97
N PRO A 96 3.29 -21.71 3.22
CA PRO A 96 3.60 -22.82 2.32
C PRO A 96 2.93 -22.67 0.96
N GLN A 97 1.78 -22.00 0.94
CA GLN A 97 0.99 -21.87 -0.27
C GLN A 97 1.20 -20.51 -0.92
N GLY A 98 1.83 -19.60 -0.18
CA GLY A 98 2.02 -18.25 -0.66
C GLY A 98 2.58 -17.32 0.40
N VAL A 99 2.57 -16.02 0.12
CA VAL A 99 2.98 -15.03 1.10
C VAL A 99 1.80 -14.14 1.51
N THR A 100 1.61 -14.01 2.82
CA THR A 100 0.48 -13.25 3.35
C THR A 100 0.91 -11.86 3.80
N VAL A 101 0.17 -10.85 3.34
CA VAL A 101 0.52 -9.46 3.66
C VAL A 101 -0.51 -8.84 4.60
N ARG A 102 -0.05 -8.41 5.77
CA ARG A 102 -0.93 -7.85 6.78
C ARG A 102 -0.63 -6.36 7.00
N VAL A 103 -1.65 -5.53 6.79
CA VAL A 103 -1.51 -4.09 7.00
C VAL A 103 -2.44 -3.62 8.12
N SER A 104 -1.85 -3.04 9.16
CA SER A 104 -2.63 -2.42 10.23
C SER A 104 -2.39 -0.91 10.27
N PHE A 105 -3.47 -0.14 10.28
CA PHE A 105 -3.38 1.31 10.20
C PHE A 105 -4.44 1.96 11.08
N VAL A 106 -4.20 3.23 11.44
CA VAL A 106 -5.18 3.99 12.22
C VAL A 106 -6.26 4.57 11.31
N ALA A 107 -7.51 4.41 11.72
CA ALA A 107 -8.64 4.89 10.94
C ALA A 107 -8.64 6.41 10.86
N GLU A 108 -8.88 6.94 9.66
CA GLU A 108 -8.91 8.38 9.46
C GLU A 108 -10.25 8.97 9.92
N THR A 109 -10.17 10.01 10.75
CA THR A 109 -11.36 10.61 11.32
C THR A 109 -12.23 11.26 10.23
N GLU A 110 -11.59 11.71 9.16
CA GLU A 110 -12.29 12.40 8.08
C GLU A 110 -13.13 11.41 7.26
N TYR A 111 -12.78 10.13 7.35
CA TYR A 111 -13.44 9.10 6.57
C TYR A 111 -14.01 8.01 7.46
N PRO A 112 -15.13 7.41 7.03
CA PRO A 112 -15.75 6.29 7.75
C PRO A 112 -14.78 5.14 7.98
N VAL A 113 -14.92 4.46 9.12
CA VAL A 113 -14.14 3.28 9.41
C VAL A 113 -14.30 2.22 8.31
N GLU A 114 -15.54 1.99 7.90
CA GLU A 114 -15.83 1.01 6.86
C GLU A 114 -15.22 1.44 5.53
N GLN A 115 -15.24 2.74 5.26
CA GLN A 115 -14.73 3.28 4.01
C GLN A 115 -13.23 3.04 3.89
N GLN A 116 -12.51 3.21 5.00
CA GLN A 116 -11.08 2.97 5.03
C GLN A 116 -10.79 1.47 4.95
N GLN A 117 -11.58 0.68 5.66
CA GLN A 117 -11.41 -0.77 5.66
C GLN A 117 -11.47 -1.33 4.25
N GLN A 118 -12.51 -0.93 3.51
CA GLN A 118 -12.72 -1.44 2.16
C GLN A 118 -11.67 -0.88 1.20
N GLY A 119 -11.38 0.40 1.33
CA GLY A 119 -10.45 1.06 0.42
C GLY A 119 -9.04 0.49 0.52
N TRP A 120 -8.58 0.30 1.74
CA TRP A 120 -7.25 -0.24 1.98
C TRP A 120 -7.16 -1.70 1.55
N GLN A 121 -8.25 -2.44 1.77
CA GLN A 121 -8.35 -3.82 1.29
C GLN A 121 -8.33 -3.87 -0.23
N ALA A 122 -9.01 -2.92 -0.87
CA ALA A 122 -9.05 -2.84 -2.32
C ALA A 122 -7.66 -2.59 -2.89
N ILE A 123 -6.86 -1.81 -2.17
CA ILE A 123 -5.48 -1.56 -2.57
C ILE A 123 -4.65 -2.82 -2.52
N LEU A 124 -4.81 -3.59 -1.43
CA LEU A 124 -4.14 -4.87 -1.30
C LEU A 124 -4.67 -5.87 -2.32
N ASN A 125 -5.96 -5.76 -2.65
CA ASN A 125 -6.56 -6.60 -3.67
C ASN A 125 -5.97 -6.29 -5.04
N ASN A 126 -5.71 -5.01 -5.29
CA ASN A 126 -5.03 -4.60 -6.51
C ASN A 126 -3.58 -5.10 -6.51
N PHE A 127 -2.96 -5.10 -5.34
CA PHE A 127 -1.63 -5.68 -5.18
C PHE A 127 -1.63 -7.14 -5.59
N LYS A 128 -2.65 -7.88 -5.15
CA LYS A 128 -2.81 -9.27 -5.53
C LYS A 128 -2.92 -9.42 -7.04
N ARG A 129 -3.74 -8.57 -7.65
CA ARG A 129 -3.91 -8.59 -9.10
C ARG A 129 -2.59 -8.28 -9.81
N HIS A 130 -1.80 -7.39 -9.20
CA HIS A 130 -0.47 -7.08 -9.72
C HIS A 130 0.40 -8.33 -9.74
N VAL A 131 0.39 -9.08 -8.64
CA VAL A 131 1.12 -10.33 -8.56
C VAL A 131 0.63 -11.33 -9.59
N GLU A 132 -0.69 -11.38 -9.79
CA GLU A 132 -1.28 -12.31 -10.73
C GLU A 132 -0.81 -12.04 -12.15
N SER A 133 -0.49 -10.77 -12.43
CA SER A 133 0.00 -10.38 -13.75
C SER A 133 1.45 -10.82 -13.94
N HIS A 134 2.10 -11.20 -12.84
CA HIS A 134 3.46 -11.72 -12.91
C HIS A 134 3.46 -13.25 -13.00
N LEU A 135 2.28 -13.82 -13.26
CA LEU A 135 2.18 -15.25 -13.53
C LEU A 135 2.27 -15.54 -15.01
N GLU A 136 1.55 -16.56 -15.46
CA GLU A 136 1.69 -17.06 -16.83
C GLU A 136 1.16 -16.03 -17.83
N HIS A 137 1.99 -15.02 -18.12
CA HIS A 137 1.63 -14.00 -19.10
C HIS A 137 1.42 -14.62 -20.48
N HIS A 138 0.39 -14.14 -21.18
CA HIS A 138 0.06 -14.67 -22.50
C HIS A 138 0.28 -13.60 -23.58
N MET A 1 -9.47 4.68 15.77
CA MET A 1 -9.88 3.38 15.25
C MET A 1 -8.78 2.74 14.41
N ASN A 2 -8.30 1.59 14.86
CA ASN A 2 -7.27 0.85 14.12
C ASN A 2 -7.91 -0.20 13.22
N ILE A 3 -7.49 -0.22 11.96
CA ILE A 3 -7.98 -1.21 11.01
C ILE A 3 -6.89 -2.23 10.68
N THR A 4 -7.25 -3.51 10.76
CA THR A 4 -6.32 -4.58 10.42
C THR A 4 -6.84 -5.41 9.26
N VAL A 5 -5.99 -5.65 8.26
CA VAL A 5 -6.38 -6.42 7.09
C VAL A 5 -5.29 -7.43 6.73
N GLU A 6 -5.67 -8.44 5.96
CA GLU A 6 -4.72 -9.46 5.52
C GLU A 6 -4.97 -9.85 4.06
N THR A 7 -3.87 -10.04 3.32
CA THR A 7 -3.97 -10.51 1.94
C THR A 7 -2.88 -11.54 1.64
N THR A 8 -3.29 -12.67 1.07
CA THR A 8 -2.36 -13.74 0.75
C THR A 8 -2.11 -13.83 -0.75
N VAL A 9 -0.85 -13.70 -1.16
CA VAL A 9 -0.50 -13.70 -2.57
C VAL A 9 0.51 -14.79 -2.89
N ALA A 10 0.42 -15.34 -4.10
CA ALA A 10 1.36 -16.36 -4.54
C ALA A 10 2.63 -15.74 -5.12
N ALA A 11 3.48 -15.22 -4.23
CA ALA A 11 4.72 -14.58 -4.65
C ALA A 11 5.76 -14.63 -3.55
N PRO A 12 7.04 -14.66 -3.93
CA PRO A 12 8.16 -14.71 -3.00
C PRO A 12 8.27 -13.46 -2.15
N VAL A 13 8.77 -13.61 -0.93
CA VAL A 13 8.75 -12.53 0.05
C VAL A 13 9.46 -11.29 -0.49
N GLY A 14 10.56 -11.51 -1.19
CA GLY A 14 11.35 -10.40 -1.71
C GLY A 14 10.57 -9.55 -2.68
N LYS A 15 9.88 -10.19 -3.62
CA LYS A 15 9.08 -9.47 -4.60
C LYS A 15 7.88 -8.80 -3.95
N VAL A 16 7.27 -9.49 -2.99
CA VAL A 16 6.11 -8.96 -2.28
C VAL A 16 6.47 -7.70 -1.50
N TRP A 17 7.56 -7.76 -0.75
CA TRP A 17 8.01 -6.63 0.05
C TRP A 17 8.43 -5.46 -0.84
N ARG A 18 9.21 -5.77 -1.88
CA ARG A 18 9.72 -4.74 -2.77
C ARG A 18 8.60 -4.07 -3.54
N ALA A 19 7.63 -4.86 -3.99
CA ALA A 19 6.48 -4.34 -4.72
C ALA A 19 5.59 -3.50 -3.82
N TYR A 20 5.50 -3.89 -2.55
CA TYR A 20 4.63 -3.20 -1.61
C TYR A 20 5.06 -1.75 -1.41
N THR A 21 6.34 -1.49 -1.68
CA THR A 21 6.90 -0.15 -1.49
C THR A 21 7.60 0.35 -2.75
N THR A 22 7.11 -0.10 -3.91
CA THR A 22 7.49 0.51 -5.18
C THR A 22 6.48 1.56 -5.61
N PRO A 23 6.96 2.78 -5.86
CA PRO A 23 6.09 3.92 -6.20
C PRO A 23 5.37 3.70 -7.53
N GLU A 24 6.05 3.11 -8.49
CA GLU A 24 5.45 2.76 -9.77
C GLU A 24 4.29 1.79 -9.58
N ASP A 25 4.45 0.86 -8.64
CA ASP A 25 3.39 -0.09 -8.31
C ASP A 25 2.27 0.60 -7.54
N ILE A 26 2.64 1.49 -6.63
CA ILE A 26 1.66 2.22 -5.84
C ILE A 26 0.73 3.04 -6.71
N LYS A 27 1.29 3.65 -7.75
CA LYS A 27 0.51 4.43 -8.70
C LYS A 27 -0.56 3.57 -9.37
N GLN A 28 -0.25 2.29 -9.55
CA GLN A 28 -1.14 1.39 -10.27
C GLN A 28 -2.23 0.84 -9.35
N TRP A 29 -1.87 0.61 -8.09
CA TRP A 29 -2.78 -0.03 -7.15
C TRP A 29 -3.83 0.96 -6.65
N ASN A 30 -3.69 2.22 -7.05
CA ASN A 30 -4.72 3.22 -6.80
C ASN A 30 -6.11 2.63 -6.96
N ALA A 31 -6.91 2.72 -5.91
CA ALA A 31 -8.18 2.00 -5.85
C ALA A 31 -9.33 2.88 -6.35
N ALA A 32 -9.02 4.13 -6.65
CA ALA A 32 -10.03 5.11 -7.04
C ALA A 32 -10.31 5.03 -8.53
N SER A 33 -11.06 6.02 -9.03
CA SER A 33 -11.42 6.07 -10.45
C SER A 33 -10.17 6.17 -11.31
N ASP A 34 -10.13 5.36 -12.38
CA ASP A 34 -9.06 5.46 -13.35
C ASP A 34 -9.24 6.69 -14.24
N ASP A 35 -10.34 7.40 -14.04
CA ASP A 35 -10.73 8.47 -14.95
C ASP A 35 -10.67 9.83 -14.24
N TRP A 36 -11.24 9.88 -13.04
CA TRP A 36 -11.45 11.15 -12.35
C TRP A 36 -10.47 11.32 -11.20
N HIS A 37 -9.54 10.37 -11.07
CA HIS A 37 -8.54 10.42 -10.02
C HIS A 37 -7.14 10.19 -10.59
N THR A 38 -6.23 11.11 -10.30
CA THR A 38 -4.83 10.95 -10.71
C THR A 38 -3.93 10.71 -9.50
N THR A 39 -3.05 9.73 -9.62
CA THR A 39 -2.16 9.36 -8.52
C THR A 39 -0.70 9.36 -8.97
N ALA A 40 0.17 9.85 -8.09
CA ALA A 40 1.61 9.68 -8.27
C ALA A 40 2.32 9.54 -6.94
N ALA A 41 3.34 8.69 -6.88
CA ALA A 41 4.06 8.42 -5.65
C ALA A 41 5.57 8.37 -5.89
N THR A 42 6.32 8.79 -4.89
CA THR A 42 7.77 8.56 -4.87
C THR A 42 8.22 8.03 -3.52
N VAL A 43 8.98 6.93 -3.54
CA VAL A 43 9.36 6.24 -2.32
C VAL A 43 10.86 5.97 -2.28
N ASP A 44 11.49 6.30 -1.15
CA ASP A 44 12.85 5.85 -0.88
C ASP A 44 12.84 4.61 0.02
N LEU A 45 13.20 3.47 -0.57
CA LEU A 45 13.04 2.19 0.11
C LEU A 45 14.19 1.93 1.08
N ARG A 46 14.01 2.37 2.32
CA ARG A 46 15.01 2.14 3.36
C ARG A 46 14.46 2.48 4.74
N GLU A 47 15.06 1.90 5.77
CA GLU A 47 14.73 2.27 7.15
C GLU A 47 15.12 3.72 7.43
N GLY A 48 14.13 4.52 7.83
CA GLY A 48 14.35 5.95 8.00
C GLY A 48 14.09 6.72 6.72
N GLY A 49 13.91 6.00 5.62
CA GLY A 49 13.69 6.65 4.34
C GLY A 49 12.36 7.37 4.27
N ALA A 50 12.31 8.43 3.46
CA ALA A 50 11.09 9.21 3.30
C ALA A 50 10.32 8.77 2.06
N PHE A 51 9.00 8.98 2.09
CA PHE A 51 8.17 8.73 0.92
C PHE A 51 7.02 9.75 0.83
N SER A 52 6.47 9.92 -0.36
CA SER A 52 5.42 10.90 -0.58
C SER A 52 4.48 10.45 -1.69
N SER A 53 3.20 10.76 -1.52
CA SER A 53 2.20 10.42 -2.53
C SER A 53 1.24 11.60 -2.77
N ARG A 54 1.12 12.00 -4.03
CA ARG A 54 0.25 13.12 -4.39
C ARG A 54 -0.97 12.63 -5.16
N MET A 55 -2.15 13.01 -4.68
CA MET A 55 -3.40 12.65 -5.36
C MET A 55 -4.19 13.90 -5.74
N GLU A 56 -4.69 13.92 -6.98
CA GLU A 56 -5.47 15.05 -7.46
C GLU A 56 -6.77 14.57 -8.11
N ALA A 57 -7.81 15.38 -8.02
CA ALA A 57 -9.04 15.14 -8.77
C ALA A 57 -8.90 15.63 -10.21
N LYS A 58 -9.37 14.81 -11.15
CA LYS A 58 -9.28 15.15 -12.57
C LYS A 58 -9.98 16.47 -12.87
N ASP A 59 -11.02 16.77 -12.09
CA ASP A 59 -11.83 17.95 -12.32
C ASP A 59 -11.16 19.20 -11.74
N GLY A 60 -10.02 19.00 -11.08
CA GLY A 60 -9.16 20.11 -10.73
C GLY A 60 -9.72 20.94 -9.59
N SER A 61 -10.69 20.37 -8.88
CA SER A 61 -11.38 21.10 -7.82
C SER A 61 -10.63 20.99 -6.50
N MET A 62 -9.96 19.86 -6.30
CA MET A 62 -9.36 19.53 -5.02
C MET A 62 -8.27 18.48 -5.17
N GLY A 63 -7.43 18.35 -4.14
CA GLY A 63 -6.45 17.29 -4.12
C GLY A 63 -5.71 17.21 -2.79
N PHE A 64 -4.95 16.14 -2.60
CA PHE A 64 -4.25 15.91 -1.34
C PHE A 64 -2.79 15.58 -1.58
N ASP A 65 -1.92 16.06 -0.68
CA ASP A 65 -0.51 15.67 -0.69
C ASP A 65 -0.14 14.93 0.58
N PHE A 66 0.34 13.71 0.45
CA PHE A 66 0.64 12.86 1.59
C PHE A 66 2.14 12.62 1.73
N ALA A 67 2.63 12.63 2.96
CA ALA A 67 4.04 12.38 3.22
C ALA A 67 4.21 11.45 4.43
N GLY A 68 5.27 10.66 4.42
CA GLY A 68 5.55 9.76 5.53
C GLY A 68 7.01 9.33 5.58
N THR A 69 7.39 8.70 6.68
CA THR A 69 8.74 8.18 6.82
C THR A 69 8.73 6.76 7.38
N TYR A 70 9.75 5.98 7.04
CA TYR A 70 9.91 4.64 7.58
C TYR A 70 10.63 4.68 8.93
N THR A 71 10.22 3.79 9.83
CA THR A 71 10.76 3.78 11.18
C THR A 71 11.60 2.53 11.42
N LYS A 72 11.21 1.43 10.80
CA LYS A 72 11.81 0.13 11.09
C LYS A 72 11.61 -0.83 9.91
N VAL A 73 12.68 -1.56 9.58
CA VAL A 73 12.59 -2.63 8.59
C VAL A 73 13.39 -3.84 9.02
N VAL A 74 12.75 -5.00 9.02
CA VAL A 74 13.38 -6.23 9.49
C VAL A 74 13.26 -7.35 8.45
N GLU A 75 14.39 -7.93 8.08
CA GLU A 75 14.40 -9.11 7.23
C GLU A 75 13.48 -8.92 6.03
N ASN A 76 13.38 -7.68 5.55
CA ASN A 76 12.43 -7.34 4.50
C ASN A 76 11.06 -7.97 4.77
N LYS A 77 10.62 -7.88 6.02
CA LYS A 77 9.62 -8.82 6.53
C LYS A 77 8.74 -8.15 7.59
N ARG A 78 9.29 -7.16 8.27
CA ARG A 78 8.51 -6.33 9.18
C ARG A 78 8.87 -4.86 9.02
N ILE A 79 7.86 -4.03 8.78
CA ILE A 79 8.08 -2.65 8.36
C ILE A 79 7.03 -1.72 8.95
N GLU A 80 7.49 -0.64 9.57
CA GLU A 80 6.59 0.34 10.15
C GLU A 80 6.84 1.74 9.57
N TYR A 81 5.77 2.46 9.28
CA TYR A 81 5.87 3.77 8.66
C TYR A 81 4.72 4.68 9.09
N ALA A 82 4.89 5.98 8.84
CA ALA A 82 3.85 6.94 9.18
C ALA A 82 3.27 7.59 7.92
N PHE A 83 1.94 7.68 7.86
CA PHE A 83 1.27 8.21 6.67
C PHE A 83 0.46 9.45 7.02
N GLY A 84 1.01 10.62 6.73
CA GLY A 84 0.36 11.86 7.09
C GLY A 84 0.34 12.09 8.58
N ASP A 85 -0.85 12.29 9.13
CA ASP A 85 -1.03 12.41 10.57
C ASP A 85 -1.39 11.06 11.19
N ARG A 86 -1.25 10.00 10.39
CA ARG A 86 -1.59 8.66 10.85
C ARG A 86 -0.37 7.74 10.77
N THR A 87 -0.51 6.54 11.34
CA THR A 87 0.58 5.57 11.36
C THR A 87 0.09 4.20 10.88
N ALA A 88 1.02 3.39 10.41
CA ALA A 88 0.70 2.02 10.00
C ALA A 88 1.88 1.09 10.25
N LYS A 89 1.58 -0.19 10.51
CA LYS A 89 2.61 -1.19 10.70
C LYS A 89 2.27 -2.47 9.95
N VAL A 90 3.23 -2.97 9.16
CA VAL A 90 2.98 -4.09 8.27
C VAL A 90 3.90 -5.27 8.61
N GLU A 91 3.34 -6.48 8.58
CA GLU A 91 4.13 -7.68 8.77
C GLU A 91 3.96 -8.65 7.59
N PHE A 92 5.03 -9.35 7.26
CA PHE A 92 5.00 -10.32 6.17
C PHE A 92 5.30 -11.73 6.68
N LEU A 93 4.41 -12.66 6.37
CA LEU A 93 4.55 -14.04 6.83
C LEU A 93 4.73 -14.99 5.66
N GLU A 94 5.82 -15.76 5.69
CA GLU A 94 6.09 -16.74 4.65
C GLU A 94 5.24 -17.99 4.85
N ALA A 95 4.39 -18.29 3.88
CA ALA A 95 3.58 -19.50 3.90
C ALA A 95 4.09 -20.53 2.90
N PRO A 96 3.72 -21.80 3.11
CA PRO A 96 4.09 -22.89 2.21
C PRO A 96 3.45 -22.74 0.83
N GLN A 97 2.31 -22.07 0.78
CA GLN A 97 1.55 -21.95 -0.46
C GLN A 97 1.71 -20.54 -1.05
N GLY A 98 2.29 -19.64 -0.26
CA GLY A 98 2.39 -18.25 -0.68
C GLY A 98 2.97 -17.37 0.41
N VAL A 99 2.83 -16.06 0.23
CA VAL A 99 3.19 -15.10 1.28
C VAL A 99 1.99 -14.29 1.72
N THR A 100 1.81 -14.18 3.04
CA THR A 100 0.67 -13.47 3.60
C THR A 100 1.09 -12.09 4.10
N VAL A 101 0.32 -11.07 3.72
CA VAL A 101 0.64 -9.69 4.09
C VAL A 101 -0.38 -9.13 5.07
N ARG A 102 0.09 -8.75 6.24
CA ARG A 102 -0.79 -8.21 7.27
C ARG A 102 -0.52 -6.73 7.51
N VAL A 103 -1.55 -5.91 7.30
CA VAL A 103 -1.43 -4.47 7.46
C VAL A 103 -2.34 -3.93 8.54
N SER A 104 -1.77 -3.23 9.51
CA SER A 104 -2.56 -2.48 10.48
C SER A 104 -2.33 -0.97 10.32
N PHE A 105 -3.41 -0.23 10.16
CA PHE A 105 -3.32 1.21 9.90
C PHE A 105 -4.46 1.96 10.59
N VAL A 106 -4.25 3.25 10.82
CA VAL A 106 -5.26 4.08 11.46
C VAL A 106 -6.31 4.54 10.44
N ALA A 107 -7.58 4.45 10.85
CA ALA A 107 -8.68 4.88 9.99
C ALA A 107 -8.66 6.39 9.78
N GLU A 108 -8.85 6.81 8.54
CA GLU A 108 -8.85 8.23 8.20
C GLU A 108 -10.13 8.90 8.71
N THR A 109 -9.95 9.99 9.46
CA THR A 109 -11.08 10.67 10.09
C THR A 109 -11.98 11.32 9.03
N GLU A 110 -11.38 11.69 7.91
CA GLU A 110 -12.12 12.35 6.83
C GLU A 110 -13.07 11.38 6.14
N TYR A 111 -12.83 10.09 6.33
CA TYR A 111 -13.63 9.06 5.69
C TYR A 111 -14.12 8.04 6.71
N PRO A 112 -15.26 7.41 6.41
CA PRO A 112 -15.83 6.35 7.25
C PRO A 112 -14.84 5.21 7.49
N VAL A 113 -14.86 4.67 8.70
CA VAL A 113 -13.97 3.59 9.07
C VAL A 113 -14.12 2.39 8.13
N GLU A 114 -15.37 2.02 7.88
CA GLU A 114 -15.68 0.89 6.99
C GLU A 114 -15.24 1.21 5.57
N GLN A 115 -15.48 2.45 5.13
CA GLN A 115 -15.12 2.88 3.79
C GLN A 115 -13.61 2.86 3.60
N GLN A 116 -12.88 3.25 4.63
CA GLN A 116 -11.43 3.27 4.59
C GLN A 116 -10.86 1.85 4.55
N GLN A 117 -11.49 0.95 5.30
CA GLN A 117 -11.11 -0.46 5.29
C GLN A 117 -11.28 -1.06 3.90
N GLN A 118 -12.44 -0.81 3.30
CA GLN A 118 -12.75 -1.36 1.99
C GLN A 118 -11.85 -0.74 0.91
N GLY A 119 -11.62 0.56 1.03
CA GLY A 119 -10.76 1.24 0.07
C GLY A 119 -9.33 0.72 0.10
N TRP A 120 -8.78 0.55 1.30
CA TRP A 120 -7.44 0.00 1.46
C TRP A 120 -7.41 -1.45 1.00
N GLN A 121 -8.49 -2.19 1.27
CA GLN A 121 -8.59 -3.57 0.85
C GLN A 121 -8.56 -3.68 -0.67
N ALA A 122 -9.23 -2.74 -1.35
CA ALA A 122 -9.21 -2.68 -2.80
C ALA A 122 -7.80 -2.46 -3.32
N ILE A 123 -7.01 -1.69 -2.58
CA ILE A 123 -5.61 -1.46 -2.93
C ILE A 123 -4.80 -2.75 -2.83
N LEU A 124 -5.00 -3.48 -1.75
CA LEU A 124 -4.35 -4.78 -1.56
C LEU A 124 -4.88 -5.79 -2.58
N ASN A 125 -6.15 -5.67 -2.93
CA ASN A 125 -6.74 -6.50 -3.97
C ASN A 125 -6.08 -6.25 -5.33
N ASN A 126 -5.75 -4.99 -5.58
CA ASN A 126 -5.00 -4.63 -6.78
C ASN A 126 -3.58 -5.17 -6.71
N PHE A 127 -3.00 -5.17 -5.51
CA PHE A 127 -1.70 -5.78 -5.29
C PHE A 127 -1.73 -7.28 -5.60
N LYS A 128 -2.77 -7.95 -5.13
CA LYS A 128 -2.98 -9.36 -5.44
C LYS A 128 -3.07 -9.58 -6.94
N ARG A 129 -3.85 -8.74 -7.61
CA ARG A 129 -3.98 -8.82 -9.06
C ARG A 129 -2.64 -8.56 -9.75
N HIS A 130 -1.84 -7.67 -9.15
CA HIS A 130 -0.49 -7.42 -9.64
C HIS A 130 0.36 -8.69 -9.57
N VAL A 131 0.27 -9.40 -8.45
CA VAL A 131 0.94 -10.68 -8.30
C VAL A 131 0.41 -11.70 -9.31
N GLU A 132 -0.90 -11.68 -9.52
CA GLU A 132 -1.52 -12.58 -10.49
C GLU A 132 -1.00 -12.33 -11.90
N SER A 133 -0.67 -11.07 -12.18
CA SER A 133 -0.17 -10.69 -13.50
C SER A 133 1.26 -11.19 -13.70
N HIS A 134 1.89 -11.59 -12.61
CA HIS A 134 3.24 -12.14 -12.68
C HIS A 134 3.19 -13.66 -12.81
N LEU A 135 2.00 -14.20 -13.03
CA LEU A 135 1.83 -15.62 -13.30
C LEU A 135 2.06 -15.91 -14.79
N GLU A 136 1.46 -17.00 -15.26
CA GLU A 136 1.65 -17.43 -16.65
C GLU A 136 1.00 -16.45 -17.62
N HIS A 137 1.64 -15.31 -17.82
CA HIS A 137 1.11 -14.28 -18.71
C HIS A 137 1.05 -14.77 -20.15
N HIS A 138 -0.06 -14.49 -20.83
CA HIS A 138 -0.21 -14.86 -22.23
C HIS A 138 -0.24 -13.63 -23.12
#